data_2MZI
#
_entry.id   2MZI
#
_cell.length_a   1.000
_cell.length_b   1.000
_cell.length_c   1.000
_cell.angle_alpha   90.00
_cell.angle_beta   90.00
_cell.angle_gamma   90.00
#
_symmetry.space_group_name_H-M   'P 1'
#
loop_
_entity.id
_entity.type
_entity.pdbx_description
1 polymer Matrilysin
2 non-polymer 'CALCIUM ION'
3 non-polymer 'ZINC ION'
4 non-polymer 1,2-DIMYRISTOYL-SN-GLYCERO-3-PHOSPHOCHOLINE
5 non-polymer 'CHOLEST-5-EN-3-YL HYDROGEN SULFATE'
#
_entity_poly.entity_id   1
_entity_poly.type   'polypeptide(L)'
_entity_poly.pdbx_seq_one_letter_code
;LPLPQEAGGMSELQWEQAQDYLKRFYLYDSETKNANSLEAKLKEMQKFFGLPITGMLNSRVIEIMQKPRCGVPDVAEYSL
FPNSPKWTSKVVTYRIVSYTRDLPHITVDRLVSKALNMWGKEIPLHFRKVVWGTADIMIGFARGAHGDSYPFDGPGNTLA
HAFAPGTGLGGDAHFDEDERWTDGSSLGINFLYAATHALGHSLGMGHSSDPNAVMYPTYGNGDPQNFKLSQDDIKGIQKL
YGKRSNSRKK
;
_entity_poly.pdbx_strand_id   A
#
# COMPACT_ATOMS: atom_id res chain seq x y z
N LEU A 3 20.32 -5.48 -10.98
CA LEU A 3 21.27 -4.52 -11.55
C LEU A 3 20.85 -3.08 -11.29
N PRO A 4 21.68 -2.10 -10.93
CA PRO A 4 21.34 -0.70 -10.76
C PRO A 4 20.41 -0.17 -11.85
N GLN A 5 20.66 -0.46 -13.13
CA GLN A 5 19.77 -0.49 -14.28
C GLN A 5 19.42 -1.93 -14.63
N GLU A 6 18.22 -2.36 -14.23
CA GLU A 6 17.67 -3.69 -14.43
C GLU A 6 16.95 -3.75 -15.75
N ALA A 7 16.46 -2.66 -16.34
CA ALA A 7 15.53 -2.68 -17.46
C ALA A 7 16.04 -3.35 -18.72
N GLY A 8 17.35 -3.26 -18.97
CA GLY A 8 17.98 -3.83 -20.14
C GLY A 8 18.86 -5.03 -19.82
N GLY A 9 18.82 -5.51 -18.58
CA GLY A 9 19.30 -6.75 -18.01
C GLY A 9 18.21 -7.69 -17.53
N MET A 10 17.01 -7.27 -17.95
CA MET A 10 15.69 -7.85 -17.77
C MET A 10 15.67 -9.16 -18.54
N SER A 11 15.55 -10.24 -17.75
CA SER A 11 15.52 -11.63 -18.19
C SER A 11 14.15 -12.27 -18.01
N GLU A 12 14.12 -13.60 -18.13
CA GLU A 12 12.99 -14.44 -17.74
C GLU A 12 12.39 -14.09 -16.40
N LEU A 13 13.25 -14.07 -15.37
CA LEU A 13 12.87 -13.76 -14.00
C LEU A 13 12.00 -12.53 -13.81
N GLN A 14 12.45 -11.39 -14.34
CA GLN A 14 11.75 -10.15 -14.08
C GLN A 14 10.45 -10.06 -14.86
N TRP A 15 10.40 -10.73 -16.01
CA TRP A 15 9.21 -10.75 -16.83
C TRP A 15 8.15 -11.65 -16.19
N GLU A 16 8.53 -12.60 -15.33
CA GLU A 16 7.55 -13.24 -14.47
C GLU A 16 7.20 -12.50 -13.19
N GLN A 17 8.12 -11.78 -12.55
CA GLN A 17 7.74 -11.05 -11.36
C GLN A 17 6.62 -10.04 -11.57
N ALA A 18 6.55 -9.47 -12.78
CA ALA A 18 5.48 -8.62 -13.23
C ALA A 18 4.15 -9.37 -13.29
N GLN A 19 4.09 -10.60 -13.80
CA GLN A 19 2.87 -11.38 -13.81
C GLN A 19 2.48 -11.68 -12.37
N ASP A 20 3.48 -12.08 -11.58
CA ASP A 20 3.33 -12.35 -10.16
C ASP A 20 2.66 -11.25 -9.36
N TYR A 21 3.17 -10.04 -9.61
CA TYR A 21 2.91 -8.86 -8.82
C TYR A 21 1.52 -8.31 -9.09
N LEU A 22 1.14 -8.45 -10.37
CA LEU A 22 -0.15 -7.97 -10.82
C LEU A 22 -1.22 -9.00 -10.49
N LYS A 23 -0.95 -10.29 -10.69
CA LYS A 23 -1.77 -11.43 -10.32
C LYS A 23 -2.23 -11.42 -8.88
N ARG A 24 -1.33 -10.99 -7.99
CA ARG A 24 -1.53 -10.94 -6.56
C ARG A 24 -2.41 -9.79 -6.11
N PHE A 25 -2.49 -8.67 -6.84
CA PHE A 25 -3.44 -7.64 -6.50
C PHE A 25 -4.87 -7.89 -6.94
N TYR A 26 -5.11 -8.38 -8.15
CA TYR A 26 -6.43 -8.54 -8.74
C TYR A 26 -7.10 -9.80 -8.22
N LEU A 27 -6.29 -10.77 -7.82
CA LEU A 27 -6.61 -12.06 -7.22
C LEU A 27 -6.87 -13.06 -8.32
N TYR A 28 -6.13 -12.87 -9.41
CA TYR A 28 -6.17 -13.39 -10.76
C TYR A 28 -6.63 -12.25 -11.66
N ASP A 29 -6.07 -11.98 -12.84
CA ASP A 29 -6.59 -11.10 -13.87
C ASP A 29 -6.38 -11.83 -15.18
N SER A 30 -7.38 -11.97 -16.05
CA SER A 30 -7.27 -12.72 -17.29
C SER A 30 -6.32 -12.15 -18.33
N GLU A 31 -6.11 -10.84 -18.20
CA GLU A 31 -5.27 -10.08 -19.11
C GLU A 31 -3.78 -10.13 -18.81
N THR A 32 -3.50 -10.38 -17.53
CA THR A 32 -2.15 -10.38 -17.00
C THR A 32 -1.48 -11.70 -17.34
N LYS A 33 -2.24 -12.76 -17.62
CA LYS A 33 -1.75 -14.00 -18.17
C LYS A 33 -1.78 -13.90 -19.69
N ASN A 34 -0.71 -14.42 -20.30
CA ASN A 34 -0.36 -14.38 -21.70
C ASN A 34 0.74 -13.36 -21.90
N ALA A 35 1.88 -13.73 -22.49
CA ALA A 35 3.01 -12.88 -22.81
C ALA A 35 2.77 -11.66 -23.68
N ASN A 36 1.74 -11.67 -24.54
CA ASN A 36 1.51 -10.54 -25.42
C ASN A 36 0.61 -9.53 -24.72
N SER A 37 -0.47 -10.07 -24.15
CA SER A 37 -1.43 -9.35 -23.34
C SER A 37 -0.74 -8.67 -22.16
N LEU A 38 0.22 -9.34 -21.52
CA LEU A 38 1.03 -8.85 -20.42
C LEU A 38 1.93 -7.72 -20.89
N GLU A 39 2.34 -7.78 -22.16
CA GLU A 39 3.23 -6.78 -22.70
C GLU A 39 2.53 -5.43 -22.70
N ALA A 40 1.19 -5.42 -22.77
CA ALA A 40 0.36 -4.23 -22.75
C ALA A 40 0.06 -3.76 -21.35
N LYS A 41 -0.22 -4.74 -20.48
CA LYS A 41 -0.49 -4.63 -19.05
C LYS A 41 0.64 -3.99 -18.25
N LEU A 42 1.86 -4.12 -18.77
CA LEU A 42 3.09 -3.59 -18.20
C LEU A 42 3.22 -2.06 -18.27
N LYS A 43 2.51 -1.42 -19.20
CA LYS A 43 2.33 0.01 -19.33
C LYS A 43 1.28 0.50 -18.36
N GLU A 44 0.28 -0.33 -18.01
CA GLU A 44 -0.66 -0.05 -16.96
C GLU A 44 -0.01 -0.16 -15.58
N MET A 45 0.89 -1.11 -15.35
CA MET A 45 1.48 -1.37 -14.05
C MET A 45 2.36 -0.16 -13.75
N GLN A 46 2.97 0.46 -14.75
CA GLN A 46 3.81 1.63 -14.58
C GLN A 46 3.06 2.77 -13.90
N LYS A 47 1.78 2.94 -14.23
CA LYS A 47 0.89 3.94 -13.67
C LYS A 47 0.69 3.66 -12.19
N PHE A 48 0.80 2.42 -11.69
CA PHE A 48 0.69 1.99 -10.32
C PHE A 48 2.01 2.22 -9.60
N PHE A 49 3.11 2.51 -10.30
CA PHE A 49 4.36 2.92 -9.69
C PHE A 49 4.48 4.44 -9.65
N GLY A 50 3.56 5.15 -10.31
CA GLY A 50 3.44 6.60 -10.18
C GLY A 50 3.98 7.25 -11.44
N LEU A 51 4.70 6.47 -12.25
CA LEU A 51 5.49 6.90 -13.39
C LEU A 51 4.72 7.55 -14.53
N PRO A 52 4.89 8.82 -14.94
CA PRO A 52 4.17 9.51 -15.99
C PRO A 52 4.45 9.01 -17.41
N ILE A 53 5.57 8.32 -17.62
CA ILE A 53 5.93 7.64 -18.85
C ILE A 53 5.30 6.25 -18.74
N THR A 54 4.53 5.78 -19.71
CA THR A 54 3.83 4.52 -19.80
C THR A 54 4.27 3.98 -21.16
N GLY A 55 5.09 2.94 -21.27
CA GLY A 55 5.67 2.41 -22.49
C GLY A 55 7.20 2.48 -22.59
N MET A 56 7.75 2.92 -21.45
CA MET A 56 9.18 2.91 -21.22
C MET A 56 9.53 2.38 -19.84
N LEU A 57 10.59 1.58 -19.64
CA LEU A 57 11.24 1.27 -18.40
C LEU A 57 12.54 2.06 -18.45
N ASN A 58 12.83 2.73 -17.33
CA ASN A 58 13.93 3.65 -17.13
C ASN A 58 14.12 3.95 -15.65
N SER A 59 13.05 4.10 -14.85
CA SER A 59 13.10 4.16 -13.40
C SER A 59 13.44 2.76 -12.90
N ARG A 60 13.83 2.72 -11.62
CA ARG A 60 14.09 1.51 -10.88
C ARG A 60 13.03 0.41 -10.84
N VAL A 61 11.86 0.65 -11.44
CA VAL A 61 10.62 -0.09 -11.35
C VAL A 61 10.69 -1.62 -11.35
N ILE A 62 11.47 -2.23 -12.24
CA ILE A 62 11.62 -3.66 -12.38
C ILE A 62 12.59 -4.17 -11.32
N GLU A 63 13.54 -3.37 -10.81
CA GLU A 63 14.39 -3.71 -9.69
C GLU A 63 13.56 -3.73 -8.42
N ILE A 64 12.98 -2.58 -8.07
CA ILE A 64 12.21 -2.35 -6.85
C ILE A 64 11.05 -3.27 -6.57
N MET A 65 10.40 -3.86 -7.58
CA MET A 65 9.19 -4.66 -7.57
C MET A 65 9.46 -6.02 -6.93
N GLN A 66 10.72 -6.44 -6.88
CA GLN A 66 11.22 -7.70 -6.36
C GLN A 66 11.46 -7.54 -4.86
N LYS A 67 11.46 -6.31 -4.36
CA LYS A 67 11.58 -6.02 -2.94
C LYS A 67 10.19 -6.06 -2.32
N PRO A 68 9.94 -6.44 -1.07
CA PRO A 68 8.63 -6.34 -0.44
C PRO A 68 8.33 -4.87 -0.18
N ARG A 69 7.44 -4.28 -0.98
CA ARG A 69 7.16 -2.86 -1.01
C ARG A 69 5.70 -2.54 -1.29
N CYS A 70 4.93 -3.40 -1.97
CA CYS A 70 3.48 -3.32 -1.97
C CYS A 70 2.88 -4.69 -1.67
N GLY A 71 1.97 -4.75 -0.70
CA GLY A 71 1.06 -5.87 -0.47
C GLY A 71 -0.36 -5.41 -0.80
N VAL A 72 -0.75 -4.23 -0.36
CA VAL A 72 -2.11 -3.76 -0.59
C VAL A 72 -2.18 -3.27 -2.03
N PRO A 73 -3.25 -3.58 -2.77
CA PRO A 73 -3.48 -3.02 -4.08
C PRO A 73 -3.50 -1.50 -4.10
N ASP A 74 -2.94 -0.95 -5.18
CA ASP A 74 -2.73 0.46 -5.44
C ASP A 74 -3.93 1.04 -6.18
N VAL A 75 -4.45 0.23 -7.10
CA VAL A 75 -5.82 0.43 -7.54
C VAL A 75 -6.60 -0.77 -7.01
N ALA A 76 -7.88 -0.62 -6.64
CA ALA A 76 -8.75 -1.61 -6.05
C ALA A 76 -9.76 -2.25 -7.00
N GLU A 77 -9.62 -3.55 -7.25
CA GLU A 77 -10.59 -4.38 -7.94
C GLU A 77 -10.96 -5.49 -6.96
N TYR A 78 -12.22 -5.63 -6.55
CA TYR A 78 -12.77 -6.48 -5.52
C TYR A 78 -14.21 -6.83 -5.87
N SER A 79 -14.46 -8.14 -5.81
CA SER A 79 -15.74 -8.70 -6.19
C SER A 79 -16.72 -8.38 -5.06
N LEU A 80 -18.03 -8.47 -5.31
CA LEU A 80 -19.09 -8.53 -4.32
C LEU A 80 -19.57 -7.15 -3.90
N PHE A 81 -18.95 -6.07 -4.38
CA PHE A 81 -19.20 -4.72 -3.89
C PHE A 81 -19.18 -3.70 -5.02
N PRO A 82 -19.85 -2.56 -4.88
CA PRO A 82 -19.64 -1.43 -5.76
C PRO A 82 -18.33 -0.77 -5.34
N ASN A 83 -17.54 -0.24 -6.27
CA ASN A 83 -16.28 0.43 -6.03
C ASN A 83 -16.57 1.80 -5.43
N SER A 84 -15.89 2.09 -4.32
CA SER A 84 -15.79 3.42 -3.78
C SER A 84 -14.72 3.39 -2.70
N PRO A 85 -13.60 4.12 -2.82
CA PRO A 85 -12.70 4.37 -1.71
C PRO A 85 -13.13 5.59 -0.91
N LYS A 86 -14.14 5.36 -0.06
CA LYS A 86 -14.54 6.27 1.00
C LYS A 86 -15.22 5.57 2.17
N TRP A 87 -15.10 6.08 3.39
CA TRP A 87 -15.95 5.75 4.52
C TRP A 87 -17.13 6.71 4.47
N THR A 88 -18.26 6.28 5.03
CA THR A 88 -19.57 6.90 5.04
C THR A 88 -19.78 7.73 6.29
N SER A 89 -19.14 7.44 7.42
CA SER A 89 -19.19 8.25 8.63
C SER A 89 -18.23 9.43 8.71
N LYS A 90 -18.46 10.38 9.62
CA LYS A 90 -17.43 11.33 9.96
C LYS A 90 -16.42 10.90 11.03
N VAL A 91 -16.71 9.82 11.74
CA VAL A 91 -15.88 9.16 12.73
C VAL A 91 -15.69 7.69 12.37
N VAL A 92 -14.42 7.30 12.37
CA VAL A 92 -13.87 5.97 12.16
C VAL A 92 -13.10 5.54 13.41
N THR A 93 -12.92 4.22 13.57
CA THR A 93 -12.29 3.54 14.68
C THR A 93 -11.21 2.55 14.32
N TYR A 94 -10.20 2.32 15.16
CA TYR A 94 -9.05 1.46 15.01
C TYR A 94 -8.66 0.65 16.24
N ARG A 95 -8.08 -0.53 16.05
CA ARG A 95 -7.73 -1.51 17.06
C ARG A 95 -6.73 -2.47 16.45
N ILE A 96 -5.59 -2.74 17.11
CA ILE A 96 -4.64 -3.68 16.54
C ILE A 96 -5.00 -5.06 17.11
N VAL A 97 -5.62 -5.92 16.30
CA VAL A 97 -6.25 -7.15 16.73
C VAL A 97 -5.38 -8.41 16.72
N SER A 98 -4.22 -8.34 16.07
CA SER A 98 -3.09 -9.24 16.13
C SER A 98 -1.87 -8.44 15.70
N TYR A 99 -0.66 -8.80 16.13
CA TYR A 99 0.60 -8.09 16.05
C TYR A 99 1.71 -8.98 15.50
N THR A 100 2.85 -8.42 15.07
CA THR A 100 4.08 -9.17 14.91
C THR A 100 4.79 -9.29 16.25
N ARG A 101 4.98 -10.55 16.64
CA ARG A 101 5.33 -10.94 17.99
C ARG A 101 6.82 -10.91 18.26
N ASP A 102 7.54 -10.56 17.20
CA ASP A 102 8.92 -10.10 17.24
C ASP A 102 9.03 -8.77 17.96
N LEU A 103 8.02 -7.89 17.92
CA LEU A 103 7.95 -6.63 18.62
C LEU A 103 6.89 -6.84 19.68
N PRO A 104 6.95 -6.16 20.83
CA PRO A 104 5.90 -6.26 21.82
C PRO A 104 4.71 -5.38 21.46
N HIS A 105 3.51 -5.76 21.93
CA HIS A 105 2.31 -5.20 21.34
C HIS A 105 2.20 -3.68 21.38
N ILE A 106 2.68 -3.09 22.48
CA ILE A 106 2.75 -1.69 22.83
C ILE A 106 3.40 -0.79 21.80
N THR A 107 4.32 -1.30 20.98
CA THR A 107 4.89 -0.65 19.82
C THR A 107 3.95 -0.66 18.62
N VAL A 108 3.41 -1.84 18.27
CA VAL A 108 2.61 -2.07 17.09
C VAL A 108 1.29 -1.33 17.16
N ASP A 109 0.73 -1.18 18.36
CA ASP A 109 -0.47 -0.44 18.72
C ASP A 109 -0.33 1.02 18.32
N ARG A 110 0.74 1.62 18.85
CA ARG A 110 0.94 3.05 18.75
C ARG A 110 1.54 3.57 17.45
N LEU A 111 2.27 2.71 16.74
CA LEU A 111 2.79 2.97 15.41
C LEU A 111 1.63 3.32 14.49
N VAL A 112 0.49 2.65 14.66
CA VAL A 112 -0.57 2.89 13.70
C VAL A 112 -1.26 4.20 14.03
N SER A 113 -1.25 4.55 15.32
CA SER A 113 -1.78 5.77 15.89
C SER A 113 -1.11 7.05 15.39
N LYS A 114 0.20 7.00 15.09
CA LYS A 114 0.99 7.99 14.39
C LYS A 114 0.57 8.09 12.93
N ALA A 115 0.53 6.93 12.27
CA ALA A 115 0.19 6.85 10.86
C ALA A 115 -1.20 7.36 10.51
N LEU A 116 -2.27 6.92 11.18
CA LEU A 116 -3.60 7.46 11.07
C LEU A 116 -3.82 8.90 11.51
N ASN A 117 -2.97 9.38 12.43
CA ASN A 117 -3.03 10.78 12.78
C ASN A 117 -2.34 11.66 11.74
N MET A 118 -1.30 11.22 11.04
CA MET A 118 -0.64 11.91 9.95
C MET A 118 -1.53 12.29 8.77
N TRP A 119 -2.34 11.31 8.39
CA TRP A 119 -3.40 11.40 7.41
C TRP A 119 -4.57 12.21 7.98
N GLY A 120 -4.97 11.85 9.18
CA GLY A 120 -6.09 12.33 9.97
C GLY A 120 -6.42 13.82 9.86
N LYS A 121 -5.39 14.64 10.07
CA LYS A 121 -5.45 16.08 10.08
C LYS A 121 -6.06 16.78 8.87
N GLU A 122 -5.86 16.21 7.68
CA GLU A 122 -6.03 16.96 6.46
C GLU A 122 -7.33 16.53 5.78
N ILE A 123 -8.03 15.50 6.26
CA ILE A 123 -9.28 14.92 5.79
C ILE A 123 -10.44 15.25 6.72
N PRO A 124 -11.72 15.20 6.39
CA PRO A 124 -12.89 15.48 7.22
C PRO A 124 -13.25 14.37 8.21
N LEU A 125 -12.26 13.52 8.50
CA LEU A 125 -12.44 12.25 9.19
C LEU A 125 -11.60 12.13 10.45
N HIS A 126 -12.14 11.67 11.58
CA HIS A 126 -11.51 11.44 12.86
C HIS A 126 -11.46 9.94 13.09
N PHE A 127 -10.27 9.48 13.49
CA PHE A 127 -9.99 8.15 13.94
C PHE A 127 -9.86 8.15 15.46
N ARG A 128 -10.81 7.49 16.14
CA ARG A 128 -10.70 7.26 17.56
C ARG A 128 -10.32 5.82 17.85
N LYS A 129 -9.56 5.55 18.92
CA LYS A 129 -9.21 4.21 19.33
C LYS A 129 -10.23 3.61 20.29
N VAL A 130 -10.61 2.35 20.09
CA VAL A 130 -11.51 1.53 20.88
C VAL A 130 -10.78 0.28 21.32
N VAL A 131 -11.07 -0.13 22.56
CA VAL A 131 -10.65 -1.37 23.18
C VAL A 131 -11.72 -2.31 23.71
N TRP A 132 -12.87 -2.16 23.04
CA TRP A 132 -14.04 -2.97 23.32
C TRP A 132 -14.42 -3.62 22.00
N GLY A 133 -14.14 -4.91 21.76
CA GLY A 133 -14.64 -5.58 20.58
C GLY A 133 -13.86 -5.36 19.28
N THR A 134 -14.61 -5.32 18.18
CA THR A 134 -14.19 -4.96 16.84
C THR A 134 -14.14 -3.45 16.65
N ALA A 135 -13.33 -2.97 15.71
CA ALA A 135 -13.35 -1.57 15.32
C ALA A 135 -13.57 -1.51 13.82
N ASP A 136 -13.59 -0.28 13.30
CA ASP A 136 -13.91 -0.05 11.90
C ASP A 136 -12.84 -0.62 10.99
N ILE A 137 -11.61 -0.19 11.28
CA ILE A 137 -10.36 -0.71 10.76
C ILE A 137 -9.81 -1.69 11.79
N MET A 138 -9.70 -2.95 11.36
CA MET A 138 -8.93 -4.00 11.99
C MET A 138 -7.57 -4.12 11.30
N ILE A 139 -6.48 -3.91 12.03
CA ILE A 139 -5.11 -4.15 11.61
C ILE A 139 -4.87 -5.45 12.36
N GLY A 140 -4.47 -6.45 11.56
CA GLY A 140 -4.08 -7.78 12.02
C GLY A 140 -2.76 -8.19 11.39
N PHE A 141 -2.05 -9.15 12.00
CA PHE A 141 -0.86 -9.79 11.49
C PHE A 141 -1.17 -11.28 11.33
N ALA A 142 -0.74 -11.89 10.23
CA ALA A 142 -1.04 -13.26 9.85
C ALA A 142 0.11 -13.74 9.00
N ARG A 143 0.16 -15.06 8.77
CA ARG A 143 0.94 -15.80 7.81
C ARG A 143 0.00 -15.93 6.62
N GLY A 144 0.46 -16.44 5.47
CA GLY A 144 -0.40 -16.51 4.30
C GLY A 144 -0.99 -17.88 4.04
N ALA A 145 -1.50 -18.46 5.12
CA ALA A 145 -2.00 -19.81 5.12
C ALA A 145 -3.49 -19.75 5.45
N HIS A 146 -4.14 -18.61 5.70
CA HIS A 146 -5.37 -18.41 6.45
C HIS A 146 -6.61 -18.36 5.55
N GLY A 147 -6.45 -18.55 4.24
CA GLY A 147 -7.53 -18.95 3.36
C GLY A 147 -7.71 -18.01 2.17
N ASP A 148 -6.90 -16.95 2.21
CA ASP A 148 -7.04 -15.95 1.18
C ASP A 148 -6.03 -16.23 0.07
N SER A 149 -6.25 -15.67 -1.12
CA SER A 149 -5.53 -15.92 -2.35
C SER A 149 -4.08 -15.44 -2.32
N TYR A 150 -3.22 -16.46 -2.21
CA TYR A 150 -1.80 -16.44 -2.46
C TYR A 150 -1.12 -16.26 -1.11
N PRO A 151 0.05 -16.87 -0.85
CA PRO A 151 0.76 -16.80 0.40
C PRO A 151 1.48 -15.46 0.46
N PHE A 152 1.87 -15.00 1.66
CA PHE A 152 2.73 -13.85 1.83
C PHE A 152 4.21 -14.20 1.68
N ASP A 153 4.56 -15.47 1.44
CA ASP A 153 5.89 -15.99 1.25
C ASP A 153 6.66 -16.58 2.43
N GLY A 154 6.47 -15.97 3.60
CA GLY A 154 7.51 -15.90 4.61
C GLY A 154 8.21 -14.54 4.70
N PRO A 155 9.40 -14.36 5.28
CA PRO A 155 10.17 -13.14 5.14
C PRO A 155 10.67 -12.93 3.72
N GLY A 156 10.46 -11.79 3.08
CA GLY A 156 10.83 -11.42 1.73
C GLY A 156 9.55 -11.08 0.98
N ASN A 157 9.55 -11.24 -0.34
CA ASN A 157 8.61 -10.80 -1.36
C ASN A 157 7.12 -10.92 -1.05
N THR A 158 6.51 -9.76 -0.80
CA THR A 158 5.14 -9.43 -0.46
C THR A 158 4.89 -9.59 1.03
N LEU A 159 4.01 -8.69 1.48
CA LEU A 159 4.04 -8.35 2.90
C LEU A 159 2.73 -7.94 3.56
N ALA A 160 1.60 -7.91 2.84
CA ALA A 160 0.28 -7.66 3.36
C ALA A 160 -0.79 -7.90 2.30
N HIS A 161 -2.05 -7.70 2.65
CA HIS A 161 -3.27 -7.57 1.89
C HIS A 161 -4.21 -6.67 2.68
N ALA A 162 -5.07 -5.95 1.95
CA ALA A 162 -6.11 -5.10 2.49
C ALA A 162 -7.09 -4.77 1.38
N PHE A 163 -8.31 -4.39 1.79
CA PHE A 163 -9.57 -4.21 1.08
C PHE A 163 -10.06 -2.80 1.40
N ALA A 164 -10.74 -2.18 0.44
CA ALA A 164 -11.24 -0.82 0.52
C ALA A 164 -12.38 -0.64 1.52
N PRO A 165 -12.71 0.50 2.13
CA PRO A 165 -13.73 0.70 3.13
C PRO A 165 -15.15 0.25 2.83
N GLY A 166 -15.66 -0.77 3.52
CA GLY A 166 -17.01 -1.28 3.48
C GLY A 166 -17.39 -1.42 4.95
N THR A 167 -18.70 -1.40 5.19
CA THR A 167 -19.37 -1.52 6.47
C THR A 167 -18.86 -2.52 7.49
N GLY A 168 -18.37 -3.68 7.06
CA GLY A 168 -17.84 -4.77 7.86
C GLY A 168 -16.46 -5.10 7.31
N LEU A 169 -16.49 -5.95 6.27
CA LEU A 169 -15.38 -6.56 5.56
C LEU A 169 -14.27 -5.61 5.13
N GLY A 170 -14.52 -4.31 4.95
CA GLY A 170 -13.58 -3.38 4.36
C GLY A 170 -12.95 -2.42 5.36
N GLY A 171 -11.87 -1.82 4.88
CA GLY A 171 -11.04 -0.74 5.39
C GLY A 171 -9.89 -1.35 6.18
N ASP A 172 -9.89 -2.68 6.29
CA ASP A 172 -9.15 -3.55 7.18
C ASP A 172 -7.88 -4.08 6.52
N ALA A 173 -6.83 -4.48 7.25
CA ALA A 173 -5.59 -4.95 6.66
C ALA A 173 -5.12 -6.21 7.36
N HIS A 174 -4.42 -7.16 6.74
CA HIS A 174 -3.65 -8.30 7.23
C HIS A 174 -2.23 -8.04 6.76
N PHE A 175 -1.28 -7.94 7.69
CA PHE A 175 0.13 -7.73 7.42
C PHE A 175 0.84 -9.07 7.56
N ASP A 176 1.99 -9.30 6.92
CA ASP A 176 2.73 -10.54 7.01
C ASP A 176 3.43 -10.62 8.35
N GLU A 177 3.16 -11.64 9.18
CA GLU A 177 3.77 -11.76 10.48
C GLU A 177 5.11 -12.51 10.44
N ASP A 178 5.45 -13.16 9.33
CA ASP A 178 6.72 -13.83 9.15
C ASP A 178 7.70 -12.80 8.61
N GLU A 179 7.21 -11.69 8.06
CA GLU A 179 8.05 -10.54 7.77
C GLU A 179 8.56 -10.02 9.11
N ARG A 180 9.64 -9.25 9.02
CA ARG A 180 10.27 -8.54 10.13
C ARG A 180 10.11 -7.05 9.85
N TRP A 181 9.46 -6.41 10.82
CA TRP A 181 9.08 -5.02 10.92
C TRP A 181 9.88 -4.31 12.02
N THR A 182 9.86 -2.97 12.03
CA THR A 182 10.57 -2.11 12.95
C THR A 182 9.95 -0.72 12.92
N ASP A 183 10.36 0.06 13.91
CA ASP A 183 10.34 1.51 14.03
C ASP A 183 11.78 1.98 13.82
N GLY A 184 12.55 2.26 14.87
CA GLY A 184 13.86 2.87 14.82
C GLY A 184 14.91 1.75 14.79
N SER A 185 14.58 0.49 15.07
CA SER A 185 15.59 -0.49 15.40
C SER A 185 16.15 -1.12 14.13
N SER A 186 15.58 -0.83 12.96
CA SER A 186 16.18 -0.97 11.65
C SER A 186 16.23 -2.40 11.14
N LEU A 187 16.10 -3.47 11.94
CA LEU A 187 16.20 -4.86 11.55
C LEU A 187 15.07 -5.35 10.66
N GLY A 188 14.09 -4.46 10.52
CA GLY A 188 12.91 -4.75 9.74
C GLY A 188 12.73 -3.71 8.65
N ILE A 189 11.54 -3.79 8.04
CA ILE A 189 10.89 -2.78 7.25
C ILE A 189 10.25 -1.84 8.26
N ASN A 190 10.40 -0.53 8.04
CA ASN A 190 9.82 0.49 8.89
C ASN A 190 8.32 0.57 8.71
N PHE A 191 7.65 0.33 9.84
CA PHE A 191 6.21 0.21 9.93
C PHE A 191 5.51 1.55 9.85
N LEU A 192 6.19 2.63 10.25
CA LEU A 192 5.74 4.01 10.26
C LEU A 192 5.38 4.51 8.86
N TYR A 193 6.17 4.21 7.84
CA TYR A 193 5.84 4.40 6.43
C TYR A 193 4.82 3.38 5.92
N ALA A 194 4.88 2.11 6.30
CA ALA A 194 4.19 0.97 5.74
C ALA A 194 2.76 0.94 6.23
N ALA A 195 2.50 1.31 7.48
CA ALA A 195 1.21 1.66 8.03
C ALA A 195 0.57 2.84 7.31
N THR A 196 1.34 3.90 7.07
CA THR A 196 0.87 5.07 6.36
C THR A 196 0.55 4.76 4.91
N HIS A 197 1.36 3.99 4.19
CA HIS A 197 1.09 3.66 2.81
C HIS A 197 -0.09 2.71 2.65
N ALA A 198 -0.24 1.69 3.51
CA ALA A 198 -1.31 0.72 3.57
C ALA A 198 -2.64 1.40 3.82
N LEU A 199 -2.69 2.19 4.90
CA LEU A 199 -3.91 2.80 5.38
C LEU A 199 -4.26 4.05 4.58
N GLY A 200 -3.51 4.42 3.54
CA GLY A 200 -3.70 5.62 2.77
C GLY A 200 -4.41 5.21 1.49
N HIS A 201 -4.29 4.00 0.95
CA HIS A 201 -5.01 3.36 -0.13
C HIS A 201 -6.47 3.20 0.25
N SER A 202 -6.73 3.14 1.55
CA SER A 202 -8.05 3.22 2.13
C SER A 202 -8.68 4.59 1.88
N LEU A 203 -7.90 5.65 1.66
CA LEU A 203 -8.35 6.98 1.33
C LEU A 203 -8.46 7.18 -0.18
N GLY A 204 -7.81 6.38 -1.03
CA GLY A 204 -7.92 6.31 -2.46
C GLY A 204 -6.63 6.66 -3.19
N MET A 205 -5.57 7.01 -2.45
CA MET A 205 -4.33 7.60 -2.89
C MET A 205 -3.47 6.67 -3.74
N GLY A 206 -2.49 7.25 -4.44
CA GLY A 206 -1.53 6.57 -5.28
C GLY A 206 -0.08 6.76 -4.86
N HIS A 207 0.80 6.18 -5.68
CA HIS A 207 2.22 6.48 -5.71
C HIS A 207 2.46 7.83 -6.36
N SER A 208 3.51 8.51 -5.89
CA SER A 208 3.95 9.80 -6.39
C SER A 208 5.09 9.59 -7.37
N SER A 209 5.36 10.53 -8.28
CA SER A 209 6.61 10.62 -9.00
C SER A 209 7.57 11.65 -8.42
N ASP A 210 7.16 12.46 -7.45
CA ASP A 210 7.94 13.51 -6.81
C ASP A 210 8.71 12.84 -5.69
N PRO A 211 10.04 12.74 -5.66
CA PRO A 211 10.86 12.17 -4.60
C PRO A 211 10.64 12.85 -3.26
N ASN A 212 9.88 13.94 -3.12
CA ASN A 212 9.70 14.60 -1.84
C ASN A 212 8.56 14.03 -1.01
N ALA A 213 7.68 13.29 -1.68
CA ALA A 213 6.40 12.74 -1.30
C ALA A 213 6.58 11.46 -0.49
N VAL A 214 5.64 11.25 0.44
CA VAL A 214 5.71 10.16 1.38
C VAL A 214 5.75 8.80 0.70
N MET A 215 4.90 8.50 -0.29
CA MET A 215 4.71 7.27 -1.03
C MET A 215 5.40 7.31 -2.38
N TYR A 216 6.72 7.54 -2.46
CA TYR A 216 7.49 7.47 -3.67
C TYR A 216 8.12 6.08 -3.57
N PRO A 217 8.02 5.16 -4.53
CA PRO A 217 8.43 3.78 -4.42
C PRO A 217 9.91 3.60 -4.73
N THR A 218 10.45 4.46 -5.61
CA THR A 218 11.81 4.38 -6.10
C THR A 218 12.73 5.22 -5.24
N TYR A 219 12.51 5.21 -3.92
CA TYR A 219 13.15 5.90 -2.82
C TYR A 219 14.59 5.43 -2.64
N GLY A 220 15.46 6.41 -2.43
CA GLY A 220 16.87 6.10 -2.31
C GLY A 220 17.28 6.51 -0.89
N ASN A 221 18.55 6.85 -0.70
CA ASN A 221 19.17 7.01 0.60
C ASN A 221 18.98 8.46 1.04
N GLY A 222 18.37 8.63 2.22
CA GLY A 222 18.07 9.90 2.85
C GLY A 222 16.70 9.70 3.47
N ASP A 223 16.50 9.26 4.71
CA ASP A 223 15.26 8.97 5.39
C ASP A 223 14.72 10.31 5.88
N PRO A 224 13.45 10.67 5.72
CA PRO A 224 12.89 11.79 6.44
C PRO A 224 12.96 11.84 7.96
N GLN A 225 13.64 12.79 8.60
CA GLN A 225 13.98 12.77 10.01
C GLN A 225 12.89 13.25 10.96
N ASN A 226 12.14 14.28 10.57
CA ASN A 226 10.91 14.54 11.29
C ASN A 226 9.81 13.60 10.80
N PHE A 227 9.69 13.45 9.48
CA PHE A 227 8.68 12.70 8.75
C PHE A 227 7.38 13.47 8.79
N LYS A 228 7.00 13.93 7.58
CA LYS A 228 5.98 14.91 7.30
C LYS A 228 5.38 14.61 5.94
N LEU A 229 4.16 15.10 5.70
CA LEU A 229 3.51 15.12 4.41
C LEU A 229 4.03 16.35 3.69
N SER A 230 4.22 16.24 2.37
CA SER A 230 4.70 17.28 1.49
C SER A 230 3.54 17.91 0.75
N GLN A 231 3.81 18.95 -0.05
CA GLN A 231 2.82 19.45 -0.98
C GLN A 231 2.13 18.48 -1.94
N ASP A 232 2.79 17.41 -2.38
CA ASP A 232 2.22 16.47 -3.33
C ASP A 232 1.27 15.58 -2.55
N ASP A 233 1.55 15.33 -1.27
CA ASP A 233 0.87 14.36 -0.44
C ASP A 233 -0.38 15.00 0.13
N ILE A 234 -0.37 16.31 0.41
CA ILE A 234 -1.47 17.18 0.76
C ILE A 234 -2.40 17.32 -0.43
N LYS A 235 -1.84 17.56 -1.62
CA LYS A 235 -2.55 17.58 -2.88
C LYS A 235 -3.28 16.28 -3.18
N GLY A 236 -2.83 15.15 -2.64
CA GLY A 236 -3.38 13.83 -2.92
C GLY A 236 -4.71 13.74 -2.18
N ILE A 237 -4.93 14.51 -1.11
CA ILE A 237 -6.11 14.52 -0.28
C ILE A 237 -7.05 15.55 -0.89
N GLN A 238 -6.55 16.67 -1.41
CA GLN A 238 -7.32 17.70 -2.08
C GLN A 238 -8.11 17.29 -3.31
N LYS A 239 -7.58 16.30 -4.02
CA LYS A 239 -8.19 15.57 -5.11
C LYS A 239 -9.40 14.80 -4.63
N LEU A 240 -9.44 14.34 -3.37
CA LEU A 240 -10.53 13.54 -2.84
C LEU A 240 -11.71 14.37 -2.38
N TYR A 241 -11.44 15.49 -1.69
CA TYR A 241 -12.42 16.40 -1.12
C TYR A 241 -12.49 17.76 -1.79
N GLY A 242 -11.96 17.86 -3.01
CA GLY A 242 -12.01 18.97 -3.93
C GLY A 242 -12.34 18.57 -5.36
N LYS A 243 -11.85 19.39 -6.30
CA LYS A 243 -11.87 18.96 -7.69
C LYS A 243 -10.64 18.11 -7.96
N ARG A 244 -10.78 17.17 -8.89
CA ARG A 244 -9.64 16.38 -9.33
C ARG A 244 -8.85 17.19 -10.34
N SER A 245 -7.54 17.37 -10.17
CA SER A 245 -6.61 17.89 -11.16
C SER A 245 -5.22 17.33 -10.88
N ASN A 246 -4.46 16.86 -11.86
CA ASN A 246 -3.02 16.65 -11.75
C ASN A 246 -2.36 18.02 -11.85
N SER A 247 -1.47 18.40 -10.92
CA SER A 247 -0.69 19.62 -10.82
C SER A 247 0.80 19.40 -10.68
N ARG A 248 1.24 18.19 -11.02
CA ARG A 248 2.65 17.92 -11.29
C ARG A 248 2.94 18.45 -12.69
N LYS A 249 4.17 18.95 -12.83
CA LYS A 249 4.67 19.70 -13.96
C LYS A 249 6.13 19.31 -14.15
N LYS A 250 6.67 19.69 -15.31
CA LYS A 250 8.07 19.69 -15.68
C LYS A 250 8.33 20.91 -16.56
N LEU A 3 24.94 3.17 -13.43
CA LEU A 3 24.28 1.87 -13.64
C LEU A 3 22.90 2.13 -14.22
N PRO A 4 22.30 1.28 -15.05
CA PRO A 4 20.91 1.41 -15.45
C PRO A 4 19.94 1.00 -14.34
N GLN A 5 18.70 1.48 -14.42
CA GLN A 5 17.60 1.01 -13.61
C GLN A 5 16.95 -0.24 -14.21
N GLU A 6 16.34 -1.08 -13.37
CA GLU A 6 15.92 -2.45 -13.59
C GLU A 6 14.89 -2.53 -14.71
N ALA A 7 14.30 -1.41 -15.12
CA ALA A 7 13.38 -1.08 -16.19
C ALA A 7 14.06 -1.06 -17.55
N GLY A 8 15.34 -0.71 -17.53
CA GLY A 8 16.31 -0.80 -18.60
C GLY A 8 17.35 -1.91 -18.41
N GLY A 9 17.07 -2.77 -17.42
CA GLY A 9 17.78 -4.00 -17.14
C GLY A 9 16.91 -5.25 -17.20
N MET A 10 15.68 -5.10 -17.71
CA MET A 10 14.62 -6.08 -17.64
C MET A 10 14.99 -7.40 -18.32
N SER A 11 15.08 -8.50 -17.56
CA SER A 11 15.28 -9.82 -18.10
C SER A 11 13.96 -10.59 -18.20
N GLU A 12 14.03 -11.78 -18.81
CA GLU A 12 13.08 -12.87 -18.82
C GLU A 12 12.61 -13.19 -17.41
N LEU A 13 13.43 -13.13 -16.36
CA LEU A 13 13.14 -13.40 -14.97
C LEU A 13 12.30 -12.32 -14.29
N GLN A 14 12.51 -11.06 -14.68
CA GLN A 14 11.65 -9.99 -14.20
C GLN A 14 10.42 -9.87 -15.08
N TRP A 15 10.42 -10.26 -16.36
CA TRP A 15 9.23 -10.33 -17.19
C TRP A 15 8.22 -11.39 -16.77
N GLU A 16 8.69 -12.48 -16.14
CA GLU A 16 7.89 -13.46 -15.44
C GLU A 16 7.40 -12.84 -14.14
N GLN A 17 8.18 -11.99 -13.45
CA GLN A 17 7.83 -11.37 -12.19
C GLN A 17 6.84 -10.22 -12.31
N ALA A 18 6.90 -9.46 -13.41
CA ALA A 18 5.98 -8.44 -13.85
C ALA A 18 4.56 -8.94 -14.11
N GLN A 19 4.51 -10.18 -14.62
CA GLN A 19 3.28 -10.92 -14.79
C GLN A 19 2.83 -11.54 -13.47
N ASP A 20 3.68 -12.20 -12.70
CA ASP A 20 3.51 -12.67 -11.34
C ASP A 20 2.96 -11.57 -10.45
N TYR A 21 3.42 -10.32 -10.46
CA TYR A 21 3.17 -9.30 -9.47
C TYR A 21 1.76 -8.72 -9.57
N LEU A 22 1.44 -8.42 -10.82
CA LEU A 22 0.23 -7.75 -11.24
C LEU A 22 -0.94 -8.67 -10.98
N LYS A 23 -0.87 -9.97 -11.30
CA LYS A 23 -1.85 -10.99 -11.01
C LYS A 23 -2.43 -10.99 -9.60
N ARG A 24 -1.56 -10.83 -8.60
CA ARG A 24 -1.96 -10.93 -7.21
C ARG A 24 -2.75 -9.72 -6.72
N PHE A 25 -2.84 -8.62 -7.47
CA PHE A 25 -3.64 -7.47 -7.08
C PHE A 25 -5.12 -7.72 -7.30
N TYR A 26 -5.38 -8.31 -8.46
CA TYR A 26 -6.71 -8.58 -8.98
C TYR A 26 -7.22 -9.93 -8.51
N LEU A 27 -6.37 -10.85 -8.03
CA LEU A 27 -6.61 -12.23 -7.73
C LEU A 27 -6.59 -13.04 -9.01
N TYR A 28 -5.80 -12.69 -10.04
CA TYR A 28 -5.76 -13.18 -11.40
C TYR A 28 -6.66 -12.41 -12.36
N ASP A 29 -6.08 -11.94 -13.47
CA ASP A 29 -6.74 -11.32 -14.61
C ASP A 29 -6.23 -11.90 -15.93
N SER A 30 -7.14 -12.13 -16.88
CA SER A 30 -6.99 -12.74 -18.19
C SER A 30 -6.25 -11.87 -19.18
N GLU A 31 -5.88 -10.62 -18.89
CA GLU A 31 -5.21 -9.64 -19.72
C GLU A 31 -3.78 -9.57 -19.21
N THR A 32 -3.52 -9.81 -17.92
CA THR A 32 -2.19 -9.77 -17.36
C THR A 32 -1.33 -10.96 -17.78
N LYS A 33 -2.01 -12.09 -18.01
CA LYS A 33 -1.58 -13.36 -18.53
C LYS A 33 -1.14 -13.17 -19.99
N ASN A 34 -0.05 -13.77 -20.44
CA ASN A 34 0.52 -13.67 -21.78
C ASN A 34 1.36 -12.42 -21.90
N ALA A 35 2.66 -12.55 -22.20
CA ALA A 35 3.67 -11.57 -22.52
C ALA A 35 3.29 -10.39 -23.41
N ASN A 36 2.35 -10.54 -24.34
CA ASN A 36 1.85 -9.58 -25.31
C ASN A 36 0.82 -8.70 -24.61
N SER A 37 -0.10 -9.30 -23.86
CA SER A 37 -1.14 -8.58 -23.15
C SER A 37 -0.60 -7.78 -21.97
N LEU A 38 0.44 -8.39 -21.40
CA LEU A 38 1.29 -7.99 -20.30
C LEU A 38 1.95 -6.65 -20.56
N GLU A 39 2.13 -6.29 -21.83
CA GLU A 39 2.80 -5.07 -22.25
C GLU A 39 1.86 -3.87 -22.14
N ALA A 40 0.55 -4.04 -22.33
CA ALA A 40 -0.53 -3.15 -21.97
C ALA A 40 -0.71 -2.90 -20.48
N LYS A 41 -0.37 -3.93 -19.70
CA LYS A 41 -0.58 -4.10 -18.28
C LYS A 41 0.54 -3.37 -17.57
N LEU A 42 1.77 -3.33 -18.11
CA LEU A 42 2.93 -2.54 -17.77
C LEU A 42 2.60 -1.05 -17.77
N LYS A 43 1.79 -0.66 -18.76
CA LYS A 43 1.28 0.70 -18.77
C LYS A 43 0.33 0.98 -17.61
N GLU A 44 -0.57 0.07 -17.25
CA GLU A 44 -1.52 0.14 -16.16
C GLU A 44 -0.79 0.19 -14.83
N MET A 45 0.38 -0.46 -14.74
CA MET A 45 1.30 -0.52 -13.62
C MET A 45 2.04 0.79 -13.36
N GLN A 46 2.53 1.35 -14.46
CA GLN A 46 3.13 2.68 -14.56
C GLN A 46 2.22 3.81 -14.15
N LYS A 47 1.00 3.69 -14.69
CA LYS A 47 -0.12 4.58 -14.42
C LYS A 47 -0.53 4.52 -12.95
N PHE A 48 -0.52 3.33 -12.35
CA PHE A 48 -0.85 3.22 -10.95
C PHE A 48 0.20 3.70 -9.95
N PHE A 49 1.45 3.85 -10.39
CA PHE A 49 2.42 4.57 -9.58
C PHE A 49 2.35 6.07 -9.80
N GLY A 50 1.73 6.50 -10.89
CA GLY A 50 1.25 7.85 -11.07
C GLY A 50 2.18 8.59 -12.03
N LEU A 51 3.19 7.90 -12.58
CA LEU A 51 4.31 8.52 -13.26
C LEU A 51 3.87 9.06 -14.61
N PRO A 52 4.37 10.25 -14.96
CA PRO A 52 3.94 11.00 -16.12
C PRO A 52 4.41 10.51 -17.48
N ILE A 53 5.42 9.65 -17.60
CA ILE A 53 5.90 8.95 -18.79
C ILE A 53 4.94 7.79 -19.00
N THR A 54 4.50 7.55 -20.23
CA THR A 54 3.57 6.47 -20.48
C THR A 54 3.98 5.74 -21.76
N GLY A 55 4.36 4.46 -21.72
CA GLY A 55 4.77 3.63 -22.84
C GLY A 55 6.24 3.24 -22.84
N MET A 56 6.96 3.83 -21.88
CA MET A 56 8.31 3.46 -21.49
C MET A 56 8.33 3.38 -19.97
N LEU A 57 9.14 2.44 -19.48
CA LEU A 57 9.54 2.37 -18.09
C LEU A 57 10.95 2.90 -17.96
N ASN A 58 11.20 3.83 -17.04
CA ASN A 58 12.45 4.56 -16.88
C ASN A 58 12.90 4.65 -15.43
N SER A 59 12.02 4.52 -14.43
CA SER A 59 12.47 4.63 -13.05
C SER A 59 12.56 3.32 -12.31
N ARG A 60 12.63 3.40 -10.97
CA ARG A 60 12.63 2.36 -9.96
C ARG A 60 11.51 1.33 -10.05
N VAL A 61 10.53 1.50 -10.94
CA VAL A 61 9.32 0.70 -11.10
C VAL A 61 9.50 -0.80 -11.09
N ILE A 62 10.51 -1.39 -11.76
CA ILE A 62 10.84 -2.79 -11.87
C ILE A 62 11.58 -3.28 -10.63
N GLU A 63 12.21 -2.42 -9.85
CA GLU A 63 12.93 -2.78 -8.65
C GLU A 63 11.84 -2.93 -7.59
N ILE A 64 11.12 -1.85 -7.28
CA ILE A 64 10.09 -1.85 -6.26
C ILE A 64 8.97 -2.85 -6.46
N MET A 65 8.89 -3.50 -7.63
CA MET A 65 7.99 -4.56 -8.05
C MET A 65 8.55 -5.92 -7.66
N GLN A 66 9.88 -6.07 -7.63
CA GLN A 66 10.52 -7.31 -7.21
C GLN A 66 10.62 -7.42 -5.71
N LYS A 67 10.77 -6.25 -5.06
CA LYS A 67 10.87 -6.09 -3.63
C LYS A 67 9.48 -5.90 -3.03
N PRO A 68 9.25 -6.27 -1.76
CA PRO A 68 7.96 -6.07 -1.13
C PRO A 68 7.71 -4.61 -0.78
N ARG A 69 6.75 -3.97 -1.44
CA ARG A 69 6.35 -2.58 -1.42
C ARG A 69 4.84 -2.39 -1.58
N CYS A 70 4.28 -3.08 -2.57
CA CYS A 70 2.86 -3.28 -2.71
C CYS A 70 2.65 -4.79 -2.84
N GLY A 71 1.89 -5.26 -1.86
CA GLY A 71 1.01 -6.41 -1.94
C GLY A 71 -0.46 -6.01 -1.90
N VAL A 72 -0.74 -4.83 -1.35
CA VAL A 72 -2.07 -4.25 -1.25
C VAL A 72 -2.31 -3.57 -2.59
N PRO A 73 -3.44 -3.85 -3.22
CA PRO A 73 -3.75 -3.47 -4.59
C PRO A 73 -4.00 -1.98 -4.73
N ASP A 74 -3.46 -1.45 -5.84
CA ASP A 74 -3.48 -0.11 -6.36
C ASP A 74 -4.46 0.05 -7.51
N VAL A 75 -4.65 -1.01 -8.30
CA VAL A 75 -5.72 -1.29 -9.23
C VAL A 75 -6.41 -2.52 -8.66
N ALA A 76 -7.75 -2.58 -8.57
CA ALA A 76 -8.35 -3.75 -7.95
C ALA A 76 -9.55 -4.15 -8.80
N GLU A 77 -9.96 -5.40 -8.59
CA GLU A 77 -11.16 -6.06 -9.07
C GLU A 77 -11.76 -6.65 -7.81
N TYR A 78 -13.07 -6.71 -7.59
CA TYR A 78 -13.78 -7.13 -6.41
C TYR A 78 -15.27 -7.08 -6.70
N SER A 79 -16.04 -7.75 -5.85
CA SER A 79 -17.48 -7.58 -5.74
C SER A 79 -17.83 -7.15 -4.33
N LEU A 80 -19.05 -6.63 -4.25
CA LEU A 80 -19.86 -6.31 -3.09
C LEU A 80 -19.60 -5.01 -2.35
N PHE A 81 -18.50 -4.35 -2.73
CA PHE A 81 -18.10 -3.00 -2.36
C PHE A 81 -18.79 -2.17 -3.43
N PRO A 82 -19.23 -0.96 -3.07
CA PRO A 82 -19.78 0.01 -3.99
C PRO A 82 -18.64 0.56 -4.84
N ASN A 83 -19.00 0.98 -6.05
CA ASN A 83 -18.15 1.60 -7.04
C ASN A 83 -17.59 2.92 -6.54
N SER A 84 -16.29 3.10 -6.32
CA SER A 84 -15.60 4.26 -5.82
C SER A 84 -15.44 4.15 -4.31
N PRO A 85 -14.27 4.38 -3.71
CA PRO A 85 -13.97 4.25 -2.29
C PRO A 85 -14.33 5.42 -1.39
N LYS A 86 -15.10 5.22 -0.31
CA LYS A 86 -15.20 6.14 0.79
C LYS A 86 -15.81 5.48 2.01
N TRP A 87 -15.20 5.78 3.16
CA TRP A 87 -15.75 5.68 4.50
C TRP A 87 -16.92 6.66 4.63
N THR A 88 -18.16 6.15 4.68
CA THR A 88 -19.33 6.99 4.79
C THR A 88 -19.56 7.31 6.26
N SER A 89 -19.05 6.50 7.18
CA SER A 89 -19.07 6.78 8.60
C SER A 89 -18.06 7.88 8.88
N LYS A 90 -18.49 8.93 9.60
CA LYS A 90 -17.61 10.01 10.00
C LYS A 90 -16.86 9.63 11.27
N VAL A 91 -17.21 8.54 11.96
CA VAL A 91 -16.46 7.90 13.01
C VAL A 91 -16.04 6.57 12.40
N VAL A 92 -14.75 6.26 12.20
CA VAL A 92 -14.12 5.01 11.86
C VAL A 92 -13.28 4.60 13.06
N THR A 93 -12.90 3.33 13.19
CA THR A 93 -12.13 2.79 14.30
C THR A 93 -11.00 1.87 13.87
N TYR A 94 -10.02 1.58 14.75
CA TYR A 94 -8.96 0.62 14.53
C TYR A 94 -8.45 -0.13 15.75
N ARG A 95 -8.05 -1.40 15.63
CA ARG A 95 -7.50 -2.32 16.61
C ARG A 95 -6.55 -3.31 15.95
N ILE A 96 -5.44 -3.57 16.65
CA ILE A 96 -4.53 -4.65 16.31
C ILE A 96 -5.08 -5.96 16.85
N VAL A 97 -5.21 -6.99 16.01
CA VAL A 97 -5.86 -8.27 16.26
C VAL A 97 -4.82 -9.36 16.37
N SER A 98 -3.60 -9.16 15.87
CA SER A 98 -2.38 -9.93 16.02
C SER A 98 -1.13 -9.09 15.85
N TYR A 99 0.01 -9.61 16.30
CA TYR A 99 1.28 -8.92 16.36
C TYR A 99 2.38 -9.77 15.73
N THR A 100 3.52 -9.11 15.49
CA THR A 100 4.72 -9.62 14.86
C THR A 100 5.68 -10.11 15.93
N ARG A 101 6.46 -11.13 15.62
CA ARG A 101 7.49 -11.67 16.50
C ARG A 101 8.72 -10.80 16.69
N ASP A 102 8.85 -9.72 15.90
CA ASP A 102 9.92 -8.74 15.99
C ASP A 102 9.52 -7.54 16.83
N LEU A 103 8.30 -7.03 16.67
CA LEU A 103 7.84 -5.80 17.27
C LEU A 103 6.74 -6.16 18.26
N PRO A 104 6.78 -5.78 19.54
CA PRO A 104 5.74 -6.17 20.47
C PRO A 104 4.45 -5.50 20.04
N HIS A 105 3.30 -6.04 20.44
CA HIS A 105 1.93 -5.62 20.26
C HIS A 105 1.71 -4.15 20.59
N ILE A 106 2.14 -3.70 21.77
CA ILE A 106 1.83 -2.38 22.27
C ILE A 106 2.43 -1.31 21.36
N THR A 107 3.64 -1.57 20.88
CA THR A 107 4.47 -0.75 20.02
C THR A 107 3.82 -0.62 18.65
N VAL A 108 3.29 -1.71 18.12
CA VAL A 108 2.67 -1.78 16.80
C VAL A 108 1.40 -0.94 16.90
N ASP A 109 0.64 -1.07 18.00
CA ASP A 109 -0.58 -0.38 18.34
C ASP A 109 -0.49 1.14 18.27
N ARG A 110 0.70 1.65 18.61
CA ARG A 110 1.00 3.06 18.66
C ARG A 110 1.45 3.53 17.28
N LEU A 111 2.16 2.74 16.48
CA LEU A 111 2.81 3.04 15.21
C LEU A 111 1.71 3.19 14.17
N VAL A 112 0.66 2.36 14.16
CA VAL A 112 -0.48 2.59 13.28
C VAL A 112 -1.32 3.83 13.58
N SER A 113 -1.30 4.16 14.87
CA SER A 113 -2.12 5.24 15.39
C SER A 113 -1.49 6.57 15.00
N LYS A 114 -0.16 6.59 15.07
CA LYS A 114 0.73 7.64 14.59
C LYS A 114 0.62 7.81 13.09
N ALA A 115 0.27 6.76 12.33
CA ALA A 115 0.09 6.78 10.90
C ALA A 115 -1.22 7.47 10.56
N LEU A 116 -2.29 7.15 11.29
CA LEU A 116 -3.57 7.83 11.26
C LEU A 116 -3.57 9.28 11.74
N ASN A 117 -2.68 9.74 12.62
CA ASN A 117 -2.53 11.11 13.08
C ASN A 117 -2.10 12.00 11.93
N MET A 118 -1.49 11.43 10.89
CA MET A 118 -1.08 12.24 9.76
C MET A 118 -2.20 12.42 8.76
N TRP A 119 -2.98 11.40 8.41
CA TRP A 119 -4.08 11.49 7.47
C TRP A 119 -5.33 12.05 8.12
N GLY A 120 -5.61 11.95 9.42
CA GLY A 120 -6.92 12.21 9.96
C GLY A 120 -7.12 13.69 10.27
N LYS A 121 -6.06 14.41 10.62
CA LYS A 121 -5.99 15.80 11.05
C LYS A 121 -6.62 16.87 10.18
N GLU A 122 -6.60 16.55 8.88
CA GLU A 122 -6.94 17.46 7.81
C GLU A 122 -8.38 17.30 7.37
N ILE A 123 -9.04 16.19 7.69
CA ILE A 123 -10.31 15.76 7.14
C ILE A 123 -11.41 15.49 8.16
N PRO A 124 -12.70 15.55 7.85
CA PRO A 124 -13.81 15.37 8.75
C PRO A 124 -14.15 13.91 9.01
N LEU A 125 -13.12 13.20 9.47
CA LEU A 125 -13.21 11.78 9.68
C LEU A 125 -12.31 11.60 10.91
N HIS A 126 -12.92 11.08 11.98
CA HIS A 126 -12.23 10.70 13.19
C HIS A 126 -11.96 9.20 13.13
N PHE A 127 -10.67 8.90 13.24
CA PHE A 127 -10.15 7.58 13.54
C PHE A 127 -10.00 7.44 15.05
N ARG A 128 -10.85 6.59 15.62
CA ARG A 128 -10.74 6.39 17.05
C ARG A 128 -9.95 5.12 17.34
N LYS A 129 -9.07 5.11 18.34
CA LYS A 129 -8.39 3.97 18.92
C LYS A 129 -9.31 3.51 20.04
N VAL A 130 -9.84 2.30 19.88
CA VAL A 130 -10.69 1.66 20.88
C VAL A 130 -9.95 0.50 21.52
N VAL A 131 -10.41 0.02 22.68
CA VAL A 131 -9.96 -1.16 23.40
C VAL A 131 -11.16 -2.03 23.75
N TRP A 132 -12.15 -1.97 22.87
CA TRP A 132 -13.45 -2.61 23.03
C TRP A 132 -13.98 -2.97 21.65
N GLY A 133 -14.42 -4.23 21.48
CA GLY A 133 -15.13 -4.79 20.35
C GLY A 133 -14.26 -5.15 19.17
N THR A 134 -14.89 -5.46 18.03
CA THR A 134 -14.21 -5.44 16.76
C THR A 134 -14.30 -4.01 16.20
N ALA A 135 -13.18 -3.47 15.71
CA ALA A 135 -13.07 -2.18 15.05
C ALA A 135 -13.10 -2.28 13.53
N ASP A 136 -13.31 -1.17 12.81
CA ASP A 136 -13.37 -1.05 11.36
C ASP A 136 -12.16 -1.69 10.69
N ILE A 137 -10.99 -1.14 11.02
CA ILE A 137 -9.67 -1.59 10.63
C ILE A 137 -9.23 -2.51 11.76
N MET A 138 -9.25 -3.79 11.38
CA MET A 138 -8.61 -4.89 12.09
C MET A 138 -7.29 -5.17 11.39
N ILE A 139 -6.16 -5.02 12.09
CA ILE A 139 -4.77 -5.19 11.70
C ILE A 139 -4.24 -6.51 12.22
N GLY A 140 -3.88 -7.40 11.28
CA GLY A 140 -3.43 -8.74 11.58
C GLY A 140 -2.05 -9.04 11.02
N PHE A 141 -1.36 -10.01 11.64
CA PHE A 141 -0.10 -10.56 11.18
C PHE A 141 -0.54 -11.99 10.93
N ALA A 142 -0.27 -12.58 9.76
CA ALA A 142 -0.74 -13.81 9.16
C ALA A 142 0.21 -14.36 8.09
N ARG A 143 0.00 -15.61 7.68
CA ARG A 143 0.64 -16.19 6.51
C ARG A 143 -0.41 -16.26 5.41
N GLY A 144 -0.04 -16.63 4.18
CA GLY A 144 -0.90 -16.48 3.02
C GLY A 144 -1.86 -17.65 2.90
N ALA A 145 -1.77 -18.62 3.80
CA ALA A 145 -2.56 -19.82 4.02
C ALA A 145 -3.81 -19.63 4.87
N HIS A 146 -4.10 -18.37 5.23
CA HIS A 146 -5.15 -18.00 6.15
C HIS A 146 -6.46 -17.83 5.39
N GLY A 147 -6.62 -18.40 4.18
CA GLY A 147 -7.89 -18.59 3.51
C GLY A 147 -8.10 -17.57 2.39
N ASP A 148 -7.00 -17.14 1.78
CA ASP A 148 -6.97 -16.18 0.69
C ASP A 148 -6.18 -16.85 -0.43
N SER A 149 -6.33 -16.25 -1.61
CA SER A 149 -5.63 -16.70 -2.81
C SER A 149 -4.18 -16.27 -2.73
N TYR A 150 -3.26 -17.20 -2.97
CA TYR A 150 -1.86 -16.96 -3.19
C TYR A 150 -1.00 -16.78 -1.95
N PRO A 151 0.26 -17.20 -1.89
CA PRO A 151 1.15 -17.15 -0.75
C PRO A 151 1.65 -15.76 -0.38
N PHE A 152 1.85 -15.46 0.91
CA PHE A 152 2.70 -14.35 1.32
C PHE A 152 4.13 -14.85 1.38
N ASP A 153 4.49 -16.12 1.16
CA ASP A 153 5.76 -16.51 0.59
C ASP A 153 6.79 -16.90 1.66
N GLY A 154 6.79 -16.27 2.84
CA GLY A 154 7.88 -16.31 3.78
C GLY A 154 8.57 -14.96 3.62
N PRO A 155 9.90 -14.80 3.75
CA PRO A 155 10.55 -13.52 3.53
C PRO A 155 10.64 -13.21 2.04
N GLY A 156 10.30 -11.99 1.61
CA GLY A 156 10.44 -11.62 0.22
C GLY A 156 9.05 -11.21 -0.28
N ASN A 157 8.83 -10.96 -1.57
CA ASN A 157 7.71 -10.29 -2.20
C ASN A 157 6.31 -10.76 -1.79
N THR A 158 5.50 -9.78 -1.40
CA THR A 158 4.20 -9.86 -0.77
C THR A 158 4.56 -9.78 0.71
N LEU A 159 4.49 -8.60 1.33
CA LEU A 159 4.42 -8.35 2.76
C LEU A 159 3.03 -7.97 3.26
N ALA A 160 2.00 -7.62 2.48
CA ALA A 160 0.69 -7.43 3.05
C ALA A 160 -0.36 -7.64 1.97
N HIS A 161 -1.64 -7.69 2.34
CA HIS A 161 -2.83 -7.32 1.61
C HIS A 161 -3.71 -6.49 2.54
N ALA A 162 -4.39 -5.53 1.90
CA ALA A 162 -5.32 -4.65 2.58
C ALA A 162 -6.56 -4.38 1.76
N PHE A 163 -7.71 -4.10 2.41
CA PHE A 163 -9.02 -3.88 1.84
C PHE A 163 -9.35 -2.40 1.70
N ALA A 164 -10.14 -2.05 0.68
CA ALA A 164 -10.80 -0.77 0.49
C ALA A 164 -11.67 -0.36 1.68
N PRO A 165 -12.18 0.87 1.86
CA PRO A 165 -13.05 1.32 2.93
C PRO A 165 -14.42 0.68 2.74
N GLY A 166 -14.82 -0.11 3.73
CA GLY A 166 -16.12 -0.72 3.81
C GLY A 166 -16.45 -0.88 5.28
N THR A 167 -17.64 -0.40 5.64
CA THR A 167 -18.40 -0.63 6.85
C THR A 167 -18.78 -2.11 6.96
N GLY A 168 -18.04 -2.76 7.85
CA GLY A 168 -18.06 -4.19 8.03
C GLY A 168 -16.88 -4.75 7.24
N LEU A 169 -17.26 -5.17 6.03
CA LEU A 169 -16.43 -5.89 5.09
C LEU A 169 -15.09 -5.31 4.69
N GLY A 170 -14.80 -4.04 4.98
CA GLY A 170 -13.63 -3.35 4.46
C GLY A 170 -12.68 -2.82 5.53
N GLY A 171 -11.59 -2.16 5.15
CA GLY A 171 -10.55 -1.62 6.00
C GLY A 171 -9.53 -2.60 6.56
N ASP A 172 -9.78 -3.91 6.55
CA ASP A 172 -9.02 -4.86 7.35
C ASP A 172 -7.77 -5.22 6.55
N ALA A 173 -6.65 -5.38 7.24
CA ALA A 173 -5.36 -5.75 6.68
C ALA A 173 -4.71 -6.95 7.35
N HIS A 174 -4.17 -7.82 6.51
CA HIS A 174 -3.31 -8.94 6.87
C HIS A 174 -1.88 -8.71 6.39
N PHE A 175 -0.96 -8.59 7.35
CA PHE A 175 0.46 -8.36 7.19
C PHE A 175 1.16 -9.71 7.33
N ASP A 176 2.31 -9.86 6.67
CA ASP A 176 3.00 -11.13 6.53
C ASP A 176 3.86 -11.32 7.76
N GLU A 177 3.49 -12.35 8.52
CA GLU A 177 4.06 -12.76 9.79
C GLU A 177 5.42 -13.43 9.63
N ASP A 178 5.81 -13.94 8.46
CA ASP A 178 7.07 -14.57 8.15
C ASP A 178 8.08 -13.52 7.72
N GLU A 179 7.59 -12.41 7.16
CA GLU A 179 8.34 -11.21 6.86
C GLU A 179 8.80 -10.63 8.19
N ARG A 180 10.06 -10.20 8.25
CA ARG A 180 10.64 -9.56 9.41
C ARG A 180 10.43 -8.06 9.22
N TRP A 181 9.92 -7.48 10.31
CA TRP A 181 9.62 -6.08 10.47
C TRP A 181 10.60 -5.38 11.42
N THR A 182 10.61 -4.05 11.37
CA THR A 182 11.39 -3.28 12.31
C THR A 182 10.64 -1.98 12.60
N ASP A 183 11.31 -1.16 13.42
CA ASP A 183 10.96 0.23 13.65
C ASP A 183 12.28 0.96 13.86
N GLY A 184 12.84 0.94 15.08
CA GLY A 184 13.97 1.80 15.37
C GLY A 184 15.30 1.17 15.01
N SER A 185 15.37 -0.15 15.20
CA SER A 185 16.51 -1.04 15.24
C SER A 185 17.15 -1.45 13.92
N SER A 186 16.38 -1.28 12.84
CA SER A 186 16.83 -1.21 11.47
C SER A 186 17.02 -2.59 10.85
N LEU A 187 16.39 -3.64 11.40
CA LEU A 187 16.69 -5.04 11.14
C LEU A 187 15.81 -5.58 10.02
N GLY A 188 14.65 -5.01 9.68
CA GLY A 188 13.58 -5.50 8.83
C GLY A 188 12.98 -4.42 7.94
N ILE A 189 11.74 -4.70 7.53
CA ILE A 189 11.00 -3.70 6.80
C ILE A 189 10.31 -2.76 7.79
N ASN A 190 10.38 -1.45 7.57
CA ASN A 190 9.89 -0.35 8.36
C ASN A 190 8.39 -0.48 8.59
N PHE A 191 7.80 -0.89 9.73
CA PHE A 191 6.37 -1.12 9.78
C PHE A 191 5.49 0.11 9.64
N LEU A 192 5.91 1.28 10.14
CA LEU A 192 5.12 2.49 10.07
C LEU A 192 4.87 2.92 8.63
N TYR A 193 5.90 2.84 7.77
CA TYR A 193 5.84 3.21 6.37
C TYR A 193 4.99 2.23 5.57
N ALA A 194 4.79 1.01 6.09
CA ALA A 194 3.94 -0.02 5.53
C ALA A 194 2.56 0.16 6.13
N ALA A 195 2.44 0.78 7.31
CA ALA A 195 1.20 1.13 7.97
C ALA A 195 0.60 2.29 7.18
N THR A 196 1.30 3.40 6.93
CA THR A 196 0.76 4.56 6.22
C THR A 196 0.13 4.31 4.86
N HIS A 197 0.80 3.45 4.11
CA HIS A 197 0.43 3.05 2.77
C HIS A 197 -0.72 2.05 2.78
N ALA A 198 -0.73 1.08 3.70
CA ALA A 198 -1.89 0.23 3.80
C ALA A 198 -3.08 0.99 4.39
N LEU A 199 -2.92 1.83 5.41
CA LEU A 199 -4.02 2.61 5.93
C LEU A 199 -4.50 3.74 5.02
N GLY A 200 -3.70 4.09 4.02
CA GLY A 200 -3.98 5.02 2.95
C GLY A 200 -4.64 4.40 1.72
N HIS A 201 -4.66 3.08 1.62
CA HIS A 201 -5.48 2.37 0.65
C HIS A 201 -6.84 2.03 1.27
N SER A 202 -6.85 1.99 2.61
CA SER A 202 -8.03 1.70 3.40
C SER A 202 -8.89 2.95 3.56
N LEU A 203 -8.34 4.11 3.23
CA LEU A 203 -8.97 5.42 3.10
C LEU A 203 -9.44 5.59 1.66
N GLY A 204 -8.84 4.90 0.70
CA GLY A 204 -9.20 4.93 -0.70
C GLY A 204 -8.24 5.66 -1.63
N MET A 205 -7.03 6.04 -1.19
CA MET A 205 -6.07 6.85 -1.91
C MET A 205 -4.89 6.00 -2.39
N GLY A 206 -4.27 6.55 -3.43
CA GLY A 206 -3.37 5.84 -4.33
C GLY A 206 -2.04 6.58 -4.29
N HIS A 207 -1.10 6.19 -5.16
CA HIS A 207 0.23 6.76 -5.21
C HIS A 207 0.29 8.11 -5.90
N SER A 208 1.39 8.81 -5.61
CA SER A 208 1.88 10.03 -6.22
C SER A 208 3.32 9.89 -6.67
N SER A 209 3.64 10.42 -7.86
CA SER A 209 4.90 10.44 -8.57
C SER A 209 5.81 11.61 -8.27
N ASP A 210 5.22 12.71 -7.78
CA ASP A 210 5.98 13.79 -7.19
C ASP A 210 6.84 13.27 -6.05
N PRO A 211 8.18 13.32 -6.00
CA PRO A 211 9.00 12.61 -5.04
C PRO A 211 8.89 13.09 -3.60
N ASN A 212 8.36 14.26 -3.23
CA ASN A 212 8.05 14.72 -1.89
C ASN A 212 6.98 13.89 -1.21
N ALA A 213 6.15 13.14 -1.95
CA ALA A 213 4.90 12.56 -1.55
C ALA A 213 5.12 11.44 -0.53
N VAL A 214 4.20 11.30 0.44
CA VAL A 214 4.29 10.36 1.52
C VAL A 214 4.12 8.90 1.13
N MET A 215 3.38 8.65 0.05
CA MET A 215 3.22 7.34 -0.55
C MET A 215 3.85 7.41 -1.93
N TYR A 216 5.06 7.96 -2.08
CA TYR A 216 5.88 8.00 -3.29
C TYR A 216 6.50 6.62 -3.46
N PRO A 217 6.20 5.86 -4.51
CA PRO A 217 6.67 4.50 -4.64
C PRO A 217 8.08 4.29 -5.15
N THR A 218 8.53 4.97 -6.22
CA THR A 218 9.81 4.86 -6.88
C THR A 218 10.91 5.66 -6.21
N TYR A 219 11.08 5.69 -4.89
CA TYR A 219 12.22 6.27 -4.19
C TYR A 219 13.45 5.35 -4.17
N GLY A 220 14.60 5.99 -4.06
CA GLY A 220 15.89 5.33 -3.95
C GLY A 220 16.53 5.73 -2.63
N ASN A 221 17.58 6.54 -2.60
CA ASN A 221 18.29 6.90 -1.38
C ASN A 221 17.57 8.08 -0.74
N GLY A 222 17.37 8.19 0.58
CA GLY A 222 16.93 9.38 1.26
C GLY A 222 15.65 9.18 2.05
N ASP A 223 15.84 8.67 3.27
CA ASP A 223 14.84 8.39 4.28
C ASP A 223 14.43 9.72 4.92
N PRO A 224 13.13 9.97 5.02
CA PRO A 224 12.64 11.24 5.51
C PRO A 224 12.87 11.38 7.01
N GLN A 225 13.21 12.60 7.45
CA GLN A 225 13.66 13.03 8.75
C GLN A 225 12.58 12.99 9.83
N ASN A 226 11.39 13.44 9.45
CA ASN A 226 10.24 13.35 10.33
C ASN A 226 9.26 12.37 9.71
N PHE A 227 8.96 12.51 8.41
CA PHE A 227 8.01 11.81 7.56
C PHE A 227 6.70 12.59 7.62
N LYS A 228 6.22 13.29 6.59
CA LYS A 228 5.12 14.23 6.48
C LYS A 228 4.49 14.08 5.10
N LEU A 229 3.30 14.66 4.96
CA LEU A 229 2.58 14.83 3.71
C LEU A 229 3.08 16.05 2.95
N SER A 230 3.04 15.99 1.62
CA SER A 230 3.28 17.13 0.75
C SER A 230 2.02 17.86 0.31
N GLN A 231 2.11 18.95 -0.46
CA GLN A 231 1.09 19.88 -0.90
C GLN A 231 0.00 19.34 -1.80
N ASP A 232 0.39 18.47 -2.74
CA ASP A 232 -0.47 17.57 -3.48
C ASP A 232 -1.21 16.53 -2.64
N ASP A 233 -0.57 15.92 -1.64
CA ASP A 233 -1.03 14.93 -0.69
C ASP A 233 -2.20 15.48 0.14
N ILE A 234 -2.05 16.63 0.79
CA ILE A 234 -2.97 17.47 1.53
C ILE A 234 -4.30 17.73 0.83
N LYS A 235 -4.15 18.03 -0.46
CA LYS A 235 -5.26 18.13 -1.38
C LYS A 235 -5.75 16.74 -1.79
N GLY A 236 -5.07 15.60 -1.70
CA GLY A 236 -5.46 14.33 -2.28
C GLY A 236 -6.39 13.55 -1.37
N ILE A 237 -6.42 13.72 -0.04
CA ILE A 237 -7.37 13.16 0.89
C ILE A 237 -8.66 13.98 0.94
N GLN A 238 -8.56 15.24 0.52
CA GLN A 238 -9.67 16.15 0.32
C GLN A 238 -10.47 15.89 -0.94
N LYS A 239 -9.86 15.15 -1.87
CA LYS A 239 -10.44 14.65 -3.11
C LYS A 239 -11.66 13.78 -2.89
N LEU A 240 -11.65 13.08 -1.75
CA LEU A 240 -12.51 12.02 -1.28
C LEU A 240 -13.32 12.61 -0.13
N TYR A 241 -12.69 13.11 0.94
CA TYR A 241 -13.40 13.43 2.16
C TYR A 241 -13.82 14.89 2.28
N GLY A 242 -13.77 15.57 1.13
CA GLY A 242 -14.18 16.95 0.92
C GLY A 242 -14.89 17.09 -0.41
N LYS A 243 -14.91 18.30 -0.98
CA LYS A 243 -15.42 18.55 -2.30
C LYS A 243 -14.56 17.89 -3.37
N ARG A 244 -15.18 17.39 -4.44
CA ARG A 244 -14.56 17.01 -5.68
C ARG A 244 -13.86 18.16 -6.39
N SER A 245 -12.53 18.09 -6.54
CA SER A 245 -11.62 19.08 -7.11
C SER A 245 -10.38 18.32 -7.56
N ASN A 246 -9.67 18.74 -8.61
CA ASN A 246 -8.58 18.13 -9.33
C ASN A 246 -7.67 19.23 -9.86
N SER A 247 -6.40 19.24 -9.44
CA SER A 247 -5.45 20.32 -9.60
C SER A 247 -4.13 19.77 -10.13
N ARG A 248 -4.14 18.50 -10.55
CA ARG A 248 -3.10 17.89 -11.35
C ARG A 248 -3.45 18.04 -12.82
N LYS A 249 -2.47 18.14 -13.73
CA LYS A 249 -2.70 18.54 -15.11
C LYS A 249 -1.97 17.60 -16.06
N LYS A 250 -1.61 16.43 -15.55
CA LYS A 250 -0.93 15.32 -16.18
C LYS A 250 -0.83 14.27 -15.08
N LEU A 3 21.10 -9.55 -12.15
CA LEU A 3 20.82 -8.64 -13.29
C LEU A 3 21.29 -7.25 -12.90
N PRO A 4 21.86 -6.48 -13.84
CA PRO A 4 22.14 -5.07 -13.65
C PRO A 4 20.88 -4.21 -13.59
N GLN A 5 19.95 -4.33 -14.54
CA GLN A 5 18.59 -3.89 -14.34
C GLN A 5 17.60 -5.04 -14.31
N GLU A 6 16.80 -5.15 -13.25
CA GLU A 6 15.65 -6.05 -13.17
C GLU A 6 14.62 -5.95 -14.28
N ALA A 7 14.18 -4.71 -14.55
CA ALA A 7 13.11 -4.33 -15.44
C ALA A 7 13.67 -4.31 -16.85
N GLY A 8 14.97 -4.02 -16.96
CA GLY A 8 15.63 -3.94 -18.25
C GLY A 8 16.34 -5.19 -18.75
N GLY A 9 16.60 -6.17 -17.88
CA GLY A 9 17.08 -7.49 -18.25
C GLY A 9 16.11 -8.58 -17.84
N MET A 10 14.86 -8.18 -17.64
CA MET A 10 13.70 -8.94 -17.22
C MET A 10 13.50 -10.28 -17.93
N SER A 11 13.84 -11.42 -17.33
CA SER A 11 13.87 -12.79 -17.81
C SER A 11 12.52 -13.39 -17.49
N GLU A 12 12.25 -14.63 -17.92
CA GLU A 12 10.99 -15.33 -17.92
C GLU A 12 10.53 -15.64 -16.50
N LEU A 13 11.47 -15.52 -15.56
CA LEU A 13 11.16 -15.72 -14.16
C LEU A 13 10.47 -14.44 -13.68
N GLN A 14 11.05 -13.26 -13.86
CA GLN A 14 10.62 -11.95 -13.43
C GLN A 14 9.30 -11.61 -14.10
N TRP A 15 9.09 -12.06 -15.34
CA TRP A 15 7.80 -12.06 -15.99
C TRP A 15 6.74 -12.91 -15.29
N GLU A 16 7.10 -14.09 -14.81
CA GLU A 16 6.20 -14.95 -14.05
C GLU A 16 5.91 -14.41 -12.66
N GLN A 17 6.97 -13.77 -12.15
CA GLN A 17 6.90 -13.26 -10.81
C GLN A 17 6.07 -11.98 -10.76
N ALA A 18 6.08 -11.14 -11.79
CA ALA A 18 5.27 -9.94 -11.90
C ALA A 18 3.80 -10.25 -12.14
N GLN A 19 3.43 -11.29 -12.88
CA GLN A 19 2.13 -11.86 -13.24
C GLN A 19 1.53 -12.37 -11.94
N ASP A 20 2.32 -12.93 -11.02
CA ASP A 20 1.96 -13.42 -9.70
C ASP A 20 1.69 -12.23 -8.78
N TYR A 21 2.55 -11.21 -8.74
CA TYR A 21 2.41 -10.02 -7.93
C TYR A 21 1.11 -9.30 -8.27
N LEU A 22 0.69 -9.21 -9.53
CA LEU A 22 -0.54 -8.61 -10.03
C LEU A 22 -1.69 -9.55 -9.70
N LYS A 23 -1.55 -10.86 -9.92
CA LYS A 23 -2.45 -11.90 -9.45
C LYS A 23 -2.86 -11.86 -7.99
N ARG A 24 -1.91 -11.53 -7.11
CA ARG A 24 -2.04 -11.28 -5.70
C ARG A 24 -2.65 -9.95 -5.28
N PHE A 25 -2.90 -9.00 -6.19
CA PHE A 25 -3.63 -7.78 -5.94
C PHE A 25 -5.07 -7.93 -6.42
N TYR A 26 -5.28 -8.75 -7.45
CA TYR A 26 -6.63 -8.96 -7.90
C TYR A 26 -7.27 -10.25 -7.40
N LEU A 27 -6.51 -11.23 -6.90
CA LEU A 27 -6.73 -12.64 -6.63
C LEU A 27 -6.85 -13.53 -7.85
N TYR A 28 -7.39 -12.97 -8.94
CA TYR A 28 -7.39 -13.46 -10.30
C TYR A 28 -7.79 -12.22 -11.09
N ASP A 29 -7.28 -11.92 -12.29
CA ASP A 29 -7.74 -10.94 -13.26
C ASP A 29 -7.68 -11.57 -14.65
N SER A 30 -8.75 -11.43 -15.44
CA SER A 30 -8.90 -11.67 -16.87
C SER A 30 -7.91 -10.97 -17.77
N GLU A 31 -7.46 -9.75 -17.45
CA GLU A 31 -6.53 -9.07 -18.33
C GLU A 31 -5.08 -9.46 -18.03
N THR A 32 -4.83 -10.12 -16.92
CA THR A 32 -3.59 -10.74 -16.49
C THR A 32 -3.55 -12.19 -16.95
N LYS A 33 -4.48 -12.69 -17.78
CA LYS A 33 -4.53 -13.95 -18.48
C LYS A 33 -4.70 -13.69 -19.97
N ASN A 34 -3.96 -14.40 -20.84
CA ASN A 34 -3.39 -14.12 -22.14
C ASN A 34 -2.12 -13.30 -21.96
N ALA A 35 -1.01 -13.88 -22.42
CA ALA A 35 0.34 -13.36 -22.53
C ALA A 35 0.44 -11.97 -23.16
N ASN A 36 -0.39 -11.76 -24.19
CA ASN A 36 -0.38 -10.54 -24.97
C ASN A 36 -1.19 -9.47 -24.27
N SER A 37 -2.16 -9.75 -23.39
CA SER A 37 -2.98 -8.78 -22.68
C SER A 37 -2.24 -8.40 -21.41
N LEU A 38 -1.55 -9.36 -20.81
CA LEU A 38 -0.52 -9.27 -19.78
C LEU A 38 0.59 -8.28 -20.10
N GLU A 39 1.18 -8.42 -21.29
CA GLU A 39 2.17 -7.57 -21.92
C GLU A 39 1.84 -6.09 -21.82
N ALA A 40 0.58 -5.69 -22.03
CA ALA A 40 0.10 -4.33 -22.15
C ALA A 40 -0.12 -3.76 -20.76
N LYS A 41 -0.50 -4.63 -19.81
CA LYS A 41 -0.69 -4.40 -18.39
C LYS A 41 0.61 -4.12 -17.69
N LEU A 42 1.65 -4.82 -18.17
CA LEU A 42 2.99 -4.59 -17.69
C LEU A 42 3.58 -3.32 -18.27
N LYS A 43 3.22 -3.01 -19.52
CA LYS A 43 3.61 -1.74 -20.10
C LYS A 43 2.93 -0.46 -19.62
N GLU A 44 1.83 -0.64 -18.89
CA GLU A 44 0.97 0.36 -18.27
C GLU A 44 1.53 0.74 -16.90
N MET A 45 2.44 -0.08 -16.37
CA MET A 45 2.63 -0.30 -14.95
C MET A 45 3.27 0.89 -14.27
N GLN A 46 4.15 1.69 -14.86
CA GLN A 46 4.87 2.81 -14.29
C GLN A 46 3.98 4.00 -14.02
N LYS A 47 2.84 4.13 -14.69
CA LYS A 47 1.79 5.06 -14.32
C LYS A 47 1.29 4.94 -12.89
N PHE A 48 1.08 3.70 -12.45
CA PHE A 48 0.67 3.23 -11.13
C PHE A 48 1.75 3.51 -10.10
N PHE A 49 3.01 3.73 -10.49
CA PHE A 49 4.08 4.10 -9.59
C PHE A 49 4.42 5.58 -9.58
N GLY A 50 3.70 6.43 -10.33
CA GLY A 50 3.65 7.87 -10.24
C GLY A 50 4.43 8.52 -11.37
N LEU A 51 5.28 7.79 -12.08
CA LEU A 51 6.35 8.16 -12.99
C LEU A 51 5.93 8.58 -14.39
N PRO A 52 6.55 9.54 -15.08
CA PRO A 52 6.06 10.19 -16.27
C PRO A 52 6.25 9.43 -17.57
N ILE A 53 7.14 8.44 -17.51
CA ILE A 53 7.47 7.43 -18.49
C ILE A 53 6.57 6.24 -18.17
N THR A 54 5.77 5.83 -19.16
CA THR A 54 4.94 4.64 -19.25
C THR A 54 5.08 4.18 -20.69
N GLY A 55 4.93 2.86 -20.89
CA GLY A 55 5.02 2.11 -22.13
C GLY A 55 6.09 1.03 -22.14
N MET A 56 6.94 1.03 -21.10
CA MET A 56 7.93 0.05 -20.73
C MET A 56 8.13 -0.06 -19.23
N LEU A 57 8.67 -1.18 -18.75
CA LEU A 57 9.24 -1.24 -17.42
C LEU A 57 10.73 -1.07 -17.64
N ASN A 58 11.22 0.11 -17.24
CA ASN A 58 12.55 0.65 -17.40
C ASN A 58 13.14 1.37 -16.20
N SER A 59 12.32 1.92 -15.31
CA SER A 59 12.59 2.26 -13.93
C SER A 59 12.77 0.98 -13.12
N ARG A 60 13.47 1.01 -11.98
CA ARG A 60 13.69 -0.06 -11.02
C ARG A 60 12.44 -0.72 -10.46
N VAL A 61 11.21 -0.50 -10.91
CA VAL A 61 9.91 -0.98 -10.49
C VAL A 61 9.89 -2.49 -10.34
N ILE A 62 10.45 -3.28 -11.27
CA ILE A 62 10.57 -4.71 -11.12
C ILE A 62 11.47 -5.18 -9.98
N GLU A 63 12.34 -4.34 -9.42
CA GLU A 63 13.30 -4.60 -8.36
C GLU A 63 12.53 -4.55 -7.05
N ILE A 64 11.83 -3.43 -6.84
CA ILE A 64 11.16 -3.09 -5.60
C ILE A 64 9.87 -3.87 -5.48
N MET A 65 9.31 -4.38 -6.57
CA MET A 65 8.20 -5.30 -6.81
C MET A 65 8.37 -6.50 -5.91
N GLN A 66 9.57 -7.08 -5.91
CA GLN A 66 9.82 -8.32 -5.21
C GLN A 66 10.03 -8.14 -3.72
N LYS A 67 10.30 -6.91 -3.29
CA LYS A 67 10.52 -6.56 -1.91
C LYS A 67 9.19 -6.09 -1.33
N PRO A 68 9.07 -6.31 -0.02
CA PRO A 68 7.85 -6.02 0.70
C PRO A 68 7.65 -4.52 0.85
N ARG A 69 6.70 -4.02 0.06
CA ARG A 69 6.36 -2.61 0.02
C ARG A 69 4.86 -2.35 0.07
N CYS A 70 4.05 -3.06 -0.72
CA CYS A 70 2.62 -2.98 -0.97
C CYS A 70 2.13 -4.41 -1.15
N GLY A 71 1.32 -4.87 -0.18
CA GLY A 71 0.52 -6.07 -0.29
C GLY A 71 -0.92 -5.59 -0.44
N VAL A 72 -1.34 -4.52 0.26
CA VAL A 72 -2.62 -3.88 0.04
C VAL A 72 -2.66 -3.36 -1.39
N PRO A 73 -3.77 -3.43 -2.13
CA PRO A 73 -3.70 -3.16 -3.55
C PRO A 73 -3.62 -1.67 -3.87
N ASP A 74 -2.93 -1.31 -4.96
CA ASP A 74 -2.97 -0.03 -5.65
C ASP A 74 -4.28 0.03 -6.42
N VAL A 75 -4.58 -1.02 -7.18
CA VAL A 75 -5.76 -1.25 -8.00
C VAL A 75 -6.18 -2.68 -7.71
N ALA A 76 -7.48 -2.94 -7.55
CA ALA A 76 -8.06 -4.26 -7.51
C ALA A 76 -9.41 -4.37 -8.19
N GLU A 77 -9.78 -5.62 -8.44
CA GLU A 77 -11.12 -6.12 -8.64
C GLU A 77 -11.37 -7.51 -8.07
N TYR A 78 -12.47 -7.70 -7.33
CA TYR A 78 -12.75 -8.89 -6.55
C TYR A 78 -14.25 -9.05 -6.41
N SER A 79 -14.78 -10.18 -5.94
CA SER A 79 -16.19 -10.44 -5.78
C SER A 79 -16.81 -9.86 -4.51
N LEU A 80 -18.10 -9.50 -4.60
CA LEU A 80 -19.05 -9.03 -3.62
C LEU A 80 -19.18 -7.53 -3.45
N PHE A 81 -18.13 -6.72 -3.62
CA PHE A 81 -18.05 -5.28 -3.51
C PHE A 81 -16.85 -4.81 -4.32
N PRO A 82 -16.79 -3.65 -4.97
CA PRO A 82 -15.64 -3.07 -5.62
C PRO A 82 -14.63 -2.47 -4.65
N ASN A 83 -13.39 -2.27 -5.09
CA ASN A 83 -12.37 -1.73 -4.20
C ASN A 83 -12.33 -0.21 -4.29
N SER A 84 -12.92 0.50 -3.32
CA SER A 84 -13.28 1.90 -3.37
C SER A 84 -13.90 2.26 -2.03
N PRO A 85 -13.57 3.40 -1.41
CA PRO A 85 -13.95 3.64 -0.04
C PRO A 85 -15.39 4.08 0.20
N LYS A 86 -16.07 3.57 1.23
CA LYS A 86 -17.47 3.93 1.43
C LYS A 86 -17.84 3.86 2.91
N TRP A 87 -17.33 4.75 3.75
CA TRP A 87 -17.71 5.03 5.12
C TRP A 87 -18.91 5.96 5.13
N THR A 88 -20.00 5.53 5.79
CA THR A 88 -21.31 6.16 5.74
C THR A 88 -21.61 6.86 7.05
N SER A 89 -20.80 6.65 8.09
CA SER A 89 -20.65 7.40 9.32
C SER A 89 -19.43 8.27 9.06
N LYS A 90 -19.31 9.34 9.83
CA LYS A 90 -18.23 10.31 9.78
C LYS A 90 -17.12 10.00 10.77
N VAL A 91 -17.36 9.03 11.65
CA VAL A 91 -16.39 8.49 12.59
C VAL A 91 -16.45 6.96 12.49
N VAL A 92 -15.30 6.29 12.59
CA VAL A 92 -14.93 4.90 12.63
C VAL A 92 -13.92 4.49 13.69
N THR A 93 -13.79 3.21 14.09
CA THR A 93 -12.98 2.59 15.11
C THR A 93 -11.84 1.73 14.55
N TYR A 94 -10.66 1.70 15.16
CA TYR A 94 -9.61 0.79 14.73
C TYR A 94 -8.94 0.15 15.94
N ARG A 95 -8.62 -1.14 15.75
CA ARG A 95 -8.04 -1.98 16.78
C ARG A 95 -7.02 -2.90 16.14
N ILE A 96 -5.81 -2.96 16.70
CA ILE A 96 -4.69 -3.76 16.27
C ILE A 96 -4.88 -4.96 17.19
N VAL A 97 -5.31 -6.09 16.62
CA VAL A 97 -5.93 -7.28 17.18
C VAL A 97 -4.84 -8.22 17.67
N SER A 98 -3.83 -8.32 16.81
CA SER A 98 -2.61 -9.10 16.91
C SER A 98 -1.40 -8.31 16.42
N TYR A 99 -0.14 -8.73 16.56
CA TYR A 99 1.10 -8.01 16.36
C TYR A 99 2.22 -8.88 15.80
N THR A 100 3.23 -8.25 15.19
CA THR A 100 4.51 -8.82 14.86
C THR A 100 5.33 -8.86 16.14
N ARG A 101 5.46 -10.07 16.70
CA ARG A 101 5.83 -10.28 18.08
C ARG A 101 7.26 -9.90 18.45
N ASP A 102 8.05 -9.65 17.41
CA ASP A 102 9.39 -9.11 17.38
C ASP A 102 9.55 -7.78 18.09
N LEU A 103 8.48 -7.00 18.06
CA LEU A 103 8.29 -5.71 18.70
C LEU A 103 7.28 -5.87 19.83
N PRO A 104 7.31 -5.09 20.92
CA PRO A 104 6.22 -5.03 21.87
C PRO A 104 4.98 -4.35 21.33
N HIS A 105 3.73 -4.81 21.51
CA HIS A 105 2.46 -4.48 20.88
C HIS A 105 2.22 -2.98 20.98
N ILE A 106 2.51 -2.35 22.12
CA ILE A 106 2.35 -0.92 22.35
C ILE A 106 3.18 -0.02 21.44
N THR A 107 4.10 -0.51 20.61
CA THR A 107 4.73 0.22 19.53
C THR A 107 3.77 0.17 18.34
N VAL A 108 3.46 -1.06 17.91
CA VAL A 108 2.59 -1.51 16.84
C VAL A 108 1.25 -0.78 16.90
N ASP A 109 0.72 -0.55 18.10
CA ASP A 109 -0.56 0.12 18.26
C ASP A 109 -0.52 1.61 18.02
N ARG A 110 0.52 2.24 18.54
CA ARG A 110 0.96 3.62 18.37
C ARG A 110 1.29 3.91 16.92
N LEU A 111 1.99 2.99 16.27
CA LEU A 111 2.57 3.13 14.95
C LEU A 111 1.43 3.16 13.94
N VAL A 112 0.43 2.27 13.98
CA VAL A 112 -0.79 2.33 13.21
C VAL A 112 -1.58 3.58 13.53
N SER A 113 -1.64 3.95 14.81
CA SER A 113 -2.18 5.21 15.29
C SER A 113 -1.66 6.48 14.63
N LYS A 114 -0.34 6.62 14.68
CA LYS A 114 0.45 7.59 13.95
C LYS A 114 0.21 7.56 12.45
N ALA A 115 0.21 6.35 11.87
CA ALA A 115 0.04 6.10 10.46
C ALA A 115 -1.35 6.48 9.95
N LEU A 116 -2.40 6.40 10.77
CA LEU A 116 -3.70 7.00 10.55
C LEU A 116 -3.67 8.52 10.67
N ASN A 117 -3.09 9.11 11.72
CA ASN A 117 -2.90 10.51 12.05
C ASN A 117 -2.05 11.20 10.99
N MET A 118 -1.29 10.46 10.19
CA MET A 118 -0.67 10.92 8.97
C MET A 118 -1.68 11.61 8.07
N TRP A 119 -2.58 10.80 7.51
CA TRP A 119 -3.48 11.25 6.47
C TRP A 119 -4.75 11.82 7.08
N GLY A 120 -5.11 11.41 8.30
CA GLY A 120 -6.39 11.68 8.92
C GLY A 120 -6.59 13.11 9.42
N LYS A 121 -5.51 13.87 9.59
CA LYS A 121 -5.58 15.24 10.09
C LYS A 121 -6.09 16.21 9.03
N GLU A 122 -6.02 15.70 7.79
CA GLU A 122 -6.24 16.48 6.59
C GLU A 122 -7.54 16.07 5.93
N ILE A 123 -8.37 15.16 6.46
CA ILE A 123 -9.60 14.60 5.94
C ILE A 123 -10.65 14.77 7.03
N PRO A 124 -11.93 14.82 6.64
CA PRO A 124 -12.93 15.23 7.62
C PRO A 124 -13.46 14.12 8.51
N LEU A 125 -12.95 12.90 8.41
CA LEU A 125 -13.34 11.83 9.30
C LEU A 125 -12.43 11.69 10.53
N HIS A 126 -12.82 10.79 11.43
CA HIS A 126 -12.09 10.35 12.60
C HIS A 126 -12.01 8.83 12.68
N PHE A 127 -10.78 8.33 12.81
CA PHE A 127 -10.40 6.98 13.17
C PHE A 127 -10.12 7.05 14.67
N ARG A 128 -10.96 6.39 15.46
CA ARG A 128 -10.73 6.26 16.88
C ARG A 128 -10.14 4.92 17.31
N LYS A 129 -9.25 4.95 18.31
CA LYS A 129 -8.57 3.81 18.86
C LYS A 129 -9.40 3.20 19.96
N VAL A 130 -9.85 1.93 19.90
CA VAL A 130 -10.67 1.36 20.95
C VAL A 130 -10.10 0.00 21.34
N VAL A 131 -10.08 -0.22 22.65
CA VAL A 131 -9.69 -1.44 23.34
C VAL A 131 -10.84 -2.26 23.93
N TRP A 132 -12.06 -1.85 23.57
CA TRP A 132 -13.26 -2.56 23.94
C TRP A 132 -14.03 -2.88 22.67
N GLY A 133 -14.23 -4.18 22.45
CA GLY A 133 -15.07 -4.81 21.45
C GLY A 133 -14.28 -5.12 20.18
N THR A 134 -14.94 -5.58 19.12
CA THR A 134 -14.35 -5.45 17.80
C THR A 134 -14.32 -4.02 17.29
N ALA A 135 -13.46 -3.66 16.35
CA ALA A 135 -13.41 -2.39 15.65
C ALA A 135 -13.66 -2.48 14.16
N ASP A 136 -13.97 -1.33 13.55
CA ASP A 136 -14.38 -1.20 12.17
C ASP A 136 -13.26 -1.68 11.24
N ILE A 137 -12.05 -1.20 11.56
CA ILE A 137 -10.80 -1.53 10.90
C ILE A 137 -10.09 -2.42 11.92
N MET A 138 -10.06 -3.72 11.62
CA MET A 138 -9.33 -4.71 12.38
C MET A 138 -7.99 -4.90 11.67
N ILE A 139 -6.83 -4.54 12.24
CA ILE A 139 -5.47 -4.68 11.76
C ILE A 139 -4.95 -5.89 12.52
N GLY A 140 -4.73 -7.01 11.83
CA GLY A 140 -4.19 -8.23 12.41
C GLY A 140 -2.80 -8.43 11.83
N PHE A 141 -1.96 -9.30 12.41
CA PHE A 141 -0.72 -9.79 11.86
C PHE A 141 -0.92 -11.30 11.88
N ALA A 142 -0.43 -11.93 10.82
CA ALA A 142 -0.81 -13.27 10.40
C ALA A 142 0.22 -13.89 9.48
N ARG A 143 0.00 -15.16 9.14
CA ARG A 143 0.46 -15.78 7.90
C ARG A 143 -0.79 -16.01 7.06
N GLY A 144 -0.61 -16.32 5.79
CA GLY A 144 -1.72 -16.34 4.85
C GLY A 144 -2.57 -17.60 4.83
N ALA A 145 -2.14 -18.76 5.35
CA ALA A 145 -2.94 -19.96 5.38
C ALA A 145 -3.97 -20.05 6.49
N HIS A 146 -4.48 -18.90 6.91
CA HIS A 146 -5.69 -18.69 7.68
C HIS A 146 -7.05 -18.92 7.03
N GLY A 147 -7.04 -19.52 5.84
CA GLY A 147 -8.26 -19.66 5.06
C GLY A 147 -8.19 -18.90 3.74
N ASP A 148 -7.32 -17.90 3.59
CA ASP A 148 -7.04 -17.32 2.30
C ASP A 148 -5.96 -18.11 1.58
N SER A 149 -5.93 -17.93 0.25
CA SER A 149 -4.84 -18.37 -0.60
C SER A 149 -3.56 -17.56 -0.41
N TYR A 150 -2.41 -18.14 -0.79
CA TYR A 150 -1.12 -17.49 -0.84
C TYR A 150 -0.50 -17.39 0.55
N PRO A 151 0.80 -17.58 0.78
CA PRO A 151 1.48 -17.08 1.96
C PRO A 151 1.78 -15.60 1.84
N PHE A 152 2.21 -14.97 2.94
CA PHE A 152 2.89 -13.68 2.95
C PHE A 152 4.40 -13.81 2.98
N ASP A 153 4.90 -15.05 3.00
CA ASP A 153 6.14 -15.64 2.53
C ASP A 153 7.20 -15.93 3.59
N GLY A 154 7.28 -15.21 4.70
CA GLY A 154 8.42 -15.07 5.59
C GLY A 154 8.94 -13.63 5.56
N PRO A 155 10.19 -13.38 5.98
CA PRO A 155 10.89 -12.18 5.57
C PRO A 155 11.21 -12.22 4.09
N GLY A 156 10.91 -11.17 3.33
CA GLY A 156 10.93 -11.04 1.89
C GLY A 156 9.52 -10.73 1.38
N ASN A 157 9.28 -11.07 0.11
CA ASN A 157 8.11 -10.80 -0.72
C ASN A 157 6.82 -10.55 0.03
N THR A 158 6.18 -9.39 -0.14
CA THR A 158 4.86 -9.09 0.39
C THR A 158 4.76 -8.91 1.90
N LEU A 159 3.83 -8.03 2.26
CA LEU A 159 3.61 -7.55 3.60
C LEU A 159 2.18 -7.44 4.10
N ALA A 160 1.11 -7.53 3.30
CA ALA A 160 -0.29 -7.62 3.68
C ALA A 160 -1.27 -8.06 2.60
N HIS A 161 -2.54 -8.09 3.01
CA HIS A 161 -3.73 -7.90 2.21
C HIS A 161 -4.85 -7.23 3.00
N ALA A 162 -5.72 -6.41 2.42
CA ALA A 162 -6.63 -5.46 3.04
C ALA A 162 -7.78 -5.20 2.08
N PHE A 163 -9.03 -5.10 2.56
CA PHE A 163 -10.22 -4.85 1.76
C PHE A 163 -10.68 -3.41 1.94
N ALA A 164 -11.56 -2.97 1.02
CA ALA A 164 -11.96 -1.59 0.90
C ALA A 164 -12.99 -1.29 1.98
N PRO A 165 -12.94 -0.08 2.53
CA PRO A 165 -13.93 0.50 3.42
C PRO A 165 -15.41 0.26 3.11
N GLY A 166 -16.09 -0.38 4.06
CA GLY A 166 -17.51 -0.59 4.25
C GLY A 166 -17.79 -1.15 5.63
N THR A 167 -19.01 -1.02 6.17
CA THR A 167 -19.51 -1.61 7.39
C THR A 167 -19.48 -3.13 7.27
N GLY A 168 -18.62 -3.82 8.03
CA GLY A 168 -18.50 -5.26 8.07
C GLY A 168 -17.18 -5.74 7.49
N LEU A 169 -17.17 -6.30 6.28
CA LEU A 169 -16.18 -7.00 5.50
C LEU A 169 -15.04 -6.15 4.96
N GLY A 170 -15.22 -4.83 5.15
CA GLY A 170 -14.39 -3.76 4.64
C GLY A 170 -13.49 -3.16 5.72
N GLY A 171 -12.36 -2.63 5.28
CA GLY A 171 -11.50 -1.69 5.98
C GLY A 171 -10.36 -2.34 6.74
N ASP A 172 -10.33 -3.68 6.80
CA ASP A 172 -9.48 -4.46 7.67
C ASP A 172 -8.23 -4.90 6.94
N ALA A 173 -7.16 -5.26 7.67
CA ALA A 173 -5.92 -5.79 7.15
C ALA A 173 -5.52 -7.06 7.88
N HIS A 174 -4.88 -7.97 7.14
CA HIS A 174 -4.00 -8.95 7.73
C HIS A 174 -2.63 -8.74 7.12
N PHE A 175 -1.66 -8.50 8.01
CA PHE A 175 -0.27 -8.25 7.71
C PHE A 175 0.53 -9.54 7.84
N ASP A 176 1.74 -9.62 7.30
CA ASP A 176 2.79 -10.58 7.60
C ASP A 176 3.45 -10.41 8.96
N GLU A 177 3.30 -11.34 9.91
CA GLU A 177 3.98 -11.36 11.19
C GLU A 177 5.41 -11.87 11.09
N ASP A 178 5.85 -12.57 10.05
CA ASP A 178 7.15 -13.21 9.96
C ASP A 178 8.15 -12.28 9.30
N GLU A 179 7.63 -11.26 8.63
CA GLU A 179 8.43 -10.18 8.11
C GLU A 179 9.08 -9.41 9.24
N ARG A 180 10.35 -8.98 9.19
CA ARG A 180 10.95 -8.17 10.23
C ARG A 180 10.68 -6.72 9.87
N TRP A 181 9.87 -6.15 10.76
CA TRP A 181 9.53 -4.74 10.91
C TRP A 181 10.42 -4.10 11.97
N THR A 182 10.51 -2.77 11.91
CA THR A 182 11.30 -1.91 12.77
C THR A 182 10.65 -0.53 12.72
N ASP A 183 11.09 0.35 13.61
CA ASP A 183 10.83 1.77 13.63
C ASP A 183 12.13 2.57 13.72
N GLY A 184 12.75 2.72 14.88
CA GLY A 184 13.95 3.50 15.10
C GLY A 184 15.26 2.73 15.26
N SER A 185 15.26 1.40 15.26
CA SER A 185 16.33 0.44 15.47
C SER A 185 16.96 -0.09 14.19
N SER A 186 16.31 -0.05 13.03
CA SER A 186 16.88 -0.32 11.73
C SER A 186 17.11 -1.76 11.33
N LEU A 187 16.43 -2.71 11.99
CA LEU A 187 16.66 -4.15 11.91
C LEU A 187 15.89 -4.74 10.74
N GLY A 188 14.76 -4.15 10.33
CA GLY A 188 13.86 -4.66 9.33
C GLY A 188 13.25 -3.50 8.56
N ILE A 189 12.00 -3.56 8.12
CA ILE A 189 11.39 -2.58 7.25
C ILE A 189 10.80 -1.48 8.11
N ASN A 190 10.92 -0.20 7.74
CA ASN A 190 10.23 0.84 8.48
C ASN A 190 8.73 0.65 8.45
N PHE A 191 8.08 0.52 9.61
CA PHE A 191 6.66 0.33 9.85
C PHE A 191 5.86 1.48 9.25
N LEU A 192 6.03 2.75 9.59
CA LEU A 192 5.28 3.92 9.15
C LEU A 192 5.13 4.17 7.65
N TYR A 193 6.27 4.12 6.97
CA TYR A 193 6.43 4.40 5.56
C TYR A 193 5.61 3.40 4.76
N ALA A 194 5.54 2.14 5.17
CA ALA A 194 4.79 1.03 4.61
C ALA A 194 3.31 1.07 4.97
N ALA A 195 2.95 1.35 6.22
CA ALA A 195 1.61 1.36 6.75
C ALA A 195 0.82 2.52 6.15
N THR A 196 1.36 3.75 6.14
CA THR A 196 0.84 4.93 5.48
C THR A 196 0.57 4.78 3.98
N HIS A 197 1.33 3.95 3.27
CA HIS A 197 1.10 3.55 1.89
C HIS A 197 -0.04 2.57 1.73
N ALA A 198 -0.23 1.74 2.76
CA ALA A 198 -1.33 0.79 2.69
C ALA A 198 -2.63 1.53 2.97
N LEU A 199 -2.65 2.26 4.08
CA LEU A 199 -3.66 3.22 4.50
C LEU A 199 -4.04 4.23 3.43
N GLY A 200 -3.11 4.60 2.56
CA GLY A 200 -3.28 5.60 1.53
C GLY A 200 -4.11 5.12 0.35
N HIS A 201 -3.86 3.94 -0.21
CA HIS A 201 -4.75 3.22 -1.10
C HIS A 201 -6.06 2.78 -0.47
N SER A 202 -6.19 2.73 0.86
CA SER A 202 -7.44 2.42 1.51
C SER A 202 -8.46 3.53 1.30
N LEU A 203 -8.02 4.79 1.31
CA LEU A 203 -8.79 6.00 1.22
C LEU A 203 -8.71 6.65 -0.15
N GLY A 204 -8.02 6.01 -1.10
CA GLY A 204 -8.23 6.28 -2.51
C GLY A 204 -7.02 6.85 -3.23
N MET A 205 -6.01 7.17 -2.42
CA MET A 205 -4.94 8.06 -2.83
C MET A 205 -3.80 7.19 -3.36
N GLY A 206 -3.06 7.77 -4.30
CA GLY A 206 -2.03 7.11 -5.07
C GLY A 206 -0.66 7.75 -4.95
N HIS A 207 0.33 7.30 -5.71
CA HIS A 207 1.74 7.61 -5.82
C HIS A 207 1.96 8.91 -6.58
N SER A 208 3.07 9.56 -6.20
CA SER A 208 3.56 10.76 -6.85
C SER A 208 5.00 10.45 -7.23
N SER A 209 5.53 10.99 -8.33
CA SER A 209 6.91 10.95 -8.78
C SER A 209 7.68 12.14 -8.22
N ASP A 210 7.02 13.03 -7.48
CA ASP A 210 7.60 14.02 -6.59
C ASP A 210 8.39 13.37 -5.47
N PRO A 211 9.65 13.79 -5.26
CA PRO A 211 10.57 13.11 -4.38
C PRO A 211 10.33 13.43 -2.91
N ASN A 212 9.46 14.40 -2.62
CA ASN A 212 9.13 14.84 -1.28
C ASN A 212 7.83 14.26 -0.73
N ALA A 213 6.97 13.80 -1.65
CA ALA A 213 5.65 13.26 -1.44
C ALA A 213 5.79 11.89 -0.77
N VAL A 214 4.87 11.57 0.14
CA VAL A 214 4.85 10.48 1.11
C VAL A 214 4.83 9.08 0.50
N MET A 215 4.11 8.99 -0.63
CA MET A 215 3.94 7.79 -1.42
C MET A 215 4.90 7.73 -2.60
N TYR A 216 6.04 8.44 -2.50
CA TYR A 216 7.12 8.39 -3.44
C TYR A 216 7.73 6.99 -3.52
N PRO A 217 7.79 6.27 -4.64
CA PRO A 217 8.14 4.87 -4.67
C PRO A 217 9.62 4.55 -4.50
N THR A 218 10.54 5.51 -4.54
CA THR A 218 11.97 5.27 -4.59
C THR A 218 12.57 5.87 -3.33
N TYR A 219 11.97 5.61 -2.17
CA TYR A 219 12.29 6.20 -0.87
C TYR A 219 13.46 5.51 -0.18
N GLY A 220 14.17 6.26 0.67
CA GLY A 220 15.40 5.90 1.33
C GLY A 220 16.50 6.87 0.94
N ASN A 221 16.31 7.67 -0.11
CA ASN A 221 17.27 8.62 -0.62
C ASN A 221 17.34 9.81 0.33
N GLY A 222 16.28 10.05 1.12
CA GLY A 222 16.39 10.75 2.38
C GLY A 222 15.71 9.97 3.50
N ASP A 223 16.05 10.29 4.75
CA ASP A 223 15.31 9.79 5.88
C ASP A 223 14.62 10.98 6.53
N PRO A 224 13.36 11.20 6.13
CA PRO A 224 12.52 12.13 6.85
C PRO A 224 12.69 12.20 8.37
N GLN A 225 12.79 13.42 8.90
CA GLN A 225 13.08 13.87 10.24
C GLN A 225 12.06 13.34 11.24
N ASN A 226 10.74 13.32 11.02
CA ASN A 226 9.70 12.60 11.74
C ASN A 226 8.78 11.89 10.76
N PHE A 227 8.69 12.42 9.54
CA PHE A 227 7.76 12.12 8.47
C PHE A 227 6.61 13.13 8.45
N LYS A 228 6.30 13.71 7.28
CA LYS A 228 5.37 14.79 7.08
C LYS A 228 4.70 14.63 5.73
N LEU A 229 3.51 15.22 5.55
CA LEU A 229 2.85 15.36 4.28
C LEU A 229 3.44 16.62 3.66
N SER A 230 3.72 16.53 2.35
CA SER A 230 4.15 17.63 1.52
C SER A 230 2.93 18.33 0.96
N GLN A 231 3.07 19.52 0.37
CA GLN A 231 2.00 20.23 -0.31
C GLN A 231 1.39 19.38 -1.42
N ASP A 232 2.15 18.58 -2.18
CA ASP A 232 1.59 17.64 -3.14
C ASP A 232 0.59 16.66 -2.56
N ASP A 233 0.84 16.26 -1.31
CA ASP A 233 0.04 15.35 -0.53
C ASP A 233 -1.18 16.04 0.06
N ILE A 234 -1.07 17.21 0.71
CA ILE A 234 -2.14 17.99 1.30
C ILE A 234 -3.24 18.33 0.32
N LYS A 235 -2.79 18.58 -0.91
CA LYS A 235 -3.51 18.95 -2.10
C LYS A 235 -3.96 17.76 -2.92
N GLY A 236 -3.40 16.55 -2.76
CA GLY A 236 -3.61 15.32 -3.48
C GLY A 236 -4.70 14.51 -2.80
N ILE A 237 -4.62 14.41 -1.47
CA ILE A 237 -5.52 13.70 -0.59
C ILE A 237 -6.92 14.27 -0.69
N GLN A 238 -7.06 15.60 -0.74
CA GLN A 238 -8.30 16.29 -0.45
C GLN A 238 -9.06 16.35 -1.76
N LYS A 239 -8.54 16.03 -2.95
CA LYS A 239 -9.22 16.12 -4.22
C LYS A 239 -10.37 15.11 -4.24
N LEU A 240 -10.26 14.08 -3.40
CA LEU A 240 -11.16 13.00 -3.07
C LEU A 240 -12.26 13.39 -2.10
N TYR A 241 -12.11 14.50 -1.39
CA TYR A 241 -13.06 14.95 -0.39
C TYR A 241 -13.61 16.31 -0.83
N GLY A 242 -13.16 16.79 -1.99
CA GLY A 242 -13.62 17.88 -2.82
C GLY A 242 -13.75 17.41 -4.26
N LYS A 243 -13.11 18.15 -5.18
CA LYS A 243 -13.31 18.09 -6.62
C LYS A 243 -12.30 17.12 -7.22
N ARG A 244 -12.84 16.07 -7.85
CA ARG A 244 -12.07 14.95 -8.34
C ARG A 244 -11.30 15.38 -9.58
N SER A 245 -10.12 15.98 -9.41
CA SER A 245 -9.17 16.52 -10.37
C SER A 245 -7.79 16.50 -9.74
N ASN A 246 -6.70 16.31 -10.50
CA ASN A 246 -5.32 16.51 -10.12
C ASN A 246 -4.78 17.83 -10.67
N SER A 247 -3.85 18.46 -9.96
CA SER A 247 -3.45 19.85 -10.02
C SER A 247 -1.94 19.90 -9.89
N ARG A 248 -1.23 19.06 -10.66
CA ARG A 248 0.22 19.10 -10.73
C ARG A 248 0.63 19.96 -11.92
N LYS A 249 1.45 20.98 -11.67
CA LYS A 249 2.01 21.92 -12.62
C LYS A 249 3.48 21.57 -12.87
N LYS A 250 4.03 21.83 -14.06
CA LYS A 250 5.45 21.84 -14.34
C LYS A 250 5.67 22.50 -15.69
N LEU A 3 22.79 6.53 -12.96
CA LEU A 3 23.08 5.20 -12.40
C LEU A 3 22.51 4.09 -13.28
N PRO A 4 23.16 2.92 -13.40
CA PRO A 4 22.60 1.89 -14.25
C PRO A 4 21.33 1.30 -13.63
N GLN A 5 20.15 1.30 -14.25
CA GLN A 5 18.86 0.92 -13.69
C GLN A 5 18.81 -0.59 -13.85
N GLU A 6 18.09 -1.22 -12.91
CA GLU A 6 17.70 -2.60 -12.80
C GLU A 6 16.87 -2.98 -14.01
N ALA A 7 15.99 -2.13 -14.56
CA ALA A 7 15.12 -2.27 -15.70
C ALA A 7 15.89 -2.21 -17.01
N GLY A 8 17.13 -1.74 -17.09
CA GLY A 8 18.02 -1.85 -18.23
C GLY A 8 18.68 -3.21 -18.39
N GLY A 9 18.64 -3.97 -17.30
CA GLY A 9 19.22 -5.30 -17.14
C GLY A 9 18.10 -6.31 -16.95
N MET A 10 16.87 -6.03 -17.37
CA MET A 10 15.70 -6.88 -17.18
C MET A 10 15.86 -8.07 -18.12
N SER A 11 15.85 -9.29 -17.56
CA SER A 11 15.70 -10.56 -18.24
C SER A 11 14.37 -11.19 -17.85
N GLU A 12 14.06 -12.33 -18.47
CA GLU A 12 12.92 -13.21 -18.30
C GLU A 12 12.43 -13.30 -16.86
N LEU A 13 13.37 -13.60 -15.97
CA LEU A 13 13.08 -13.77 -14.56
C LEU A 13 12.25 -12.65 -13.97
N GLN A 14 12.52 -11.39 -14.34
CA GLN A 14 11.73 -10.22 -14.04
C GLN A 14 10.39 -10.22 -14.78
N TRP A 15 10.20 -10.83 -15.95
CA TRP A 15 8.91 -11.02 -16.58
C TRP A 15 7.97 -11.96 -15.85
N GLU A 16 8.50 -13.15 -15.53
CA GLU A 16 7.95 -14.06 -14.55
C GLU A 16 7.64 -13.45 -13.19
N GLN A 17 8.52 -12.60 -12.67
CA GLN A 17 8.45 -12.08 -11.31
C GLN A 17 7.46 -10.93 -11.28
N ALA A 18 7.38 -10.14 -12.36
CA ALA A 18 6.37 -9.15 -12.68
C ALA A 18 4.95 -9.69 -12.71
N GLN A 19 4.80 -10.82 -13.41
CA GLN A 19 3.56 -11.54 -13.64
C GLN A 19 3.00 -12.16 -12.38
N ASP A 20 3.85 -12.52 -11.40
CA ASP A 20 3.67 -13.14 -10.10
C ASP A 20 3.33 -12.03 -9.13
N TYR A 21 3.89 -10.81 -9.21
CA TYR A 21 3.53 -9.63 -8.44
C TYR A 21 2.15 -9.06 -8.73
N LEU A 22 1.90 -8.93 -10.04
CA LEU A 22 0.73 -8.22 -10.53
C LEU A 22 -0.61 -8.90 -10.28
N LYS A 23 -0.69 -10.22 -10.43
CA LYS A 23 -1.86 -11.03 -10.19
C LYS A 23 -2.49 -10.98 -8.81
N ARG A 24 -1.79 -10.48 -7.79
CA ARG A 24 -2.27 -10.37 -6.42
C ARG A 24 -3.27 -9.23 -6.22
N PHE A 25 -3.12 -8.18 -7.02
CA PHE A 25 -3.86 -6.94 -6.96
C PHE A 25 -5.20 -7.10 -7.67
N TYR A 26 -5.23 -7.86 -8.76
CA TYR A 26 -6.45 -8.06 -9.53
C TYR A 26 -7.11 -9.40 -9.20
N LEU A 27 -6.49 -10.29 -8.42
CA LEU A 27 -6.90 -11.62 -8.00
C LEU A 27 -6.69 -12.63 -9.10
N TYR A 28 -7.31 -12.45 -10.27
CA TYR A 28 -7.02 -13.21 -11.47
C TYR A 28 -7.59 -12.26 -12.54
N ASP A 29 -6.72 -11.72 -13.38
CA ASP A 29 -7.07 -11.02 -14.59
C ASP A 29 -6.61 -11.78 -15.83
N SER A 30 -7.27 -11.55 -16.96
CA SER A 30 -7.04 -12.19 -18.24
C SER A 30 -5.84 -11.62 -18.98
N GLU A 31 -5.54 -10.33 -18.89
CA GLU A 31 -4.44 -9.64 -19.54
C GLU A 31 -3.17 -9.74 -18.71
N THR A 32 -3.29 -10.17 -17.46
CA THR A 32 -2.14 -10.36 -16.60
C THR A 32 -1.53 -11.73 -16.78
N LYS A 33 -2.16 -12.68 -17.49
CA LYS A 33 -1.64 -14.00 -17.78
C LYS A 33 -0.99 -14.07 -19.14
N ASN A 34 0.28 -14.48 -19.16
CA ASN A 34 1.21 -14.56 -20.28
C ASN A 34 1.95 -13.22 -20.21
N ALA A 35 3.28 -13.26 -20.24
CA ALA A 35 4.09 -12.06 -20.19
C ALA A 35 4.11 -11.17 -21.43
N ASN A 36 3.75 -11.66 -22.63
CA ASN A 36 3.54 -10.86 -23.81
C ASN A 36 2.18 -10.17 -23.76
N SER A 37 1.25 -10.76 -23.01
CA SER A 37 0.03 -10.08 -22.63
C SER A 37 0.27 -8.97 -21.63
N LEU A 38 1.23 -9.18 -20.73
CA LEU A 38 1.57 -8.36 -19.58
C LEU A 38 2.19 -7.00 -19.89
N GLU A 39 2.64 -6.81 -21.14
CA GLU A 39 3.21 -5.60 -21.70
C GLU A 39 2.40 -4.36 -21.33
N ALA A 40 1.10 -4.35 -21.64
CA ALA A 40 0.14 -3.40 -21.14
C ALA A 40 0.06 -3.16 -19.64
N LYS A 41 -0.08 -4.22 -18.85
CA LYS A 41 -0.16 -4.28 -17.41
C LYS A 41 1.07 -3.61 -16.82
N LEU A 42 2.20 -3.80 -17.51
CA LEU A 42 3.52 -3.30 -17.17
C LEU A 42 3.65 -1.79 -17.32
N LYS A 43 2.99 -1.16 -18.30
CA LYS A 43 2.95 0.28 -18.51
C LYS A 43 2.01 0.87 -17.47
N GLU A 44 0.98 0.08 -17.13
CA GLU A 44 -0.08 0.34 -16.18
C GLU A 44 0.56 0.32 -14.80
N MET A 45 1.71 -0.31 -14.58
CA MET A 45 2.41 -0.29 -13.31
C MET A 45 3.10 1.06 -13.09
N GLN A 46 3.54 1.73 -14.16
CA GLN A 46 4.08 3.08 -14.06
C GLN A 46 3.04 4.15 -13.71
N LYS A 47 1.79 3.81 -14.01
CA LYS A 47 0.59 4.54 -13.69
C LYS A 47 0.31 4.37 -12.20
N PHE A 48 0.24 3.14 -11.67
CA PHE A 48 -0.05 2.89 -10.28
C PHE A 48 1.05 3.27 -9.29
N PHE A 49 2.33 3.30 -9.66
CA PHE A 49 3.34 3.88 -8.81
C PHE A 49 3.57 5.36 -9.11
N GLY A 50 2.96 5.87 -10.19
CA GLY A 50 2.75 7.30 -10.30
C GLY A 50 3.80 8.06 -11.10
N LEU A 51 4.56 7.42 -11.99
CA LEU A 51 5.44 8.03 -12.95
C LEU A 51 4.56 8.80 -13.92
N PRO A 52 4.92 10.04 -14.25
CA PRO A 52 4.29 10.83 -15.29
C PRO A 52 4.72 10.36 -16.67
N ILE A 53 5.70 9.48 -16.89
CA ILE A 53 6.18 8.85 -18.10
C ILE A 53 5.77 7.39 -18.02
N THR A 54 5.33 6.83 -19.14
CA THR A 54 4.95 5.44 -19.31
C THR A 54 5.24 4.97 -20.73
N GLY A 55 5.25 3.64 -20.88
CA GLY A 55 5.17 3.01 -22.18
C GLY A 55 6.39 2.17 -22.52
N MET A 56 7.43 2.20 -21.67
CA MET A 56 8.67 1.45 -21.76
C MET A 56 9.22 1.08 -20.39
N LEU A 57 9.91 -0.03 -20.16
CA LEU A 57 10.53 -0.32 -18.88
C LEU A 57 12.00 0.08 -18.96
N ASN A 58 12.37 1.18 -18.31
CA ASN A 58 13.69 1.76 -18.41
C ASN A 58 14.17 2.39 -17.11
N SER A 59 13.22 2.98 -16.38
CA SER A 59 13.43 3.65 -15.11
C SER A 59 13.55 2.70 -13.92
N ARG A 60 13.62 3.14 -12.67
CA ARG A 60 13.63 2.59 -11.32
C ARG A 60 12.55 1.58 -11.00
N VAL A 61 11.61 1.34 -11.92
CA VAL A 61 10.43 0.52 -11.80
C VAL A 61 10.63 -0.95 -11.43
N ILE A 62 11.72 -1.55 -11.90
CA ILE A 62 11.92 -2.96 -11.63
C ILE A 62 12.63 -3.10 -10.29
N GLU A 63 13.48 -2.15 -9.89
CA GLU A 63 14.08 -1.95 -8.58
C GLU A 63 13.01 -2.00 -7.50
N ILE A 64 12.01 -1.11 -7.59
CA ILE A 64 10.97 -1.01 -6.59
C ILE A 64 9.94 -2.11 -6.68
N MET A 65 9.83 -2.88 -7.76
CA MET A 65 8.84 -3.90 -8.02
C MET A 65 9.33 -5.23 -7.44
N GLN A 66 10.64 -5.45 -7.58
CA GLN A 66 11.26 -6.67 -7.12
C GLN A 66 11.56 -6.64 -5.63
N LYS A 67 11.59 -5.47 -4.98
CA LYS A 67 11.73 -5.30 -3.55
C LYS A 67 10.39 -5.47 -2.86
N PRO A 68 10.31 -5.96 -1.63
CA PRO A 68 9.08 -6.08 -0.88
C PRO A 68 8.67 -4.74 -0.25
N ARG A 69 7.60 -4.18 -0.81
CA ARG A 69 7.36 -2.75 -0.67
C ARG A 69 5.92 -2.33 -0.92
N CYS A 70 5.40 -2.56 -2.12
CA CYS A 70 4.00 -2.45 -2.50
C CYS A 70 3.41 -3.84 -2.70
N GLY A 71 2.64 -4.35 -1.73
CA GLY A 71 1.86 -5.57 -1.75
C GLY A 71 0.41 -5.21 -1.47
N VAL A 72 0.14 -4.12 -0.76
CA VAL A 72 -1.19 -3.54 -0.81
C VAL A 72 -1.44 -2.99 -2.21
N PRO A 73 -2.61 -3.25 -2.81
CA PRO A 73 -3.00 -2.57 -4.04
C PRO A 73 -2.99 -1.05 -4.03
N ASP A 74 -2.36 -0.62 -5.13
CA ASP A 74 -2.33 0.76 -5.60
C ASP A 74 -3.30 0.95 -6.75
N VAL A 75 -3.75 -0.17 -7.33
CA VAL A 75 -4.97 -0.36 -8.08
C VAL A 75 -5.39 -1.81 -7.92
N ALA A 76 -6.70 -2.04 -7.79
CA ALA A 76 -7.31 -3.28 -7.34
C ALA A 76 -8.45 -3.72 -8.24
N GLU A 77 -8.84 -4.99 -8.07
CA GLU A 77 -10.13 -5.48 -8.53
C GLU A 77 -10.83 -5.67 -7.19
N TYR A 78 -12.08 -5.20 -7.18
CA TYR A 78 -13.11 -5.44 -6.19
C TYR A 78 -14.52 -5.33 -6.77
N SER A 79 -15.52 -5.84 -6.07
CA SER A 79 -16.95 -5.67 -6.32
C SER A 79 -17.65 -5.12 -5.08
N LEU A 80 -18.81 -4.46 -5.16
CA LEU A 80 -19.59 -3.79 -4.15
C LEU A 80 -19.28 -2.33 -3.82
N PHE A 81 -18.17 -1.82 -4.36
CA PHE A 81 -17.62 -0.51 -4.06
C PHE A 81 -17.92 0.48 -5.16
N PRO A 82 -18.12 1.76 -4.84
CA PRO A 82 -18.28 2.75 -5.87
C PRO A 82 -16.92 3.13 -6.43
N ASN A 83 -16.95 3.92 -7.51
CA ASN A 83 -15.76 4.32 -8.23
C ASN A 83 -15.15 5.46 -7.41
N SER A 84 -13.93 5.16 -6.97
CA SER A 84 -13.12 5.93 -6.04
C SER A 84 -13.81 5.87 -4.67
N PRO A 85 -13.53 4.89 -3.82
CA PRO A 85 -14.15 4.83 -2.51
C PRO A 85 -13.66 5.84 -1.49
N LYS A 86 -14.37 6.04 -0.38
CA LYS A 86 -13.89 6.98 0.61
C LYS A 86 -14.53 6.53 1.92
N TRP A 87 -14.17 7.14 3.06
CA TRP A 87 -14.83 6.97 4.34
C TRP A 87 -15.98 7.98 4.31
N THR A 88 -17.19 7.55 4.65
CA THR A 88 -18.48 8.20 4.76
C THR A 88 -18.98 8.28 6.19
N SER A 89 -18.24 7.66 7.11
CA SER A 89 -18.32 7.67 8.55
C SER A 89 -17.58 8.87 9.12
N LYS A 90 -17.88 9.20 10.38
CA LYS A 90 -17.39 10.37 11.06
C LYS A 90 -16.72 10.19 12.42
N VAL A 91 -16.81 8.97 12.95
CA VAL A 91 -16.04 8.34 14.00
C VAL A 91 -15.75 6.99 13.38
N VAL A 92 -14.46 6.66 13.25
CA VAL A 92 -13.93 5.42 12.72
C VAL A 92 -13.00 4.79 13.74
N THR A 93 -13.13 3.48 13.96
CA THR A 93 -12.34 2.75 14.94
C THR A 93 -11.22 1.87 14.41
N TYR A 94 -10.17 1.77 15.24
CA TYR A 94 -8.96 1.05 14.91
C TYR A 94 -8.43 0.18 16.04
N ARG A 95 -7.94 -1.03 15.74
CA ARG A 95 -7.41 -2.05 16.62
C ARG A 95 -6.38 -2.92 15.92
N ILE A 96 -5.43 -3.47 16.70
CA ILE A 96 -4.44 -4.46 16.31
C ILE A 96 -5.14 -5.77 16.64
N VAL A 97 -5.22 -6.69 15.67
CA VAL A 97 -5.84 -7.97 15.94
C VAL A 97 -4.83 -9.11 15.94
N SER A 98 -3.61 -8.91 15.42
CA SER A 98 -2.47 -9.80 15.53
C SER A 98 -1.24 -8.93 15.36
N TYR A 99 -0.08 -9.25 15.92
CA TYR A 99 1.23 -8.62 15.88
C TYR A 99 2.28 -9.55 15.29
N THR A 100 3.38 -8.94 14.83
CA THR A 100 4.66 -9.58 14.62
C THR A 100 5.44 -9.60 15.92
N ARG A 101 6.29 -10.60 16.12
CA ARG A 101 6.98 -10.86 17.37
C ARG A 101 8.34 -10.18 17.40
N ASP A 102 8.67 -9.60 16.24
CA ASP A 102 9.89 -8.81 16.11
C ASP A 102 9.82 -7.50 16.88
N LEU A 103 8.67 -6.86 17.06
CA LEU A 103 8.37 -5.69 17.84
C LEU A 103 7.46 -6.11 18.99
N PRO A 104 7.45 -5.47 20.16
CA PRO A 104 6.45 -5.74 21.17
C PRO A 104 5.21 -4.89 20.92
N HIS A 105 4.04 -5.45 21.28
CA HIS A 105 2.69 -5.08 20.94
C HIS A 105 2.43 -3.60 21.14
N ILE A 106 2.87 -3.13 22.30
CA ILE A 106 2.85 -1.76 22.77
C ILE A 106 3.43 -0.82 21.72
N THR A 107 4.47 -1.15 20.95
CA THR A 107 5.00 -0.24 19.97
C THR A 107 4.14 -0.22 18.71
N VAL A 108 3.92 -1.41 18.15
CA VAL A 108 3.01 -1.75 17.07
C VAL A 108 1.66 -1.05 17.05
N ASP A 109 1.11 -1.03 18.26
CA ASP A 109 -0.19 -0.47 18.57
C ASP A 109 -0.11 1.04 18.74
N ARG A 110 1.07 1.52 19.11
CA ARG A 110 1.28 2.96 19.13
C ARG A 110 1.66 3.41 17.73
N LEU A 111 2.32 2.69 16.81
CA LEU A 111 2.78 3.01 15.47
C LEU A 111 1.61 3.39 14.57
N VAL A 112 0.55 2.58 14.52
CA VAL A 112 -0.61 2.72 13.66
C VAL A 112 -1.40 3.94 14.11
N SER A 113 -1.30 4.31 15.39
CA SER A 113 -1.97 5.41 16.07
C SER A 113 -1.29 6.75 15.87
N LYS A 114 0.04 6.76 15.83
CA LYS A 114 0.84 7.92 15.46
C LYS A 114 0.63 8.25 14.00
N ALA A 115 0.59 7.24 13.12
CA ALA A 115 0.20 7.44 11.74
C ALA A 115 -1.22 7.96 11.54
N LEU A 116 -2.14 7.47 12.37
CA LEU A 116 -3.52 7.93 12.44
C LEU A 116 -3.71 9.39 12.83
N ASN A 117 -2.83 9.93 13.69
CA ASN A 117 -2.78 11.34 14.00
C ASN A 117 -2.48 12.19 12.78
N MET A 118 -1.66 11.69 11.85
CA MET A 118 -1.25 12.45 10.70
C MET A 118 -2.35 12.40 9.65
N TRP A 119 -2.94 11.23 9.41
CA TRP A 119 -4.07 11.00 8.52
C TRP A 119 -5.43 11.43 9.07
N GLY A 120 -5.53 11.81 10.34
CA GLY A 120 -6.82 12.22 10.86
C GLY A 120 -6.93 13.75 10.77
N LYS A 121 -5.93 14.53 11.19
CA LYS A 121 -5.92 15.98 11.21
C LYS A 121 -6.19 16.79 9.95
N GLU A 122 -6.24 16.15 8.78
CA GLU A 122 -6.57 16.86 7.56
C GLU A 122 -7.90 16.42 6.96
N ILE A 123 -8.75 15.69 7.69
CA ILE A 123 -10.05 15.20 7.26
C ILE A 123 -11.08 15.46 8.34
N PRO A 124 -12.39 15.65 8.12
CA PRO A 124 -13.33 16.06 9.14
C PRO A 124 -13.65 15.02 10.20
N LEU A 125 -13.54 13.75 9.79
CA LEU A 125 -13.71 12.52 10.53
C LEU A 125 -12.62 12.28 11.57
N HIS A 126 -12.93 11.46 12.57
CA HIS A 126 -12.08 11.23 13.72
C HIS A 126 -11.80 9.73 13.75
N PHE A 127 -10.53 9.35 13.89
CA PHE A 127 -10.11 8.00 14.20
C PHE A 127 -9.88 7.85 15.71
N ARG A 128 -10.64 6.97 16.35
CA ARG A 128 -10.70 6.68 17.77
C ARG A 128 -10.15 5.28 17.98
N LYS A 129 -9.32 5.04 19.01
CA LYS A 129 -8.95 3.73 19.50
C LYS A 129 -10.11 3.04 20.21
N VAL A 130 -10.17 1.71 20.08
CA VAL A 130 -11.01 0.91 20.96
C VAL A 130 -10.20 -0.31 21.38
N VAL A 131 -10.55 -0.80 22.56
CA VAL A 131 -9.96 -2.03 23.05
C VAL A 131 -11.09 -2.91 23.58
N TRP A 132 -12.31 -2.76 23.07
CA TRP A 132 -13.57 -3.44 23.25
C TRP A 132 -14.13 -3.68 21.85
N GLY A 133 -14.00 -4.94 21.41
CA GLY A 133 -14.70 -5.44 20.24
C GLY A 133 -13.85 -5.48 18.97
N THR A 134 -14.52 -5.58 17.82
CA THR A 134 -14.03 -5.36 16.48
C THR A 134 -13.71 -3.90 16.19
N ALA A 135 -12.86 -3.60 15.21
CA ALA A 135 -12.57 -2.26 14.72
C ALA A 135 -13.06 -2.19 13.27
N ASP A 136 -13.05 -0.97 12.72
CA ASP A 136 -13.40 -0.66 11.35
C ASP A 136 -12.18 -0.98 10.50
N ILE A 137 -11.00 -0.56 10.96
CA ILE A 137 -9.63 -0.71 10.50
C ILE A 137 -8.98 -1.60 11.53
N MET A 138 -8.95 -2.87 11.12
CA MET A 138 -8.42 -4.03 11.82
C MET A 138 -7.02 -4.17 11.23
N ILE A 139 -5.98 -3.99 12.04
CA ILE A 139 -4.62 -4.20 11.61
C ILE A 139 -4.21 -5.56 12.15
N GLY A 140 -3.68 -6.43 11.29
CA GLY A 140 -3.19 -7.76 11.62
C GLY A 140 -1.93 -8.10 10.84
N PHE A 141 -1.31 -9.21 11.25
CA PHE A 141 -0.16 -9.87 10.66
C PHE A 141 -0.59 -11.33 10.50
N ALA A 142 -0.51 -11.83 9.27
CA ALA A 142 -0.85 -13.16 8.82
C ALA A 142 0.09 -13.71 7.75
N ARG A 143 0.01 -15.02 7.55
CA ARG A 143 0.49 -15.59 6.29
C ARG A 143 -0.72 -15.72 5.37
N GLY A 144 -0.65 -15.52 4.05
CA GLY A 144 -1.64 -14.77 3.31
C GLY A 144 -2.63 -15.49 2.39
N ALA A 145 -2.57 -16.81 2.42
CA ALA A 145 -3.37 -17.81 1.74
C ALA A 145 -4.59 -18.22 2.54
N HIS A 146 -4.99 -17.37 3.49
CA HIS A 146 -5.90 -17.66 4.59
C HIS A 146 -7.38 -17.55 4.28
N GLY A 147 -7.71 -17.63 2.99
CA GLY A 147 -9.02 -17.32 2.46
C GLY A 147 -9.01 -16.16 1.48
N ASP A 148 -7.86 -15.50 1.36
CA ASP A 148 -7.42 -14.56 0.34
C ASP A 148 -6.53 -15.35 -0.61
N SER A 149 -6.24 -14.83 -1.81
CA SER A 149 -5.45 -15.49 -2.81
C SER A 149 -3.97 -15.11 -2.75
N TYR A 150 -3.08 -16.11 -2.76
CA TYR A 150 -1.65 -15.90 -2.86
C TYR A 150 -0.97 -15.74 -1.52
N PRO A 151 0.04 -16.54 -1.16
CA PRO A 151 0.76 -16.37 0.09
C PRO A 151 1.74 -15.21 0.02
N PHE A 152 2.22 -14.75 1.17
CA PHE A 152 3.04 -13.56 1.26
C PHE A 152 4.52 -13.88 1.08
N ASP A 153 4.81 -15.16 0.86
CA ASP A 153 6.03 -15.74 0.33
C ASP A 153 6.93 -16.36 1.38
N GLY A 154 7.22 -15.63 2.47
CA GLY A 154 8.41 -15.72 3.29
C GLY A 154 9.11 -14.37 3.36
N PRO A 155 10.35 -14.25 3.84
CA PRO A 155 11.13 -13.05 3.64
C PRO A 155 11.56 -12.85 2.19
N GLY A 156 11.37 -11.66 1.61
CA GLY A 156 11.46 -11.42 0.19
C GLY A 156 10.08 -10.98 -0.25
N ASN A 157 9.95 -10.64 -1.53
CA ASN A 157 8.87 -9.89 -2.14
C ASN A 157 7.46 -10.23 -1.66
N THR A 158 6.69 -9.16 -1.45
CA THR A 158 5.37 -8.93 -0.90
C THR A 158 5.39 -9.07 0.61
N LEU A 159 4.90 -8.00 1.26
CA LEU A 159 4.89 -7.83 2.70
C LEU A 159 3.54 -7.42 3.27
N ALA A 160 2.50 -7.29 2.43
CA ALA A 160 1.22 -6.79 2.87
C ALA A 160 0.18 -7.18 1.83
N HIS A 161 -1.10 -7.08 2.24
CA HIS A 161 -2.29 -6.80 1.45
C HIS A 161 -3.24 -6.02 2.34
N ALA A 162 -3.94 -5.00 1.84
CA ALA A 162 -4.95 -4.18 2.48
C ALA A 162 -5.97 -3.89 1.40
N PHE A 163 -7.03 -3.24 1.90
CA PHE A 163 -8.28 -3.10 1.19
C PHE A 163 -8.81 -1.68 1.40
N ALA A 164 -9.46 -1.16 0.37
CA ALA A 164 -10.12 0.14 0.31
C ALA A 164 -11.20 0.36 1.37
N PRO A 165 -11.60 1.62 1.59
CA PRO A 165 -12.49 1.95 2.69
C PRO A 165 -13.92 1.52 2.42
N GLY A 166 -14.38 0.56 3.23
CA GLY A 166 -15.65 -0.12 3.28
C GLY A 166 -16.00 -0.38 4.74
N THR A 167 -17.27 -0.72 5.02
CA THR A 167 -17.84 -0.97 6.33
C THR A 167 -17.78 -2.43 6.74
N GLY A 168 -16.99 -3.29 6.11
CA GLY A 168 -16.81 -4.73 6.15
C GLY A 168 -15.32 -5.01 6.08
N LEU A 169 -14.92 -5.66 4.98
CA LEU A 169 -13.58 -6.04 4.62
C LEU A 169 -12.67 -4.89 4.23
N GLY A 170 -13.26 -3.71 4.01
CA GLY A 170 -12.63 -2.43 3.75
C GLY A 170 -11.97 -1.85 5.00
N GLY A 171 -10.87 -1.13 4.74
CA GLY A 171 -10.06 -0.38 5.68
C GLY A 171 -9.15 -1.26 6.53
N ASP A 172 -9.25 -2.58 6.38
CA ASP A 172 -8.54 -3.56 7.17
C ASP A 172 -7.23 -3.84 6.44
N ALA A 173 -6.25 -4.49 7.07
CA ALA A 173 -4.87 -4.65 6.65
C ALA A 173 -4.21 -5.87 7.28
N HIS A 174 -3.59 -6.73 6.45
CA HIS A 174 -2.88 -7.88 6.94
C HIS A 174 -1.49 -7.86 6.32
N PHE A 175 -0.47 -7.82 7.18
CA PHE A 175 0.94 -7.75 6.84
C PHE A 175 1.43 -9.20 6.86
N ASP A 176 2.65 -9.34 6.35
CA ASP A 176 3.27 -10.65 6.20
C ASP A 176 3.82 -11.11 7.55
N GLU A 177 3.58 -12.37 7.92
CA GLU A 177 4.13 -12.98 9.10
C GLU A 177 5.63 -13.26 9.02
N ASP A 178 6.23 -13.60 7.89
CA ASP A 178 7.53 -14.20 7.68
C ASP A 178 8.61 -13.17 7.35
N GLU A 179 8.20 -11.93 7.11
CA GLU A 179 9.04 -10.79 6.76
C GLU A 179 9.60 -10.23 8.06
N ARG A 180 10.86 -9.77 8.06
CA ARG A 180 11.53 -9.37 9.28
C ARG A 180 11.10 -7.92 9.42
N TRP A 181 10.47 -7.55 10.54
CA TRP A 181 9.93 -6.24 10.81
C TRP A 181 10.77 -5.60 11.90
N THR A 182 10.92 -4.27 11.79
CA THR A 182 11.60 -3.52 12.84
C THR A 182 10.85 -2.26 13.23
N ASP A 183 11.30 -1.70 14.34
CA ASP A 183 11.29 -0.28 14.69
C ASP A 183 12.59 0.16 15.33
N GLY A 184 13.04 -0.58 16.34
CA GLY A 184 14.12 -0.27 17.26
C GLY A 184 15.50 -0.83 16.91
N SER A 185 15.44 -2.11 16.52
CA SER A 185 16.60 -2.94 16.29
C SER A 185 17.29 -2.76 14.94
N SER A 186 16.73 -2.36 13.79
CA SER A 186 17.31 -1.96 12.54
C SER A 186 17.60 -3.21 11.72
N LEU A 187 16.77 -4.25 11.87
CA LEU A 187 16.96 -5.56 11.29
C LEU A 187 16.06 -5.96 10.12
N GLY A 188 15.01 -5.17 9.97
CA GLY A 188 13.74 -5.45 9.33
C GLY A 188 13.12 -4.25 8.63
N ILE A 189 11.90 -4.30 8.09
CA ILE A 189 11.23 -3.21 7.40
C ILE A 189 10.68 -2.30 8.49
N ASN A 190 10.84 -0.98 8.40
CA ASN A 190 10.27 0.02 9.28
C ASN A 190 8.74 0.08 9.24
N PHE A 191 8.09 -0.52 10.25
CA PHE A 191 6.66 -0.57 10.40
C PHE A 191 5.87 0.73 10.49
N LEU A 192 6.34 1.87 10.98
CA LEU A 192 5.77 3.19 10.78
C LEU A 192 5.49 3.55 9.33
N TYR A 193 6.49 3.32 8.50
CA TYR A 193 6.53 3.68 7.09
C TYR A 193 5.64 2.73 6.31
N ALA A 194 5.68 1.44 6.69
CA ALA A 194 4.93 0.40 6.03
C ALA A 194 3.47 0.48 6.44
N ALA A 195 3.21 0.92 7.67
CA ALA A 195 1.86 1.16 8.16
C ALA A 195 1.17 2.38 7.57
N THR A 196 1.94 3.47 7.46
CA THR A 196 1.54 4.75 6.91
C THR A 196 1.14 4.58 5.46
N HIS A 197 1.79 3.65 4.75
CA HIS A 197 1.56 3.32 3.36
C HIS A 197 0.37 2.35 3.23
N ALA A 198 0.08 1.51 4.21
CA ALA A 198 -1.13 0.69 4.21
C ALA A 198 -2.35 1.57 4.41
N LEU A 199 -2.25 2.45 5.40
CA LEU A 199 -3.32 3.36 5.75
C LEU A 199 -3.70 4.34 4.64
N GLY A 200 -2.82 4.95 3.84
CA GLY A 200 -3.28 5.82 2.78
C GLY A 200 -4.20 5.10 1.80
N HIS A 201 -3.94 3.83 1.43
CA HIS A 201 -4.68 3.00 0.51
C HIS A 201 -6.02 2.62 1.13
N SER A 202 -6.11 2.76 2.46
CA SER A 202 -7.26 2.47 3.28
C SER A 202 -8.20 3.65 3.51
N LEU A 203 -7.79 4.85 3.08
CA LEU A 203 -8.64 6.01 2.89
C LEU A 203 -8.76 6.45 1.44
N GLY A 204 -7.92 5.90 0.56
CA GLY A 204 -8.10 5.98 -0.87
C GLY A 204 -7.02 6.73 -1.64
N MET A 205 -5.92 7.05 -0.97
CA MET A 205 -4.82 7.82 -1.51
C MET A 205 -3.79 6.90 -2.16
N GLY A 206 -3.12 7.39 -3.20
CA GLY A 206 -2.09 6.79 -4.03
C GLY A 206 -0.77 7.55 -3.94
N HIS A 207 0.15 7.27 -4.85
CA HIS A 207 1.54 7.65 -4.96
C HIS A 207 1.69 8.94 -5.78
N SER A 208 2.91 9.49 -5.63
CA SER A 208 3.39 10.69 -6.27
C SER A 208 4.82 10.54 -6.81
N SER A 209 5.16 11.38 -7.79
CA SER A 209 6.49 11.57 -8.31
C SER A 209 7.32 12.72 -7.75
N ASP A 210 6.64 13.55 -6.95
CA ASP A 210 7.21 14.68 -6.27
C ASP A 210 8.23 14.22 -5.23
N PRO A 211 9.49 14.69 -5.25
CA PRO A 211 10.48 14.22 -4.32
C PRO A 211 10.19 14.53 -2.85
N ASN A 212 9.11 15.23 -2.52
CA ASN A 212 8.71 15.54 -1.16
C ASN A 212 7.63 14.68 -0.51
N ALA A 213 6.96 13.83 -1.30
CA ALA A 213 5.69 13.22 -1.01
C ALA A 213 5.94 12.10 0.01
N VAL A 214 5.15 12.03 1.08
CA VAL A 214 5.30 11.15 2.23
C VAL A 214 5.26 9.70 1.77
N MET A 215 4.67 9.34 0.63
CA MET A 215 4.65 8.07 -0.07
C MET A 215 5.26 8.18 -1.46
N TYR A 216 6.31 8.97 -1.68
CA TYR A 216 7.14 8.83 -2.86
C TYR A 216 7.79 7.47 -2.97
N PRO A 217 7.59 6.62 -3.99
CA PRO A 217 7.92 5.21 -4.00
C PRO A 217 9.39 4.93 -4.27
N THR A 218 10.09 5.89 -4.89
CA THR A 218 11.47 5.91 -5.32
C THR A 218 12.20 6.88 -4.40
N TYR A 219 11.94 6.87 -3.10
CA TYR A 219 12.69 7.35 -1.96
C TYR A 219 14.19 7.12 -1.96
N GLY A 220 15.05 8.05 -1.52
CA GLY A 220 16.48 7.91 -1.64
C GLY A 220 17.16 7.61 -0.31
N ASN A 221 18.46 7.84 -0.32
CA ASN A 221 19.27 7.45 0.83
C ASN A 221 19.55 8.63 1.75
N GLY A 222 19.33 8.48 3.06
CA GLY A 222 19.11 9.66 3.87
C GLY A 222 17.80 9.48 4.64
N ASP A 223 17.76 10.07 5.83
CA ASP A 223 16.59 10.01 6.68
C ASP A 223 15.66 11.17 6.34
N PRO A 224 14.35 11.06 6.55
CA PRO A 224 13.44 12.17 6.37
C PRO A 224 13.55 13.08 7.57
N GLN A 225 13.45 14.40 7.34
CA GLN A 225 13.64 15.43 8.33
C GLN A 225 12.62 15.50 9.47
N ASN A 226 11.33 15.20 9.30
CA ASN A 226 10.21 15.36 10.22
C ASN A 226 9.25 14.19 9.99
N PHE A 227 8.83 13.99 8.74
CA PHE A 227 7.92 13.04 8.11
C PHE A 227 6.55 13.68 8.28
N LYS A 228 5.94 14.17 7.19
CA LYS A 228 4.91 15.18 7.14
C LYS A 228 4.18 15.11 5.81
N LEU A 229 2.94 15.58 5.70
CA LEU A 229 2.25 15.78 4.45
C LEU A 229 2.89 16.98 3.78
N SER A 230 3.39 16.76 2.55
CA SER A 230 3.88 17.81 1.68
C SER A 230 2.71 18.41 0.92
N GLN A 231 3.05 19.37 0.07
CA GLN A 231 2.05 20.08 -0.70
C GLN A 231 1.18 19.22 -1.60
N ASP A 232 1.77 18.29 -2.34
CA ASP A 232 1.14 17.28 -3.16
C ASP A 232 0.31 16.31 -2.34
N ASP A 233 0.77 15.89 -1.16
CA ASP A 233 0.10 14.94 -0.29
C ASP A 233 -1.18 15.57 0.21
N ILE A 234 -1.17 16.81 0.70
CA ILE A 234 -2.38 17.51 1.10
C ILE A 234 -3.40 17.61 -0.04
N LYS A 235 -2.91 17.91 -1.24
CA LYS A 235 -3.66 18.04 -2.48
C LYS A 235 -4.19 16.68 -2.92
N GLY A 236 -3.59 15.60 -2.43
CA GLY A 236 -4.01 14.24 -2.73
C GLY A 236 -5.05 13.72 -1.74
N ILE A 237 -5.00 14.14 -0.48
CA ILE A 237 -6.05 13.97 0.51
C ILE A 237 -7.30 14.71 0.07
N GLN A 238 -7.22 16.04 -0.05
CA GLN A 238 -8.20 17.01 -0.49
C GLN A 238 -8.74 16.70 -1.89
N LYS A 239 -8.15 15.79 -2.66
CA LYS A 239 -8.67 15.41 -3.96
C LYS A 239 -9.86 14.46 -3.78
N LEU A 240 -9.77 13.61 -2.75
CA LEU A 240 -10.91 12.79 -2.42
C LEU A 240 -11.69 13.21 -1.18
N TYR A 241 -11.26 14.12 -0.30
CA TYR A 241 -12.02 14.68 0.81
C TYR A 241 -12.24 16.18 0.68
N GLY A 242 -11.91 16.75 -0.48
CA GLY A 242 -12.17 18.13 -0.80
C GLY A 242 -12.90 17.99 -2.13
N LYS A 243 -13.00 19.11 -2.85
CA LYS A 243 -13.52 19.16 -4.20
C LYS A 243 -12.64 18.45 -5.21
N ARG A 244 -13.23 17.97 -6.30
CA ARG A 244 -12.61 17.18 -7.34
C ARG A 244 -11.85 18.11 -8.27
N SER A 245 -10.68 18.60 -7.85
CA SER A 245 -9.68 19.43 -8.50
C SER A 245 -8.37 18.67 -8.68
N ASN A 246 -7.38 19.28 -9.33
CA ASN A 246 -6.13 18.82 -9.89
C ASN A 246 -5.17 19.90 -9.43
N SER A 247 -3.91 19.52 -9.20
CA SER A 247 -2.76 20.36 -8.88
C SER A 247 -1.50 19.89 -9.61
N ARG A 248 -1.43 18.62 -10.01
CA ARG A 248 -0.35 17.96 -10.72
C ARG A 248 -0.39 18.38 -12.18
N LYS A 249 0.78 18.55 -12.81
CA LYS A 249 0.99 18.74 -14.24
C LYS A 249 2.27 18.12 -14.77
N LYS A 250 2.30 17.93 -16.08
CA LYS A 250 3.37 17.43 -16.93
C LYS A 250 3.44 18.30 -18.17
N LEU A 3 24.85 5.23 -15.24
CA LEU A 3 24.44 3.84 -15.04
C LEU A 3 23.35 3.43 -16.02
N PRO A 4 23.32 2.18 -16.48
CA PRO A 4 22.12 1.74 -17.15
C PRO A 4 21.04 1.54 -16.09
N GLN A 5 19.76 1.47 -16.47
CA GLN A 5 18.62 0.99 -15.72
C GLN A 5 18.43 -0.50 -16.01
N GLU A 6 17.79 -1.14 -15.04
CA GLU A 6 17.53 -2.56 -14.89
C GLU A 6 16.43 -2.90 -15.88
N ALA A 7 15.53 -1.97 -16.22
CA ALA A 7 14.53 -2.12 -17.26
C ALA A 7 15.08 -2.29 -18.67
N GLY A 8 16.28 -1.74 -18.91
CA GLY A 8 16.91 -1.73 -20.21
C GLY A 8 17.66 -3.03 -20.43
N GLY A 9 17.90 -3.81 -19.37
CA GLY A 9 18.55 -5.10 -19.36
C GLY A 9 17.58 -6.17 -18.90
N MET A 10 16.28 -5.96 -19.08
CA MET A 10 15.22 -6.71 -18.44
C MET A 10 15.19 -8.20 -18.80
N SER A 11 15.52 -9.04 -17.83
CA SER A 11 15.80 -10.45 -18.05
C SER A 11 14.55 -11.29 -17.86
N GLU A 12 14.74 -12.57 -18.14
CA GLU A 12 13.63 -13.49 -18.28
C GLU A 12 13.02 -13.77 -16.91
N LEU A 13 13.89 -13.64 -15.90
CA LEU A 13 13.54 -13.90 -14.52
C LEU A 13 12.69 -12.77 -13.97
N GLN A 14 12.84 -11.56 -14.52
CA GLN A 14 12.14 -10.36 -14.13
C GLN A 14 10.83 -10.41 -14.91
N TRP A 15 10.70 -10.96 -16.12
CA TRP A 15 9.51 -11.02 -16.95
C TRP A 15 8.59 -12.08 -16.35
N GLU A 16 9.11 -13.02 -15.56
CA GLU A 16 8.46 -13.99 -14.70
C GLU A 16 7.81 -13.31 -13.50
N GLN A 17 8.58 -12.52 -12.76
CA GLN A 17 8.15 -11.73 -11.63
C GLN A 17 7.12 -10.68 -12.02
N ALA A 18 7.25 -9.97 -13.14
CA ALA A 18 6.21 -9.14 -13.68
C ALA A 18 4.79 -9.69 -13.79
N GLN A 19 4.67 -10.95 -14.25
CA GLN A 19 3.43 -11.67 -14.41
C GLN A 19 2.84 -12.19 -13.10
N ASP A 20 3.73 -12.62 -12.22
CA ASP A 20 3.43 -12.95 -10.85
C ASP A 20 2.87 -11.76 -10.08
N TYR A 21 3.59 -10.63 -10.11
CA TYR A 21 3.39 -9.39 -9.41
C TYR A 21 2.01 -8.85 -9.74
N LEU A 22 1.67 -8.77 -11.03
CA LEU A 22 0.39 -8.26 -11.46
C LEU A 22 -0.80 -9.06 -10.93
N LYS A 23 -0.82 -10.37 -11.16
CA LYS A 23 -1.98 -11.20 -10.91
C LYS A 23 -2.31 -11.43 -9.44
N ARG A 24 -1.28 -11.37 -8.59
CA ARG A 24 -1.37 -11.28 -7.15
C ARG A 24 -2.04 -9.97 -6.72
N PHE A 25 -2.17 -8.85 -7.44
CA PHE A 25 -3.02 -7.76 -7.03
C PHE A 25 -4.47 -7.91 -7.48
N TYR A 26 -4.81 -8.48 -8.63
CA TYR A 26 -6.19 -8.77 -8.99
C TYR A 26 -6.82 -9.98 -8.29
N LEU A 27 -5.99 -10.77 -7.60
CA LEU A 27 -6.23 -12.08 -7.04
C LEU A 27 -6.67 -13.03 -8.15
N TYR A 28 -5.86 -13.15 -9.22
CA TYR A 28 -6.07 -13.76 -10.52
C TYR A 28 -6.62 -12.76 -11.52
N ASP A 29 -5.86 -12.37 -12.53
CA ASP A 29 -6.33 -11.71 -13.73
C ASP A 29 -5.83 -12.52 -14.91
N SER A 30 -6.70 -12.77 -15.89
CA SER A 30 -6.37 -13.65 -16.99
C SER A 30 -5.55 -12.96 -18.08
N GLU A 31 -5.62 -11.63 -18.18
CA GLU A 31 -4.93 -10.76 -19.11
C GLU A 31 -3.51 -10.40 -18.69
N THR A 32 -3.11 -10.70 -17.45
CA THR A 32 -1.70 -10.72 -17.12
C THR A 32 -0.95 -11.90 -17.73
N LYS A 33 -1.66 -12.96 -18.11
CA LYS A 33 -1.07 -14.05 -18.85
C LYS A 33 -1.08 -13.80 -20.36
N ASN A 34 0.03 -14.18 -20.99
CA ASN A 34 0.46 -14.04 -22.36
C ASN A 34 1.43 -12.89 -22.59
N ALA A 35 2.52 -13.16 -23.33
CA ALA A 35 3.66 -12.28 -23.44
C ALA A 35 3.26 -11.02 -24.20
N ASN A 36 2.59 -11.14 -25.35
CA ASN A 36 2.01 -9.98 -26.00
C ASN A 36 1.00 -9.25 -25.14
N SER A 37 0.22 -9.99 -24.35
CA SER A 37 -0.80 -9.47 -23.46
C SER A 37 -0.15 -8.69 -22.33
N LEU A 38 0.99 -9.10 -21.77
CA LEU A 38 1.80 -8.60 -20.68
C LEU A 38 2.36 -7.24 -21.03
N GLU A 39 2.63 -7.09 -22.33
CA GLU A 39 3.22 -5.95 -23.02
C GLU A 39 2.22 -4.80 -22.96
N ALA A 40 0.95 -5.07 -23.27
CA ALA A 40 -0.14 -4.18 -22.96
C ALA A 40 -0.30 -3.87 -21.47
N LYS A 41 -0.37 -4.95 -20.69
CA LYS A 41 -0.76 -4.84 -19.30
C LYS A 41 0.22 -4.07 -18.41
N LEU A 42 1.48 -3.98 -18.82
CA LEU A 42 2.50 -3.21 -18.13
C LEU A 42 2.27 -1.71 -18.25
N LYS A 43 1.48 -1.12 -19.16
CA LYS A 43 1.09 0.27 -19.02
C LYS A 43 0.32 0.47 -17.72
N GLU A 44 -0.41 -0.49 -17.15
CA GLU A 44 -1.21 -0.44 -15.93
C GLU A 44 -0.32 -0.45 -14.69
N MET A 45 0.91 -0.93 -14.81
CA MET A 45 1.81 -0.96 -13.67
C MET A 45 2.44 0.39 -13.38
N GLN A 46 2.54 1.19 -14.44
CA GLN A 46 3.03 2.56 -14.45
C GLN A 46 1.95 3.60 -14.17
N LYS A 47 0.69 3.36 -14.53
CA LYS A 47 -0.51 4.02 -14.03
C LYS A 47 -0.66 4.11 -12.52
N PHE A 48 -0.46 3.03 -11.75
CA PHE A 48 -0.75 3.06 -10.34
C PHE A 48 0.49 3.60 -9.64
N PHE A 49 1.73 3.73 -10.11
CA PHE A 49 2.84 4.43 -9.50
C PHE A 49 2.75 5.91 -9.85
N GLY A 50 2.23 6.26 -11.03
CA GLY A 50 1.83 7.64 -11.26
C GLY A 50 2.81 8.32 -12.19
N LEU A 51 3.57 7.55 -12.97
CA LEU A 51 4.44 8.03 -14.03
C LEU A 51 3.62 8.62 -15.17
N PRO A 52 4.11 9.61 -15.92
CA PRO A 52 3.54 9.94 -17.21
C PRO A 52 4.08 9.09 -18.35
N ILE A 53 5.04 8.19 -18.08
CA ILE A 53 5.56 7.29 -19.09
C ILE A 53 4.59 6.12 -19.05
N THR A 54 4.07 5.74 -20.22
CA THR A 54 3.21 4.61 -20.52
C THR A 54 3.65 4.16 -21.92
N GLY A 55 4.01 2.87 -22.02
CA GLY A 55 4.32 2.13 -23.23
C GLY A 55 5.82 1.82 -23.29
N MET A 56 6.65 2.27 -22.35
CA MET A 56 8.05 1.93 -22.22
C MET A 56 8.39 1.55 -20.78
N LEU A 57 9.13 0.45 -20.69
CA LEU A 57 9.92 0.00 -19.56
C LEU A 57 11.30 0.63 -19.73
N ASN A 58 11.59 1.57 -18.82
CA ASN A 58 12.69 2.48 -19.00
C ASN A 58 13.14 3.17 -17.71
N SER A 59 12.22 3.10 -16.74
CA SER A 59 12.43 3.80 -15.49
C SER A 59 12.41 2.74 -14.40
N ARG A 60 12.58 3.11 -13.14
CA ARG A 60 12.89 2.41 -11.91
C ARG A 60 11.89 1.31 -11.60
N VAL A 61 10.79 1.21 -12.35
CA VAL A 61 9.65 0.33 -12.20
C VAL A 61 9.99 -1.14 -12.08
N ILE A 62 11.06 -1.58 -12.76
CA ILE A 62 11.48 -2.97 -12.77
C ILE A 62 12.41 -3.23 -11.60
N GLU A 63 13.28 -2.27 -11.22
CA GLU A 63 14.06 -2.45 -10.01
C GLU A 63 13.20 -2.51 -8.76
N ILE A 64 12.17 -1.70 -8.50
CA ILE A 64 11.36 -1.65 -7.29
C ILE A 64 10.47 -2.85 -7.01
N MET A 65 10.13 -3.62 -8.05
CA MET A 65 9.19 -4.72 -8.15
C MET A 65 9.59 -5.96 -7.34
N GLN A 66 10.87 -6.22 -7.11
CA GLN A 66 11.41 -7.38 -6.44
C GLN A 66 11.52 -7.06 -4.95
N LYS A 67 11.71 -5.79 -4.56
CA LYS A 67 11.72 -5.37 -3.18
C LYS A 67 10.29 -5.20 -2.68
N PRO A 68 10.07 -5.52 -1.39
CA PRO A 68 8.85 -5.42 -0.63
C PRO A 68 8.49 -3.96 -0.38
N ARG A 69 7.42 -3.45 -1.00
CA ARG A 69 6.98 -2.07 -0.98
C ARG A 69 5.47 -2.07 -1.18
N CYS A 70 4.95 -2.88 -2.09
CA CYS A 70 3.55 -3.01 -2.43
C CYS A 70 3.08 -4.45 -2.29
N GLY A 71 2.36 -4.77 -1.21
CA GLY A 71 1.65 -6.00 -0.92
C GLY A 71 0.17 -5.71 -0.86
N VAL A 72 -0.23 -4.51 -0.41
CA VAL A 72 -1.59 -4.02 -0.40
C VAL A 72 -1.72 -3.62 -1.86
N PRO A 73 -2.76 -4.13 -2.54
CA PRO A 73 -3.05 -3.81 -3.92
C PRO A 73 -3.41 -2.36 -4.22
N ASP A 74 -2.68 -1.70 -5.12
CA ASP A 74 -2.96 -0.39 -5.66
C ASP A 74 -3.98 -0.47 -6.79
N VAL A 75 -4.12 -1.57 -7.54
CA VAL A 75 -5.17 -1.93 -8.46
C VAL A 75 -5.78 -3.24 -8.00
N ALA A 76 -7.12 -3.28 -7.99
CA ALA A 76 -7.99 -4.34 -7.51
C ALA A 76 -9.15 -4.74 -8.40
N GLU A 77 -9.74 -5.93 -8.23
CA GLU A 77 -11.02 -6.36 -8.79
C GLU A 77 -11.84 -7.08 -7.72
N TYR A 78 -12.93 -6.53 -7.20
CA TYR A 78 -13.59 -7.02 -6.01
C TYR A 78 -15.10 -6.93 -6.08
N SER A 79 -15.81 -7.67 -5.22
CA SER A 79 -17.24 -7.65 -4.98
C SER A 79 -17.48 -7.49 -3.49
N LEU A 80 -18.59 -6.84 -3.14
CA LEU A 80 -19.09 -6.62 -1.79
C LEU A 80 -18.62 -5.33 -1.12
N PHE A 81 -18.32 -4.36 -1.99
CA PHE A 81 -17.72 -3.11 -1.56
C PHE A 81 -18.48 -1.89 -2.05
N PRO A 82 -18.59 -0.79 -1.28
CA PRO A 82 -19.53 0.21 -1.72
C PRO A 82 -19.03 1.20 -2.77
N ASN A 83 -19.93 2.07 -3.24
CA ASN A 83 -19.65 2.94 -4.36
C ASN A 83 -18.91 4.15 -3.80
N SER A 84 -17.67 4.30 -4.27
CA SER A 84 -16.55 5.17 -3.92
C SER A 84 -15.58 4.58 -2.92
N PRO A 85 -14.27 4.78 -3.05
CA PRO A 85 -13.31 4.32 -2.07
C PRO A 85 -13.20 5.37 -0.97
N LYS A 86 -14.12 5.26 -0.01
CA LYS A 86 -14.13 6.20 1.10
C LYS A 86 -14.91 5.52 2.21
N TRP A 87 -14.70 6.03 3.43
CA TRP A 87 -15.58 5.82 4.56
C TRP A 87 -16.74 6.81 4.61
N THR A 88 -17.92 6.35 5.02
CA THR A 88 -19.13 7.12 5.21
C THR A 88 -19.71 7.07 6.62
N SER A 89 -19.14 6.26 7.52
CA SER A 89 -19.40 6.40 8.94
C SER A 89 -18.63 7.58 9.53
N LYS A 90 -19.24 8.33 10.44
CA LYS A 90 -18.67 9.56 10.96
C LYS A 90 -17.54 9.35 11.96
N VAL A 91 -17.50 8.12 12.48
CA VAL A 91 -16.54 7.54 13.39
C VAL A 91 -16.04 6.21 12.86
N VAL A 92 -14.73 6.04 12.66
CA VAL A 92 -14.03 4.82 12.29
C VAL A 92 -13.33 4.30 13.54
N THR A 93 -13.35 3.01 13.88
CA THR A 93 -12.62 2.50 15.02
C THR A 93 -11.41 1.72 14.53
N TYR A 94 -10.38 1.53 15.35
CA TYR A 94 -9.17 0.77 15.07
C TYR A 94 -8.63 -0.01 16.26
N ARG A 95 -8.04 -1.18 16.03
CA ARG A 95 -7.51 -2.02 17.08
C ARG A 95 -6.49 -3.00 16.51
N ILE A 96 -5.51 -3.35 17.33
CA ILE A 96 -4.57 -4.41 16.99
C ILE A 96 -5.20 -5.73 17.40
N VAL A 97 -5.30 -6.68 16.45
CA VAL A 97 -5.83 -8.00 16.75
C VAL A 97 -4.70 -9.01 16.86
N SER A 98 -3.54 -8.80 16.22
CA SER A 98 -2.35 -9.62 16.20
C SER A 98 -1.08 -8.83 15.92
N TYR A 99 0.08 -9.37 16.29
CA TYR A 99 1.35 -8.65 16.37
C TYR A 99 2.52 -9.45 15.81
N THR A 100 3.72 -8.86 15.73
CA THR A 100 4.98 -9.35 15.23
C THR A 100 5.91 -9.79 16.35
N ARG A 101 6.88 -10.67 16.09
CA ARG A 101 7.93 -11.03 17.02
C ARG A 101 9.03 -9.99 17.12
N ASP A 102 9.11 -9.06 16.17
CA ASP A 102 10.20 -8.10 16.19
C ASP A 102 9.87 -6.96 17.13
N LEU A 103 8.57 -6.74 17.39
CA LEU A 103 8.11 -5.55 18.06
C LEU A 103 7.02 -5.97 19.04
N PRO A 104 7.10 -5.60 20.32
CA PRO A 104 6.05 -5.98 21.24
C PRO A 104 4.74 -5.29 20.87
N HIS A 105 3.64 -6.01 21.08
CA HIS A 105 2.28 -5.51 20.95
C HIS A 105 1.86 -4.07 21.24
N ILE A 106 2.18 -3.74 22.49
CA ILE A 106 1.93 -2.43 23.05
C ILE A 106 2.53 -1.33 22.19
N THR A 107 3.57 -1.59 21.40
CA THR A 107 4.23 -0.66 20.51
C THR A 107 3.72 -0.63 19.08
N VAL A 108 3.33 -1.80 18.59
CA VAL A 108 2.74 -2.07 17.29
C VAL A 108 1.40 -1.35 17.28
N ASP A 109 0.71 -1.31 18.42
CA ASP A 109 -0.42 -0.47 18.75
C ASP A 109 -0.02 0.99 18.63
N ARG A 110 0.99 1.45 19.37
CA ARG A 110 1.36 2.83 19.62
C ARG A 110 1.79 3.46 18.31
N LEU A 111 2.40 2.73 17.36
CA LEU A 111 2.95 3.21 16.11
C LEU A 111 1.85 3.42 15.08
N VAL A 112 0.69 2.76 15.07
CA VAL A 112 -0.52 3.01 14.31
C VAL A 112 -1.25 4.26 14.79
N SER A 113 -1.17 4.61 16.08
CA SER A 113 -1.83 5.74 16.70
C SER A 113 -1.02 6.96 16.32
N LYS A 114 0.31 6.83 16.17
CA LYS A 114 1.11 7.93 15.66
C LYS A 114 1.00 8.15 14.15
N ALA A 115 0.77 7.11 13.36
CA ALA A 115 0.31 7.27 12.00
C ALA A 115 -1.11 7.79 11.79
N LEU A 116 -2.14 7.25 12.43
CA LEU A 116 -3.48 7.80 12.38
C LEU A 116 -3.64 9.23 12.84
N ASN A 117 -2.70 9.70 13.67
CA ASN A 117 -2.55 11.09 14.06
C ASN A 117 -2.12 11.98 12.90
N MET A 118 -1.32 11.49 11.94
CA MET A 118 -0.90 12.14 10.71
C MET A 118 -1.96 12.04 9.62
N TRP A 119 -2.70 10.93 9.48
CA TRP A 119 -3.78 10.78 8.54
C TRP A 119 -5.07 11.54 8.81
N GLY A 120 -5.33 11.75 10.10
CA GLY A 120 -6.66 12.14 10.56
C GLY A 120 -7.05 13.61 10.53
N LYS A 121 -6.10 14.54 10.39
CA LYS A 121 -6.27 15.97 10.33
C LYS A 121 -7.26 16.45 9.27
N GLU A 122 -7.10 15.81 8.11
CA GLU A 122 -7.63 16.21 6.82
C GLU A 122 -8.81 15.36 6.37
N ILE A 123 -9.35 14.37 7.10
CA ILE A 123 -10.48 13.53 6.78
C ILE A 123 -11.65 14.12 7.55
N PRO A 124 -12.90 14.03 7.10
CA PRO A 124 -14.00 14.57 7.87
C PRO A 124 -14.61 13.64 8.90
N LEU A 125 -14.32 12.34 8.91
CA LEU A 125 -14.58 11.31 9.90
C LEU A 125 -13.72 11.53 11.15
N HIS A 126 -13.84 10.75 12.22
CA HIS A 126 -12.96 10.60 13.36
C HIS A 126 -12.55 9.14 13.56
N PHE A 127 -11.26 8.89 13.73
CA PHE A 127 -10.62 7.63 14.01
C PHE A 127 -10.56 7.51 15.52
N ARG A 128 -11.33 6.63 16.16
CA ARG A 128 -11.41 6.48 17.60
C ARG A 128 -10.75 5.20 18.07
N LYS A 129 -10.20 5.13 19.29
CA LYS A 129 -9.64 3.90 19.79
C LYS A 129 -10.72 3.09 20.49
N VAL A 130 -10.69 1.75 20.43
CA VAL A 130 -11.56 0.85 21.16
C VAL A 130 -10.70 -0.31 21.65
N VAL A 131 -10.98 -0.76 22.87
CA VAL A 131 -10.56 -2.09 23.24
C VAL A 131 -11.77 -2.83 23.78
N TRP A 132 -12.94 -2.72 23.14
CA TRP A 132 -14.17 -3.35 23.57
C TRP A 132 -14.84 -3.86 22.30
N GLY A 133 -14.68 -5.14 21.95
CA GLY A 133 -15.21 -5.71 20.73
C GLY A 133 -14.32 -5.62 19.49
N THR A 134 -14.95 -5.82 18.33
CA THR A 134 -14.54 -5.59 16.96
C THR A 134 -14.23 -4.11 16.79
N ALA A 135 -13.29 -3.76 15.91
CA ALA A 135 -13.13 -2.43 15.36
C ALA A 135 -13.25 -2.48 13.85
N ASP A 136 -13.40 -1.33 13.20
CA ASP A 136 -13.68 -1.11 11.80
C ASP A 136 -12.45 -1.38 10.94
N ILE A 137 -11.27 -1.06 11.44
CA ILE A 137 -10.00 -1.36 10.81
C ILE A 137 -9.30 -2.23 11.85
N MET A 138 -9.17 -3.52 11.53
CA MET A 138 -8.46 -4.50 12.33
C MET A 138 -7.04 -4.57 11.77
N ILE A 139 -5.99 -4.36 12.56
CA ILE A 139 -4.57 -4.41 12.24
C ILE A 139 -4.09 -5.73 12.82
N GLY A 140 -3.75 -6.66 11.91
CA GLY A 140 -3.28 -7.98 12.28
C GLY A 140 -1.99 -8.39 11.60
N PHE A 141 -1.51 -9.55 12.05
CA PHE A 141 -0.35 -10.32 11.65
C PHE A 141 -0.78 -11.72 11.22
N ALA A 142 -0.16 -12.21 10.16
CA ALA A 142 -0.44 -13.56 9.66
C ALA A 142 0.74 -14.07 8.84
N ARG A 143 0.79 -15.39 8.71
CA ARG A 143 1.60 -15.95 7.65
C ARG A 143 0.67 -16.15 6.47
N GLY A 144 1.12 -16.78 5.39
CA GLY A 144 0.37 -16.74 4.15
C GLY A 144 -0.51 -17.96 3.87
N ALA A 145 -0.77 -18.79 4.87
CA ALA A 145 -1.53 -20.02 4.77
C ALA A 145 -2.99 -19.82 5.12
N HIS A 146 -3.36 -18.60 5.53
CA HIS A 146 -4.61 -18.41 6.26
C HIS A 146 -5.90 -18.42 5.46
N GLY A 147 -5.86 -18.19 4.14
CA GLY A 147 -6.98 -18.44 3.24
C GLY A 147 -7.20 -17.41 2.16
N ASP A 148 -6.42 -16.32 2.08
CA ASP A 148 -6.34 -15.43 0.94
C ASP A 148 -5.57 -16.21 -0.12
N SER A 149 -5.89 -15.97 -1.40
CA SER A 149 -5.08 -16.48 -2.48
C SER A 149 -3.66 -15.92 -2.48
N TYR A 150 -2.61 -16.71 -2.73
CA TYR A 150 -1.22 -16.33 -2.89
C TYR A 150 -0.40 -16.27 -1.61
N PRO A 151 0.89 -16.62 -1.63
CA PRO A 151 1.73 -16.60 -0.45
C PRO A 151 2.15 -15.21 -0.01
N PHE A 152 2.63 -15.18 1.24
CA PHE A 152 3.35 -14.11 1.89
C PHE A 152 4.86 -14.29 1.85
N ASP A 153 5.30 -15.48 1.46
CA ASP A 153 6.62 -15.96 1.08
C ASP A 153 7.46 -16.31 2.30
N GLY A 154 7.54 -15.48 3.34
CA GLY A 154 8.71 -15.45 4.20
C GLY A 154 9.30 -14.05 4.25
N PRO A 155 10.62 -13.95 4.42
CA PRO A 155 11.33 -12.75 4.03
C PRO A 155 11.44 -12.58 2.52
N GLY A 156 11.08 -11.37 2.08
CA GLY A 156 11.20 -10.93 0.71
C GLY A 156 9.83 -10.54 0.18
N ASN A 157 9.74 -10.34 -1.13
CA ASN A 157 8.65 -9.69 -1.83
C ASN A 157 7.27 -10.18 -1.39
N THR A 158 6.32 -9.28 -1.09
CA THR A 158 5.09 -9.44 -0.35
C THR A 158 5.48 -9.30 1.11
N LEU A 159 5.00 -8.22 1.74
CA LEU A 159 5.11 -7.77 3.11
C LEU A 159 3.77 -7.64 3.84
N ALA A 160 2.65 -7.54 3.13
CA ALA A 160 1.28 -7.39 3.57
C ALA A 160 0.21 -7.73 2.54
N HIS A 161 -1.06 -7.68 2.97
CA HIS A 161 -2.27 -7.44 2.23
C HIS A 161 -3.20 -6.65 3.14
N ALA A 162 -4.08 -5.84 2.57
CA ALA A 162 -5.14 -5.07 3.21
C ALA A 162 -6.28 -4.79 2.24
N PHE A 163 -7.49 -4.49 2.70
CA PHE A 163 -8.71 -4.30 1.93
C PHE A 163 -9.08 -2.82 2.02
N ALA A 164 -9.77 -2.34 0.99
CA ALA A 164 -10.44 -1.07 0.80
C ALA A 164 -11.40 -0.59 1.90
N PRO A 165 -11.92 0.63 2.00
CA PRO A 165 -12.88 1.14 2.96
C PRO A 165 -14.28 0.55 2.81
N GLY A 166 -14.68 -0.36 3.71
CA GLY A 166 -15.97 -1.03 3.65
C GLY A 166 -16.42 -1.02 5.10
N THR A 167 -17.74 -0.98 5.34
CA THR A 167 -18.38 -0.90 6.64
C THR A 167 -18.14 -2.06 7.58
N GLY A 168 -18.10 -3.30 7.07
CA GLY A 168 -17.76 -4.56 7.73
C GLY A 168 -16.41 -5.09 7.28
N LEU A 169 -16.30 -6.00 6.32
CA LEU A 169 -15.10 -6.78 6.05
C LEU A 169 -14.00 -5.94 5.41
N GLY A 170 -14.12 -4.62 5.20
CA GLY A 170 -13.08 -3.79 4.64
C GLY A 170 -12.32 -3.01 5.70
N GLY A 171 -11.28 -2.31 5.25
CA GLY A 171 -10.43 -1.44 6.02
C GLY A 171 -9.24 -2.03 6.76
N ASP A 172 -9.37 -3.35 7.00
CA ASP A 172 -8.55 -4.24 7.80
C ASP A 172 -7.31 -4.68 7.05
N ALA A 173 -6.27 -5.03 7.80
CA ALA A 173 -4.94 -5.38 7.34
C ALA A 173 -4.35 -6.59 8.04
N HIS A 174 -3.51 -7.27 7.25
CA HIS A 174 -2.67 -8.44 7.51
C HIS A 174 -1.25 -8.17 7.05
N PHE A 175 -0.28 -8.42 7.94
CA PHE A 175 1.13 -8.16 7.79
C PHE A 175 1.92 -9.45 7.97
N ASP A 176 2.95 -9.66 7.16
CA ASP A 176 3.66 -10.91 6.97
C ASP A 176 4.52 -11.23 8.19
N GLU A 177 4.19 -12.30 8.92
CA GLU A 177 4.70 -12.66 10.23
C GLU A 177 6.11 -13.20 10.09
N ASP A 178 6.61 -13.58 8.91
CA ASP A 178 7.94 -14.12 8.75
C ASP A 178 8.93 -13.05 8.33
N GLU A 179 8.48 -11.97 7.69
CA GLU A 179 9.19 -10.74 7.38
C GLU A 179 9.85 -10.23 8.64
N ARG A 180 10.89 -9.40 8.46
CA ARG A 180 11.65 -8.76 9.52
C ARG A 180 11.09 -7.34 9.58
N TRP A 181 10.59 -6.93 10.76
CA TRP A 181 10.14 -5.59 11.08
C TRP A 181 10.98 -4.86 12.11
N THR A 182 10.80 -3.56 12.37
CA THR A 182 11.67 -2.67 13.11
C THR A 182 10.83 -1.43 13.37
N ASP A 183 11.40 -0.59 14.23
CA ASP A 183 11.13 0.84 14.24
C ASP A 183 12.45 1.58 14.16
N GLY A 184 13.20 1.56 15.26
CA GLY A 184 14.42 2.32 15.49
C GLY A 184 15.72 1.68 15.04
N SER A 185 15.83 0.37 15.26
CA SER A 185 17.11 -0.32 15.25
C SER A 185 17.57 -0.57 13.81
N SER A 186 16.55 -0.61 12.95
CA SER A 186 16.56 -0.41 11.51
C SER A 186 16.90 -1.64 10.68
N LEU A 187 16.96 -2.75 11.40
CA LEU A 187 17.31 -4.04 10.83
C LEU A 187 16.19 -4.74 10.07
N GLY A 188 15.00 -4.15 9.93
CA GLY A 188 14.00 -4.77 9.10
C GLY A 188 13.28 -3.67 8.35
N ILE A 189 12.02 -3.98 8.04
CA ILE A 189 11.13 -3.04 7.39
C ILE A 189 10.41 -2.25 8.48
N ASN A 190 10.40 -0.92 8.41
CA ASN A 190 9.84 0.03 9.35
C ASN A 190 8.32 -0.05 9.44
N PHE A 191 7.77 -0.38 10.62
CA PHE A 191 6.36 -0.70 10.76
C PHE A 191 5.47 0.50 10.45
N LEU A 192 5.77 1.66 11.04
CA LEU A 192 5.06 2.92 10.91
C LEU A 192 4.93 3.32 9.45
N TYR A 193 6.03 3.23 8.71
CA TYR A 193 5.98 3.70 7.33
C TYR A 193 5.21 2.76 6.41
N ALA A 194 5.34 1.47 6.68
CA ALA A 194 4.62 0.39 6.04
C ALA A 194 3.13 0.41 6.34
N ALA A 195 2.75 0.66 7.59
CA ALA A 195 1.36 0.86 7.99
C ALA A 195 0.73 2.05 7.30
N THR A 196 1.40 3.20 7.34
CA THR A 196 0.88 4.40 6.71
C THR A 196 0.51 4.24 5.25
N HIS A 197 1.33 3.47 4.52
CA HIS A 197 1.10 3.14 3.13
C HIS A 197 -0.03 2.15 2.90
N ALA A 198 -0.42 1.30 3.85
CA ALA A 198 -1.57 0.41 3.77
C ALA A 198 -2.84 1.12 4.24
N LEU A 199 -2.67 2.00 5.24
CA LEU A 199 -3.75 2.80 5.79
C LEU A 199 -4.11 3.98 4.91
N GLY A 200 -3.25 4.40 3.98
CA GLY A 200 -3.50 5.44 3.00
C GLY A 200 -4.38 4.79 1.93
N HIS A 201 -4.19 3.50 1.68
CA HIS A 201 -5.06 2.70 0.86
C HIS A 201 -6.36 2.37 1.58
N SER A 202 -6.40 2.09 2.89
CA SER A 202 -7.55 1.87 3.73
C SER A 202 -8.39 3.14 3.82
N LEU A 203 -7.90 4.32 3.44
CA LEU A 203 -8.62 5.55 3.23
C LEU A 203 -8.97 5.79 1.76
N GLY A 204 -8.28 5.19 0.80
CA GLY A 204 -8.57 5.18 -0.62
C GLY A 204 -7.55 5.81 -1.55
N MET A 205 -6.49 6.36 -0.94
CA MET A 205 -5.46 7.18 -1.57
C MET A 205 -4.43 6.20 -2.11
N GLY A 206 -3.79 6.71 -3.18
CA GLY A 206 -2.71 6.18 -3.96
C GLY A 206 -1.35 6.87 -3.99
N HIS A 207 -0.42 6.20 -4.66
CA HIS A 207 0.84 6.79 -5.07
C HIS A 207 1.00 8.17 -5.69
N SER A 208 2.15 8.84 -5.55
CA SER A 208 2.56 9.96 -6.35
C SER A 208 4.03 9.88 -6.70
N SER A 209 4.41 10.52 -7.81
CA SER A 209 5.72 10.59 -8.43
C SER A 209 6.38 11.86 -7.91
N ASP A 210 5.81 12.63 -6.99
CA ASP A 210 6.33 13.76 -6.26
C ASP A 210 7.20 13.40 -5.06
N PRO A 211 8.45 13.86 -5.00
CA PRO A 211 9.48 13.48 -4.06
C PRO A 211 9.31 13.73 -2.57
N ASN A 212 8.32 14.54 -2.18
CA ASN A 212 7.85 14.82 -0.84
C ASN A 212 6.56 14.06 -0.58
N ALA A 213 5.91 13.42 -1.56
CA ALA A 213 4.72 12.64 -1.24
C ALA A 213 4.83 11.48 -0.28
N VAL A 214 3.87 11.33 0.65
CA VAL A 214 3.95 10.29 1.65
C VAL A 214 4.09 8.86 1.13
N MET A 215 3.66 8.56 -0.09
CA MET A 215 3.70 7.23 -0.69
C MET A 215 4.52 7.29 -1.97
N TYR A 216 5.65 8.00 -1.99
CA TYR A 216 6.57 8.06 -3.12
C TYR A 216 7.30 6.73 -3.21
N PRO A 217 7.23 6.07 -4.36
CA PRO A 217 7.72 4.71 -4.52
C PRO A 217 9.23 4.64 -4.76
N THR A 218 9.91 5.67 -5.24
CA THR A 218 11.26 5.74 -5.75
C THR A 218 12.14 6.58 -4.84
N TYR A 219 12.10 6.37 -3.52
CA TYR A 219 12.98 6.99 -2.57
C TYR A 219 14.38 6.41 -2.40
N GLY A 220 15.32 7.28 -2.00
CA GLY A 220 16.71 7.04 -1.68
C GLY A 220 16.87 7.10 -0.16
N ASN A 221 18.10 7.32 0.29
CA ASN A 221 18.46 7.97 1.54
C ASN A 221 17.88 9.36 1.70
N GLY A 222 17.64 9.76 2.95
CA GLY A 222 17.01 11.04 3.20
C GLY A 222 15.84 10.71 4.10
N ASP A 223 16.14 10.48 5.38
CA ASP A 223 15.13 10.25 6.39
C ASP A 223 14.50 11.60 6.71
N PRO A 224 13.17 11.62 6.89
CA PRO A 224 12.37 12.79 7.19
C PRO A 224 12.74 13.28 8.59
N GLN A 225 12.64 14.60 8.78
CA GLN A 225 12.90 15.40 9.96
C GLN A 225 11.85 15.01 10.98
N ASN A 226 10.59 14.85 10.56
CA ASN A 226 9.49 14.46 11.41
C ASN A 226 8.74 13.30 10.77
N PHE A 227 8.51 13.28 9.46
CA PHE A 227 7.54 12.47 8.75
C PHE A 227 6.19 13.19 8.81
N LYS A 228 5.65 13.55 7.65
CA LYS A 228 4.47 14.39 7.50
C LYS A 228 3.70 14.06 6.24
N LEU A 229 2.58 14.78 6.11
CA LEU A 229 1.88 14.76 4.84
C LEU A 229 2.27 16.07 4.17
N SER A 230 2.38 15.95 2.84
CA SER A 230 2.78 17.03 1.95
C SER A 230 1.52 17.54 1.25
N GLN A 231 1.67 18.67 0.58
CA GLN A 231 0.61 19.48 0.02
C GLN A 231 -0.05 18.70 -1.12
N ASP A 232 0.72 17.82 -1.75
CA ASP A 232 0.27 16.81 -2.69
C ASP A 232 -0.67 15.78 -2.07
N ASP A 233 -0.37 15.41 -0.82
CA ASP A 233 -1.03 14.34 -0.11
C ASP A 233 -2.33 14.95 0.37
N ILE A 234 -2.21 16.14 0.97
CA ILE A 234 -3.30 16.92 1.53
C ILE A 234 -4.36 17.09 0.47
N LYS A 235 -4.03 17.50 -0.76
CA LYS A 235 -4.94 17.67 -1.88
C LYS A 235 -5.48 16.36 -2.41
N GLY A 236 -4.80 15.26 -2.09
CA GLY A 236 -5.10 13.88 -2.43
C GLY A 236 -6.28 13.26 -1.68
N ILE A 237 -6.31 13.57 -0.39
CA ILE A 237 -7.34 13.23 0.58
C ILE A 237 -8.62 13.94 0.13
N GLN A 238 -8.44 15.20 -0.25
CA GLN A 238 -9.57 16.01 -0.67
C GLN A 238 -10.14 15.56 -2.00
N LYS A 239 -9.29 14.88 -2.79
CA LYS A 239 -9.74 14.33 -4.05
C LYS A 239 -10.75 13.21 -3.83
N LEU A 240 -10.73 12.56 -2.66
CA LEU A 240 -11.60 11.46 -2.32
C LEU A 240 -12.82 12.01 -1.59
N TYR A 241 -12.58 12.76 -0.52
CA TYR A 241 -13.53 13.14 0.51
C TYR A 241 -14.23 14.45 0.15
N GLY A 242 -13.74 15.22 -0.82
CA GLY A 242 -14.14 16.57 -1.09
C GLY A 242 -14.61 16.61 -2.54
N LYS A 243 -14.02 17.48 -3.35
CA LYS A 243 -14.33 17.57 -4.76
C LYS A 243 -13.27 16.75 -5.49
N ARG A 244 -13.72 15.86 -6.37
CA ARG A 244 -12.95 15.03 -7.28
C ARG A 244 -12.31 15.81 -8.41
N SER A 245 -11.22 16.49 -8.04
CA SER A 245 -10.58 17.43 -8.93
C SER A 245 -9.10 17.59 -8.64
N ASN A 246 -8.26 17.99 -9.60
CA ASN A 246 -6.85 18.31 -9.39
C ASN A 246 -6.81 19.69 -8.75
N SER A 247 -5.86 19.98 -7.87
CA SER A 247 -5.51 21.26 -7.29
C SER A 247 -4.02 21.47 -7.09
N ARG A 248 -3.22 20.95 -8.02
CA ARG A 248 -1.78 20.84 -7.83
C ARG A 248 -1.14 22.02 -8.55
N LYS A 249 -0.54 22.88 -7.72
CA LYS A 249 -0.01 24.17 -8.05
C LYS A 249 1.51 24.07 -7.96
N LYS A 250 2.22 24.06 -9.09
CA LYS A 250 3.64 24.30 -9.21
C LYS A 250 3.93 25.79 -9.28
N LEU A 3 19.86 -6.09 -10.12
CA LEU A 3 20.53 -5.29 -11.17
C LEU A 3 20.11 -3.83 -11.11
N PRO A 4 20.89 -2.82 -11.48
CA PRO A 4 20.48 -1.43 -11.45
C PRO A 4 19.42 -0.99 -12.46
N GLN A 5 19.27 -1.82 -13.49
CA GLN A 5 18.17 -1.78 -14.43
C GLN A 5 17.73 -3.24 -14.41
N GLU A 6 16.87 -3.69 -13.49
CA GLU A 6 16.32 -5.03 -13.49
C GLU A 6 15.41 -5.34 -14.67
N ALA A 7 14.79 -4.33 -15.26
CA ALA A 7 13.71 -4.33 -16.25
C ALA A 7 14.32 -4.59 -17.62
N GLY A 8 15.58 -4.21 -17.79
CA GLY A 8 16.41 -4.31 -18.97
C GLY A 8 17.16 -5.64 -18.98
N GLY A 9 17.11 -6.48 -17.94
CA GLY A 9 17.71 -7.79 -17.88
C GLY A 9 16.70 -8.93 -17.75
N MET A 10 15.46 -8.65 -18.15
CA MET A 10 14.26 -9.32 -17.69
C MET A 10 14.00 -10.73 -18.21
N SER A 11 14.17 -11.75 -17.37
CA SER A 11 14.13 -13.14 -17.73
C SER A 11 12.94 -13.78 -17.02
N GLU A 12 12.81 -15.10 -17.23
CA GLU A 12 11.76 -15.94 -16.71
C GLU A 12 11.49 -15.79 -15.22
N LEU A 13 12.48 -15.58 -14.35
CA LEU A 13 12.31 -15.49 -12.91
C LEU A 13 11.57 -14.21 -12.57
N GLN A 14 11.80 -13.17 -13.38
CA GLN A 14 11.13 -11.90 -13.19
C GLN A 14 9.78 -11.83 -13.89
N TRP A 15 9.63 -12.59 -14.99
CA TRP A 15 8.40 -12.66 -15.75
C TRP A 15 7.41 -13.62 -15.10
N GLU A 16 7.91 -14.70 -14.50
CA GLU A 16 7.25 -15.55 -13.53
C GLU A 16 6.72 -14.71 -12.37
N GLN A 17 7.58 -14.01 -11.63
CA GLN A 17 7.21 -13.13 -10.53
C GLN A 17 6.25 -12.01 -10.90
N ALA A 18 6.28 -11.52 -12.14
CA ALA A 18 5.58 -10.30 -12.54
C ALA A 18 4.11 -10.60 -12.76
N GLN A 19 3.80 -11.82 -13.21
CA GLN A 19 2.49 -12.42 -13.17
C GLN A 19 2.11 -12.72 -11.73
N ASP A 20 2.97 -13.41 -10.96
CA ASP A 20 2.70 -13.84 -9.61
C ASP A 20 2.26 -12.70 -8.70
N TYR A 21 2.80 -11.49 -8.81
CA TYR A 21 2.50 -10.32 -8.02
C TYR A 21 1.07 -9.83 -8.22
N LEU A 22 0.71 -9.88 -9.50
CA LEU A 22 -0.57 -9.40 -9.98
C LEU A 22 -1.67 -10.37 -9.53
N LYS A 23 -1.55 -11.69 -9.68
CA LYS A 23 -2.44 -12.68 -9.11
C LYS A 23 -2.84 -12.48 -7.66
N ARG A 24 -1.89 -12.03 -6.84
CA ARG A 24 -2.02 -11.64 -5.46
C ARG A 24 -2.92 -10.45 -5.20
N PHE A 25 -3.11 -9.58 -6.20
CA PHE A 25 -3.90 -8.40 -5.91
C PHE A 25 -5.30 -8.68 -6.45
N TYR A 26 -5.40 -9.29 -7.63
CA TYR A 26 -6.74 -9.46 -8.17
C TYR A 26 -7.44 -10.70 -7.61
N LEU A 27 -6.79 -11.49 -6.76
CA LEU A 27 -7.16 -12.81 -6.28
C LEU A 27 -7.25 -13.77 -7.46
N TYR A 28 -7.98 -13.53 -8.54
CA TYR A 28 -7.83 -14.30 -9.77
C TYR A 28 -8.18 -13.30 -10.85
N ASP A 29 -7.48 -13.41 -11.99
CA ASP A 29 -7.63 -12.55 -13.15
C ASP A 29 -7.38 -13.33 -14.43
N SER A 30 -8.40 -13.39 -15.29
CA SER A 30 -8.33 -14.09 -16.56
C SER A 30 -7.46 -13.40 -17.60
N GLU A 31 -6.97 -12.17 -17.39
CA GLU A 31 -6.13 -11.43 -18.31
C GLU A 31 -4.68 -11.73 -17.93
N THR A 32 -4.37 -11.96 -16.65
CA THR A 32 -3.10 -12.40 -16.09
C THR A 32 -2.76 -13.85 -16.40
N LYS A 33 -3.62 -14.50 -17.19
CA LYS A 33 -3.65 -15.81 -17.81
C LYS A 33 -3.40 -15.59 -19.28
N ASN A 34 -2.33 -16.18 -19.84
CA ASN A 34 -1.90 -16.11 -21.22
C ASN A 34 -0.88 -14.99 -21.33
N ALA A 35 0.27 -15.29 -21.94
CA ALA A 35 1.43 -14.44 -22.10
C ALA A 35 1.20 -13.15 -22.85
N ASN A 36 0.46 -13.16 -23.96
CA ASN A 36 0.09 -12.02 -24.77
C ASN A 36 -0.83 -11.12 -23.97
N SER A 37 -1.59 -11.63 -22.99
CA SER A 37 -2.60 -10.83 -22.33
C SER A 37 -1.94 -10.14 -21.14
N LEU A 38 -1.00 -10.81 -20.46
CA LEU A 38 -0.09 -10.28 -19.48
C LEU A 38 0.86 -9.26 -20.09
N GLU A 39 1.45 -9.46 -21.27
CA GLU A 39 2.30 -8.49 -21.92
C GLU A 39 1.66 -7.12 -22.02
N ALA A 40 0.38 -7.03 -22.37
CA ALA A 40 -0.28 -5.73 -22.47
C ALA A 40 -0.51 -5.13 -21.09
N LYS A 41 -0.72 -5.95 -20.05
CA LYS A 41 -0.92 -5.46 -18.70
C LYS A 41 0.37 -4.93 -18.07
N LEU A 42 1.47 -5.68 -18.09
CA LEU A 42 2.80 -5.30 -17.65
C LEU A 42 3.33 -4.01 -18.27
N LYS A 43 3.12 -3.71 -19.55
CA LYS A 43 3.43 -2.49 -20.26
C LYS A 43 2.70 -1.30 -19.66
N GLU A 44 1.50 -1.52 -19.11
CA GLU A 44 0.64 -0.52 -18.53
C GLU A 44 1.12 -0.18 -17.13
N MET A 45 1.69 -1.09 -16.33
CA MET A 45 1.97 -1.08 -14.91
C MET A 45 2.62 0.15 -14.30
N GLN A 46 3.58 0.78 -14.98
CA GLN A 46 4.30 1.92 -14.47
C GLN A 46 3.41 3.12 -14.11
N LYS A 47 2.24 3.28 -14.71
CA LYS A 47 1.29 4.36 -14.52
C LYS A 47 0.63 4.28 -13.15
N PHE A 48 0.35 3.08 -12.66
CA PHE A 48 -0.24 2.87 -11.35
C PHE A 48 0.75 2.95 -10.19
N PHE A 49 2.00 2.92 -10.65
CA PHE A 49 3.12 3.35 -9.84
C PHE A 49 3.43 4.82 -10.11
N GLY A 50 2.58 5.63 -10.73
CA GLY A 50 2.67 7.07 -10.62
C GLY A 50 3.30 7.73 -11.84
N LEU A 51 4.14 7.00 -12.58
CA LEU A 51 5.05 7.54 -13.56
C LEU A 51 4.31 8.03 -14.80
N PRO A 52 4.74 9.07 -15.53
CA PRO A 52 4.22 9.43 -16.83
C PRO A 52 4.54 8.43 -17.92
N ILE A 53 5.48 7.48 -17.73
CA ILE A 53 6.04 6.64 -18.76
C ILE A 53 5.41 5.27 -18.61
N THR A 54 4.55 4.97 -19.59
CA THR A 54 3.75 3.76 -19.65
C THR A 54 3.57 3.33 -21.09
N GLY A 55 3.51 2.01 -21.22
CA GLY A 55 3.70 1.32 -22.48
C GLY A 55 4.98 0.51 -22.56
N MET A 56 5.83 0.63 -21.54
CA MET A 56 7.07 -0.10 -21.34
C MET A 56 7.27 -0.48 -19.88
N LEU A 57 8.16 -1.46 -19.66
CA LEU A 57 8.72 -1.84 -18.39
C LEU A 57 10.18 -1.46 -18.55
N ASN A 58 10.62 -0.43 -17.82
CA ASN A 58 11.91 0.19 -18.03
C ASN A 58 12.42 0.84 -16.76
N SER A 59 11.50 1.03 -15.80
CA SER A 59 11.80 1.60 -14.51
C SER A 59 11.92 0.61 -13.36
N ARG A 60 12.16 1.04 -12.12
CA ARG A 60 12.54 0.34 -10.91
C ARG A 60 11.44 -0.63 -10.54
N VAL A 61 10.26 -0.59 -11.16
CA VAL A 61 9.05 -1.37 -10.99
C VAL A 61 9.36 -2.83 -10.65
N ILE A 62 9.99 -3.58 -11.56
CA ILE A 62 10.35 -4.98 -11.48
C ILE A 62 11.33 -5.31 -10.38
N GLU A 63 12.04 -4.26 -9.95
CA GLU A 63 13.13 -4.34 -9.00
C GLU A 63 12.53 -4.26 -7.60
N ILE A 64 11.76 -3.22 -7.31
CA ILE A 64 11.10 -2.86 -6.07
C ILE A 64 9.90 -3.75 -5.81
N MET A 65 9.40 -4.45 -6.83
CA MET A 65 8.44 -5.55 -6.82
C MET A 65 9.03 -6.79 -6.18
N GLN A 66 10.34 -6.99 -6.20
CA GLN A 66 11.08 -8.06 -5.56
C GLN A 66 11.11 -7.81 -4.06
N LYS A 67 11.18 -6.56 -3.59
CA LYS A 67 11.21 -6.32 -2.16
C LYS A 67 9.81 -6.30 -1.59
N PRO A 68 9.55 -6.59 -0.32
CA PRO A 68 8.19 -6.43 0.17
C PRO A 68 7.80 -4.96 0.29
N ARG A 69 6.74 -4.51 -0.38
CA ARG A 69 6.40 -3.09 -0.44
C ARG A 69 4.90 -2.89 -0.57
N CYS A 70 4.13 -3.75 -1.23
CA CYS A 70 2.74 -3.56 -1.58
C CYS A 70 2.08 -4.92 -1.70
N GLY A 71 1.15 -5.31 -0.81
CA GLY A 71 0.21 -6.39 -0.99
C GLY A 71 -1.26 -5.95 -1.00
N VAL A 72 -1.53 -4.80 -0.38
CA VAL A 72 -2.77 -4.07 -0.51
C VAL A 72 -2.71 -3.29 -1.81
N PRO A 73 -3.71 -3.55 -2.66
CA PRO A 73 -3.69 -3.26 -4.08
C PRO A 73 -3.60 -1.79 -4.39
N ASP A 74 -3.01 -1.38 -5.51
CA ASP A 74 -3.09 -0.12 -6.24
C ASP A 74 -4.31 -0.11 -7.15
N VAL A 75 -4.49 -1.25 -7.82
CA VAL A 75 -5.58 -1.58 -8.71
C VAL A 75 -6.03 -2.98 -8.32
N ALA A 76 -7.32 -3.25 -8.06
CA ALA A 76 -7.88 -4.55 -7.78
C ALA A 76 -9.32 -4.66 -8.27
N GLU A 77 -9.67 -5.87 -8.70
CA GLU A 77 -11.00 -6.32 -9.07
C GLU A 77 -11.34 -7.58 -8.29
N TYR A 78 -12.41 -7.57 -7.50
CA TYR A 78 -12.86 -8.81 -6.90
C TYR A 78 -14.36 -8.96 -6.72
N SER A 79 -14.91 -10.11 -6.27
CA SER A 79 -16.28 -10.50 -6.08
C SER A 79 -16.70 -10.13 -4.67
N LEU A 80 -18.01 -10.11 -4.39
CA LEU A 80 -18.71 -9.66 -3.20
C LEU A 80 -18.82 -8.15 -3.03
N PHE A 81 -17.77 -7.37 -3.26
CA PHE A 81 -17.81 -5.93 -3.30
C PHE A 81 -16.66 -5.41 -4.15
N PRO A 82 -16.72 -4.20 -4.73
CA PRO A 82 -15.55 -3.59 -5.33
C PRO A 82 -14.49 -3.02 -4.41
N ASN A 83 -13.28 -2.86 -4.95
CA ASN A 83 -12.10 -2.20 -4.42
C ASN A 83 -12.33 -0.71 -4.55
N SER A 84 -13.02 -0.16 -3.54
CA SER A 84 -13.54 1.19 -3.49
C SER A 84 -13.75 1.58 -2.03
N PRO A 85 -13.71 2.88 -1.73
CA PRO A 85 -13.92 3.30 -0.35
C PRO A 85 -15.38 3.65 -0.09
N LYS A 86 -15.84 3.53 1.15
CA LYS A 86 -17.21 3.70 1.64
C LYS A 86 -17.14 3.51 3.15
N TRP A 87 -16.86 4.58 3.89
CA TRP A 87 -16.97 4.72 5.32
C TRP A 87 -18.13 5.70 5.41
N THR A 88 -19.28 5.16 5.83
CA THR A 88 -20.54 5.88 5.85
C THR A 88 -20.64 6.71 7.12
N SER A 89 -19.93 6.37 8.20
CA SER A 89 -19.91 7.12 9.45
C SER A 89 -18.75 8.09 9.43
N LYS A 90 -18.83 9.16 10.23
CA LYS A 90 -18.00 10.35 10.26
C LYS A 90 -17.08 10.19 11.45
N VAL A 91 -17.47 9.28 12.34
CA VAL A 91 -16.66 8.71 13.41
C VAL A 91 -16.71 7.21 13.16
N VAL A 92 -15.55 6.66 12.80
CA VAL A 92 -15.21 5.26 12.63
C VAL A 92 -14.31 4.95 13.81
N THR A 93 -14.14 3.65 14.08
CA THR A 93 -13.20 3.05 15.02
C THR A 93 -12.09 2.32 14.30
N TYR A 94 -10.94 2.34 14.98
CA TYR A 94 -9.78 1.50 14.75
C TYR A 94 -9.37 0.76 16.01
N ARG A 95 -8.77 -0.43 15.80
CA ARG A 95 -8.06 -1.17 16.82
C ARG A 95 -6.99 -2.06 16.19
N ILE A 96 -5.88 -2.18 16.91
CA ILE A 96 -4.73 -3.03 16.66
C ILE A 96 -5.00 -4.27 17.51
N VAL A 97 -5.75 -5.17 16.88
CA VAL A 97 -6.24 -6.36 17.56
C VAL A 97 -5.15 -7.42 17.58
N SER A 98 -4.10 -7.26 16.78
CA SER A 98 -2.86 -8.01 16.77
C SER A 98 -1.69 -7.11 16.44
N TYR A 99 -0.46 -7.50 16.81
CA TYR A 99 0.84 -6.87 16.68
C TYR A 99 1.78 -8.04 16.42
N THR A 100 2.98 -7.66 15.99
CA THR A 100 4.09 -8.57 15.75
C THR A 100 4.91 -8.79 17.02
N ARG A 101 5.31 -10.04 17.19
CA ARG A 101 5.82 -10.64 18.42
C ARG A 101 7.26 -10.17 18.65
N ASP A 102 7.98 -9.67 17.64
CA ASP A 102 9.28 -9.06 17.85
C ASP A 102 9.18 -7.80 18.68
N LEU A 103 8.07 -7.06 18.75
CA LEU A 103 7.87 -5.78 19.40
C LEU A 103 6.88 -6.01 20.54
N PRO A 104 6.79 -5.08 21.50
CA PRO A 104 5.71 -4.94 22.45
C PRO A 104 4.54 -4.30 21.71
N HIS A 105 3.33 -4.29 22.27
CA HIS A 105 2.08 -4.00 21.61
C HIS A 105 2.05 -2.51 21.28
N ILE A 106 2.53 -1.72 22.24
CA ILE A 106 2.50 -0.27 22.29
C ILE A 106 3.17 0.40 21.11
N THR A 107 4.21 -0.25 20.56
CA THR A 107 4.94 0.28 19.42
C THR A 107 4.03 0.41 18.21
N VAL A 108 3.45 -0.73 17.82
CA VAL A 108 2.53 -0.93 16.71
C VAL A 108 1.27 -0.11 16.90
N ASP A 109 0.78 -0.09 18.15
CA ASP A 109 -0.47 0.55 18.51
C ASP A 109 -0.35 2.06 18.48
N ARG A 110 0.73 2.62 19.03
CA ARG A 110 0.95 4.03 18.77
C ARG A 110 1.39 4.41 17.35
N LEU A 111 2.18 3.64 16.60
CA LEU A 111 2.68 3.84 15.26
C LEU A 111 1.52 3.75 14.27
N VAL A 112 0.57 2.83 14.36
CA VAL A 112 -0.67 2.72 13.59
C VAL A 112 -1.56 3.92 13.87
N SER A 113 -1.53 4.58 15.03
CA SER A 113 -2.32 5.74 15.41
C SER A 113 -1.78 7.00 14.74
N LYS A 114 -0.45 7.10 14.63
CA LYS A 114 0.25 8.19 13.98
C LYS A 114 -0.08 8.28 12.50
N ALA A 115 -0.29 7.10 11.92
CA ALA A 115 -0.39 6.75 10.51
C ALA A 115 -1.85 7.09 10.23
N LEU A 116 -2.82 6.65 11.03
CA LEU A 116 -4.21 6.99 10.79
C LEU A 116 -4.51 8.48 10.98
N ASN A 117 -3.82 9.23 11.84
CA ASN A 117 -4.03 10.67 11.92
C ASN A 117 -3.40 11.43 10.76
N MET A 118 -2.45 10.89 10.01
CA MET A 118 -1.73 11.53 8.91
C MET A 118 -2.65 11.81 7.73
N TRP A 119 -3.62 10.94 7.46
CA TRP A 119 -4.71 11.17 6.52
C TRP A 119 -6.00 11.65 7.16
N GLY A 120 -6.24 11.42 8.45
CA GLY A 120 -7.56 11.73 8.97
C GLY A 120 -7.81 13.16 9.41
N LYS A 121 -6.69 13.78 9.80
CA LYS A 121 -6.53 15.22 9.91
C LYS A 121 -6.62 16.02 8.62
N GLU A 122 -6.69 15.31 7.50
CA GLU A 122 -6.79 15.79 6.13
C GLU A 122 -8.05 15.34 5.41
N ILE A 123 -9.02 14.70 6.07
CA ILE A 123 -10.31 14.27 5.55
C ILE A 123 -11.39 14.53 6.58
N PRO A 124 -12.68 14.62 6.24
CA PRO A 124 -13.74 14.83 7.21
C PRO A 124 -14.15 13.49 7.83
N LEU A 125 -13.27 12.70 8.44
CA LEU A 125 -13.53 11.42 9.07
C LEU A 125 -12.55 11.25 10.22
N HIS A 126 -12.97 11.04 11.47
CA HIS A 126 -12.16 10.86 12.66
C HIS A 126 -12.08 9.35 12.80
N PHE A 127 -10.92 8.73 13.04
CA PHE A 127 -10.76 7.35 13.45
C PHE A 127 -10.60 7.38 14.96
N ARG A 128 -11.44 6.70 15.73
CA ARG A 128 -11.54 6.81 17.17
C ARG A 128 -11.07 5.49 17.78
N LYS A 129 -10.20 5.58 18.78
CA LYS A 129 -9.71 4.33 19.35
C LYS A 129 -10.75 3.78 20.32
N VAL A 130 -10.97 2.47 20.19
CA VAL A 130 -11.58 1.61 21.18
C VAL A 130 -10.50 0.65 21.61
N VAL A 131 -10.74 0.19 22.83
CA VAL A 131 -10.00 -0.81 23.59
C VAL A 131 -10.98 -1.90 24.01
N TRP A 132 -11.92 -2.24 23.13
CA TRP A 132 -13.03 -3.15 23.32
C TRP A 132 -13.57 -3.59 21.97
N GLY A 133 -13.95 -4.86 22.05
CA GLY A 133 -14.14 -5.87 21.02
C GLY A 133 -13.56 -5.59 19.64
N THR A 134 -14.53 -5.62 18.72
CA THR A 134 -14.26 -5.38 17.31
C THR A 134 -14.13 -3.89 17.09
N ALA A 135 -13.46 -3.44 16.02
CA ALA A 135 -13.55 -2.06 15.58
C ALA A 135 -13.72 -2.12 14.06
N ASP A 136 -13.80 -0.99 13.37
CA ASP A 136 -14.21 -0.83 11.98
C ASP A 136 -13.07 -1.28 11.09
N ILE A 137 -11.93 -0.69 11.46
CA ILE A 137 -10.65 -1.02 10.89
C ILE A 137 -9.95 -1.80 11.98
N MET A 138 -9.69 -3.08 11.67
CA MET A 138 -9.08 -4.06 12.54
C MET A 138 -7.75 -4.42 11.89
N ILE A 139 -6.63 -4.05 12.52
CA ILE A 139 -5.27 -4.26 12.07
C ILE A 139 -4.67 -5.39 12.91
N GLY A 140 -4.34 -6.52 12.26
CA GLY A 140 -3.66 -7.68 12.82
C GLY A 140 -2.41 -8.12 12.07
N PHE A 141 -1.62 -8.95 12.77
CA PHE A 141 -0.43 -9.58 12.24
C PHE A 141 -0.58 -11.09 12.23
N ALA A 142 -0.20 -11.69 11.10
CA ALA A 142 -0.42 -13.10 10.86
C ALA A 142 0.65 -13.60 9.88
N ARG A 143 0.46 -14.88 9.56
CA ARG A 143 0.82 -15.52 8.31
C ARG A 143 -0.50 -15.65 7.58
N GLY A 144 -0.40 -15.68 6.25
CA GLY A 144 -1.43 -15.33 5.30
C GLY A 144 -2.31 -16.50 4.87
N ALA A 145 -2.10 -17.75 5.27
CA ALA A 145 -2.83 -18.95 4.90
C ALA A 145 -3.84 -19.31 5.98
N HIS A 146 -4.06 -18.40 6.92
CA HIS A 146 -5.06 -18.40 7.98
C HIS A 146 -6.51 -18.32 7.57
N GLY A 147 -6.85 -18.73 6.35
CA GLY A 147 -8.15 -18.73 5.72
C GLY A 147 -8.17 -18.14 4.31
N ASP A 148 -7.05 -17.64 3.80
CA ASP A 148 -6.91 -16.83 2.61
C ASP A 148 -5.90 -17.46 1.67
N SER A 149 -5.99 -17.25 0.36
CA SER A 149 -5.10 -17.84 -0.64
C SER A 149 -3.95 -16.83 -0.73
N TYR A 150 -2.73 -17.38 -0.76
CA TYR A 150 -1.47 -16.74 -1.07
C TYR A 150 -0.74 -16.55 0.27
N PRO A 151 0.45 -17.07 0.53
CA PRO A 151 1.19 -16.78 1.74
C PRO A 151 1.90 -15.44 1.64
N PHE A 152 2.30 -14.93 2.80
CA PHE A 152 3.12 -13.77 3.06
C PHE A 152 4.62 -13.96 2.94
N ASP A 153 5.05 -15.23 3.05
CA ASP A 153 6.35 -15.75 2.72
C ASP A 153 7.28 -16.13 3.86
N GLY A 154 7.10 -15.46 5.02
CA GLY A 154 8.23 -15.40 5.93
C GLY A 154 8.81 -14.00 5.72
N PRO A 155 10.05 -13.75 6.11
CA PRO A 155 10.70 -12.49 5.81
C PRO A 155 11.14 -12.56 4.35
N GLY A 156 11.02 -11.49 3.56
CA GLY A 156 11.08 -11.48 2.11
C GLY A 156 9.82 -10.93 1.45
N ASN A 157 9.62 -11.23 0.16
CA ASN A 157 8.66 -10.71 -0.80
C ASN A 157 7.25 -10.62 -0.23
N THR A 158 6.58 -9.47 -0.33
CA THR A 158 5.32 -9.17 0.30
C THR A 158 5.25 -9.16 1.83
N LEU A 159 4.25 -8.39 2.27
CA LEU A 159 3.96 -7.89 3.59
C LEU A 159 2.53 -7.81 4.11
N ALA A 160 1.48 -8.03 3.32
CA ALA A 160 0.12 -7.88 3.81
C ALA A 160 -0.93 -8.44 2.86
N HIS A 161 -2.19 -8.40 3.29
CA HIS A 161 -3.44 -8.36 2.55
C HIS A 161 -4.52 -7.51 3.19
N ALA A 162 -5.48 -6.96 2.44
CA ALA A 162 -6.67 -6.30 2.94
C ALA A 162 -7.82 -6.56 1.99
N PHE A 163 -9.05 -6.36 2.47
CA PHE A 163 -10.19 -6.01 1.65
C PHE A 163 -10.51 -4.55 1.91
N ALA A 164 -11.01 -3.83 0.90
CA ALA A 164 -11.39 -2.42 0.94
C ALA A 164 -12.45 -2.09 1.97
N PRO A 165 -12.62 -0.84 2.39
CA PRO A 165 -13.75 -0.32 3.12
C PRO A 165 -15.14 -0.85 2.76
N GLY A 166 -15.85 -1.38 3.77
CA GLY A 166 -17.09 -2.13 3.73
C GLY A 166 -17.47 -2.42 5.18
N THR A 167 -18.74 -2.75 5.45
CA THR A 167 -19.15 -3.30 6.72
C THR A 167 -18.65 -4.74 6.76
N GLY A 168 -18.08 -5.21 7.86
CA GLY A 168 -17.60 -6.57 8.01
C GLY A 168 -16.09 -6.61 7.90
N LEU A 169 -15.60 -7.54 7.07
CA LEU A 169 -14.24 -7.78 6.65
C LEU A 169 -13.49 -6.67 5.93
N GLY A 170 -14.19 -5.60 5.56
CA GLY A 170 -13.53 -4.53 4.84
C GLY A 170 -13.00 -3.46 5.78
N GLY A 171 -11.82 -2.90 5.49
CA GLY A 171 -11.19 -1.90 6.32
C GLY A 171 -9.90 -2.42 6.93
N ASP A 172 -9.92 -3.76 6.97
CA ASP A 172 -9.14 -4.52 7.93
C ASP A 172 -7.95 -5.06 7.15
N ALA A 173 -6.74 -5.09 7.72
CA ALA A 173 -5.51 -5.46 7.04
C ALA A 173 -4.68 -6.33 7.97
N HIS A 174 -4.24 -7.46 7.41
CA HIS A 174 -3.45 -8.46 8.10
C HIS A 174 -2.04 -8.33 7.54
N PHE A 175 -1.00 -8.25 8.37
CA PHE A 175 0.37 -8.00 7.94
C PHE A 175 1.25 -9.18 8.30
N ASP A 176 2.39 -9.29 7.62
CA ASP A 176 3.36 -10.35 7.73
C ASP A 176 4.16 -10.27 9.03
N GLU A 177 3.89 -11.13 10.01
CA GLU A 177 4.37 -11.22 11.37
C GLU A 177 5.79 -11.74 11.46
N ASP A 178 6.28 -12.47 10.45
CA ASP A 178 7.62 -12.99 10.35
C ASP A 178 8.62 -12.02 9.74
N GLU A 179 8.15 -11.01 9.02
CA GLU A 179 8.94 -9.94 8.44
C GLU A 179 9.54 -9.10 9.57
N ARG A 180 10.75 -8.59 9.31
CA ARG A 180 11.42 -7.87 10.37
C ARG A 180 11.08 -6.39 10.23
N TRP A 181 10.53 -5.69 11.22
CA TRP A 181 9.95 -4.36 11.25
C TRP A 181 10.73 -3.44 12.18
N THR A 182 10.75 -2.12 11.95
CA THR A 182 11.34 -1.10 12.79
C THR A 182 10.71 0.25 12.48
N ASP A 183 11.12 1.23 13.30
CA ASP A 183 10.93 2.66 13.25
C ASP A 183 12.32 3.26 13.45
N GLY A 184 12.76 3.31 14.71
CA GLY A 184 13.98 3.99 15.09
C GLY A 184 15.27 3.19 14.88
N SER A 185 15.21 1.88 15.16
CA SER A 185 16.41 1.07 15.30
C SER A 185 16.91 0.66 13.91
N SER A 186 16.23 0.94 12.81
CA SER A 186 16.69 0.87 11.43
C SER A 186 17.32 -0.42 10.93
N LEU A 187 16.78 -1.53 11.44
CA LEU A 187 17.23 -2.89 11.18
C LEU A 187 16.25 -3.65 10.29
N GLY A 188 14.99 -3.23 10.21
CA GLY A 188 13.92 -3.91 9.52
C GLY A 188 13.25 -2.97 8.53
N ILE A 189 12.11 -3.28 7.90
CA ILE A 189 11.39 -2.27 7.15
C ILE A 189 10.66 -1.29 8.08
N ASN A 190 10.71 -0.01 7.68
CA ASN A 190 10.00 1.09 8.30
C ASN A 190 8.50 0.87 8.36
N PHE A 191 8.00 1.02 9.59
CA PHE A 191 6.60 0.81 9.89
C PHE A 191 5.62 1.80 9.29
N LEU A 192 5.89 3.10 9.44
CA LEU A 192 5.12 4.22 8.94
C LEU A 192 5.01 4.18 7.42
N TYR A 193 6.13 3.89 6.75
CA TYR A 193 6.15 3.75 5.31
C TYR A 193 5.23 2.66 4.79
N ALA A 194 5.04 1.59 5.56
CA ALA A 194 4.13 0.58 5.06
C ALA A 194 2.71 0.94 5.47
N ALA A 195 2.50 1.66 6.57
CA ALA A 195 1.19 2.09 7.01
C ALA A 195 0.59 3.20 6.17
N THR A 196 1.40 4.14 5.67
CA THR A 196 0.95 5.29 4.91
C THR A 196 0.48 4.78 3.55
N HIS A 197 1.23 3.86 2.93
CA HIS A 197 0.93 3.29 1.64
C HIS A 197 -0.34 2.43 1.72
N ALA A 198 -0.47 1.61 2.77
CA ALA A 198 -1.61 0.72 2.80
C ALA A 198 -2.94 1.24 3.32
N LEU A 199 -2.94 2.22 4.22
CA LEU A 199 -4.07 3.09 4.49
C LEU A 199 -4.31 4.13 3.40
N GLY A 200 -3.34 4.39 2.52
CA GLY A 200 -3.51 5.46 1.55
C GLY A 200 -4.32 5.09 0.31
N HIS A 201 -3.94 4.00 -0.36
CA HIS A 201 -4.76 3.34 -1.36
C HIS A 201 -6.12 2.94 -0.79
N SER A 202 -6.23 2.65 0.50
CA SER A 202 -7.52 2.36 1.12
C SER A 202 -8.52 3.49 0.94
N LEU A 203 -8.04 4.74 0.97
CA LEU A 203 -8.96 5.83 0.84
C LEU A 203 -9.01 6.19 -0.64
N GLY A 204 -8.00 5.80 -1.41
CA GLY A 204 -7.85 5.89 -2.84
C GLY A 204 -6.78 6.78 -3.44
N MET A 205 -5.83 7.06 -2.53
CA MET A 205 -4.63 7.86 -2.68
C MET A 205 -3.58 6.98 -3.34
N GLY A 206 -2.91 7.55 -4.35
CA GLY A 206 -2.02 6.91 -5.29
C GLY A 206 -0.64 7.56 -5.43
N HIS A 207 0.27 6.96 -6.19
CA HIS A 207 1.68 7.31 -6.23
C HIS A 207 1.98 8.47 -7.16
N SER A 208 3.02 9.25 -6.85
CA SER A 208 3.64 10.22 -7.73
C SER A 208 5.15 9.99 -7.74
N SER A 209 5.77 10.24 -8.89
CA SER A 209 7.18 10.13 -9.20
C SER A 209 8.04 11.33 -8.81
N ASP A 210 7.50 12.29 -8.05
CA ASP A 210 8.16 13.36 -7.33
C ASP A 210 8.64 12.92 -5.96
N PRO A 211 9.92 12.90 -5.59
CA PRO A 211 10.36 12.75 -4.22
C PRO A 211 9.79 13.64 -3.12
N ASN A 212 9.08 14.72 -3.43
CA ASN A 212 8.36 15.50 -2.44
C ASN A 212 7.21 14.72 -1.83
N ALA A 213 6.52 13.88 -2.61
CA ALA A 213 5.28 13.18 -2.36
C ALA A 213 5.46 12.17 -1.24
N VAL A 214 4.58 12.16 -0.23
CA VAL A 214 4.56 11.15 0.82
C VAL A 214 4.40 9.70 0.41
N MET A 215 3.84 9.41 -0.77
CA MET A 215 3.69 8.06 -1.28
C MET A 215 4.52 7.80 -2.54
N TYR A 216 5.63 8.53 -2.55
CA TYR A 216 6.71 8.33 -3.50
C TYR A 216 7.33 6.95 -3.37
N PRO A 217 7.21 6.03 -4.33
CA PRO A 217 7.44 4.62 -4.12
C PRO A 217 8.94 4.31 -4.06
N THR A 218 9.75 4.87 -4.94
CA THR A 218 11.18 4.64 -5.05
C THR A 218 11.86 5.61 -4.08
N TYR A 219 11.43 5.63 -2.82
CA TYR A 219 11.90 6.37 -1.67
C TYR A 219 13.40 6.22 -1.43
N GLY A 220 14.05 7.22 -0.86
CA GLY A 220 15.47 7.12 -0.52
C GLY A 220 16.27 8.39 -0.78
N ASN A 221 15.66 9.48 -1.24
CA ASN A 221 16.27 10.71 -1.70
C ASN A 221 16.80 11.44 -0.48
N GLY A 222 15.96 11.84 0.48
CA GLY A 222 16.26 12.39 1.78
C GLY A 222 15.45 11.68 2.86
N ASP A 223 15.79 11.84 4.15
CA ASP A 223 15.23 11.06 5.24
C ASP A 223 14.33 11.95 6.08
N PRO A 224 12.99 11.82 6.03
CA PRO A 224 12.13 12.65 6.86
C PRO A 224 12.15 12.14 8.29
N GLN A 225 12.35 13.09 9.20
CA GLN A 225 12.57 12.88 10.62
C GLN A 225 11.27 12.87 11.42
N ASN A 226 10.15 13.31 10.82
CA ASN A 226 8.80 13.27 11.32
C ASN A 226 7.91 12.62 10.28
N PHE A 227 7.97 12.91 8.98
CA PHE A 227 7.18 12.38 7.88
C PHE A 227 5.97 13.29 7.80
N LYS A 228 5.63 13.78 6.61
CA LYS A 228 4.47 14.62 6.41
C LYS A 228 4.08 14.58 4.94
N LEU A 229 2.84 14.97 4.66
CA LEU A 229 2.24 15.18 3.35
C LEU A 229 2.94 16.32 2.64
N SER A 230 3.12 16.31 1.32
CA SER A 230 3.55 17.51 0.63
C SER A 230 2.33 18.39 0.35
N GLN A 231 2.58 19.57 -0.23
CA GLN A 231 1.58 20.50 -0.71
C GLN A 231 0.72 19.97 -1.84
N ASP A 232 1.26 19.14 -2.73
CA ASP A 232 0.53 18.45 -3.78
C ASP A 232 -0.42 17.41 -3.19
N ASP A 233 0.06 16.77 -2.11
CA ASP A 233 -0.66 15.72 -1.42
C ASP A 233 -1.87 16.19 -0.65
N ILE A 234 -1.87 17.41 -0.11
CA ILE A 234 -2.89 18.23 0.53
C ILE A 234 -3.86 18.73 -0.53
N LYS A 235 -3.44 19.00 -1.78
CA LYS A 235 -4.26 19.30 -2.93
C LYS A 235 -4.84 18.06 -3.61
N GLY A 236 -4.28 16.91 -3.26
CA GLY A 236 -4.58 15.61 -3.83
C GLY A 236 -5.61 14.92 -2.94
N ILE A 237 -5.49 15.05 -1.61
CA ILE A 237 -6.29 14.32 -0.66
C ILE A 237 -7.72 14.86 -0.63
N GLN A 238 -7.86 16.15 -0.91
CA GLN A 238 -9.14 16.81 -1.10
C GLN A 238 -9.93 16.31 -2.31
N LYS A 239 -9.26 15.75 -3.32
CA LYS A 239 -9.93 15.40 -4.55
C LYS A 239 -10.68 14.08 -4.36
N LEU A 240 -10.38 13.33 -3.31
CA LEU A 240 -11.04 12.06 -3.08
C LEU A 240 -12.35 12.38 -2.38
N TYR A 241 -12.46 13.49 -1.64
CA TYR A 241 -13.67 14.04 -1.04
C TYR A 241 -14.21 15.16 -1.92
N GLY A 242 -13.67 15.36 -3.11
CA GLY A 242 -14.01 16.49 -3.95
C GLY A 242 -14.29 16.11 -5.39
N LYS A 243 -14.26 17.07 -6.32
CA LYS A 243 -14.23 16.81 -7.74
C LYS A 243 -12.80 16.47 -8.17
N ARG A 244 -12.66 15.55 -9.13
CA ARG A 244 -11.38 15.19 -9.71
C ARG A 244 -10.96 16.29 -10.66
N SER A 245 -10.34 17.35 -10.11
CA SER A 245 -9.74 18.43 -10.86
C SER A 245 -8.24 18.54 -10.71
N ASN A 246 -7.49 18.65 -11.81
CA ASN A 246 -6.04 18.69 -11.93
C ASN A 246 -5.57 20.04 -11.42
N SER A 247 -4.46 20.06 -10.68
CA SER A 247 -3.82 21.17 -9.99
C SER A 247 -2.31 21.08 -10.14
N ARG A 248 -1.84 20.58 -11.28
CA ARG A 248 -0.45 20.66 -11.69
C ARG A 248 -0.34 21.52 -12.93
N LYS A 249 0.70 22.34 -13.03
CA LYS A 249 1.21 23.00 -14.22
C LYS A 249 2.57 22.46 -14.63
N LYS A 250 2.91 22.46 -15.92
CA LYS A 250 3.97 21.66 -16.50
C LYS A 250 4.59 22.39 -17.68
N LEU A 3 19.68 -8.03 -12.89
CA LEU A 3 20.31 -7.72 -14.19
C LEU A 3 20.57 -6.23 -14.14
N PRO A 4 21.55 -5.72 -14.89
CA PRO A 4 21.94 -4.34 -14.69
C PRO A 4 20.97 -3.39 -15.40
N GLN A 5 20.52 -3.64 -16.63
CA GLN A 5 19.18 -3.26 -17.04
C GLN A 5 18.28 -4.42 -16.67
N GLU A 6 17.35 -4.26 -15.72
CA GLU A 6 16.26 -5.20 -15.53
C GLU A 6 15.13 -4.99 -16.52
N ALA A 7 14.55 -3.79 -16.62
CA ALA A 7 13.49 -3.36 -17.52
C ALA A 7 13.86 -3.51 -18.98
N GLY A 8 15.14 -3.18 -19.20
CA GLY A 8 15.66 -3.14 -20.55
C GLY A 8 16.23 -4.48 -21.01
N GLY A 9 16.44 -5.40 -20.06
CA GLY A 9 16.79 -6.79 -20.29
C GLY A 9 15.73 -7.78 -19.89
N MET A 10 14.48 -7.30 -19.97
CA MET A 10 13.32 -7.98 -19.47
C MET A 10 13.08 -9.23 -20.32
N SER A 11 13.07 -10.33 -19.54
CA SER A 11 12.87 -11.68 -20.03
C SER A 11 11.62 -12.27 -19.40
N GLU A 12 11.32 -13.50 -19.81
CA GLU A 12 10.18 -14.31 -19.43
C GLU A 12 9.95 -14.44 -17.93
N LEU A 13 11.06 -14.58 -17.21
CA LEU A 13 11.09 -14.72 -15.77
C LEU A 13 10.65 -13.48 -15.03
N GLN A 14 11.10 -12.30 -15.43
CA GLN A 14 10.53 -11.01 -15.07
C GLN A 14 9.09 -10.86 -15.53
N TRP A 15 8.69 -11.33 -16.72
CA TRP A 15 7.30 -11.15 -17.11
C TRP A 15 6.34 -11.98 -16.28
N GLU A 16 6.82 -13.12 -15.77
CA GLU A 16 6.15 -14.07 -14.91
C GLU A 16 6.01 -13.42 -13.54
N GLN A 17 7.10 -12.80 -13.12
CA GLN A 17 7.20 -12.14 -11.83
C GLN A 17 6.30 -10.91 -11.78
N ALA A 18 6.20 -10.25 -12.94
CA ALA A 18 5.30 -9.16 -13.23
C ALA A 18 3.83 -9.50 -13.10
N GLN A 19 3.45 -10.67 -13.65
CA GLN A 19 2.19 -11.37 -13.54
C GLN A 19 1.87 -11.80 -12.11
N ASP A 20 2.85 -12.24 -11.31
CA ASP A 20 2.80 -12.61 -9.91
C ASP A 20 2.49 -11.39 -9.05
N TYR A 21 3.16 -10.27 -9.32
CA TYR A 21 3.02 -9.07 -8.52
C TYR A 21 1.65 -8.43 -8.70
N LEU A 22 1.08 -8.51 -9.91
CA LEU A 22 -0.25 -8.00 -10.22
C LEU A 22 -1.38 -8.93 -9.81
N LYS A 23 -1.32 -10.23 -10.06
CA LYS A 23 -2.33 -11.19 -9.66
C LYS A 23 -2.60 -11.23 -8.16
N ARG A 24 -1.56 -11.17 -7.32
CA ARG A 24 -1.72 -11.16 -5.88
C ARG A 24 -2.32 -9.84 -5.38
N PHE A 25 -2.40 -8.74 -6.12
CA PHE A 25 -3.28 -7.62 -5.84
C PHE A 25 -4.72 -7.83 -6.27
N TYR A 26 -4.99 -8.48 -7.40
CA TYR A 26 -6.34 -8.64 -7.93
C TYR A 26 -7.04 -9.85 -7.32
N LEU A 27 -6.31 -10.75 -6.65
CA LEU A 27 -6.78 -12.05 -6.24
C LEU A 27 -6.75 -12.95 -7.47
N TYR A 28 -7.37 -12.53 -8.58
CA TYR A 28 -7.44 -13.08 -9.92
C TYR A 28 -8.02 -11.92 -10.73
N ASP A 29 -7.45 -11.61 -11.89
CA ASP A 29 -7.99 -10.71 -12.90
C ASP A 29 -7.79 -11.33 -14.28
N SER A 30 -8.83 -11.34 -15.10
CA SER A 30 -8.79 -11.89 -16.44
C SER A 30 -8.11 -11.04 -17.49
N GLU A 31 -7.71 -9.81 -17.20
CA GLU A 31 -6.78 -9.06 -18.03
C GLU A 31 -5.35 -9.15 -17.49
N THR A 32 -5.07 -9.59 -16.27
CA THR A 32 -3.80 -9.97 -15.68
C THR A 32 -3.51 -11.44 -15.94
N LYS A 33 -4.50 -12.24 -16.37
CA LYS A 33 -4.31 -13.61 -16.79
C LYS A 33 -4.01 -13.55 -18.28
N ASN A 34 -2.91 -14.23 -18.61
CA ASN A 34 -2.20 -14.41 -19.85
C ASN A 34 -1.11 -13.36 -19.98
N ALA A 35 0.10 -13.87 -20.25
CA ALA A 35 1.31 -13.15 -20.60
C ALA A 35 1.22 -12.17 -21.77
N ASN A 36 0.41 -12.40 -22.79
CA ASN A 36 0.14 -11.40 -23.81
C ASN A 36 -0.76 -10.24 -23.42
N SER A 37 -1.75 -10.55 -22.57
CA SER A 37 -2.68 -9.53 -22.15
C SER A 37 -2.06 -8.68 -21.05
N LEU A 38 -1.01 -9.16 -20.38
CA LEU A 38 -0.18 -8.53 -19.38
C LEU A 38 0.61 -7.36 -19.94
N GLU A 39 0.77 -7.31 -21.26
CA GLU A 39 1.47 -6.32 -22.07
C GLU A 39 0.89 -4.93 -21.84
N ALA A 40 -0.43 -4.89 -21.67
CA ALA A 40 -1.26 -3.74 -21.38
C ALA A 40 -1.23 -3.39 -19.89
N LYS A 41 -1.28 -4.38 -19.00
CA LYS A 41 -1.21 -4.28 -17.56
C LYS A 41 0.14 -3.73 -17.12
N LEU A 42 1.24 -4.12 -17.78
CA LEU A 42 2.58 -3.62 -17.57
C LEU A 42 2.59 -2.11 -17.73
N LYS A 43 2.03 -1.57 -18.81
CA LYS A 43 1.97 -0.16 -19.18
C LYS A 43 1.09 0.63 -18.23
N GLU A 44 0.07 0.02 -17.62
CA GLU A 44 -0.80 0.45 -16.53
C GLU A 44 -0.10 0.41 -15.18
N MET A 45 0.85 -0.51 -14.96
CA MET A 45 1.52 -0.73 -13.70
C MET A 45 2.49 0.40 -13.33
N GLN A 46 3.00 1.10 -14.33
CA GLN A 46 3.68 2.38 -14.31
C GLN A 46 2.80 3.49 -13.78
N LYS A 47 1.52 3.52 -14.14
CA LYS A 47 0.65 4.53 -13.58
C LYS A 47 0.48 4.29 -12.08
N PHE A 48 0.41 3.03 -11.64
CA PHE A 48 0.21 2.70 -10.24
C PHE A 48 1.43 2.95 -9.38
N PHE A 49 2.65 2.91 -9.95
CA PHE A 49 3.79 3.46 -9.25
C PHE A 49 3.86 4.98 -9.29
N GLY A 50 3.01 5.62 -10.09
CA GLY A 50 2.95 7.07 -10.05
C GLY A 50 3.63 7.72 -11.25
N LEU A 51 4.01 6.96 -12.28
CA LEU A 51 4.65 7.58 -13.43
C LEU A 51 3.55 7.93 -14.43
N PRO A 52 3.61 9.17 -14.92
CA PRO A 52 2.75 9.74 -15.93
C PRO A 52 3.06 9.31 -17.35
N ILE A 53 4.34 9.08 -17.64
CA ILE A 53 4.94 8.36 -18.74
C ILE A 53 4.40 6.95 -18.57
N THR A 54 3.62 6.48 -19.55
CA THR A 54 2.85 5.26 -19.51
C THR A 54 3.10 4.50 -20.81
N GLY A 55 3.98 3.49 -20.74
CA GLY A 55 4.26 2.52 -21.77
C GLY A 55 5.71 2.48 -22.22
N MET A 56 6.63 2.69 -21.28
CA MET A 56 8.06 2.59 -21.48
C MET A 56 8.69 1.89 -20.27
N LEU A 57 9.40 0.78 -20.48
CA LEU A 57 10.18 0.13 -19.45
C LEU A 57 11.64 0.51 -19.64
N ASN A 58 12.23 1.22 -18.67
CA ASN A 58 13.54 1.83 -18.82
C ASN A 58 14.44 1.87 -17.59
N SER A 59 13.78 1.92 -16.43
CA SER A 59 14.50 2.08 -15.18
C SER A 59 13.89 1.09 -14.19
N ARG A 60 13.84 1.54 -12.92
CA ARG A 60 13.55 0.85 -11.69
C ARG A 60 12.18 0.23 -11.38
N VAL A 61 11.18 0.31 -12.25
CA VAL A 61 9.85 -0.26 -12.16
C VAL A 61 9.84 -1.75 -11.80
N ILE A 62 10.77 -2.59 -12.27
CA ILE A 62 10.91 -4.03 -12.06
C ILE A 62 11.81 -4.29 -10.87
N GLU A 63 12.70 -3.36 -10.50
CA GLU A 63 13.61 -3.50 -9.37
C GLU A 63 12.80 -3.38 -8.09
N ILE A 64 11.89 -2.40 -8.07
CA ILE A 64 11.03 -2.15 -6.94
C ILE A 64 9.93 -3.19 -6.76
N MET A 65 9.58 -3.92 -7.81
CA MET A 65 8.53 -4.93 -7.93
C MET A 65 9.03 -6.23 -7.31
N GLN A 66 10.31 -6.58 -7.44
CA GLN A 66 10.98 -7.82 -7.12
C GLN A 66 11.33 -7.80 -5.64
N LYS A 67 11.50 -6.70 -4.92
CA LYS A 67 11.63 -6.49 -3.48
C LYS A 67 10.31 -6.21 -2.79
N PRO A 68 10.04 -6.67 -1.56
CA PRO A 68 8.74 -6.47 -0.97
C PRO A 68 8.64 -5.00 -0.58
N ARG A 69 7.48 -4.44 -0.94
CA ARG A 69 7.24 -3.02 -0.79
C ARG A 69 5.72 -2.82 -0.77
N CYS A 70 5.03 -3.03 -1.90
CA CYS A 70 3.57 -2.99 -1.89
C CYS A 70 3.04 -4.42 -1.97
N GLY A 71 2.40 -4.93 -0.92
CA GLY A 71 1.51 -6.07 -0.95
C GLY A 71 0.03 -5.73 -0.85
N VAL A 72 -0.25 -4.55 -0.30
CA VAL A 72 -1.53 -3.87 -0.19
C VAL A 72 -1.79 -3.30 -1.58
N PRO A 73 -2.95 -3.46 -2.24
CA PRO A 73 -3.21 -2.94 -3.57
C PRO A 73 -3.08 -1.43 -3.65
N ASP A 74 -2.53 -0.91 -4.75
CA ASP A 74 -2.48 0.50 -5.12
C ASP A 74 -3.68 0.79 -6.00
N VAL A 75 -4.30 -0.16 -6.70
CA VAL A 75 -5.69 0.05 -7.07
C VAL A 75 -6.65 -0.99 -6.51
N ALA A 76 -7.87 -0.66 -6.08
CA ALA A 76 -8.79 -1.58 -5.45
C ALA A 76 -9.52 -2.37 -6.53
N GLU A 77 -9.71 -3.66 -6.22
CA GLU A 77 -10.68 -4.52 -6.86
C GLU A 77 -11.71 -4.94 -5.83
N TYR A 78 -12.97 -4.45 -5.90
CA TYR A 78 -14.05 -4.95 -5.09
C TYR A 78 -15.37 -4.74 -5.81
N SER A 79 -16.43 -5.26 -5.18
CA SER A 79 -17.74 -5.27 -5.79
C SER A 79 -18.83 -5.15 -4.73
N LEU A 80 -20.10 -5.18 -5.12
CA LEU A 80 -21.27 -4.91 -4.29
C LEU A 80 -21.35 -3.39 -4.16
N PHE A 81 -20.40 -2.79 -3.45
CA PHE A 81 -20.10 -1.38 -3.26
C PHE A 81 -19.36 -0.99 -4.54
N PRO A 82 -19.64 0.24 -4.99
CA PRO A 82 -18.96 0.80 -6.13
C PRO A 82 -17.50 1.09 -5.83
N ASN A 83 -16.60 0.89 -6.80
CA ASN A 83 -15.16 1.06 -6.74
C ASN A 83 -14.90 2.55 -6.81
N SER A 84 -14.47 3.07 -5.65
CA SER A 84 -13.47 4.10 -5.48
C SER A 84 -13.38 4.09 -3.96
N PRO A 85 -12.21 3.72 -3.43
CA PRO A 85 -12.03 3.54 -2.01
C PRO A 85 -11.95 4.93 -1.40
N LYS A 86 -12.86 5.15 -0.44
CA LYS A 86 -13.17 6.39 0.24
C LYS A 86 -13.73 6.13 1.63
N TRP A 87 -13.23 6.80 2.67
CA TRP A 87 -13.95 6.84 3.93
C TRP A 87 -14.98 7.96 3.83
N THR A 88 -16.19 7.79 4.37
CA THR A 88 -17.24 8.77 4.14
C THR A 88 -17.75 9.23 5.49
N SER A 89 -17.69 8.37 6.53
CA SER A 89 -17.99 8.64 7.92
C SER A 89 -17.05 9.71 8.48
N LYS A 90 -17.59 10.63 9.27
CA LYS A 90 -16.90 11.72 9.94
C LYS A 90 -16.10 11.15 11.11
N VAL A 91 -16.44 9.99 11.68
CA VAL A 91 -15.58 9.18 12.52
C VAL A 91 -15.29 7.85 11.84
N VAL A 92 -14.03 7.39 11.83
CA VAL A 92 -13.62 6.03 11.59
C VAL A 92 -12.90 5.61 12.87
N THR A 93 -12.69 4.32 13.12
CA THR A 93 -11.98 3.77 14.26
C THR A 93 -11.02 2.67 13.86
N TYR A 94 -10.00 2.49 14.70
CA TYR A 94 -8.88 1.61 14.46
C TYR A 94 -8.56 0.79 15.71
N ARG A 95 -8.09 -0.43 15.48
CA ARG A 95 -7.73 -1.41 16.50
C ARG A 95 -6.69 -2.33 15.88
N ILE A 96 -5.71 -2.80 16.65
CA ILE A 96 -4.69 -3.76 16.30
C ILE A 96 -5.10 -5.08 16.95
N VAL A 97 -5.37 -6.13 16.18
CA VAL A 97 -5.84 -7.39 16.70
C VAL A 97 -4.85 -8.55 16.67
N SER A 98 -3.69 -8.37 16.05
CA SER A 98 -2.50 -9.19 16.04
C SER A 98 -1.29 -8.30 15.75
N TYR A 99 -0.06 -8.76 16.04
CA TYR A 99 1.17 -8.01 15.99
C TYR A 99 2.19 -9.04 15.51
N THR A 100 3.32 -8.52 14.99
CA THR A 100 4.55 -9.25 14.78
C THR A 100 5.04 -9.61 16.18
N ARG A 101 4.93 -10.88 16.56
CA ARG A 101 5.32 -11.37 17.86
C ARG A 101 6.77 -11.27 18.29
N ASP A 102 7.65 -10.92 17.35
CA ASP A 102 8.96 -10.33 17.50
C ASP A 102 9.03 -8.99 18.21
N LEU A 103 7.96 -8.20 18.33
CA LEU A 103 7.82 -6.90 18.97
C LEU A 103 6.78 -6.90 20.08
N PRO A 104 6.91 -6.12 21.15
CA PRO A 104 5.74 -5.92 21.97
C PRO A 104 4.71 -5.02 21.30
N HIS A 105 3.45 -5.43 21.43
CA HIS A 105 2.25 -4.97 20.74
C HIS A 105 2.03 -3.46 20.77
N ILE A 106 2.50 -2.72 21.78
CA ILE A 106 2.47 -1.27 21.87
C ILE A 106 3.49 -0.56 21.00
N THR A 107 4.46 -1.21 20.35
CA THR A 107 5.22 -0.60 19.28
C THR A 107 4.30 -0.52 18.07
N VAL A 108 3.78 -1.59 17.47
CA VAL A 108 2.79 -1.78 16.44
C VAL A 108 1.50 -0.99 16.67
N ASP A 109 0.94 -0.99 17.87
CA ASP A 109 -0.26 -0.27 18.25
C ASP A 109 -0.10 1.21 17.95
N ARG A 110 0.98 1.84 18.44
CA ARG A 110 1.17 3.27 18.35
C ARG A 110 1.83 3.61 17.02
N LEU A 111 2.66 2.79 16.37
CA LEU A 111 3.09 2.96 15.00
C LEU A 111 1.99 3.18 13.98
N VAL A 112 0.82 2.56 14.21
CA VAL A 112 -0.44 2.76 13.50
C VAL A 112 -1.17 4.04 13.89
N SER A 113 -1.19 4.38 15.18
CA SER A 113 -1.92 5.55 15.62
C SER A 113 -1.34 6.88 15.14
N LYS A 114 -0.01 6.88 15.23
CA LYS A 114 0.81 7.98 14.77
C LYS A 114 0.79 8.03 13.24
N ALA A 115 0.53 6.92 12.56
CA ALA A 115 0.29 6.94 11.13
C ALA A 115 -0.96 7.77 10.86
N LEU A 116 -2.06 7.37 11.49
CA LEU A 116 -3.35 8.03 11.42
C LEU A 116 -3.44 9.47 11.86
N ASN A 117 -2.82 9.94 12.95
CA ASN A 117 -2.59 11.31 13.39
C ASN A 117 -2.11 12.20 12.26
N MET A 118 -1.07 11.71 11.56
CA MET A 118 -0.47 12.43 10.45
C MET A 118 -1.44 12.79 9.34
N TRP A 119 -2.28 11.80 9.03
CA TRP A 119 -3.26 11.99 7.99
C TRP A 119 -4.45 12.80 8.49
N GLY A 120 -4.95 12.38 9.65
CA GLY A 120 -6.23 12.65 10.28
C GLY A 120 -6.62 14.12 10.26
N LYS A 121 -5.76 15.04 10.72
CA LYS A 121 -5.76 16.49 10.73
C LYS A 121 -6.00 17.07 9.35
N GLU A 122 -5.78 16.39 8.22
CA GLU A 122 -5.77 17.00 6.91
C GLU A 122 -7.05 16.65 6.17
N ILE A 123 -7.93 15.88 6.78
CA ILE A 123 -9.11 15.23 6.23
C ILE A 123 -10.36 15.39 7.08
N PRO A 124 -11.57 15.22 6.53
CA PRO A 124 -12.83 15.46 7.21
C PRO A 124 -13.31 14.23 7.98
N LEU A 125 -12.38 13.49 8.60
CA LEU A 125 -12.64 12.35 9.45
C LEU A 125 -11.67 12.38 10.61
N HIS A 126 -12.20 11.88 11.73
CA HIS A 126 -11.54 11.60 12.99
C HIS A 126 -11.40 10.09 12.97
N PHE A 127 -10.18 9.67 13.31
CA PHE A 127 -9.82 8.29 13.55
C PHE A 127 -9.65 8.18 15.07
N ARG A 128 -10.52 7.44 15.74
CA ARG A 128 -10.68 7.28 17.17
C ARG A 128 -10.19 5.88 17.53
N LYS A 129 -9.55 5.74 18.69
CA LYS A 129 -9.09 4.45 19.18
C LYS A 129 -10.27 3.76 19.86
N VAL A 130 -10.36 2.45 19.62
CA VAL A 130 -11.33 1.69 20.38
C VAL A 130 -10.70 0.35 20.74
N VAL A 131 -11.00 -0.09 21.96
CA VAL A 131 -10.45 -1.22 22.68
C VAL A 131 -11.58 -2.06 23.27
N TRP A 132 -12.76 -1.85 22.66
CA TRP A 132 -13.93 -2.67 22.92
C TRP A 132 -14.37 -3.15 21.55
N GLY A 133 -15.06 -4.27 21.33
CA GLY A 133 -15.34 -5.04 20.14
C GLY A 133 -14.51 -4.83 18.88
N THR A 134 -15.06 -4.44 17.73
CA THR A 134 -14.38 -4.26 16.47
C THR A 134 -14.01 -2.79 16.29
N ALA A 135 -13.09 -2.51 15.36
CA ALA A 135 -12.82 -1.23 14.73
C ALA A 135 -13.26 -1.28 13.27
N ASP A 136 -13.25 -0.12 12.61
CA ASP A 136 -13.61 0.04 11.21
C ASP A 136 -12.42 -0.48 10.43
N ILE A 137 -11.20 -0.19 10.89
CA ILE A 137 -9.88 -0.59 10.45
C ILE A 137 -9.42 -1.55 11.52
N MET A 138 -9.45 -2.85 11.18
CA MET A 138 -8.91 -3.91 12.02
C MET A 138 -7.57 -4.29 11.40
N ILE A 139 -6.47 -3.96 12.06
CA ILE A 139 -5.09 -4.21 11.69
C ILE A 139 -4.73 -5.49 12.43
N GLY A 140 -4.18 -6.51 11.77
CA GLY A 140 -3.62 -7.76 12.24
C GLY A 140 -2.36 -8.14 11.48
N PHE A 141 -1.68 -9.20 11.95
CA PHE A 141 -0.49 -9.83 11.42
C PHE A 141 -0.87 -11.30 11.33
N ALA A 142 -0.48 -11.99 10.26
CA ALA A 142 -0.84 -13.38 10.03
C ALA A 142 0.29 -14.04 9.25
N ARG A 143 0.31 -15.37 9.16
CA ARG A 143 1.01 -16.24 8.23
C ARG A 143 -0.05 -16.45 7.16
N GLY A 144 0.33 -16.83 5.94
CA GLY A 144 -0.57 -16.84 4.80
C GLY A 144 -1.22 -18.19 4.51
N ALA A 145 -1.54 -18.95 5.55
CA ALA A 145 -2.14 -20.27 5.49
C ALA A 145 -3.63 -20.23 5.82
N HIS A 146 -4.07 -19.01 6.15
CA HIS A 146 -5.35 -18.74 6.78
C HIS A 146 -6.52 -18.78 5.81
N GLY A 147 -6.35 -19.06 4.51
CA GLY A 147 -7.50 -19.35 3.68
C GLY A 147 -7.86 -18.26 2.68
N ASP A 148 -7.14 -17.14 2.64
CA ASP A 148 -7.16 -16.10 1.62
C ASP A 148 -6.32 -16.49 0.41
N SER A 149 -6.39 -15.68 -0.64
CA SER A 149 -5.73 -15.96 -1.91
C SER A 149 -4.24 -15.88 -1.69
N TYR A 150 -3.45 -16.92 -1.97
CA TYR A 150 -2.00 -16.95 -2.12
C TYR A 150 -1.25 -16.81 -0.80
N PRO A 151 -0.04 -17.33 -0.64
CA PRO A 151 0.67 -17.25 0.63
C PRO A 151 1.49 -15.96 0.64
N PHE A 152 2.01 -15.61 1.82
CA PHE A 152 2.81 -14.45 2.16
C PHE A 152 4.31 -14.65 2.05
N ASP A 153 4.71 -15.90 1.78
CA ASP A 153 5.96 -16.55 1.47
C ASP A 153 6.82 -17.10 2.60
N GLY A 154 6.66 -16.51 3.79
CA GLY A 154 7.57 -16.47 4.91
C GLY A 154 8.31 -15.15 4.96
N PRO A 155 9.57 -15.03 5.38
CA PRO A 155 10.46 -13.91 5.12
C PRO A 155 11.00 -13.90 3.70
N GLY A 156 10.79 -12.73 3.08
CA GLY A 156 11.00 -12.38 1.69
C GLY A 156 9.77 -11.88 0.94
N ASN A 157 9.80 -11.68 -0.37
CA ASN A 157 8.81 -11.01 -1.19
C ASN A 157 7.35 -11.33 -0.91
N THR A 158 6.67 -10.25 -0.55
CA THR A 158 5.30 -9.97 -0.17
C THR A 158 5.19 -9.86 1.35
N LEU A 159 4.50 -8.87 1.88
CA LEU A 159 4.61 -8.36 3.24
C LEU A 159 3.26 -7.93 3.81
N ALA A 160 2.16 -8.00 3.05
CA ALA A 160 0.84 -7.52 3.40
C ALA A 160 -0.10 -7.96 2.27
N HIS A 161 -1.38 -8.01 2.64
CA HIS A 161 -2.59 -7.93 1.85
C HIS A 161 -3.52 -6.93 2.53
N ALA A 162 -4.48 -6.42 1.77
CA ALA A 162 -5.50 -5.53 2.30
C ALA A 162 -6.72 -5.61 1.40
N PHE A 163 -7.87 -5.16 1.91
CA PHE A 163 -9.10 -4.99 1.17
C PHE A 163 -9.55 -3.55 1.38
N ALA A 164 -10.28 -2.98 0.43
CA ALA A 164 -10.90 -1.67 0.34
C ALA A 164 -12.02 -1.34 1.31
N PRO A 165 -12.24 -0.11 1.78
CA PRO A 165 -13.28 0.32 2.69
C PRO A 165 -14.65 -0.30 2.42
N GLY A 166 -15.08 -1.22 3.28
CA GLY A 166 -16.43 -1.73 3.31
C GLY A 166 -16.85 -1.64 4.77
N THR A 167 -18.11 -2.03 5.02
CA THR A 167 -18.74 -2.12 6.32
C THR A 167 -18.09 -3.17 7.23
N GLY A 168 -17.63 -4.26 6.63
CA GLY A 168 -17.14 -5.43 7.34
C GLY A 168 -15.64 -5.59 7.21
N LEU A 169 -15.28 -6.76 6.66
CA LEU A 169 -13.93 -7.22 6.46
C LEU A 169 -13.03 -6.27 5.69
N GLY A 170 -13.51 -5.13 5.16
CA GLY A 170 -12.80 -4.29 4.23
C GLY A 170 -12.32 -3.09 5.04
N GLY A 171 -11.40 -2.35 4.42
CA GLY A 171 -10.69 -1.30 5.11
C GLY A 171 -9.73 -1.91 6.11
N ASP A 172 -9.64 -3.24 6.12
CA ASP A 172 -8.78 -3.88 7.10
C ASP A 172 -7.63 -4.59 6.38
N ALA A 173 -6.43 -4.54 6.95
CA ALA A 173 -5.14 -4.88 6.40
C ALA A 173 -4.62 -5.97 7.33
N HIS A 174 -3.99 -6.94 6.67
CA HIS A 174 -3.41 -8.11 7.30
C HIS A 174 -1.95 -8.26 6.89
N PHE A 175 -1.00 -8.06 7.81
CA PHE A 175 0.42 -8.04 7.55
C PHE A 175 1.10 -9.38 7.72
N ASP A 176 2.18 -9.53 6.96
CA ASP A 176 2.98 -10.74 7.06
C ASP A 176 3.81 -10.76 8.33
N GLU A 177 3.47 -11.72 9.19
CA GLU A 177 4.09 -11.92 10.49
C GLU A 177 5.43 -12.63 10.38
N ASP A 178 5.62 -13.43 9.34
CA ASP A 178 6.84 -14.18 9.04
C ASP A 178 7.78 -13.19 8.38
N GLU A 179 7.40 -11.94 8.07
CA GLU A 179 8.31 -10.92 7.60
C GLU A 179 8.81 -10.26 8.88
N ARG A 180 9.85 -9.42 8.81
CA ARG A 180 10.35 -8.78 10.01
C ARG A 180 10.34 -7.26 9.86
N TRP A 181 9.80 -6.63 10.90
CA TRP A 181 9.37 -5.25 11.01
C TRP A 181 10.27 -4.55 12.02
N THR A 182 10.32 -3.22 11.91
CA THR A 182 11.21 -2.50 12.79
C THR A 182 10.71 -1.07 12.96
N ASP A 183 11.42 -0.27 13.76
CA ASP A 183 11.14 1.14 13.91
C ASP A 183 12.41 1.96 14.15
N GLY A 184 13.00 1.72 15.32
CA GLY A 184 14.27 2.28 15.75
C GLY A 184 15.49 1.53 15.27
N SER A 185 15.42 0.20 15.22
CA SER A 185 16.55 -0.72 15.35
C SER A 185 17.03 -1.30 14.03
N SER A 186 16.28 -1.09 12.94
CA SER A 186 16.73 -1.45 11.61
C SER A 186 16.85 -2.91 11.24
N LEU A 187 16.21 -3.81 11.99
CA LEU A 187 16.36 -5.24 11.86
C LEU A 187 15.40 -5.77 10.79
N GLY A 188 14.45 -4.97 10.32
CA GLY A 188 13.48 -5.36 9.33
C GLY A 188 13.16 -4.15 8.46
N ILE A 189 11.93 -4.22 7.94
CA ILE A 189 11.23 -3.22 7.17
C ILE A 189 10.61 -2.19 8.09
N ASN A 190 10.66 -0.88 7.81
CA ASN A 190 10.30 0.16 8.75
C ASN A 190 8.78 0.24 8.78
N PHE A 191 8.21 -0.22 9.90
CA PHE A 191 6.77 -0.31 10.05
C PHE A 191 6.00 0.99 9.88
N LEU A 192 6.58 2.13 10.27
CA LEU A 192 6.07 3.48 10.15
C LEU A 192 5.58 3.88 8.77
N TYR A 193 6.51 3.87 7.81
CA TYR A 193 6.22 4.11 6.42
C TYR A 193 5.14 3.18 5.87
N ALA A 194 5.16 1.91 6.25
CA ALA A 194 4.32 0.86 5.70
C ALA A 194 2.86 0.98 6.12
N ALA A 195 2.73 1.58 7.32
CA ALA A 195 1.44 1.79 7.95
C ALA A 195 0.77 3.00 7.35
N THR A 196 1.51 4.11 7.40
CA THR A 196 1.20 5.36 6.74
C THR A 196 0.76 5.11 5.30
N HIS A 197 1.46 4.23 4.57
CA HIS A 197 1.18 3.88 3.20
C HIS A 197 -0.11 3.10 2.99
N ALA A 198 -0.39 2.03 3.75
CA ALA A 198 -1.56 1.18 3.64
C ALA A 198 -2.85 1.95 3.89
N LEU A 199 -2.79 2.91 4.82
CA LEU A 199 -3.94 3.67 5.25
C LEU A 199 -4.22 4.81 4.28
N GLY A 200 -3.16 5.38 3.69
CA GLY A 200 -3.18 6.29 2.56
C GLY A 200 -3.93 5.76 1.35
N HIS A 201 -4.03 4.44 1.15
CA HIS A 201 -4.86 3.87 0.12
C HIS A 201 -6.30 3.62 0.53
N SER A 202 -6.62 3.63 1.82
CA SER A 202 -7.97 3.73 2.34
C SER A 202 -8.57 5.09 2.06
N LEU A 203 -7.72 6.11 1.93
CA LEU A 203 -8.08 7.41 1.42
C LEU A 203 -8.35 7.34 -0.08
N GLY A 204 -7.63 6.48 -0.80
CA GLY A 204 -7.69 6.34 -2.25
C GLY A 204 -6.47 6.88 -2.96
N MET A 205 -5.50 7.28 -2.13
CA MET A 205 -4.39 8.07 -2.62
C MET A 205 -3.35 7.11 -3.22
N GLY A 206 -2.53 7.73 -4.07
CA GLY A 206 -1.47 7.07 -4.79
C GLY A 206 -0.09 7.60 -4.50
N HIS A 207 0.90 6.93 -5.09
CA HIS A 207 2.32 7.21 -5.19
C HIS A 207 2.64 8.40 -6.08
N SER A 208 3.88 8.87 -6.15
CA SER A 208 4.29 10.11 -6.81
C SER A 208 5.69 9.73 -7.30
N SER A 209 6.06 10.28 -8.44
CA SER A 209 7.40 10.18 -8.97
C SER A 209 8.33 11.30 -8.52
N ASP A 210 7.79 12.26 -7.75
CA ASP A 210 8.55 13.33 -7.13
C ASP A 210 9.20 12.85 -5.85
N PRO A 211 10.49 13.09 -5.63
CA PRO A 211 11.21 12.53 -4.50
C PRO A 211 10.97 13.13 -3.12
N ASN A 212 10.18 14.20 -3.04
CA ASN A 212 9.87 14.80 -1.76
C ASN A 212 8.65 14.22 -1.06
N ALA A 213 7.87 13.42 -1.79
CA ALA A 213 6.54 12.93 -1.47
C ALA A 213 6.50 11.81 -0.44
N VAL A 214 5.50 11.72 0.42
CA VAL A 214 5.30 10.65 1.39
C VAL A 214 5.58 9.26 0.86
N MET A 215 4.86 8.97 -0.23
CA MET A 215 4.69 7.66 -0.83
C MET A 215 5.46 7.75 -2.13
N TYR A 216 6.66 8.31 -2.07
CA TYR A 216 7.60 8.07 -3.15
C TYR A 216 8.07 6.62 -3.09
N PRO A 217 7.82 5.86 -4.16
CA PRO A 217 8.08 4.43 -4.08
C PRO A 217 9.53 4.04 -4.30
N THR A 218 10.28 4.70 -5.18
CA THR A 218 11.68 4.48 -5.55
C THR A 218 12.66 5.09 -4.55
N TYR A 219 12.46 5.04 -3.24
CA TYR A 219 13.36 5.40 -2.16
C TYR A 219 14.50 4.40 -2.19
N GLY A 220 15.71 4.88 -1.89
CA GLY A 220 17.00 4.24 -1.82
C GLY A 220 17.52 4.69 -0.47
N ASN A 221 18.70 5.33 -0.53
CA ASN A 221 19.31 6.00 0.60
C ASN A 221 18.60 7.33 0.72
N GLY A 222 17.94 7.61 1.85
CA GLY A 222 17.32 8.89 2.17
C GLY A 222 15.98 8.59 2.81
N ASP A 223 15.97 8.56 4.15
CA ASP A 223 14.84 8.48 5.04
C ASP A 223 14.43 9.92 5.33
N PRO A 224 13.16 10.33 5.23
CA PRO A 224 12.75 11.65 5.68
C PRO A 224 12.80 11.75 7.19
N GLN A 225 13.78 12.43 7.80
CA GLN A 225 14.24 12.41 9.17
C GLN A 225 13.26 12.96 10.19
N ASN A 226 12.20 13.63 9.71
CA ASN A 226 11.07 13.99 10.54
C ASN A 226 9.80 13.34 9.99
N PHE A 227 9.56 13.39 8.68
CA PHE A 227 8.54 12.73 7.89
C PHE A 227 7.24 13.53 7.93
N LYS A 228 6.73 14.03 6.80
CA LYS A 228 5.67 14.98 6.57
C LYS A 228 5.11 14.80 5.16
N LEU A 229 4.06 15.59 4.90
CA LEU A 229 3.55 15.78 3.56
C LEU A 229 4.36 16.83 2.83
N SER A 230 4.61 16.65 1.54
CA SER A 230 5.07 17.69 0.63
C SER A 230 3.81 18.35 0.08
N GLN A 231 3.97 19.52 -0.54
CA GLN A 231 2.97 20.27 -1.26
C GLN A 231 2.27 19.47 -2.36
N ASP A 232 2.94 18.53 -3.02
CA ASP A 232 2.28 17.53 -3.84
C ASP A 232 1.20 16.69 -3.17
N ASP A 233 1.44 16.27 -1.93
CA ASP A 233 0.68 15.32 -1.13
C ASP A 233 -0.46 16.03 -0.43
N ILE A 234 -0.31 17.31 -0.10
CA ILE A 234 -1.38 18.21 0.33
C ILE A 234 -2.36 18.49 -0.79
N LYS A 235 -1.75 18.89 -1.91
CA LYS A 235 -2.58 19.11 -3.08
C LYS A 235 -3.18 17.83 -3.64
N GLY A 236 -2.73 16.63 -3.25
CA GLY A 236 -3.24 15.30 -3.51
C GLY A 236 -4.29 14.82 -2.51
N ILE A 237 -4.34 15.33 -1.28
CA ILE A 237 -5.38 15.18 -0.29
C ILE A 237 -6.57 16.02 -0.71
N GLN A 238 -6.33 17.22 -1.21
CA GLN A 238 -7.32 18.14 -1.76
C GLN A 238 -7.91 17.62 -3.06
N LYS A 239 -7.16 16.79 -3.78
CA LYS A 239 -7.78 16.20 -4.96
C LYS A 239 -8.75 15.09 -4.58
N LEU A 240 -8.57 14.44 -3.42
CA LEU A 240 -9.47 13.40 -2.98
C LEU A 240 -10.71 13.91 -2.24
N TYR A 241 -10.60 14.83 -1.28
CA TYR A 241 -11.60 15.40 -0.39
C TYR A 241 -11.95 16.87 -0.58
N GLY A 242 -11.56 17.42 -1.73
CA GLY A 242 -11.66 18.82 -2.09
C GLY A 242 -12.46 18.90 -3.38
N LYS A 243 -11.79 19.09 -4.50
CA LYS A 243 -12.23 19.03 -5.89
C LYS A 243 -11.23 18.27 -6.75
N ARG A 244 -11.70 17.57 -7.79
CA ARG A 244 -10.83 16.80 -8.65
C ARG A 244 -10.24 17.78 -9.65
N SER A 245 -8.93 18.01 -9.67
CA SER A 245 -8.20 19.15 -10.19
C SER A 245 -6.82 18.68 -10.62
N ASN A 246 -6.33 19.23 -11.73
CA ASN A 246 -5.09 18.85 -12.38
C ASN A 246 -3.85 19.56 -11.85
N SER A 247 -3.50 19.22 -10.61
CA SER A 247 -2.49 19.82 -9.76
C SER A 247 -1.06 19.72 -10.26
N ARG A 248 -0.71 18.71 -11.06
CA ARG A 248 0.64 18.43 -11.47
C ARG A 248 0.73 18.96 -12.89
N LYS A 249 1.65 19.86 -13.23
CA LYS A 249 1.77 20.38 -14.58
C LYS A 249 3.18 20.94 -14.73
N LYS A 250 3.50 21.17 -16.01
CA LYS A 250 4.80 21.55 -16.54
C LYS A 250 4.79 22.99 -17.01
N LEU A 3 26.79 0.41 -15.70
CA LEU A 3 26.10 -0.42 -14.70
C LEU A 3 24.62 -0.23 -14.99
N PRO A 4 23.77 -1.26 -15.08
CA PRO A 4 22.36 -1.17 -15.43
C PRO A 4 21.50 -0.69 -14.27
N GLN A 5 20.33 -0.14 -14.62
CA GLN A 5 19.10 -0.28 -13.87
C GLN A 5 18.41 -1.58 -14.24
N GLU A 6 17.52 -2.16 -13.44
CA GLU A 6 16.93 -3.43 -13.78
C GLU A 6 15.90 -3.25 -14.89
N ALA A 7 15.41 -2.02 -15.08
CA ALA A 7 14.41 -1.67 -16.08
C ALA A 7 15.01 -1.50 -17.47
N GLY A 8 16.31 -1.18 -17.54
CA GLY A 8 17.04 -1.00 -18.78
C GLY A 8 17.70 -2.28 -19.28
N GLY A 9 18.05 -3.19 -18.37
CA GLY A 9 18.97 -4.29 -18.54
C GLY A 9 18.21 -5.61 -18.44
N MET A 10 16.90 -5.61 -18.68
CA MET A 10 15.89 -6.51 -18.14
C MET A 10 16.01 -7.95 -18.63
N SER A 11 16.46 -8.89 -17.79
CA SER A 11 16.57 -10.31 -17.96
C SER A 11 15.18 -10.95 -18.01
N GLU A 12 15.04 -12.10 -18.66
CA GLU A 12 13.87 -12.92 -18.90
C GLU A 12 12.95 -13.18 -17.71
N LEU A 13 13.57 -13.57 -16.58
CA LEU A 13 12.96 -13.84 -15.29
C LEU A 13 12.23 -12.67 -14.65
N GLN A 14 12.56 -11.42 -15.01
CA GLN A 14 11.88 -10.26 -14.47
C GLN A 14 10.48 -10.01 -15.02
N TRP A 15 10.09 -10.64 -16.12
CA TRP A 15 8.73 -10.69 -16.62
C TRP A 15 7.83 -11.63 -15.82
N GLU A 16 8.43 -12.73 -15.36
CA GLU A 16 7.79 -13.64 -14.43
C GLU A 16 7.40 -12.86 -13.18
N GLN A 17 8.36 -12.21 -12.53
CA GLN A 17 8.25 -11.39 -11.33
C GLN A 17 7.09 -10.41 -11.49
N ALA A 18 7.03 -9.62 -12.56
CA ALA A 18 6.03 -8.63 -12.90
C ALA A 18 4.61 -9.19 -12.89
N GLN A 19 4.45 -10.25 -13.69
CA GLN A 19 3.27 -11.09 -13.75
C GLN A 19 2.86 -11.55 -12.37
N ASP A 20 3.82 -12.05 -11.60
CA ASP A 20 3.62 -12.57 -10.27
C ASP A 20 3.22 -11.54 -9.23
N TYR A 21 3.79 -10.35 -9.48
CA TYR A 21 3.59 -9.12 -8.73
C TYR A 21 2.24 -8.51 -8.99
N LEU A 22 1.90 -8.28 -10.26
CA LEU A 22 0.68 -7.67 -10.76
C LEU A 22 -0.57 -8.51 -10.53
N LYS A 23 -0.54 -9.83 -10.76
CA LYS A 23 -1.76 -10.61 -10.63
C LYS A 23 -2.53 -10.59 -9.32
N ARG A 24 -1.84 -10.35 -8.20
CA ARG A 24 -2.29 -10.29 -6.83
C ARG A 24 -3.27 -9.14 -6.70
N PHE A 25 -3.20 -8.05 -7.46
CA PHE A 25 -3.88 -6.81 -7.15
C PHE A 25 -5.25 -6.83 -7.82
N TYR A 26 -5.46 -7.64 -8.86
CA TYR A 26 -6.67 -7.78 -9.65
C TYR A 26 -7.38 -9.07 -9.26
N LEU A 27 -6.72 -9.95 -8.51
CA LEU A 27 -6.95 -11.32 -8.10
C LEU A 27 -6.40 -12.31 -9.12
N TYR A 28 -6.81 -12.00 -10.35
CA TYR A 28 -6.37 -12.54 -11.62
C TYR A 28 -6.69 -11.47 -12.67
N ASP A 29 -5.88 -11.36 -13.72
CA ASP A 29 -6.15 -10.51 -14.86
C ASP A 29 -5.69 -11.27 -16.10
N SER A 30 -6.49 -11.33 -17.17
CA SER A 30 -6.17 -12.08 -18.36
C SER A 30 -5.26 -11.31 -19.31
N GLU A 31 -5.02 -10.01 -19.20
CA GLU A 31 -4.01 -9.19 -19.86
C GLU A 31 -2.68 -9.31 -19.15
N THR A 32 -2.68 -9.69 -17.87
CA THR A 32 -1.49 -9.92 -17.09
C THR A 32 -1.04 -11.36 -17.36
N LYS A 33 -1.86 -12.30 -17.85
CA LYS A 33 -1.43 -13.64 -18.17
C LYS A 33 -0.82 -13.62 -19.56
N ASN A 34 0.41 -14.11 -19.72
CA ASN A 34 1.42 -14.10 -20.77
C ASN A 34 2.03 -12.71 -20.81
N ALA A 35 3.36 -12.78 -20.76
CA ALA A 35 4.30 -11.69 -20.92
C ALA A 35 4.11 -10.79 -22.13
N ASN A 36 3.68 -11.27 -23.31
CA ASN A 36 3.48 -10.46 -24.49
C ASN A 36 2.23 -9.59 -24.43
N SER A 37 1.26 -10.04 -23.62
CA SER A 37 0.18 -9.16 -23.20
C SER A 37 0.52 -8.24 -22.04
N LEU A 38 1.53 -8.62 -21.25
CA LEU A 38 2.06 -7.78 -20.19
C LEU A 38 2.69 -6.42 -20.46
N GLU A 39 2.97 -6.09 -21.72
CA GLU A 39 3.60 -4.89 -22.23
C GLU A 39 2.94 -3.58 -21.81
N ALA A 40 1.66 -3.56 -22.19
CA ALA A 40 0.73 -2.52 -21.79
C ALA A 40 0.55 -2.36 -20.28
N LYS A 41 0.68 -3.52 -19.62
CA LYS A 41 0.53 -3.65 -18.19
C LYS A 41 1.74 -3.08 -17.47
N LEU A 42 2.96 -3.26 -17.99
CA LEU A 42 4.16 -2.67 -17.41
C LEU A 42 4.23 -1.15 -17.57
N LYS A 43 3.54 -0.60 -18.56
CA LYS A 43 3.49 0.84 -18.77
C LYS A 43 2.38 1.46 -17.93
N GLU A 44 1.28 0.74 -17.72
CA GLU A 44 0.23 1.18 -16.81
C GLU A 44 0.52 1.02 -15.34
N MET A 45 1.37 0.03 -15.01
CA MET A 45 2.09 -0.13 -13.76
C MET A 45 2.80 1.14 -13.28
N GLN A 46 3.50 1.82 -14.19
CA GLN A 46 4.22 3.06 -13.99
C GLN A 46 3.32 4.15 -13.42
N LYS A 47 2.08 4.22 -13.90
CA LYS A 47 1.12 5.21 -13.43
C LYS A 47 0.68 5.04 -11.99
N PHE A 48 0.52 3.79 -11.53
CA PHE A 48 0.06 3.45 -10.21
C PHE A 48 1.08 3.68 -9.11
N PHE A 49 2.35 3.69 -9.51
CA PHE A 49 3.57 4.15 -8.88
C PHE A 49 3.74 5.66 -8.97
N GLY A 50 2.94 6.31 -9.81
CA GLY A 50 2.76 7.74 -9.67
C GLY A 50 3.22 8.56 -10.87
N LEU A 51 3.97 7.99 -11.80
CA LEU A 51 4.64 8.67 -12.89
C LEU A 51 3.69 9.40 -13.84
N PRO A 52 3.98 10.65 -14.22
CA PRO A 52 3.07 11.40 -15.06
C PRO A 52 3.11 11.07 -16.54
N ILE A 53 4.30 11.07 -17.14
CA ILE A 53 4.58 10.45 -18.42
C ILE A 53 5.00 9.00 -18.25
N THR A 54 4.68 8.23 -19.29
CA THR A 54 5.00 6.82 -19.32
C THR A 54 5.28 6.37 -20.75
N GLY A 55 5.25 5.08 -21.07
CA GLY A 55 5.38 4.63 -22.43
C GLY A 55 6.68 3.87 -22.65
N MET A 56 7.65 3.97 -21.74
CA MET A 56 8.95 3.35 -21.88
C MET A 56 9.50 3.03 -20.51
N LEU A 57 10.27 1.95 -20.32
CA LEU A 57 10.74 1.51 -19.02
C LEU A 57 12.20 1.91 -18.97
N ASN A 58 12.67 2.71 -18.01
CA ASN A 58 13.97 3.32 -17.99
C ASN A 58 14.60 3.63 -16.64
N SER A 59 13.84 3.47 -15.55
CA SER A 59 14.25 3.68 -14.17
C SER A 59 13.73 2.66 -13.17
N ARG A 60 13.69 3.00 -11.88
CA ARG A 60 13.43 2.15 -10.73
C ARG A 60 12.16 1.29 -10.78
N VAL A 61 11.17 1.43 -11.66
CA VAL A 61 9.95 0.64 -11.57
C VAL A 61 10.12 -0.87 -11.46
N ILE A 62 11.07 -1.57 -12.09
CA ILE A 62 11.37 -2.97 -11.83
C ILE A 62 11.98 -3.17 -10.45
N GLU A 63 12.91 -2.29 -10.06
CA GLU A 63 13.59 -2.32 -8.79
C GLU A 63 12.75 -2.21 -7.52
N ILE A 64 11.79 -1.29 -7.49
CA ILE A 64 10.75 -1.19 -6.47
C ILE A 64 9.68 -2.27 -6.47
N MET A 65 9.47 -2.92 -7.61
CA MET A 65 8.48 -3.97 -7.79
C MET A 65 9.04 -5.27 -7.24
N GLN A 66 10.32 -5.53 -7.49
CA GLN A 66 11.06 -6.72 -7.10
C GLN A 66 11.40 -6.68 -5.61
N LYS A 67 11.49 -5.49 -5.03
CA LYS A 67 11.62 -5.19 -3.62
C LYS A 67 10.25 -5.33 -2.96
N PRO A 68 10.20 -5.75 -1.70
CA PRO A 68 9.07 -5.72 -0.79
C PRO A 68 8.61 -4.31 -0.46
N ARG A 69 7.66 -3.81 -1.25
CA ARG A 69 7.19 -2.44 -1.16
C ARG A 69 5.67 -2.35 -1.19
N CYS A 70 4.94 -2.53 -2.29
CA CYS A 70 3.51 -2.37 -2.40
C CYS A 70 2.96 -3.76 -2.58
N GLY A 71 2.10 -4.20 -1.64
CA GLY A 71 1.39 -5.46 -1.58
C GLY A 71 -0.09 -5.16 -1.33
N VAL A 72 -0.40 -3.95 -0.85
CA VAL A 72 -1.74 -3.41 -0.96
C VAL A 72 -2.03 -2.94 -2.37
N PRO A 73 -3.10 -3.45 -2.99
CA PRO A 73 -3.43 -3.08 -4.35
C PRO A 73 -3.68 -1.59 -4.55
N ASP A 74 -2.75 -0.97 -5.30
CA ASP A 74 -2.73 0.45 -5.61
C ASP A 74 -3.67 0.78 -6.76
N VAL A 75 -3.97 -0.18 -7.64
CA VAL A 75 -5.11 -0.39 -8.50
C VAL A 75 -5.75 -1.65 -7.93
N ALA A 76 -7.05 -1.52 -7.67
CA ALA A 76 -7.85 -2.66 -7.26
C ALA A 76 -8.92 -3.05 -8.28
N GLU A 77 -9.46 -4.27 -8.24
CA GLU A 77 -10.58 -4.81 -8.99
C GLU A 77 -11.52 -5.31 -7.90
N TYR A 78 -12.70 -4.71 -7.74
CA TYR A 78 -13.75 -4.96 -6.76
C TYR A 78 -15.19 -4.91 -7.24
N SER A 79 -16.06 -5.49 -6.41
CA SER A 79 -17.50 -5.45 -6.54
C SER A 79 -17.98 -4.73 -5.29
N LEU A 80 -19.02 -3.91 -5.45
CA LEU A 80 -19.78 -3.17 -4.45
C LEU A 80 -19.26 -1.81 -4.02
N PHE A 81 -18.07 -1.39 -4.47
CA PHE A 81 -17.29 -0.26 -4.00
C PHE A 81 -17.31 0.79 -5.10
N PRO A 82 -17.35 2.08 -4.77
CA PRO A 82 -17.17 3.13 -5.75
C PRO A 82 -15.75 3.26 -6.28
N ASN A 83 -15.73 3.94 -7.42
CA ASN A 83 -14.54 4.64 -7.86
C ASN A 83 -14.25 5.85 -7.00
N SER A 84 -13.03 6.04 -6.47
CA SER A 84 -12.53 7.00 -5.52
C SER A 84 -13.23 6.74 -4.19
N PRO A 85 -12.89 5.67 -3.47
CA PRO A 85 -13.62 5.33 -2.27
C PRO A 85 -13.21 6.27 -1.14
N LYS A 86 -14.05 6.43 -0.11
CA LYS A 86 -13.79 7.19 1.11
C LYS A 86 -14.57 6.56 2.25
N TRP A 87 -14.25 6.98 3.47
CA TRP A 87 -15.05 6.65 4.64
C TRP A 87 -16.25 7.58 4.61
N THR A 88 -17.44 6.99 4.72
CA THR A 88 -18.71 7.71 4.77
C THR A 88 -19.11 8.09 6.19
N SER A 89 -18.50 7.41 7.15
CA SER A 89 -18.74 7.32 8.58
C SER A 89 -17.63 8.13 9.23
N LYS A 90 -17.98 8.94 10.23
CA LYS A 90 -17.29 10.12 10.72
C LYS A 90 -16.61 9.86 12.06
N VAL A 91 -17.01 8.78 12.72
CA VAL A 91 -16.35 8.04 13.79
C VAL A 91 -15.91 6.76 13.11
N VAL A 92 -14.60 6.55 13.13
CA VAL A 92 -13.82 5.44 12.63
C VAL A 92 -13.03 4.88 13.80
N THR A 93 -12.99 3.57 14.06
CA THR A 93 -12.30 2.97 15.18
C THR A 93 -11.17 2.14 14.58
N TYR A 94 -10.23 1.80 15.46
CA TYR A 94 -9.02 1.05 15.17
C TYR A 94 -8.55 0.16 16.31
N ARG A 95 -8.01 -1.04 16.07
CA ARG A 95 -7.39 -1.99 16.95
C ARG A 95 -6.34 -2.82 16.23
N ILE A 96 -5.30 -3.25 16.95
CA ILE A 96 -4.41 -4.35 16.62
C ILE A 96 -4.99 -5.68 17.08
N VAL A 97 -5.33 -6.61 16.19
CA VAL A 97 -5.95 -7.88 16.56
C VAL A 97 -5.09 -9.10 16.29
N SER A 98 -4.07 -8.95 15.44
CA SER A 98 -2.89 -9.79 15.49
C SER A 98 -1.63 -8.97 15.25
N TYR A 99 -0.45 -9.54 15.50
CA TYR A 99 0.78 -8.79 15.68
C TYR A 99 1.96 -9.60 15.17
N THR A 100 3.05 -8.92 14.79
CA THR A 100 4.36 -9.56 14.69
C THR A 100 5.01 -9.54 16.06
N ARG A 101 5.70 -10.60 16.46
CA ARG A 101 6.53 -10.71 17.66
C ARG A 101 7.96 -10.27 17.40
N ASP A 102 8.30 -9.70 16.24
CA ASP A 102 9.55 -9.03 15.95
C ASP A 102 9.61 -7.68 16.65
N LEU A 103 8.44 -7.15 16.99
CA LEU A 103 8.17 -6.00 17.82
C LEU A 103 7.31 -6.38 19.02
N PRO A 104 7.34 -5.69 20.17
CA PRO A 104 6.38 -5.87 21.24
C PRO A 104 5.09 -5.18 20.82
N HIS A 105 3.98 -5.78 21.25
CA HIS A 105 2.60 -5.41 21.04
C HIS A 105 2.31 -3.96 21.42
N ILE A 106 3.01 -3.46 22.44
CA ILE A 106 2.89 -2.10 22.96
C ILE A 106 3.33 -1.07 21.94
N THR A 107 4.38 -1.32 21.16
CA THR A 107 4.91 -0.35 20.23
C THR A 107 4.19 -0.51 18.89
N VAL A 108 3.70 -1.70 18.52
CA VAL A 108 2.95 -1.98 17.31
C VAL A 108 1.60 -1.28 17.46
N ASP A 109 0.94 -1.25 18.62
CA ASP A 109 -0.19 -0.46 19.04
C ASP A 109 0.06 1.05 19.01
N ARG A 110 1.14 1.51 19.64
CA ARG A 110 1.59 2.89 19.56
C ARG A 110 1.95 3.44 18.19
N LEU A 111 2.50 2.56 17.34
CA LEU A 111 2.97 2.96 16.03
C LEU A 111 1.90 3.06 14.95
N VAL A 112 0.75 2.38 15.02
CA VAL A 112 -0.42 2.57 14.20
C VAL A 112 -1.17 3.85 14.54
N SER A 113 -1.31 4.10 15.85
CA SER A 113 -1.90 5.26 16.48
C SER A 113 -1.10 6.53 16.25
N LYS A 114 0.23 6.51 16.21
CA LYS A 114 1.04 7.62 15.76
C LYS A 114 0.73 8.02 14.32
N ALA A 115 0.82 7.02 13.43
CA ALA A 115 0.52 7.13 12.01
C ALA A 115 -0.86 7.67 11.66
N LEU A 116 -1.86 7.19 12.41
CA LEU A 116 -3.25 7.58 12.26
C LEU A 116 -3.40 9.04 12.63
N ASN A 117 -2.55 9.58 13.51
CA ASN A 117 -2.71 10.94 14.00
C ASN A 117 -2.37 11.92 12.89
N MET A 118 -1.39 11.48 12.10
CA MET A 118 -0.83 12.17 10.96
C MET A 118 -1.77 12.11 9.77
N TRP A 119 -2.58 11.06 9.71
CA TRP A 119 -3.57 11.01 8.66
C TRP A 119 -4.82 11.72 9.13
N GLY A 120 -5.08 11.72 10.44
CA GLY A 120 -6.36 12.09 11.00
C GLY A 120 -6.64 13.59 11.01
N LYS A 121 -5.60 14.43 10.98
CA LYS A 121 -5.65 15.87 11.10
C LYS A 121 -6.04 16.60 9.83
N GLU A 122 -6.09 16.07 8.60
CA GLU A 122 -6.42 16.83 7.42
C GLU A 122 -7.74 16.33 6.85
N ILE A 123 -8.45 15.57 7.69
CA ILE A 123 -9.69 14.86 7.45
C ILE A 123 -10.82 15.14 8.44
N PRO A 124 -12.07 15.15 7.99
CA PRO A 124 -13.17 15.55 8.87
C PRO A 124 -13.62 14.43 9.80
N LEU A 125 -13.15 13.21 9.57
CA LEU A 125 -13.36 12.00 10.33
C LEU A 125 -12.46 11.97 11.57
N HIS A 126 -12.91 11.26 12.60
CA HIS A 126 -12.39 11.02 13.93
C HIS A 126 -11.91 9.57 13.92
N PHE A 127 -10.68 9.40 14.41
CA PHE A 127 -10.09 8.12 14.77
C PHE A 127 -10.27 7.93 16.27
N ARG A 128 -10.99 6.89 16.71
CA ARG A 128 -11.15 6.64 18.12
C ARG A 128 -10.38 5.37 18.42
N LYS A 129 -9.71 5.23 19.56
CA LYS A 129 -9.12 3.96 19.91
C LYS A 129 -10.14 3.10 20.66
N VAL A 130 -10.23 1.81 20.35
CA VAL A 130 -10.94 0.78 21.08
C VAL A 130 -9.99 -0.37 21.41
N VAL A 131 -10.27 -1.00 22.56
CA VAL A 131 -9.56 -2.11 23.15
C VAL A 131 -10.45 -3.23 23.67
N TRP A 132 -11.71 -3.20 23.21
CA TRP A 132 -12.92 -3.97 23.44
C TRP A 132 -13.44 -4.02 22.02
N GLY A 133 -13.59 -5.24 21.49
CA GLY A 133 -14.39 -5.51 20.31
C GLY A 133 -13.57 -5.63 19.03
N THR A 134 -14.21 -6.02 17.93
CA THR A 134 -13.82 -5.75 16.56
C THR A 134 -13.87 -4.23 16.38
N ALA A 135 -13.04 -3.72 15.46
CA ALA A 135 -12.85 -2.33 15.12
C ALA A 135 -13.04 -2.02 13.65
N ASP A 136 -13.53 -0.86 13.20
CA ASP A 136 -13.66 -0.40 11.82
C ASP A 136 -12.40 -0.77 11.05
N ILE A 137 -11.21 -0.30 11.43
CA ILE A 137 -9.91 -0.65 10.91
C ILE A 137 -9.37 -1.72 11.85
N MET A 138 -9.22 -2.95 11.33
CA MET A 138 -8.62 -4.09 11.98
C MET A 138 -7.27 -4.25 11.27
N ILE A 139 -6.26 -4.16 12.14
CA ILE A 139 -4.89 -4.40 11.74
C ILE A 139 -4.52 -5.81 12.17
N GLY A 140 -4.20 -6.61 11.16
CA GLY A 140 -3.70 -7.95 11.45
C GLY A 140 -2.33 -8.27 10.86
N PHE A 141 -1.81 -9.47 11.14
CA PHE A 141 -0.55 -10.07 10.76
C PHE A 141 -0.86 -11.54 10.48
N ALA A 142 -0.56 -12.03 9.27
CA ALA A 142 -0.90 -13.34 8.78
C ALA A 142 0.14 -13.76 7.75
N ARG A 143 0.12 -15.04 7.40
CA ARG A 143 0.65 -15.66 6.21
C ARG A 143 -0.52 -15.54 5.25
N GLY A 144 -0.33 -15.05 4.02
CA GLY A 144 -1.29 -14.89 2.95
C GLY A 144 -2.26 -16.00 2.59
N ALA A 145 -1.89 -17.22 3.01
CA ALA A 145 -2.63 -18.46 2.94
C ALA A 145 -3.83 -18.49 3.87
N HIS A 146 -4.17 -17.45 4.62
CA HIS A 146 -5.23 -17.34 5.63
C HIS A 146 -6.64 -17.29 5.06
N GLY A 147 -6.83 -17.62 3.78
CA GLY A 147 -8.08 -17.59 3.04
C GLY A 147 -8.03 -16.90 1.69
N ASP A 148 -7.21 -15.85 1.60
CA ASP A 148 -7.10 -14.93 0.48
C ASP A 148 -6.33 -15.48 -0.72
N SER A 149 -6.42 -14.73 -1.81
CA SER A 149 -5.57 -15.02 -2.96
C SER A 149 -4.09 -14.72 -2.70
N TYR A 150 -3.25 -15.76 -2.66
CA TYR A 150 -1.81 -15.89 -2.72
C TYR A 150 -1.10 -15.94 -1.37
N PRO A 151 0.09 -16.54 -1.27
CA PRO A 151 1.01 -16.40 -0.16
C PRO A 151 1.57 -14.97 -0.14
N PHE A 152 2.08 -14.57 1.03
CA PHE A 152 2.80 -13.33 1.18
C PHE A 152 4.28 -13.61 0.96
N ASP A 153 4.58 -14.84 0.54
CA ASP A 153 5.85 -15.36 0.05
C ASP A 153 6.78 -16.00 1.05
N GLY A 154 6.77 -15.50 2.28
CA GLY A 154 7.89 -15.76 3.17
C GLY A 154 8.55 -14.41 3.38
N PRO A 155 9.83 -14.30 3.78
CA PRO A 155 10.57 -13.06 3.84
C PRO A 155 10.99 -12.71 2.42
N GLY A 156 10.84 -11.46 1.98
CA GLY A 156 11.00 -11.13 0.57
C GLY A 156 9.72 -10.47 0.09
N ASN A 157 9.63 -10.43 -1.24
CA ASN A 157 8.72 -9.60 -1.99
C ASN A 157 7.26 -9.88 -1.70
N THR A 158 6.62 -8.77 -1.29
CA THR A 158 5.31 -8.64 -0.69
C THR A 158 5.30 -8.72 0.83
N LEU A 159 4.68 -7.80 1.57
CA LEU A 159 4.91 -7.52 2.97
C LEU A 159 3.54 -7.29 3.61
N ALA A 160 2.42 -7.20 2.88
CA ALA A 160 1.10 -6.90 3.40
C ALA A 160 0.07 -7.01 2.28
N HIS A 161 -1.22 -6.95 2.60
CA HIS A 161 -2.35 -6.54 1.78
C HIS A 161 -3.31 -5.65 2.54
N ALA A 162 -4.23 -4.89 1.94
CA ALA A 162 -5.21 -4.04 2.59
C ALA A 162 -6.28 -3.75 1.54
N PHE A 163 -7.46 -3.43 2.07
CA PHE A 163 -8.78 -3.36 1.46
C PHE A 163 -9.31 -1.97 1.75
N ALA A 164 -9.81 -1.24 0.75
CA ALA A 164 -10.28 0.13 0.74
C ALA A 164 -11.46 0.31 1.68
N PRO A 165 -11.72 1.54 2.13
CA PRO A 165 -12.57 1.78 3.28
C PRO A 165 -14.05 1.44 3.11
N GLY A 166 -14.63 0.49 3.84
CA GLY A 166 -16.03 0.13 3.81
C GLY A 166 -16.52 -0.47 5.12
N THR A 167 -17.78 -0.91 5.21
CA THR A 167 -18.55 -1.20 6.40
C THR A 167 -18.22 -2.58 6.97
N GLY A 168 -17.69 -3.46 6.12
CA GLY A 168 -17.35 -4.81 6.53
C GLY A 168 -15.87 -4.98 6.24
N LEU A 169 -15.48 -5.84 5.29
CA LEU A 169 -14.16 -6.28 4.88
C LEU A 169 -13.14 -5.24 4.49
N GLY A 170 -13.63 -4.02 4.25
CA GLY A 170 -12.78 -2.89 3.93
C GLY A 170 -12.28 -2.16 5.17
N GLY A 171 -11.17 -1.42 5.07
CA GLY A 171 -10.67 -0.63 6.18
C GLY A 171 -9.42 -1.35 6.67
N ASP A 172 -9.05 -2.53 6.17
CA ASP A 172 -8.59 -3.68 6.93
C ASP A 172 -7.30 -4.17 6.30
N ALA A 173 -6.29 -4.53 7.09
CA ALA A 173 -4.99 -4.95 6.65
C ALA A 173 -4.55 -6.26 7.29
N HIS A 174 -3.83 -7.08 6.52
CA HIS A 174 -3.06 -8.23 6.97
C HIS A 174 -1.64 -7.96 6.49
N PHE A 175 -0.66 -7.87 7.40
CA PHE A 175 0.77 -7.74 7.24
C PHE A 175 1.51 -9.06 7.35
N ASP A 176 2.62 -9.28 6.66
CA ASP A 176 3.35 -10.52 6.40
C ASP A 176 4.00 -10.91 7.71
N GLU A 177 3.62 -12.08 8.24
CA GLU A 177 4.19 -12.91 9.28
C GLU A 177 5.66 -13.30 9.17
N ASP A 178 6.07 -13.69 7.96
CA ASP A 178 7.38 -14.26 7.70
C ASP A 178 8.39 -13.18 7.32
N GLU A 179 8.00 -11.91 7.21
CA GLU A 179 8.91 -10.83 6.91
C GLU A 179 9.65 -10.44 8.18
N ARG A 180 10.75 -9.70 8.12
CA ARG A 180 11.48 -9.25 9.30
C ARG A 180 11.06 -7.81 9.54
N TRP A 181 10.52 -7.51 10.73
CA TRP A 181 10.07 -6.17 11.08
C TRP A 181 10.95 -5.58 12.18
N THR A 182 11.14 -4.27 12.23
CA THR A 182 11.99 -3.48 13.12
C THR A 182 11.35 -2.13 13.39
N ASP A 183 11.99 -1.34 14.27
CA ASP A 183 11.84 0.07 14.55
C ASP A 183 13.20 0.76 14.43
N GLY A 184 14.09 0.51 15.39
CA GLY A 184 15.30 1.26 15.65
C GLY A 184 16.56 0.46 15.32
N SER A 185 16.47 -0.87 15.27
CA SER A 185 17.63 -1.74 15.32
C SER A 185 18.05 -2.05 13.90
N SER A 186 17.25 -1.82 12.87
CA SER A 186 17.58 -1.71 11.46
C SER A 186 17.85 -3.04 10.78
N LEU A 187 17.22 -4.10 11.31
CA LEU A 187 17.43 -5.50 10.99
C LEU A 187 16.32 -6.11 10.13
N GLY A 188 15.16 -5.47 10.10
CA GLY A 188 14.06 -5.74 9.18
C GLY A 188 13.54 -4.49 8.48
N ILE A 189 12.33 -4.59 7.92
CA ILE A 189 11.53 -3.55 7.30
C ILE A 189 10.91 -2.77 8.46
N ASN A 190 11.09 -1.45 8.47
CA ASN A 190 10.62 -0.54 9.50
C ASN A 190 9.14 -0.26 9.33
N PHE A 191 8.43 -0.67 10.37
CA PHE A 191 6.99 -0.85 10.46
C PHE A 191 6.28 0.46 10.18
N LEU A 192 6.65 1.54 10.86
CA LEU A 192 6.11 2.88 10.81
C LEU A 192 5.82 3.52 9.46
N TYR A 193 6.72 3.25 8.50
CA TYR A 193 6.50 3.61 7.12
C TYR A 193 5.56 2.73 6.33
N ALA A 194 5.81 1.43 6.47
CA ALA A 194 4.90 0.45 5.89
C ALA A 194 3.48 0.39 6.43
N ALA A 195 3.29 0.73 7.70
CA ALA A 195 2.04 0.99 8.37
C ALA A 195 1.43 2.24 7.75
N THR A 196 2.19 3.33 7.69
CA THR A 196 1.85 4.60 7.09
C THR A 196 1.32 4.42 5.67
N HIS A 197 1.98 3.58 4.85
CA HIS A 197 1.56 3.26 3.50
C HIS A 197 0.18 2.63 3.43
N ALA A 198 0.05 1.54 4.19
CA ALA A 198 -1.14 0.73 4.36
C ALA A 198 -2.29 1.53 4.94
N LEU A 199 -2.08 2.46 5.88
CA LEU A 199 -3.09 3.34 6.43
C LEU A 199 -3.51 4.47 5.50
N GLY A 200 -2.74 4.91 4.50
CA GLY A 200 -3.13 5.94 3.56
C GLY A 200 -4.07 5.35 2.52
N HIS A 201 -3.83 4.09 2.16
CA HIS A 201 -4.68 3.38 1.21
C HIS A 201 -6.04 2.99 1.78
N SER A 202 -6.00 2.76 3.09
CA SER A 202 -7.15 2.51 3.93
C SER A 202 -8.05 3.72 4.11
N LEU A 203 -7.63 4.93 3.72
CA LEU A 203 -8.41 6.14 3.59
C LEU A 203 -8.95 6.28 2.17
N GLY A 204 -8.28 5.65 1.19
CA GLY A 204 -8.52 5.61 -0.23
C GLY A 204 -7.53 6.38 -1.09
N MET A 205 -6.42 6.90 -0.55
CA MET A 205 -5.45 7.79 -1.14
C MET A 205 -4.35 6.98 -1.81
N GLY A 206 -3.71 7.60 -2.81
CA GLY A 206 -2.77 6.93 -3.68
C GLY A 206 -1.40 7.59 -3.57
N HIS A 207 -0.53 7.25 -4.51
CA HIS A 207 0.88 7.57 -4.62
C HIS A 207 1.00 8.85 -5.44
N SER A 208 2.23 9.33 -5.66
CA SER A 208 2.52 10.60 -6.29
C SER A 208 3.93 10.51 -6.84
N SER A 209 4.23 11.24 -7.92
CA SER A 209 5.54 11.49 -8.49
C SER A 209 6.38 12.49 -7.73
N ASP A 210 5.77 13.27 -6.82
CA ASP A 210 6.45 14.41 -6.22
C ASP A 210 7.36 13.94 -5.10
N PRO A 211 8.66 14.23 -5.16
CA PRO A 211 9.66 13.66 -4.27
C PRO A 211 9.60 13.99 -2.78
N ASN A 212 8.71 14.92 -2.41
CA ASN A 212 8.38 15.36 -1.07
C ASN A 212 7.16 14.57 -0.59
N ALA A 213 6.44 13.90 -1.50
CA ALA A 213 5.13 13.40 -1.17
C ALA A 213 5.30 12.13 -0.34
N VAL A 214 4.58 12.07 0.79
CA VAL A 214 4.83 11.11 1.85
C VAL A 214 4.78 9.64 1.46
N MET A 215 4.13 9.30 0.35
CA MET A 215 4.06 7.94 -0.14
C MET A 215 4.52 8.01 -1.59
N TYR A 216 5.78 8.42 -1.83
CA TYR A 216 6.56 8.24 -3.03
C TYR A 216 7.17 6.84 -3.01
N PRO A 217 6.78 5.97 -3.95
CA PRO A 217 7.22 4.59 -3.84
C PRO A 217 8.61 4.31 -4.40
N THR A 218 9.12 5.22 -5.24
CA THR A 218 10.39 5.34 -5.94
C THR A 218 11.33 6.14 -5.05
N TYR A 219 11.28 6.10 -3.72
CA TYR A 219 12.27 6.57 -2.75
C TYR A 219 13.60 5.83 -2.82
N GLY A 220 14.64 6.41 -2.21
CA GLY A 220 16.04 6.11 -2.32
C GLY A 220 16.49 5.84 -0.89
N ASN A 221 17.77 6.02 -0.58
CA ASN A 221 18.36 6.08 0.74
C ASN A 221 18.20 7.50 1.28
N GLY A 222 18.04 7.71 2.59
CA GLY A 222 17.92 8.93 3.35
C GLY A 222 16.57 8.84 4.07
N ASP A 223 16.54 8.96 5.39
CA ASP A 223 15.29 9.00 6.11
C ASP A 223 14.77 10.43 6.15
N PRO A 224 13.46 10.63 6.33
CA PRO A 224 12.82 11.93 6.34
C PRO A 224 13.09 12.54 7.71
N GLN A 225 13.61 13.78 7.73
CA GLN A 225 14.20 14.44 8.87
C GLN A 225 13.23 14.68 10.02
N ASN A 226 11.99 15.08 9.72
CA ASN A 226 10.92 15.23 10.70
C ASN A 226 9.73 14.32 10.44
N PHE A 227 9.30 14.18 9.18
CA PHE A 227 8.28 13.33 8.60
C PHE A 227 6.91 13.97 8.77
N LYS A 228 6.27 14.49 7.70
CA LYS A 228 5.02 15.19 7.65
C LYS A 228 4.46 15.08 6.24
N LEU A 229 3.20 15.53 6.14
CA LEU A 229 2.31 15.59 5.01
C LEU A 229 2.84 16.75 4.19
N SER A 230 3.09 16.58 2.88
CA SER A 230 3.52 17.62 1.97
C SER A 230 2.28 18.31 1.44
N GLN A 231 2.50 19.45 0.78
CA GLN A 231 1.67 20.24 -0.12
C GLN A 231 0.77 19.43 -1.04
N ASP A 232 1.37 18.57 -1.87
CA ASP A 232 0.65 17.63 -2.71
C ASP A 232 -0.11 16.57 -1.90
N ASP A 233 0.35 15.97 -0.80
CA ASP A 233 -0.34 15.04 0.06
C ASP A 233 -1.63 15.59 0.66
N ILE A 234 -1.53 16.80 1.19
CA ILE A 234 -2.63 17.62 1.69
C ILE A 234 -3.61 17.90 0.56
N LYS A 235 -3.14 18.38 -0.61
CA LYS A 235 -4.04 18.70 -1.70
C LYS A 235 -4.70 17.49 -2.34
N GLY A 236 -4.23 16.25 -2.17
CA GLY A 236 -4.87 14.99 -2.50
C GLY A 236 -5.76 14.44 -1.40
N ILE A 237 -5.47 14.69 -0.11
CA ILE A 237 -6.33 14.37 1.01
C ILE A 237 -7.64 15.16 1.04
N GLN A 238 -7.46 16.46 0.78
CA GLN A 238 -8.52 17.43 0.60
C GLN A 238 -9.13 17.36 -0.80
N LYS A 239 -8.61 16.59 -1.75
CA LYS A 239 -9.38 16.27 -2.94
C LYS A 239 -10.39 15.17 -2.60
N LEU A 240 -9.98 14.41 -1.59
CA LEU A 240 -10.68 13.16 -1.33
C LEU A 240 -11.80 13.39 -0.32
N TYR A 241 -11.55 14.28 0.63
CA TYR A 241 -12.28 14.58 1.84
C TYR A 241 -12.74 16.03 1.96
N GLY A 242 -12.29 16.94 1.09
CA GLY A 242 -12.77 18.31 1.07
C GLY A 242 -13.42 18.67 -0.25
N LYS A 243 -13.07 19.78 -0.88
CA LYS A 243 -13.47 20.20 -2.21
C LYS A 243 -12.75 19.44 -3.30
N ARG A 244 -13.48 18.91 -4.29
CA ARG A 244 -13.00 17.87 -5.18
C ARG A 244 -12.22 18.34 -6.39
N SER A 245 -11.42 19.41 -6.24
CA SER A 245 -10.65 20.10 -7.27
C SER A 245 -9.39 19.38 -7.72
N ASN A 246 -9.05 19.43 -9.01
CA ASN A 246 -7.75 19.05 -9.53
C ASN A 246 -6.78 20.20 -9.34
N SER A 247 -5.59 19.99 -8.78
CA SER A 247 -4.51 20.96 -8.74
C SER A 247 -3.10 20.45 -8.96
N ARG A 248 -2.88 19.13 -8.84
CA ARG A 248 -1.62 18.42 -9.03
C ARG A 248 -1.26 18.57 -10.49
N LYS A 249 -0.07 19.14 -10.72
CA LYS A 249 0.45 19.46 -12.04
C LYS A 249 1.37 18.32 -12.44
N LYS A 250 1.50 18.20 -13.77
CA LYS A 250 2.42 17.31 -14.44
C LYS A 250 3.86 17.80 -14.48
N LEU A 3 21.06 -9.37 -12.49
CA LEU A 3 21.03 -8.47 -13.65
C LEU A 3 21.67 -7.15 -13.23
N PRO A 4 22.33 -6.34 -14.04
CA PRO A 4 23.06 -5.16 -13.64
C PRO A 4 22.05 -4.07 -13.27
N GLN A 5 20.90 -4.08 -13.94
CA GLN A 5 19.68 -3.32 -13.77
C GLN A 5 18.60 -4.22 -14.36
N GLU A 6 17.46 -4.29 -13.66
CA GLU A 6 16.57 -5.43 -13.65
C GLU A 6 15.52 -5.17 -14.73
N ALA A 7 15.30 -3.96 -15.22
CA ALA A 7 14.29 -3.56 -16.20
C ALA A 7 14.72 -3.71 -17.64
N GLY A 8 16.00 -3.82 -17.99
CA GLY A 8 16.56 -3.89 -19.33
C GLY A 8 16.84 -5.28 -19.86
N GLY A 9 16.89 -6.24 -18.94
CA GLY A 9 17.07 -7.66 -19.20
C GLY A 9 15.88 -8.54 -18.86
N MET A 10 14.64 -8.04 -18.71
CA MET A 10 13.46 -8.73 -18.25
C MET A 10 13.26 -10.04 -19.01
N SER A 11 13.29 -11.20 -18.37
CA SER A 11 13.11 -12.51 -18.96
C SER A 11 12.02 -13.27 -18.23
N GLU A 12 11.70 -14.53 -18.56
CA GLU A 12 10.64 -15.39 -18.07
C GLU A 12 10.38 -15.30 -16.58
N LEU A 13 11.51 -15.32 -15.86
CA LEU A 13 11.68 -15.25 -14.41
C LEU A 13 11.09 -13.97 -13.88
N GLN A 14 11.49 -12.79 -14.39
CA GLN A 14 10.99 -11.48 -14.07
C GLN A 14 9.56 -11.20 -14.51
N TRP A 15 9.15 -11.61 -15.71
CA TRP A 15 7.81 -11.59 -16.28
C TRP A 15 6.87 -12.44 -15.44
N GLU A 16 7.31 -13.57 -14.88
CA GLU A 16 6.60 -14.44 -13.95
C GLU A 16 6.52 -13.75 -12.60
N GLN A 17 7.56 -13.11 -12.05
CA GLN A 17 7.50 -12.20 -10.93
C GLN A 17 6.40 -11.17 -11.11
N ALA A 18 6.36 -10.46 -12.24
CA ALA A 18 5.41 -9.41 -12.58
C ALA A 18 3.99 -9.92 -12.66
N GLN A 19 3.78 -11.02 -13.39
CA GLN A 19 2.58 -11.83 -13.35
C GLN A 19 2.17 -12.29 -11.95
N ASP A 20 3.05 -12.79 -11.08
CA ASP A 20 2.87 -13.31 -9.74
C ASP A 20 2.44 -12.13 -8.88
N TYR A 21 2.92 -10.92 -9.21
CA TYR A 21 2.71 -9.72 -8.43
C TYR A 21 1.31 -9.15 -8.68
N LEU A 22 0.86 -9.04 -9.93
CA LEU A 22 -0.49 -8.61 -10.17
C LEU A 22 -1.44 -9.71 -9.71
N LYS A 23 -1.10 -10.99 -9.83
CA LYS A 23 -1.94 -12.05 -9.32
C LYS A 23 -2.30 -11.96 -7.85
N ARG A 24 -1.47 -11.45 -6.93
CA ARG A 24 -1.81 -11.39 -5.53
C ARG A 24 -2.49 -10.09 -5.12
N PHE A 25 -2.59 -9.10 -6.01
CA PHE A 25 -3.42 -7.93 -5.73
C PHE A 25 -4.86 -8.24 -6.12
N TYR A 26 -5.03 -8.78 -7.33
CA TYR A 26 -6.33 -9.12 -7.88
C TYR A 26 -6.83 -10.43 -7.29
N LEU A 27 -5.97 -11.35 -6.86
CA LEU A 27 -6.26 -12.65 -6.27
C LEU A 27 -6.57 -13.67 -7.36
N TYR A 28 -7.04 -13.18 -8.50
CA TYR A 28 -7.15 -13.82 -9.80
C TYR A 28 -7.48 -12.66 -10.73
N ASP A 29 -6.76 -12.54 -11.85
CA ASP A 29 -7.04 -11.70 -13.00
C ASP A 29 -6.93 -12.39 -14.35
N SER A 30 -8.03 -12.48 -15.08
CA SER A 30 -8.10 -13.02 -16.42
C SER A 30 -7.49 -12.11 -17.47
N GLU A 31 -7.12 -10.88 -17.11
CA GLU A 31 -6.59 -9.92 -18.06
C GLU A 31 -5.09 -10.06 -17.86
N THR A 32 -4.57 -10.54 -16.73
CA THR A 32 -3.19 -10.82 -16.42
C THR A 32 -2.85 -12.22 -16.89
N LYS A 33 -3.79 -13.08 -17.29
CA LYS A 33 -3.55 -14.33 -17.99
C LYS A 33 -3.51 -13.97 -19.47
N ASN A 34 -2.56 -14.45 -20.27
CA ASN A 34 -2.23 -14.25 -21.67
C ASN A 34 -1.24 -13.12 -21.86
N ALA A 35 -0.01 -13.45 -22.25
CA ALA A 35 1.17 -12.64 -22.51
C ALA A 35 0.92 -11.38 -23.35
N ASN A 36 -0.07 -11.40 -24.24
CA ASN A 36 -0.45 -10.26 -25.04
C ASN A 36 -1.32 -9.37 -24.15
N SER A 37 -2.25 -9.92 -23.36
CA SER A 37 -3.16 -9.10 -22.58
C SER A 37 -2.40 -8.50 -21.40
N LEU A 38 -1.43 -9.23 -20.84
CA LEU A 38 -0.58 -8.68 -19.80
C LEU A 38 0.39 -7.59 -20.25
N GLU A 39 0.74 -7.56 -21.53
CA GLU A 39 1.67 -6.66 -22.16
C GLU A 39 1.26 -5.23 -21.89
N ALA A 40 -0.03 -4.87 -21.86
CA ALA A 40 -0.58 -3.56 -21.55
C ALA A 40 -0.42 -3.22 -20.08
N LYS A 41 -0.70 -4.19 -19.19
CA LYS A 41 -0.88 -3.95 -17.78
C LYS A 41 0.45 -3.62 -17.10
N LEU A 42 1.57 -4.23 -17.51
CA LEU A 42 2.87 -4.03 -16.90
C LEU A 42 3.45 -2.76 -17.50
N LYS A 43 3.24 -2.39 -18.78
CA LYS A 43 3.72 -1.16 -19.38
C LYS A 43 2.93 0.09 -19.07
N GLU A 44 1.67 -0.06 -18.63
CA GLU A 44 0.97 1.06 -18.04
C GLU A 44 1.31 1.26 -16.56
N MET A 45 1.95 0.33 -15.86
CA MET A 45 2.38 0.36 -14.48
C MET A 45 3.14 1.50 -13.81
N GLN A 46 4.13 2.01 -14.55
CA GLN A 46 4.83 3.22 -14.18
C GLN A 46 3.93 4.42 -13.94
N LYS A 47 2.77 4.60 -14.59
CA LYS A 47 1.76 5.58 -14.25
C LYS A 47 1.27 5.31 -12.83
N PHE A 48 0.91 4.08 -12.46
CA PHE A 48 0.42 3.63 -11.17
C PHE A 48 1.44 3.97 -10.08
N PHE A 49 2.73 3.85 -10.37
CA PHE A 49 3.91 4.13 -9.56
C PHE A 49 4.22 5.62 -9.60
N GLY A 50 3.56 6.50 -10.37
CA GLY A 50 3.73 7.92 -10.09
C GLY A 50 4.37 8.66 -11.25
N LEU A 51 4.88 7.89 -12.21
CA LEU A 51 5.85 8.48 -13.12
C LEU A 51 5.16 9.07 -14.33
N PRO A 52 5.54 10.19 -14.94
CA PRO A 52 5.02 10.60 -16.23
C PRO A 52 5.54 9.72 -17.36
N ILE A 53 6.75 9.16 -17.21
CA ILE A 53 7.34 8.17 -18.10
C ILE A 53 6.57 6.88 -17.90
N THR A 54 5.61 6.55 -18.79
CA THR A 54 4.78 5.37 -18.90
C THR A 54 4.65 4.96 -20.36
N GLY A 55 4.23 3.71 -20.58
CA GLY A 55 4.02 3.11 -21.88
C GLY A 55 5.04 2.02 -22.12
N MET A 56 5.97 1.88 -21.17
CA MET A 56 7.16 1.05 -21.03
C MET A 56 7.40 0.64 -19.60
N LEU A 57 8.25 -0.36 -19.35
CA LEU A 57 9.06 -0.51 -18.15
C LEU A 57 10.44 -0.01 -18.53
N ASN A 58 11.09 0.69 -17.60
CA ASN A 58 12.44 1.18 -17.75
C ASN A 58 13.02 1.47 -16.38
N SER A 59 12.21 1.90 -15.39
CA SER A 59 12.61 2.49 -14.14
C SER A 59 12.97 1.43 -13.11
N ARG A 60 13.47 1.78 -11.92
CA ARG A 60 13.86 0.96 -10.79
C ARG A 60 12.78 0.11 -10.14
N VAL A 61 11.51 0.17 -10.56
CA VAL A 61 10.28 -0.52 -10.21
C VAL A 61 10.55 -2.02 -10.18
N ILE A 62 11.28 -2.63 -11.12
CA ILE A 62 11.49 -4.06 -11.09
C ILE A 62 12.31 -4.56 -9.92
N GLU A 63 13.38 -3.82 -9.59
CA GLU A 63 14.25 -3.92 -8.43
C GLU A 63 13.51 -3.91 -7.10
N ILE A 64 12.53 -3.06 -6.84
CA ILE A 64 11.68 -2.91 -5.68
C ILE A 64 10.39 -3.71 -5.76
N MET A 65 10.06 -4.34 -6.90
CA MET A 65 8.98 -5.28 -7.10
C MET A 65 9.13 -6.53 -6.24
N GLN A 66 10.36 -7.05 -6.18
CA GLN A 66 10.67 -8.29 -5.50
C GLN A 66 10.82 -7.98 -4.02
N LYS A 67 10.92 -6.74 -3.52
CA LYS A 67 11.15 -6.37 -2.14
C LYS A 67 9.79 -6.13 -1.52
N PRO A 68 9.58 -6.43 -0.23
CA PRO A 68 8.30 -6.31 0.44
C PRO A 68 8.02 -4.86 0.79
N ARG A 69 7.23 -4.25 -0.09
CA ARG A 69 6.83 -2.85 -0.07
C ARG A 69 5.34 -2.62 -0.30
N CYS A 70 4.70 -3.31 -1.23
CA CYS A 70 3.32 -3.10 -1.65
C CYS A 70 2.66 -4.47 -1.62
N GLY A 71 1.85 -4.74 -0.60
CA GLY A 71 1.03 -5.93 -0.50
C GLY A 71 -0.42 -5.54 -0.73
N VAL A 72 -0.90 -4.51 -0.03
CA VAL A 72 -2.13 -3.80 -0.37
C VAL A 72 -2.13 -3.40 -1.84
N PRO A 73 -3.18 -3.59 -2.63
CA PRO A 73 -3.18 -3.11 -3.99
C PRO A 73 -3.16 -1.59 -4.15
N ASP A 74 -2.64 -1.16 -5.30
CA ASP A 74 -2.81 0.16 -5.87
C ASP A 74 -4.09 0.16 -6.69
N VAL A 75 -4.47 -0.96 -7.31
CA VAL A 75 -5.76 -1.29 -7.87
C VAL A 75 -6.08 -2.78 -7.80
N ALA A 76 -7.32 -3.21 -7.61
CA ALA A 76 -7.76 -4.59 -7.60
C ALA A 76 -9.23 -4.62 -7.98
N GLU A 77 -9.69 -5.80 -8.43
CA GLU A 77 -11.06 -6.22 -8.54
C GLU A 77 -11.16 -7.61 -7.92
N TYR A 78 -12.08 -7.73 -6.96
CA TYR A 78 -12.43 -8.90 -6.18
C TYR A 78 -13.95 -8.95 -6.02
N SER A 79 -14.48 -10.13 -5.68
CA SER A 79 -15.90 -10.45 -5.70
C SER A 79 -16.52 -10.43 -4.30
N LEU A 80 -17.86 -10.35 -4.16
CA LEU A 80 -18.61 -10.22 -2.93
C LEU A 80 -18.60 -8.76 -2.49
N PHE A 81 -17.63 -7.90 -2.83
CA PHE A 81 -17.47 -6.47 -2.70
C PHE A 81 -16.26 -6.01 -3.51
N PRO A 82 -16.26 -4.87 -4.19
CA PRO A 82 -15.18 -4.37 -5.03
C PRO A 82 -14.13 -3.71 -4.14
N ASN A 83 -12.92 -3.54 -4.69
CA ASN A 83 -11.85 -2.87 -3.98
C ASN A 83 -12.22 -1.41 -4.21
N SER A 84 -13.08 -0.87 -3.33
CA SER A 84 -13.73 0.42 -3.36
C SER A 84 -14.06 0.89 -1.95
N PRO A 85 -13.88 2.13 -1.47
CA PRO A 85 -14.12 2.53 -0.11
C PRO A 85 -15.59 2.92 0.06
N LYS A 86 -16.29 2.56 1.13
CA LYS A 86 -17.63 3.04 1.44
C LYS A 86 -17.86 2.86 2.93
N TRP A 87 -17.53 3.88 3.72
CA TRP A 87 -18.01 4.17 5.05
C TRP A 87 -19.16 5.16 5.08
N THR A 88 -20.16 4.68 5.83
CA THR A 88 -21.46 5.32 5.96
C THR A 88 -21.63 6.10 7.25
N SER A 89 -20.66 5.77 8.12
CA SER A 89 -20.45 6.55 9.33
C SER A 89 -19.41 7.66 9.19
N LYS A 90 -19.42 8.68 10.05
CA LYS A 90 -18.43 9.72 10.15
C LYS A 90 -17.35 9.36 11.16
N VAL A 91 -17.63 8.37 12.01
CA VAL A 91 -16.61 7.86 12.89
C VAL A 91 -16.48 6.35 12.68
N VAL A 92 -15.25 5.92 12.37
CA VAL A 92 -14.87 4.53 12.32
C VAL A 92 -14.06 4.34 13.61
N THR A 93 -14.03 3.08 14.04
CA THR A 93 -13.24 2.66 15.18
C THR A 93 -12.04 1.81 14.76
N TYR A 94 -10.92 1.75 15.48
CA TYR A 94 -9.83 0.85 15.15
C TYR A 94 -9.31 0.09 16.37
N ARG A 95 -8.53 -0.96 16.15
CA ARG A 95 -7.99 -1.91 17.11
C ARG A 95 -6.91 -2.70 16.41
N ILE A 96 -5.78 -2.80 17.12
CA ILE A 96 -4.60 -3.54 16.74
C ILE A 96 -4.80 -4.85 17.49
N VAL A 97 -5.22 -5.96 16.87
CA VAL A 97 -5.65 -7.16 17.55
C VAL A 97 -4.62 -8.27 17.67
N SER A 98 -3.56 -8.16 16.86
CA SER A 98 -2.39 -9.01 16.73
C SER A 98 -1.26 -8.17 16.17
N TYR A 99 -0.07 -8.79 16.29
CA TYR A 99 1.22 -8.15 16.21
C TYR A 99 2.34 -8.99 15.63
N THR A 100 3.37 -8.37 15.04
CA THR A 100 4.68 -8.95 14.85
C THR A 100 5.39 -8.90 16.20
N ARG A 101 5.45 -10.11 16.76
CA ARG A 101 5.86 -10.45 18.10
C ARG A 101 7.30 -10.03 18.44
N ASP A 102 8.20 -9.76 17.48
CA ASP A 102 9.57 -9.31 17.51
C ASP A 102 9.63 -7.87 18.03
N LEU A 103 8.54 -7.12 17.86
CA LEU A 103 8.23 -5.86 18.50
C LEU A 103 7.12 -5.96 19.54
N PRO A 104 7.13 -5.17 20.61
CA PRO A 104 6.04 -5.11 21.58
C PRO A 104 4.77 -4.56 20.95
N HIS A 105 3.61 -5.04 21.39
CA HIS A 105 2.34 -4.70 20.77
C HIS A 105 1.98 -3.22 20.79
N ILE A 106 2.38 -2.57 21.89
CA ILE A 106 2.19 -1.15 22.11
C ILE A 106 2.89 -0.30 21.06
N THR A 107 4.04 -0.69 20.52
CA THR A 107 4.76 -0.06 19.44
C THR A 107 3.92 -0.16 18.18
N VAL A 108 3.46 -1.33 17.74
CA VAL A 108 2.74 -1.60 16.52
C VAL A 108 1.42 -0.85 16.56
N ASP A 109 0.67 -0.88 17.65
CA ASP A 109 -0.56 -0.19 18.00
C ASP A 109 -0.46 1.32 17.80
N ARG A 110 0.57 1.85 18.45
CA ARG A 110 1.05 3.22 18.39
C ARG A 110 1.49 3.70 17.01
N LEU A 111 2.24 2.88 16.27
CA LEU A 111 2.69 3.15 14.92
C LEU A 111 1.50 3.22 13.97
N VAL A 112 0.43 2.45 14.14
CA VAL A 112 -0.83 2.57 13.45
C VAL A 112 -1.63 3.83 13.72
N SER A 113 -1.57 4.27 14.98
CA SER A 113 -2.33 5.44 15.39
C SER A 113 -1.75 6.70 14.75
N LYS A 114 -0.42 6.75 14.64
CA LYS A 114 0.38 7.77 13.99
C LYS A 114 0.15 7.88 12.49
N ALA A 115 -0.06 6.69 11.91
CA ALA A 115 -0.32 6.50 10.49
C ALA A 115 -1.73 6.92 10.08
N LEU A 116 -2.70 6.59 10.91
CA LEU A 116 -4.08 7.01 10.75
C LEU A 116 -4.24 8.52 10.90
N ASN A 117 -3.54 9.21 11.80
CA ASN A 117 -3.54 10.65 11.97
C ASN A 117 -2.90 11.42 10.82
N MET A 118 -2.04 10.74 10.06
CA MET A 118 -1.43 11.28 8.85
C MET A 118 -2.50 11.86 7.95
N TRP A 119 -3.52 11.05 7.65
CA TRP A 119 -4.57 11.36 6.69
C TRP A 119 -5.79 11.96 7.36
N GLY A 120 -6.01 11.58 8.62
CA GLY A 120 -7.16 11.72 9.49
C GLY A 120 -7.57 13.07 10.04
N LYS A 121 -6.69 14.06 9.96
CA LYS A 121 -6.92 15.46 10.25
C LYS A 121 -7.51 16.15 9.03
N GLU A 122 -7.50 15.54 7.84
CA GLU A 122 -7.64 16.08 6.51
C GLU A 122 -8.77 15.35 5.78
N ILE A 123 -9.67 14.73 6.53
CA ILE A 123 -10.91 14.20 5.97
C ILE A 123 -11.99 14.33 7.03
N PRO A 124 -13.22 14.54 6.52
CA PRO A 124 -14.37 14.49 7.41
C PRO A 124 -14.72 13.10 7.90
N LEU A 125 -13.73 12.20 8.06
CA LEU A 125 -13.63 10.91 8.70
C LEU A 125 -12.71 11.01 9.91
N HIS A 126 -13.10 10.51 11.08
CA HIS A 126 -12.30 10.53 12.29
C HIS A 126 -12.04 9.06 12.59
N PHE A 127 -10.81 8.71 12.96
CA PHE A 127 -10.51 7.43 13.58
C PHE A 127 -10.49 7.50 15.10
N ARG A 128 -11.23 6.70 15.87
CA ARG A 128 -11.34 6.71 17.31
C ARG A 128 -10.91 5.33 17.78
N LYS A 129 -10.35 5.22 18.99
CA LYS A 129 -9.80 4.02 19.57
C LYS A 129 -10.94 3.28 20.27
N VAL A 130 -10.88 1.95 20.23
CA VAL A 130 -11.61 1.03 21.06
C VAL A 130 -10.58 0.01 21.53
N VAL A 131 -10.84 -0.58 22.70
CA VAL A 131 -10.12 -1.70 23.27
C VAL A 131 -11.16 -2.69 23.76
N TRP A 132 -12.32 -2.67 23.10
CA TRP A 132 -13.50 -3.31 23.66
C TRP A 132 -14.27 -3.88 22.47
N GLY A 133 -14.08 -5.19 22.28
CA GLY A 133 -14.75 -5.88 21.20
C GLY A 133 -14.09 -5.68 19.84
N THR A 134 -14.94 -5.77 18.82
CA THR A 134 -14.61 -5.54 17.43
C THR A 134 -14.50 -4.07 17.10
N ALA A 135 -13.58 -3.81 16.17
CA ALA A 135 -13.52 -2.51 15.53
C ALA A 135 -14.03 -2.49 14.09
N ASP A 136 -14.04 -1.34 13.41
CA ASP A 136 -14.42 -1.12 12.03
C ASP A 136 -13.19 -1.52 11.21
N ILE A 137 -12.05 -1.05 11.68
CA ILE A 137 -10.75 -1.38 11.11
C ILE A 137 -10.13 -2.39 12.07
N MET A 138 -9.88 -3.62 11.62
CA MET A 138 -9.16 -4.65 12.34
C MET A 138 -7.83 -4.74 11.63
N ILE A 139 -6.74 -4.65 12.39
CA ILE A 139 -5.38 -4.78 11.94
C ILE A 139 -4.79 -5.98 12.68
N GLY A 140 -4.49 -7.02 11.90
CA GLY A 140 -3.96 -8.27 12.40
C GLY A 140 -2.73 -8.79 11.68
N PHE A 141 -1.79 -9.41 12.39
CA PHE A 141 -0.50 -9.84 11.88
C PHE A 141 -0.45 -11.36 11.89
N ALA A 142 -0.34 -11.95 10.69
CA ALA A 142 -0.41 -13.36 10.36
C ALA A 142 0.56 -13.83 9.30
N ARG A 143 0.42 -15.13 8.98
CA ARG A 143 0.86 -15.80 7.78
C ARG A 143 -0.38 -15.87 6.89
N GLY A 144 -0.21 -15.78 5.57
CA GLY A 144 -1.26 -15.30 4.69
C GLY A 144 -2.07 -16.36 3.98
N ALA A 145 -1.83 -17.62 4.35
CA ALA A 145 -2.61 -18.76 3.92
C ALA A 145 -3.68 -19.22 4.90
N HIS A 146 -4.06 -18.39 5.87
CA HIS A 146 -5.05 -18.63 6.91
C HIS A 146 -6.51 -18.70 6.50
N GLY A 147 -6.88 -18.68 5.21
CA GLY A 147 -8.24 -18.76 4.72
C GLY A 147 -8.38 -17.84 3.52
N ASP A 148 -7.41 -16.93 3.38
CA ASP A 148 -7.27 -16.23 2.11
C ASP A 148 -6.25 -16.97 1.27
N SER A 149 -6.13 -16.58 0.01
CA SER A 149 -5.11 -17.13 -0.86
C SER A 149 -3.83 -16.33 -0.95
N TYR A 150 -2.68 -17.01 -1.05
CA TYR A 150 -1.30 -16.60 -1.09
C TYR A 150 -0.68 -16.35 0.29
N PRO A 151 0.43 -16.99 0.66
CA PRO A 151 1.19 -16.68 1.86
C PRO A 151 2.10 -15.51 1.58
N PHE A 152 2.55 -14.79 2.61
CA PHE A 152 3.35 -13.58 2.53
C PHE A 152 4.85 -13.87 2.55
N ASP A 153 5.18 -15.16 2.47
CA ASP A 153 6.41 -15.89 2.20
C ASP A 153 7.17 -16.21 3.48
N GLY A 154 7.09 -15.33 4.49
CA GLY A 154 8.23 -15.27 5.39
C GLY A 154 9.00 -13.97 5.29
N PRO A 155 10.26 -13.92 5.73
CA PRO A 155 11.12 -12.79 5.44
C PRO A 155 11.58 -12.67 3.99
N GLY A 156 11.10 -11.59 3.34
CA GLY A 156 11.40 -11.19 1.98
C GLY A 156 10.04 -11.05 1.29
N ASN A 157 9.91 -11.43 0.03
CA ASN A 157 8.82 -11.09 -0.85
C ASN A 157 7.43 -10.88 -0.24
N THR A 158 6.98 -9.62 -0.21
CA THR A 158 5.66 -9.14 0.17
C THR A 158 5.45 -9.17 1.68
N LEU A 159 4.60 -8.24 2.11
CA LEU A 159 4.37 -7.83 3.48
C LEU A 159 2.92 -7.76 3.94
N ALA A 160 1.86 -7.80 3.11
CA ALA A 160 0.47 -7.47 3.36
C ALA A 160 -0.45 -8.14 2.36
N HIS A 161 -1.74 -8.06 2.70
CA HIS A 161 -3.02 -8.17 2.03
C HIS A 161 -4.02 -7.36 2.85
N ALA A 162 -5.01 -6.70 2.22
CA ALA A 162 -6.00 -5.92 2.93
C ALA A 162 -7.30 -5.85 2.14
N PHE A 163 -8.49 -5.69 2.75
CA PHE A 163 -9.74 -5.47 2.07
C PHE A 163 -10.18 -4.03 2.31
N ALA A 164 -10.68 -3.43 1.22
CA ALA A 164 -11.18 -2.07 1.18
C ALA A 164 -12.30 -1.79 2.17
N PRO A 165 -12.52 -0.54 2.59
CA PRO A 165 -13.39 -0.21 3.71
C PRO A 165 -14.88 -0.40 3.41
N GLY A 166 -15.39 -1.40 4.13
CA GLY A 166 -16.82 -1.58 4.23
C GLY A 166 -17.22 -1.99 5.63
N THR A 167 -18.48 -1.98 6.07
CA THR A 167 -18.79 -2.55 7.36
C THR A 167 -18.77 -4.06 7.19
N GLY A 168 -18.13 -4.84 8.07
CA GLY A 168 -17.96 -6.27 7.88
C GLY A 168 -16.46 -6.48 7.70
N LEU A 169 -16.04 -7.40 6.83
CA LEU A 169 -14.73 -7.93 6.59
C LEU A 169 -13.92 -6.93 5.77
N GLY A 170 -14.51 -5.78 5.46
CA GLY A 170 -13.93 -4.64 4.78
C GLY A 170 -13.35 -3.69 5.83
N GLY A 171 -12.26 -2.99 5.52
CA GLY A 171 -11.62 -2.02 6.37
C GLY A 171 -10.41 -2.58 7.12
N ASP A 172 -10.15 -3.88 6.90
CA ASP A 172 -9.45 -4.77 7.80
C ASP A 172 -8.29 -5.34 6.99
N ALA A 173 -7.06 -5.25 7.51
CA ALA A 173 -5.75 -5.52 6.96
C ALA A 173 -5.24 -6.79 7.64
N HIS A 174 -4.41 -7.51 6.88
CA HIS A 174 -3.46 -8.54 7.27
C HIS A 174 -2.06 -8.40 6.71
N PHE A 175 -1.15 -8.34 7.68
CA PHE A 175 0.25 -8.12 7.38
C PHE A 175 0.96 -9.41 7.76
N ASP A 176 2.23 -9.51 7.36
CA ASP A 176 3.22 -10.54 7.52
C ASP A 176 3.92 -10.42 8.87
N GLU A 177 3.83 -11.47 9.70
CA GLU A 177 4.30 -11.46 11.06
C GLU A 177 5.74 -11.94 11.02
N ASP A 178 6.23 -12.74 10.06
CA ASP A 178 7.53 -13.36 9.90
C ASP A 178 8.52 -12.41 9.25
N GLU A 179 8.08 -11.24 8.77
CA GLU A 179 8.89 -10.21 8.14
C GLU A 179 9.32 -9.35 9.32
N ARG A 180 10.58 -8.92 9.40
CA ARG A 180 11.08 -8.07 10.46
C ARG A 180 10.66 -6.63 10.19
N TRP A 181 9.99 -5.92 11.11
CA TRP A 181 9.55 -4.55 11.09
C TRP A 181 10.57 -3.80 11.91
N THR A 182 10.73 -2.48 11.79
CA THR A 182 11.66 -1.70 12.59
C THR A 182 10.99 -0.33 12.66
N ASP A 183 11.44 0.48 13.62
CA ASP A 183 11.10 1.88 13.72
C ASP A 183 12.40 2.67 13.77
N GLY A 184 12.99 2.70 14.96
CA GLY A 184 14.23 3.44 15.14
C GLY A 184 15.47 2.63 14.80
N SER A 185 15.41 1.32 15.04
CA SER A 185 16.53 0.39 15.07
C SER A 185 17.20 0.04 13.75
N SER A 186 16.47 0.18 12.66
CA SER A 186 16.89 0.28 11.28
C SER A 186 17.30 -1.04 10.64
N LEU A 187 16.96 -2.15 11.30
CA LEU A 187 17.16 -3.53 10.89
C LEU A 187 16.11 -4.14 9.98
N GLY A 188 14.88 -3.61 9.95
CA GLY A 188 13.72 -4.16 9.28
C GLY A 188 13.22 -3.24 8.18
N ILE A 189 11.97 -3.39 7.74
CA ILE A 189 11.19 -2.48 6.93
C ILE A 189 10.56 -1.47 7.89
N ASN A 190 10.68 -0.18 7.55
CA ASN A 190 10.07 0.85 8.36
C ASN A 190 8.55 0.69 8.42
N PHE A 191 7.93 0.69 9.60
CA PHE A 191 6.50 0.54 9.77
C PHE A 191 5.68 1.70 9.24
N LEU A 192 5.97 2.94 9.66
CA LEU A 192 5.26 4.11 9.21
C LEU A 192 5.14 4.33 7.71
N TYR A 193 6.27 4.16 7.01
CA TYR A 193 6.26 4.37 5.57
C TYR A 193 5.39 3.31 4.92
N ALA A 194 5.36 2.07 5.40
CA ALA A 194 4.57 0.98 4.83
C ALA A 194 3.12 1.01 5.29
N ALA A 195 2.82 1.61 6.44
CA ALA A 195 1.48 1.81 6.95
C ALA A 195 0.79 3.01 6.30
N THR A 196 1.57 4.05 6.04
CA THR A 196 1.05 5.22 5.35
C THR A 196 0.65 4.93 3.91
N HIS A 197 1.46 4.15 3.21
CA HIS A 197 1.13 3.50 1.95
C HIS A 197 -0.05 2.55 2.03
N ALA A 198 -0.22 1.68 3.04
CA ALA A 198 -1.27 0.68 3.19
C ALA A 198 -2.62 1.29 3.52
N LEU A 199 -2.65 2.24 4.47
CA LEU A 199 -3.86 2.99 4.75
C LEU A 199 -4.17 4.05 3.71
N GLY A 200 -3.20 4.39 2.86
CA GLY A 200 -3.26 5.40 1.82
C GLY A 200 -4.10 4.95 0.63
N HIS A 201 -3.74 3.75 0.17
CA HIS A 201 -4.36 2.86 -0.78
C HIS A 201 -5.73 2.34 -0.36
N SER A 202 -6.02 2.03 0.91
CA SER A 202 -7.36 1.73 1.38
C SER A 202 -8.35 2.86 1.17
N LEU A 203 -7.99 4.14 1.15
CA LEU A 203 -8.78 5.27 0.72
C LEU A 203 -8.66 5.60 -0.77
N GLY A 204 -7.49 5.29 -1.32
CA GLY A 204 -7.21 5.16 -2.74
C GLY A 204 -6.23 6.22 -3.20
N MET A 205 -5.44 6.82 -2.29
CA MET A 205 -4.42 7.80 -2.58
C MET A 205 -3.32 7.09 -3.36
N GLY A 206 -2.68 7.76 -4.31
CA GLY A 206 -1.79 7.20 -5.31
C GLY A 206 -0.42 7.84 -5.40
N HIS A 207 0.61 7.12 -5.87
CA HIS A 207 2.01 7.47 -5.94
C HIS A 207 2.27 8.76 -6.70
N SER A 208 3.43 9.31 -6.36
CA SER A 208 3.88 10.61 -6.81
C SER A 208 5.33 10.51 -7.26
N SER A 209 5.64 11.42 -8.19
CA SER A 209 6.96 11.57 -8.79
C SER A 209 8.01 12.24 -7.92
N ASP A 210 7.69 13.19 -7.04
CA ASP A 210 8.62 13.88 -6.17
C ASP A 210 9.07 13.09 -4.95
N PRO A 211 10.34 13.11 -4.55
CA PRO A 211 10.87 12.46 -3.38
C PRO A 211 10.47 13.00 -2.02
N ASN A 212 9.82 14.17 -1.97
CA ASN A 212 9.31 14.75 -0.74
C ASN A 212 7.79 14.83 -0.82
N ALA A 213 7.18 13.99 -1.67
CA ALA A 213 5.83 13.50 -1.48
C ALA A 213 5.82 12.18 -0.73
N VAL A 214 4.80 11.99 0.09
CA VAL A 214 4.60 10.91 1.05
C VAL A 214 4.60 9.54 0.39
N MET A 215 4.35 9.27 -0.89
CA MET A 215 4.32 8.03 -1.63
C MET A 215 5.19 8.13 -2.87
N TYR A 216 6.49 8.36 -2.67
CA TYR A 216 7.57 8.10 -3.60
C TYR A 216 8.05 6.65 -3.52
N PRO A 217 8.05 5.82 -4.58
CA PRO A 217 8.42 4.44 -4.47
C PRO A 217 9.91 4.18 -4.26
N THR A 218 10.82 5.13 -4.47
CA THR A 218 12.24 4.87 -4.53
C THR A 218 12.86 5.52 -3.30
N TYR A 219 12.31 5.27 -2.11
CA TYR A 219 12.67 5.80 -0.81
C TYR A 219 13.96 5.14 -0.31
N GLY A 220 14.82 5.92 0.34
CA GLY A 220 16.03 5.40 0.95
C GLY A 220 17.32 5.93 0.33
N ASN A 221 17.26 6.66 -0.79
CA ASN A 221 18.38 7.45 -1.24
C ASN A 221 18.31 8.76 -0.46
N GLY A 222 17.08 9.20 -0.17
CA GLY A 222 16.71 10.18 0.83
C GLY A 222 15.78 9.57 1.87
N ASP A 223 16.03 9.77 3.17
CA ASP A 223 15.27 9.22 4.28
C ASP A 223 14.70 10.41 5.05
N PRO A 224 13.38 10.65 5.03
CA PRO A 224 12.86 11.77 5.79
C PRO A 224 12.90 11.51 7.30
N GLN A 225 13.20 12.57 8.04
CA GLN A 225 13.53 12.64 9.46
C GLN A 225 12.22 12.33 10.18
N ASN A 226 11.11 12.93 9.74
CA ASN A 226 9.87 13.05 10.48
C ASN A 226 8.58 12.59 9.83
N PHE A 227 8.46 12.82 8.52
CA PHE A 227 7.55 12.18 7.60
C PHE A 227 6.17 12.81 7.58
N LYS A 228 5.70 13.33 6.44
CA LYS A 228 4.57 14.22 6.34
C LYS A 228 4.03 14.20 4.92
N LEU A 229 2.85 14.81 4.72
CA LEU A 229 2.31 14.99 3.39
C LEU A 229 2.87 16.25 2.74
N SER A 230 3.22 16.19 1.45
CA SER A 230 3.51 17.40 0.72
C SER A 230 2.20 18.12 0.42
N GLN A 231 2.23 19.35 -0.08
CA GLN A 231 1.13 20.21 -0.48
C GLN A 231 0.25 19.54 -1.51
N ASP A 232 0.78 18.77 -2.47
CA ASP A 232 0.06 18.07 -3.50
C ASP A 232 -0.64 16.87 -2.87
N ASP A 233 -0.12 16.21 -1.84
CA ASP A 233 -0.76 15.14 -1.11
C ASP A 233 -1.89 15.72 -0.28
N ILE A 234 -1.68 16.93 0.24
CA ILE A 234 -2.63 17.73 1.01
C ILE A 234 -3.91 17.95 0.22
N LYS A 235 -3.78 18.45 -1.01
CA LYS A 235 -4.88 18.55 -1.94
C LYS A 235 -5.30 17.23 -2.56
N GLY A 236 -4.44 16.23 -2.33
CA GLY A 236 -4.56 14.86 -2.82
C GLY A 236 -5.52 14.02 -1.99
N ILE A 237 -5.40 14.07 -0.67
CA ILE A 237 -6.26 13.40 0.29
C ILE A 237 -7.65 14.03 0.19
N GLN A 238 -7.74 15.35 0.01
CA GLN A 238 -8.90 16.18 -0.21
C GLN A 238 -9.84 15.72 -1.32
N LYS A 239 -9.23 15.35 -2.45
CA LYS A 239 -9.88 14.84 -3.63
C LYS A 239 -10.54 13.47 -3.47
N LEU A 240 -10.31 12.66 -2.44
CA LEU A 240 -10.92 11.38 -2.14
C LEU A 240 -12.22 11.58 -1.38
N TYR A 241 -12.42 12.74 -0.75
CA TYR A 241 -13.65 12.99 -0.01
C TYR A 241 -14.51 14.14 -0.53
N GLY A 242 -14.04 14.76 -1.61
CA GLY A 242 -14.55 15.82 -2.45
C GLY A 242 -14.74 15.25 -3.85
N LYS A 243 -14.32 16.04 -4.83
CA LYS A 243 -14.34 15.69 -6.24
C LYS A 243 -12.90 15.38 -6.65
N ARG A 244 -12.73 14.37 -7.50
CA ARG A 244 -11.49 14.09 -8.20
C ARG A 244 -11.27 15.16 -9.26
N SER A 245 -10.07 15.76 -9.29
CA SER A 245 -9.75 16.88 -10.15
C SER A 245 -8.23 16.94 -10.34
N ASN A 246 -7.65 17.25 -11.49
CA ASN A 246 -6.31 17.74 -11.73
C ASN A 246 -6.21 19.20 -11.33
N SER A 247 -5.30 19.49 -10.40
CA SER A 247 -4.89 20.80 -9.97
C SER A 247 -3.38 20.95 -9.88
N ARG A 248 -2.68 20.15 -10.69
CA ARG A 248 -1.31 20.32 -11.11
C ARG A 248 -1.28 21.14 -12.40
N LYS A 249 -0.57 22.27 -12.39
CA LYS A 249 -0.15 22.95 -13.60
C LYS A 249 1.01 22.13 -14.14
N LYS A 250 0.91 21.69 -15.40
CA LYS A 250 1.77 20.85 -16.22
C LYS A 250 1.57 21.28 -17.65
N LEU A 3 26.27 3.68 -15.14
CA LEU A 3 25.68 2.68 -14.24
C LEU A 3 24.26 2.33 -14.67
N PRO A 4 23.92 1.11 -15.05
CA PRO A 4 22.66 0.77 -15.70
C PRO A 4 21.53 0.66 -14.70
N GLN A 5 20.27 0.75 -15.15
CA GLN A 5 19.10 0.46 -14.35
C GLN A 5 18.58 -0.93 -14.70
N GLU A 6 17.90 -1.55 -13.74
CA GLU A 6 17.55 -2.96 -13.87
C GLU A 6 16.47 -3.04 -14.95
N ALA A 7 15.61 -2.03 -15.07
CA ALA A 7 14.74 -1.75 -16.19
C ALA A 7 15.33 -1.47 -17.57
N GLY A 8 16.65 -1.27 -17.61
CA GLY A 8 17.53 -1.22 -18.77
C GLY A 8 18.32 -2.49 -19.03
N GLY A 9 18.21 -3.46 -18.13
CA GLY A 9 18.94 -4.72 -18.11
C GLY A 9 18.03 -5.92 -17.84
N MET A 10 16.76 -5.86 -18.23
CA MET A 10 15.71 -6.73 -17.73
C MET A 10 15.86 -8.16 -18.24
N SER A 11 16.17 -9.09 -17.33
CA SER A 11 16.23 -10.50 -17.58
C SER A 11 14.85 -11.12 -17.72
N GLU A 12 14.78 -12.30 -18.36
CA GLU A 12 13.67 -13.23 -18.36
C GLU A 12 13.07 -13.64 -17.03
N LEU A 13 13.91 -13.60 -15.99
CA LEU A 13 13.48 -13.89 -14.65
C LEU A 13 12.89 -12.68 -13.94
N GLN A 14 13.25 -11.47 -14.35
CA GLN A 14 12.47 -10.30 -14.02
C GLN A 14 11.21 -10.23 -14.86
N TRP A 15 11.28 -10.65 -16.14
CA TRP A 15 10.08 -10.76 -16.95
C TRP A 15 9.03 -11.69 -16.35
N GLU A 16 9.40 -12.81 -15.71
CA GLU A 16 8.60 -13.77 -14.97
C GLU A 16 8.06 -13.20 -13.68
N GLN A 17 8.86 -12.38 -13.00
CA GLN A 17 8.50 -11.66 -11.79
C GLN A 17 7.37 -10.69 -12.08
N ALA A 18 7.37 -10.02 -13.22
CA ALA A 18 6.40 -9.01 -13.60
C ALA A 18 4.97 -9.54 -13.67
N GLN A 19 4.91 -10.74 -14.26
CA GLN A 19 3.72 -11.54 -14.46
C GLN A 19 3.24 -12.12 -13.14
N ASP A 20 4.13 -12.62 -12.29
CA ASP A 20 3.80 -13.13 -10.98
C ASP A 20 3.27 -12.00 -10.11
N TYR A 21 4.00 -10.87 -10.04
CA TYR A 21 3.59 -9.69 -9.31
C TYR A 21 2.29 -9.11 -9.83
N LEU A 22 2.03 -9.00 -11.13
CA LEU A 22 0.90 -8.31 -11.70
C LEU A 22 -0.38 -9.08 -11.40
N LYS A 23 -0.40 -10.35 -11.81
CA LYS A 23 -1.39 -11.40 -11.59
C LYS A 23 -1.89 -11.42 -10.16
N ARG A 24 -1.02 -11.18 -9.17
CA ARG A 24 -1.35 -11.22 -7.76
C ARG A 24 -2.27 -10.10 -7.30
N PHE A 25 -2.38 -8.96 -7.98
CA PHE A 25 -3.31 -7.89 -7.67
C PHE A 25 -4.69 -8.01 -8.30
N TYR A 26 -4.73 -8.67 -9.47
CA TYR A 26 -5.94 -8.80 -10.26
C TYR A 26 -6.61 -10.13 -9.94
N LEU A 27 -5.88 -11.11 -9.40
CA LEU A 27 -6.31 -12.43 -9.01
C LEU A 27 -6.35 -13.45 -10.14
N TYR A 28 -5.64 -13.13 -11.22
CA TYR A 28 -5.60 -13.79 -12.52
C TYR A 28 -6.32 -12.91 -13.52
N ASP A 29 -5.55 -12.49 -14.53
CA ASP A 29 -5.99 -11.61 -15.59
C ASP A 29 -5.46 -12.14 -16.92
N SER A 30 -6.35 -12.20 -17.92
CA SER A 30 -6.02 -12.67 -19.25
C SER A 30 -5.16 -11.72 -20.08
N GLU A 31 -5.16 -10.41 -19.83
CA GLU A 31 -4.25 -9.44 -20.39
C GLU A 31 -2.83 -9.57 -19.81
N THR A 32 -2.54 -10.23 -18.69
CA THR A 32 -1.21 -10.38 -18.14
C THR A 32 -0.55 -11.56 -18.84
N LYS A 33 -1.31 -12.52 -19.39
CA LYS A 33 -0.86 -13.75 -20.01
C LYS A 33 -0.44 -13.46 -21.44
N ASN A 34 0.66 -14.08 -21.84
CA ASN A 34 1.52 -13.80 -22.98
C ASN A 34 2.49 -12.64 -22.82
N ALA A 35 3.74 -12.65 -23.31
CA ALA A 35 4.72 -11.59 -23.34
C ALA A 35 4.19 -10.33 -24.01
N ASN A 36 3.58 -10.57 -25.17
CA ASN A 36 2.98 -9.60 -26.06
C ASN A 36 1.88 -8.79 -25.40
N SER A 37 1.18 -9.42 -24.46
CA SER A 37 0.17 -8.77 -23.64
C SER A 37 0.73 -8.16 -22.36
N LEU A 38 1.75 -8.78 -21.76
CA LEU A 38 2.55 -8.36 -20.62
C LEU A 38 3.29 -7.08 -20.94
N GLU A 39 3.74 -6.82 -22.18
CA GLU A 39 4.29 -5.62 -22.77
C GLU A 39 3.22 -4.54 -22.67
N ALA A 40 1.92 -4.81 -22.70
CA ALA A 40 0.89 -3.81 -22.52
C ALA A 40 0.71 -3.58 -21.03
N LYS A 41 0.92 -4.59 -20.18
CA LYS A 41 0.59 -4.46 -18.77
C LYS A 41 1.72 -3.87 -17.95
N LEU A 42 2.97 -3.90 -18.40
CA LEU A 42 4.01 -3.03 -17.89
C LEU A 42 3.70 -1.54 -17.94
N LYS A 43 2.87 -1.12 -18.89
CA LYS A 43 2.52 0.28 -19.06
C LYS A 43 1.51 0.64 -17.99
N GLU A 44 0.68 -0.29 -17.52
CA GLU A 44 -0.32 -0.09 -16.48
C GLU A 44 0.37 -0.15 -15.14
N MET A 45 1.38 -0.99 -14.91
CA MET A 45 2.23 -0.96 -13.73
C MET A 45 3.03 0.32 -13.50
N GLN A 46 3.53 0.84 -14.63
CA GLN A 46 4.17 2.13 -14.68
C GLN A 46 3.25 3.28 -14.27
N LYS A 47 2.03 3.31 -14.81
CA LYS A 47 1.00 4.28 -14.51
C LYS A 47 0.51 4.22 -13.06
N PHE A 48 0.62 3.08 -12.37
CA PHE A 48 0.21 2.99 -10.98
C PHE A 48 1.34 3.57 -10.14
N PHE A 49 2.59 3.56 -10.59
CA PHE A 49 3.70 4.19 -9.90
C PHE A 49 3.89 5.61 -10.42
N GLY A 50 2.99 6.11 -11.28
CA GLY A 50 2.59 7.49 -11.44
C GLY A 50 3.35 8.27 -12.51
N LEU A 51 4.31 7.57 -13.12
CA LEU A 51 5.16 8.07 -14.17
C LEU A 51 4.40 8.58 -15.40
N PRO A 52 4.70 9.76 -15.93
CA PRO A 52 4.06 10.25 -17.14
C PRO A 52 4.29 9.47 -18.43
N ILE A 53 5.56 9.30 -18.79
CA ILE A 53 5.97 8.66 -20.02
C ILE A 53 5.77 7.15 -19.97
N THR A 54 5.35 6.64 -21.14
CA THR A 54 5.14 5.21 -21.26
C THR A 54 5.55 4.81 -22.66
N GLY A 55 5.98 3.56 -22.77
CA GLY A 55 6.60 2.92 -23.91
C GLY A 55 8.09 2.73 -23.74
N MET A 56 8.65 3.00 -22.55
CA MET A 56 9.98 2.86 -22.02
C MET A 56 9.72 2.42 -20.58
N LEU A 57 10.55 1.47 -20.13
CA LEU A 57 10.93 1.17 -18.77
C LEU A 57 12.36 1.67 -18.58
N ASN A 58 12.62 2.58 -17.64
CA ASN A 58 13.86 3.30 -17.43
C ASN A 58 14.09 3.51 -15.94
N SER A 59 13.01 3.74 -15.20
CA SER A 59 13.01 4.20 -13.82
C SER A 59 13.02 2.94 -12.98
N ARG A 60 13.11 3.07 -11.66
CA ARG A 60 13.22 2.06 -10.63
C ARG A 60 12.15 0.98 -10.63
N VAL A 61 11.13 1.06 -11.49
CA VAL A 61 9.92 0.27 -11.51
C VAL A 61 10.09 -1.23 -11.35
N ILE A 62 11.02 -1.77 -12.14
CA ILE A 62 11.45 -3.15 -12.19
C ILE A 62 12.30 -3.50 -10.97
N GLU A 63 13.04 -2.61 -10.30
CA GLU A 63 13.90 -2.81 -9.14
C GLU A 63 13.13 -2.98 -7.84
N ILE A 64 12.07 -2.16 -7.78
CA ILE A 64 11.20 -2.12 -6.63
C ILE A 64 10.15 -3.22 -6.69
N MET A 65 9.97 -3.81 -7.86
CA MET A 65 8.94 -4.77 -8.22
C MET A 65 9.13 -6.12 -7.52
N GLN A 66 10.37 -6.53 -7.28
CA GLN A 66 10.71 -7.82 -6.71
C GLN A 66 10.75 -7.71 -5.19
N LYS A 67 10.94 -6.55 -4.56
CA LYS A 67 11.00 -6.26 -3.14
C LYS A 67 9.57 -6.23 -2.61
N PRO A 68 9.29 -6.75 -1.42
CA PRO A 68 7.99 -6.61 -0.77
C PRO A 68 7.81 -5.16 -0.36
N ARG A 69 7.00 -4.45 -1.15
CA ARG A 69 6.62 -3.07 -0.92
C ARG A 69 5.17 -2.74 -1.27
N CYS A 70 4.67 -2.96 -2.48
CA CYS A 70 3.25 -2.82 -2.77
C CYS A 70 2.67 -4.23 -2.71
N GLY A 71 1.82 -4.51 -1.71
CA GLY A 71 0.99 -5.68 -1.60
C GLY A 71 -0.47 -5.27 -1.73
N VAL A 72 -0.90 -4.17 -1.11
CA VAL A 72 -2.27 -3.71 -1.25
C VAL A 72 -2.47 -3.10 -2.63
N PRO A 73 -3.35 -3.49 -3.56
CA PRO A 73 -3.33 -3.03 -4.93
C PRO A 73 -3.57 -1.54 -5.08
N ASP A 74 -2.78 -0.91 -5.97
CA ASP A 74 -2.96 0.42 -6.51
C ASP A 74 -3.81 0.40 -7.76
N VAL A 75 -4.12 -0.80 -8.26
CA VAL A 75 -5.01 -0.98 -9.39
C VAL A 75 -6.39 -1.27 -8.80
N ALA A 76 -7.45 -1.02 -9.57
CA ALA A 76 -8.76 -1.54 -9.23
C ALA A 76 -9.19 -2.66 -10.17
N GLU A 77 -9.60 -3.78 -9.57
CA GLU A 77 -10.21 -4.91 -10.24
C GLU A 77 -10.87 -5.70 -9.11
N TYR A 78 -12.01 -5.17 -8.65
CA TYR A 78 -12.82 -5.57 -7.52
C TYR A 78 -14.22 -4.98 -7.56
N SER A 79 -15.17 -5.50 -6.78
CA SER A 79 -16.54 -5.09 -6.58
C SER A 79 -16.78 -4.74 -5.11
N LEU A 80 -18.00 -4.46 -4.67
CA LEU A 80 -18.47 -4.05 -3.36
C LEU A 80 -17.94 -2.68 -2.94
N PHE A 81 -17.20 -1.91 -3.74
CA PHE A 81 -16.74 -0.55 -3.60
C PHE A 81 -17.25 0.16 -4.84
N PRO A 82 -18.02 1.23 -4.62
CA PRO A 82 -18.45 2.04 -5.74
C PRO A 82 -17.40 2.88 -6.45
N ASN A 83 -17.79 3.64 -7.47
CA ASN A 83 -16.97 4.60 -8.19
C ASN A 83 -16.70 5.80 -7.30
N SER A 84 -15.41 5.90 -6.92
CA SER A 84 -14.74 7.00 -6.27
C SER A 84 -14.69 6.68 -4.78
N PRO A 85 -13.53 6.44 -4.15
CA PRO A 85 -13.37 6.16 -2.73
C PRO A 85 -13.72 7.34 -1.84
N LYS A 86 -14.53 7.18 -0.79
CA LYS A 86 -14.73 7.98 0.40
C LYS A 86 -15.27 7.16 1.56
N TRP A 87 -14.91 7.46 2.80
CA TRP A 87 -15.58 7.16 4.05
C TRP A 87 -16.72 8.14 4.30
N THR A 88 -17.98 7.71 4.28
CA THR A 88 -19.18 8.50 4.44
C THR A 88 -19.59 8.71 5.89
N SER A 89 -18.76 8.21 6.81
CA SER A 89 -18.79 8.37 8.25
C SER A 89 -18.14 9.65 8.76
N LYS A 90 -18.51 10.07 9.98
CA LYS A 90 -18.04 11.27 10.66
C LYS A 90 -16.82 10.93 11.51
N VAL A 91 -16.70 9.64 11.85
CA VAL A 91 -15.73 9.04 12.75
C VAL A 91 -15.39 7.73 12.05
N VAL A 92 -14.15 7.25 12.06
CA VAL A 92 -13.59 5.98 11.64
C VAL A 92 -12.97 5.42 12.91
N THR A 93 -12.97 4.10 13.02
CA THR A 93 -12.42 3.47 14.21
C THR A 93 -11.22 2.62 13.82
N TYR A 94 -10.38 2.20 14.77
CA TYR A 94 -9.25 1.33 14.46
C TYR A 94 -8.98 0.39 15.61
N ARG A 95 -8.54 -0.84 15.32
CA ARG A 95 -8.16 -1.78 16.35
C ARG A 95 -7.08 -2.66 15.74
N ILE A 96 -6.13 -3.17 16.54
CA ILE A 96 -5.20 -4.23 16.22
C ILE A 96 -5.96 -5.48 16.66
N VAL A 97 -6.27 -6.43 15.77
CA VAL A 97 -7.00 -7.65 16.06
C VAL A 97 -6.12 -8.87 16.21
N SER A 98 -4.81 -8.83 15.91
CA SER A 98 -3.74 -9.79 15.82
C SER A 98 -2.42 -9.08 15.61
N TYR A 99 -1.29 -9.65 16.06
CA TYR A 99 -0.02 -8.95 16.05
C TYR A 99 1.19 -9.83 15.77
N THR A 100 2.19 -9.18 15.17
CA THR A 100 3.40 -9.80 14.67
C THR A 100 4.23 -10.21 15.88
N ARG A 101 5.07 -11.24 15.75
CA ARG A 101 5.95 -11.73 16.80
C ARG A 101 7.14 -10.80 16.91
N ASP A 102 7.46 -10.06 15.84
CA ASP A 102 8.63 -9.22 15.70
C ASP A 102 8.55 -7.95 16.53
N LEU A 103 7.36 -7.50 16.93
CA LEU A 103 7.13 -6.20 17.52
C LEU A 103 6.04 -6.44 18.58
N PRO A 104 6.23 -5.97 19.80
CA PRO A 104 5.18 -6.04 20.81
C PRO A 104 3.94 -5.21 20.51
N HIS A 105 2.78 -5.71 20.95
CA HIS A 105 1.44 -5.32 20.56
C HIS A 105 1.21 -3.84 20.84
N ILE A 106 1.70 -3.37 21.98
CA ILE A 106 1.53 -1.98 22.35
C ILE A 106 2.24 -1.00 21.43
N THR A 107 3.38 -1.33 20.81
CA THR A 107 4.14 -0.50 19.90
C THR A 107 3.38 -0.52 18.58
N VAL A 108 2.88 -1.66 18.09
CA VAL A 108 1.98 -1.83 16.97
C VAL A 108 0.68 -1.06 17.06
N ASP A 109 0.08 -0.95 18.24
CA ASP A 109 -1.16 -0.23 18.49
C ASP A 109 -0.83 1.24 18.35
N ARG A 110 0.40 1.69 18.64
CA ARG A 110 0.85 3.06 18.78
C ARG A 110 1.26 3.66 17.44
N LEU A 111 2.06 2.82 16.78
CA LEU A 111 2.61 3.09 15.46
C LEU A 111 1.58 3.40 14.40
N VAL A 112 0.44 2.72 14.46
CA VAL A 112 -0.66 3.01 13.57
C VAL A 112 -1.42 4.26 13.98
N SER A 113 -1.50 4.57 15.28
CA SER A 113 -2.14 5.70 15.92
C SER A 113 -1.32 6.95 15.60
N LYS A 114 0.00 6.89 15.41
CA LYS A 114 0.90 7.90 14.90
C LYS A 114 0.69 8.22 13.42
N ALA A 115 0.27 7.27 12.59
CA ALA A 115 0.00 7.43 11.17
C ALA A 115 -1.26 8.28 11.04
N LEU A 116 -2.29 7.88 11.78
CA LEU A 116 -3.65 8.39 11.62
C LEU A 116 -3.81 9.77 12.24
N ASN A 117 -2.80 10.16 13.02
CA ASN A 117 -2.56 11.51 13.51
C ASN A 117 -2.16 12.50 12.44
N MET A 118 -1.28 12.02 11.55
CA MET A 118 -0.71 12.63 10.36
C MET A 118 -1.72 12.51 9.23
N TRP A 119 -2.59 11.50 9.20
CA TRP A 119 -3.61 11.46 8.16
C TRP A 119 -4.81 12.34 8.51
N GLY A 120 -5.25 12.50 9.76
CA GLY A 120 -6.43 13.15 10.27
C GLY A 120 -6.29 14.66 10.45
N LYS A 121 -5.07 15.15 10.65
CA LYS A 121 -4.86 16.56 10.87
C LYS A 121 -5.13 17.55 9.74
N GLU A 122 -5.32 16.96 8.55
CA GLU A 122 -5.40 17.54 7.22
C GLU A 122 -6.68 17.10 6.53
N ILE A 123 -7.59 16.32 7.11
CA ILE A 123 -8.93 16.09 6.59
C ILE A 123 -9.96 16.16 7.71
N PRO A 124 -11.19 16.63 7.50
CA PRO A 124 -12.20 16.61 8.55
C PRO A 124 -12.91 15.26 8.68
N LEU A 125 -12.22 14.32 9.32
CA LEU A 125 -12.55 12.96 9.70
C LEU A 125 -11.78 12.59 10.96
N HIS A 126 -12.36 11.77 11.85
CA HIS A 126 -11.82 11.30 13.11
C HIS A 126 -11.31 9.89 12.87
N PHE A 127 -10.08 9.64 13.34
CA PHE A 127 -9.67 8.29 13.68
C PHE A 127 -9.65 8.19 15.20
N ARG A 128 -10.48 7.31 15.76
CA ARG A 128 -10.85 7.19 17.15
C ARG A 128 -10.57 5.75 17.58
N LYS A 129 -9.91 5.43 18.70
CA LYS A 129 -9.66 4.07 19.10
C LYS A 129 -10.89 3.47 19.75
N VAL A 130 -11.06 2.16 19.51
CA VAL A 130 -12.01 1.33 20.24
C VAL A 130 -11.21 0.10 20.66
N VAL A 131 -11.50 -0.41 21.85
CA VAL A 131 -10.94 -1.67 22.32
C VAL A 131 -12.10 -2.56 22.74
N TRP A 132 -13.26 -2.39 22.08
CA TRP A 132 -14.51 -3.05 22.38
C TRP A 132 -15.19 -3.52 21.10
N GLY A 133 -15.11 -4.82 20.83
CA GLY A 133 -15.60 -5.50 19.64
C GLY A 133 -14.79 -5.14 18.39
N THR A 134 -15.48 -5.21 17.25
CA THR A 134 -14.96 -4.73 15.99
C THR A 134 -14.79 -3.22 15.90
N ALA A 135 -13.78 -2.85 15.10
CA ALA A 135 -13.60 -1.49 14.60
C ALA A 135 -13.91 -1.47 13.10
N ASP A 136 -13.88 -0.27 12.52
CA ASP A 136 -13.96 0.01 11.10
C ASP A 136 -12.69 -0.33 10.33
N ILE A 137 -11.52 -0.03 10.91
CA ILE A 137 -10.29 -0.49 10.31
C ILE A 137 -9.83 -1.55 11.32
N MET A 138 -10.14 -2.83 11.09
CA MET A 138 -9.46 -3.88 11.82
C MET A 138 -8.19 -4.30 11.12
N ILE A 139 -7.03 -4.08 11.76
CA ILE A 139 -5.72 -4.43 11.22
C ILE A 139 -5.38 -5.73 11.91
N GLY A 140 -4.99 -6.74 11.13
CA GLY A 140 -4.45 -8.00 11.62
C GLY A 140 -3.10 -8.32 11.01
N PHE A 141 -2.40 -9.26 11.63
CA PHE A 141 -1.33 -10.07 11.07
C PHE A 141 -2.01 -11.40 10.83
N ALA A 142 -1.74 -11.94 9.64
CA ALA A 142 -2.21 -13.16 9.01
C ALA A 142 -1.16 -13.79 8.11
N ARG A 143 -1.35 -15.04 7.67
CA ARG A 143 -0.63 -15.68 6.59
C ARG A 143 -1.56 -15.83 5.39
N GLY A 144 -1.05 -16.29 4.25
CA GLY A 144 -1.84 -16.25 3.04
C GLY A 144 -2.41 -17.62 2.68
N ALA A 145 -2.72 -18.45 3.68
CA ALA A 145 -3.41 -19.70 3.51
C ALA A 145 -4.82 -19.59 4.08
N HIS A 146 -5.42 -18.40 4.16
CA HIS A 146 -6.60 -18.19 4.97
C HIS A 146 -7.82 -18.02 4.08
N GLY A 147 -7.79 -18.36 2.79
CA GLY A 147 -9.00 -18.38 2.00
C GLY A 147 -9.23 -17.18 1.10
N ASP A 148 -8.31 -16.22 1.14
CA ASP A 148 -8.17 -15.21 0.12
C ASP A 148 -7.26 -15.74 -0.99
N SER A 149 -7.27 -15.11 -2.18
CA SER A 149 -6.66 -15.54 -3.42
C SER A 149 -5.27 -14.94 -3.54
N TYR A 150 -4.27 -15.82 -3.63
CA TYR A 150 -2.86 -15.71 -3.95
C TYR A 150 -2.09 -15.51 -2.65
N PRO A 151 -0.96 -16.16 -2.40
CA PRO A 151 -0.21 -16.30 -1.17
C PRO A 151 0.52 -15.00 -0.80
N PHE A 152 0.68 -14.89 0.51
CA PHE A 152 1.51 -13.84 1.09
C PHE A 152 3.00 -14.13 1.17
N ASP A 153 3.33 -15.41 0.94
CA ASP A 153 4.59 -15.93 0.47
C ASP A 153 5.52 -16.56 1.50
N GLY A 154 5.66 -15.84 2.61
CA GLY A 154 6.78 -16.03 3.50
C GLY A 154 7.57 -14.72 3.44
N PRO A 155 8.88 -14.78 3.64
CA PRO A 155 9.71 -13.60 3.50
C PRO A 155 9.86 -13.32 2.01
N GLY A 156 9.52 -12.10 1.59
CA GLY A 156 9.56 -11.66 0.22
C GLY A 156 8.23 -11.12 -0.29
N ASN A 157 8.03 -11.02 -1.61
CA ASN A 157 7.02 -10.25 -2.31
C ASN A 157 5.57 -10.50 -1.93
N THR A 158 4.94 -9.40 -1.46
CA THR A 158 3.72 -9.44 -0.68
C THR A 158 4.04 -9.28 0.80
N LEU A 159 3.67 -8.15 1.39
CA LEU A 159 3.79 -7.76 2.77
C LEU A 159 2.42 -7.48 3.37
N ALA A 160 1.35 -7.31 2.57
CA ALA A 160 0.01 -7.01 3.03
C ALA A 160 -1.01 -7.25 1.94
N HIS A 161 -2.27 -7.30 2.39
CA HIS A 161 -3.45 -7.05 1.59
C HIS A 161 -4.43 -6.28 2.45
N ALA A 162 -5.13 -5.33 1.82
CA ALA A 162 -5.97 -4.34 2.46
C ALA A 162 -7.08 -3.88 1.51
N PHE A 163 -8.22 -3.44 2.04
CA PHE A 163 -9.33 -2.98 1.24
C PHE A 163 -9.37 -1.46 1.29
N ALA A 164 -9.95 -0.84 0.26
CA ALA A 164 -10.28 0.57 0.13
C ALA A 164 -11.34 0.96 1.17
N PRO A 165 -11.68 2.24 1.30
CA PRO A 165 -12.49 2.66 2.42
C PRO A 165 -13.94 2.24 2.24
N GLY A 166 -14.61 1.71 3.27
CA GLY A 166 -15.91 1.11 3.09
C GLY A 166 -16.63 0.95 4.43
N THR A 167 -17.95 1.17 4.46
CA THR A 167 -18.84 1.02 5.59
C THR A 167 -19.13 -0.47 5.63
N GLY A 168 -18.43 -1.12 6.57
CA GLY A 168 -18.45 -2.55 6.83
C GLY A 168 -17.16 -3.17 6.28
N LEU A 169 -17.32 -3.89 5.18
CA LEU A 169 -16.37 -4.61 4.35
C LEU A 169 -15.07 -3.96 3.93
N GLY A 170 -14.87 -2.65 4.19
CA GLY A 170 -13.73 -1.90 3.71
C GLY A 170 -12.91 -1.42 4.90
N GLY A 171 -11.70 -0.96 4.57
CA GLY A 171 -10.84 -0.24 5.50
C GLY A 171 -9.72 -1.08 6.08
N ASP A 172 -9.99 -2.39 6.22
CA ASP A 172 -9.28 -3.29 7.11
C ASP A 172 -8.18 -3.95 6.29
N ALA A 173 -7.32 -4.73 6.96
CA ALA A 173 -6.00 -5.08 6.46
C ALA A 173 -5.54 -6.40 7.07
N HIS A 174 -4.89 -7.27 6.30
CA HIS A 174 -4.06 -8.40 6.66
C HIS A 174 -2.62 -8.05 6.34
N PHE A 175 -1.74 -8.08 7.34
CA PHE A 175 -0.31 -7.94 7.15
C PHE A 175 0.29 -9.35 7.08
N ASP A 176 1.43 -9.54 6.42
CA ASP A 176 2.23 -10.74 6.28
C ASP A 176 2.91 -10.98 7.63
N GLU A 177 2.73 -12.11 8.31
CA GLU A 177 3.25 -12.56 9.59
C GLU A 177 4.68 -13.03 9.43
N ASP A 178 5.08 -13.67 8.33
CA ASP A 178 6.34 -14.38 8.16
C ASP A 178 7.39 -13.35 7.75
N GLU A 179 7.03 -12.20 7.18
CA GLU A 179 7.87 -11.11 6.73
C GLU A 179 8.50 -10.36 7.89
N ARG A 180 9.78 -9.97 7.87
CA ARG A 180 10.47 -9.43 9.02
C ARG A 180 10.12 -7.97 9.15
N TRP A 181 9.73 -7.58 10.37
CA TRP A 181 9.31 -6.21 10.64
C TRP A 181 10.26 -5.64 11.67
N THR A 182 10.37 -4.31 11.58
CA THR A 182 11.30 -3.50 12.36
C THR A 182 10.57 -2.19 12.59
N ASP A 183 10.95 -1.45 13.63
CA ASP A 183 10.64 -0.04 13.79
C ASP A 183 11.92 0.73 14.12
N GLY A 184 12.58 0.58 15.27
CA GLY A 184 13.72 1.39 15.64
C GLY A 184 15.07 0.91 15.10
N SER A 185 15.26 -0.33 14.62
CA SER A 185 16.51 -1.05 14.56
C SER A 185 16.96 -1.10 13.11
N SER A 186 16.05 -1.05 12.14
CA SER A 186 16.22 -0.97 10.70
C SER A 186 16.46 -2.27 9.92
N LEU A 187 16.35 -3.39 10.62
CA LEU A 187 16.77 -4.70 10.16
C LEU A 187 15.67 -5.56 9.55
N GLY A 188 14.51 -4.96 9.27
CA GLY A 188 13.50 -5.60 8.45
C GLY A 188 12.77 -4.52 7.66
N ILE A 189 11.48 -4.67 7.33
CA ILE A 189 10.68 -3.65 6.70
C ILE A 189 10.18 -2.80 7.88
N ASN A 190 10.12 -1.47 7.76
CA ASN A 190 9.69 -0.53 8.76
C ASN A 190 8.17 -0.55 8.71
N PHE A 191 7.53 -1.09 9.75
CA PHE A 191 6.10 -1.16 9.97
C PHE A 191 5.43 0.16 9.63
N LEU A 192 5.77 1.27 10.28
CA LEU A 192 5.28 2.61 10.02
C LEU A 192 5.08 3.05 8.58
N TYR A 193 6.00 2.61 7.73
CA TYR A 193 5.91 2.91 6.30
C TYR A 193 4.84 2.09 5.60
N ALA A 194 4.94 0.76 5.72
CA ALA A 194 3.97 -0.21 5.24
C ALA A 194 2.55 -0.04 5.78
N ALA A 195 2.41 0.49 6.99
CA ALA A 195 1.12 0.80 7.59
C ALA A 195 0.59 2.06 6.94
N THR A 196 1.37 3.15 6.86
CA THR A 196 1.01 4.32 6.09
C THR A 196 0.49 4.02 4.69
N HIS A 197 1.30 3.24 3.98
CA HIS A 197 0.90 2.87 2.63
C HIS A 197 -0.38 2.06 2.48
N ALA A 198 -0.71 1.25 3.48
CA ALA A 198 -1.99 0.57 3.58
C ALA A 198 -3.10 1.54 3.92
N LEU A 199 -2.86 2.44 4.88
CA LEU A 199 -3.76 3.44 5.42
C LEU A 199 -4.07 4.57 4.45
N GLY A 200 -3.18 4.74 3.46
CA GLY A 200 -3.51 5.64 2.37
C GLY A 200 -4.43 4.95 1.38
N HIS A 201 -4.36 3.64 1.14
CA HIS A 201 -5.26 2.98 0.22
C HIS A 201 -6.59 2.73 0.93
N SER A 202 -6.57 2.51 2.25
CA SER A 202 -7.78 2.37 3.03
C SER A 202 -8.38 3.75 3.18
N LEU A 203 -7.75 4.88 2.81
CA LEU A 203 -8.34 6.20 2.71
C LEU A 203 -8.81 6.44 1.28
N GLY A 204 -8.05 6.06 0.23
CA GLY A 204 -8.33 6.14 -1.19
C GLY A 204 -7.25 6.93 -1.93
N MET A 205 -6.08 7.20 -1.35
CA MET A 205 -4.93 7.84 -1.95
C MET A 205 -4.00 6.76 -2.50
N GLY A 206 -3.21 7.18 -3.48
CA GLY A 206 -2.27 6.42 -4.30
C GLY A 206 -0.90 7.10 -4.21
N HIS A 207 0.02 6.69 -5.08
CA HIS A 207 1.31 7.31 -5.24
C HIS A 207 1.17 8.58 -6.08
N SER A 208 2.30 9.27 -6.17
CA SER A 208 2.61 10.44 -6.95
C SER A 208 4.07 10.23 -7.33
N SER A 209 4.44 10.92 -8.41
CA SER A 209 5.70 10.75 -9.09
C SER A 209 6.74 11.78 -8.67
N ASP A 210 6.42 12.55 -7.62
CA ASP A 210 7.09 13.76 -7.19
C ASP A 210 7.93 13.16 -6.08
N PRO A 211 9.26 13.21 -6.16
CA PRO A 211 10.24 12.87 -5.13
C PRO A 211 10.09 13.44 -3.73
N ASN A 212 9.41 14.58 -3.68
CA ASN A 212 8.99 15.12 -2.40
C ASN A 212 7.91 14.43 -1.57
N ALA A 213 7.06 13.65 -2.26
CA ALA A 213 5.84 13.04 -1.79
C ALA A 213 6.12 11.89 -0.84
N VAL A 214 5.15 11.67 0.05
CA VAL A 214 5.20 10.64 1.06
C VAL A 214 5.29 9.23 0.49
N MET A 215 4.48 8.85 -0.49
CA MET A 215 4.52 7.53 -1.11
C MET A 215 5.05 7.55 -2.54
N TYR A 216 6.24 8.15 -2.64
CA TYR A 216 7.03 8.18 -3.86
C TYR A 216 7.56 6.76 -4.04
N PRO A 217 7.09 5.91 -4.96
CA PRO A 217 7.60 4.56 -5.04
C PRO A 217 9.00 4.39 -5.61
N THR A 218 9.35 5.25 -6.57
CA THR A 218 10.53 5.02 -7.39
C THR A 218 11.75 5.76 -6.88
N TYR A 219 11.95 5.82 -5.55
CA TYR A 219 13.27 6.19 -5.08
C TYR A 219 14.04 4.89 -5.21
N GLY A 220 15.36 5.01 -5.39
CA GLY A 220 16.38 3.99 -5.40
C GLY A 220 17.37 4.10 -4.25
N ASN A 221 17.52 5.31 -3.71
CA ASN A 221 18.44 5.73 -2.66
C ASN A 221 17.72 6.81 -1.86
N GLY A 222 18.06 7.00 -0.59
CA GLY A 222 17.51 7.82 0.48
C GLY A 222 16.62 7.06 1.46
N ASP A 223 16.90 7.22 2.76
CA ASP A 223 15.89 7.23 3.79
C ASP A 223 15.13 8.54 3.82
N PRO A 224 13.96 8.65 4.47
CA PRO A 224 13.35 9.94 4.71
C PRO A 224 13.95 10.73 5.85
N GLN A 225 13.97 12.05 5.63
CA GLN A 225 14.63 13.01 6.50
C GLN A 225 13.66 13.49 7.57
N ASN A 226 12.37 13.70 7.30
CA ASN A 226 11.47 14.26 8.30
C ASN A 226 10.11 13.57 8.38
N PHE A 227 9.59 13.12 7.24
CA PHE A 227 8.38 12.36 7.04
C PHE A 227 7.11 13.10 7.44
N LYS A 228 6.43 13.62 6.42
CA LYS A 228 5.18 14.36 6.44
C LYS A 228 4.60 14.26 5.03
N LEU A 229 3.37 14.78 4.91
CA LEU A 229 2.65 14.80 3.66
C LEU A 229 3.13 16.07 2.96
N SER A 230 3.51 16.04 1.68
CA SER A 230 3.76 17.23 0.90
C SER A 230 2.51 17.81 0.24
N GLN A 231 2.50 19.06 -0.23
CA GLN A 231 1.41 19.82 -0.81
C GLN A 231 0.58 19.01 -1.78
N ASP A 232 1.19 18.17 -2.61
CA ASP A 232 0.49 17.27 -3.51
C ASP A 232 -0.14 16.05 -2.86
N ASP A 233 0.39 15.66 -1.69
CA ASP A 233 -0.14 14.61 -0.83
C ASP A 233 -1.31 15.19 -0.05
N ILE A 234 -1.16 16.36 0.58
CA ILE A 234 -2.18 17.20 1.16
C ILE A 234 -3.41 17.36 0.28
N LYS A 235 -3.20 17.87 -0.94
CA LYS A 235 -4.13 17.76 -2.04
C LYS A 235 -4.63 16.40 -2.53
N GLY A 236 -4.00 15.30 -2.13
CA GLY A 236 -4.26 13.99 -2.68
C GLY A 236 -5.41 13.47 -1.82
N ILE A 237 -5.25 13.63 -0.50
CA ILE A 237 -6.35 13.28 0.38
C ILE A 237 -7.49 14.29 0.43
N GLN A 238 -7.31 15.58 0.14
CA GLN A 238 -8.36 16.56 0.06
C GLN A 238 -8.94 16.55 -1.35
N LYS A 239 -8.49 15.64 -2.22
CA LYS A 239 -9.23 15.14 -3.36
C LYS A 239 -10.38 14.22 -2.97
N LEU A 240 -10.13 13.35 -1.99
CA LEU A 240 -11.08 12.42 -1.43
C LEU A 240 -12.05 13.07 -0.46
N TYR A 241 -11.62 13.88 0.51
CA TYR A 241 -12.28 14.34 1.72
C TYR A 241 -12.41 15.86 1.65
N GLY A 242 -12.22 16.43 0.45
CA GLY A 242 -12.43 17.83 0.20
C GLY A 242 -13.26 18.08 -1.05
N LYS A 243 -12.88 19.10 -1.82
CA LYS A 243 -13.21 19.32 -3.21
C LYS A 243 -12.34 18.61 -4.23
N ARG A 244 -13.10 17.92 -5.10
CA ARG A 244 -12.58 17.17 -6.23
C ARG A 244 -12.17 18.11 -7.34
N SER A 245 -10.87 18.18 -7.58
CA SER A 245 -10.23 18.97 -8.62
C SER A 245 -8.86 18.38 -8.96
N ASN A 246 -7.93 19.13 -9.56
CA ASN A 246 -6.58 18.69 -9.81
C ASN A 246 -5.79 19.93 -10.23
N SER A 247 -4.62 20.01 -9.59
CA SER A 247 -3.56 20.94 -9.92
C SER A 247 -2.24 20.38 -10.42
N ARG A 248 -2.19 19.06 -10.60
CA ARG A 248 -1.19 18.33 -11.34
C ARG A 248 -1.33 18.57 -12.84
N LYS A 249 -0.17 18.72 -13.49
CA LYS A 249 -0.15 19.06 -14.89
C LYS A 249 0.36 17.91 -15.73
N LYS A 250 0.61 16.72 -15.19
CA LYS A 250 0.67 15.42 -15.83
C LYS A 250 0.49 14.34 -14.77
N LEU A 3 25.78 5.58 -13.78
CA LEU A 3 25.39 4.29 -13.17
C LEU A 3 24.16 3.78 -13.90
N PRO A 4 24.02 2.48 -14.16
CA PRO A 4 22.93 1.85 -14.87
C PRO A 4 21.63 1.89 -14.07
N GLN A 5 20.52 1.78 -14.79
CA GLN A 5 19.16 1.59 -14.31
C GLN A 5 18.65 0.21 -14.74
N GLU A 6 18.02 -0.53 -13.83
CA GLU A 6 17.54 -1.87 -14.07
C GLU A 6 16.37 -1.99 -15.03
N ALA A 7 15.45 -1.01 -15.05
CA ALA A 7 14.44 -0.82 -16.07
C ALA A 7 15.01 -0.72 -17.48
N GLY A 8 16.21 -0.16 -17.63
CA GLY A 8 16.86 0.00 -18.90
C GLY A 8 17.68 -1.22 -19.32
N GLY A 9 18.04 -2.12 -18.41
CA GLY A 9 18.78 -3.36 -18.48
C GLY A 9 17.82 -4.52 -18.22
N MET A 10 16.51 -4.39 -18.45
CA MET A 10 15.47 -5.30 -18.03
C MET A 10 15.55 -6.65 -18.74
N SER A 11 15.99 -7.62 -17.95
CA SER A 11 16.26 -8.99 -18.37
C SER A 11 15.00 -9.84 -18.33
N GLU A 12 15.11 -11.06 -18.84
CA GLU A 12 13.99 -11.98 -18.92
C GLU A 12 13.34 -12.45 -17.62
N LEU A 13 14.22 -12.54 -16.62
CA LEU A 13 13.77 -12.76 -15.26
C LEU A 13 12.87 -11.70 -14.65
N GLN A 14 13.16 -10.42 -14.88
CA GLN A 14 12.29 -9.35 -14.41
C GLN A 14 11.00 -9.35 -15.23
N TRP A 15 10.96 -9.83 -16.47
CA TRP A 15 9.78 -9.82 -17.32
C TRP A 15 8.81 -10.92 -16.92
N GLU A 16 9.39 -11.98 -16.34
CA GLU A 16 8.61 -12.96 -15.62
C GLU A 16 8.14 -12.47 -14.25
N GLN A 17 8.94 -11.75 -13.47
CA GLN A 17 8.63 -11.13 -12.19
C GLN A 17 7.46 -10.17 -12.32
N ALA A 18 7.49 -9.19 -13.23
CA ALA A 18 6.54 -8.10 -13.36
C ALA A 18 5.13 -8.66 -13.42
N GLN A 19 4.92 -9.63 -14.32
CA GLN A 19 3.68 -10.36 -14.51
C GLN A 19 3.19 -11.23 -13.37
N ASP A 20 4.08 -11.68 -12.49
CA ASP A 20 3.58 -12.36 -11.32
C ASP A 20 2.96 -11.33 -10.38
N TYR A 21 3.71 -10.24 -10.21
CA TYR A 21 3.41 -9.06 -9.43
C TYR A 21 2.00 -8.54 -9.69
N LEU A 22 1.75 -8.13 -10.93
CA LEU A 22 0.50 -7.66 -11.50
C LEU A 22 -0.59 -8.72 -11.48
N LYS A 23 -0.39 -10.00 -11.81
CA LYS A 23 -1.43 -11.00 -11.64
C LYS A 23 -2.02 -11.13 -10.25
N ARG A 24 -1.21 -10.96 -9.20
CA ARG A 24 -1.61 -11.15 -7.81
C ARG A 24 -2.48 -9.99 -7.33
N PHE A 25 -2.41 -8.77 -7.86
CA PHE A 25 -3.15 -7.60 -7.46
C PHE A 25 -4.56 -7.72 -8.05
N TYR A 26 -4.63 -8.03 -9.35
CA TYR A 26 -5.89 -8.03 -10.06
C TYR A 26 -6.72 -9.28 -9.81
N LEU A 27 -6.07 -10.22 -9.11
CA LEU A 27 -6.40 -11.62 -8.95
C LEU A 27 -6.73 -12.16 -10.34
N TYR A 28 -5.73 -12.06 -11.23
CA TYR A 28 -5.68 -12.29 -12.65
C TYR A 28 -6.47 -11.36 -13.58
N ASP A 29 -5.81 -10.87 -14.63
CA ASP A 29 -6.44 -10.09 -15.67
C ASP A 29 -5.98 -10.64 -17.01
N SER A 30 -6.87 -10.57 -18.01
CA SER A 30 -6.81 -10.88 -19.43
C SER A 30 -5.77 -10.08 -20.20
N GLU A 31 -5.58 -8.82 -19.80
CA GLU A 31 -4.54 -8.08 -20.49
C GLU A 31 -3.18 -8.33 -19.87
N THR A 32 -3.10 -8.64 -18.57
CA THR A 32 -1.84 -8.86 -17.89
C THR A 32 -1.17 -10.18 -18.26
N LYS A 33 -1.93 -11.13 -18.81
CA LYS A 33 -1.42 -12.40 -19.28
C LYS A 33 -0.81 -12.23 -20.68
N ASN A 34 0.38 -12.74 -20.97
CA ASN A 34 1.05 -12.89 -22.25
C ASN A 34 2.12 -11.81 -22.32
N ALA A 35 3.36 -12.18 -22.66
CA ALA A 35 4.54 -11.35 -22.64
C ALA A 35 4.47 -10.28 -23.72
N ASN A 36 3.67 -10.38 -24.77
CA ASN A 36 3.33 -9.39 -25.78
C ASN A 36 2.29 -8.45 -25.18
N SER A 37 1.42 -8.98 -24.33
CA SER A 37 0.38 -8.26 -23.63
C SER A 37 0.88 -7.56 -22.38
N LEU A 38 1.99 -8.01 -21.75
CA LEU A 38 2.62 -7.40 -20.60
C LEU A 38 3.21 -6.04 -20.92
N GLU A 39 3.73 -5.84 -22.14
CA GLU A 39 4.29 -4.63 -22.69
C GLU A 39 3.30 -3.47 -22.70
N ALA A 40 2.01 -3.71 -22.89
CA ALA A 40 0.95 -2.76 -22.59
C ALA A 40 0.71 -2.44 -21.13
N LYS A 41 0.94 -3.42 -20.25
CA LYS A 41 0.72 -3.40 -18.81
C LYS A 41 1.82 -2.74 -18.00
N LEU A 42 3.01 -2.70 -18.60
CA LEU A 42 4.12 -2.04 -17.95
C LEU A 42 4.04 -0.53 -18.02
N LYS A 43 3.26 0.03 -18.94
CA LYS A 43 2.73 1.38 -18.96
C LYS A 43 1.75 1.53 -17.81
N GLU A 44 0.84 0.60 -17.52
CA GLU A 44 -0.18 0.64 -16.50
C GLU A 44 0.52 0.55 -15.15
N MET A 45 1.67 -0.12 -15.06
CA MET A 45 2.52 -0.22 -13.89
C MET A 45 3.10 1.10 -13.43
N GLN A 46 3.62 1.90 -14.37
CA GLN A 46 4.24 3.18 -14.11
C GLN A 46 3.15 4.21 -13.85
N LYS A 47 1.92 4.04 -14.33
CA LYS A 47 0.77 4.87 -14.01
C LYS A 47 0.21 4.53 -12.63
N PHE A 48 0.39 3.28 -12.19
CA PHE A 48 0.11 3.02 -10.79
C PHE A 48 1.03 3.74 -9.83
N PHE A 49 2.28 3.90 -10.27
CA PHE A 49 3.26 4.71 -9.59
C PHE A 49 3.11 6.22 -9.78
N GLY A 50 2.33 6.63 -10.78
CA GLY A 50 2.00 8.03 -11.00
C GLY A 50 2.98 8.66 -11.97
N LEU A 51 3.95 7.94 -12.54
CA LEU A 51 4.89 8.49 -13.49
C LEU A 51 4.18 8.63 -14.83
N PRO A 52 4.23 9.83 -15.41
CA PRO A 52 3.65 10.14 -16.71
C PRO A 52 4.63 9.75 -17.80
N ILE A 53 4.93 8.45 -17.82
CA ILE A 53 5.74 7.77 -18.81
C ILE A 53 5.01 6.50 -19.23
N THR A 54 4.70 6.34 -20.52
CA THR A 54 4.08 5.22 -21.22
C THR A 54 4.90 4.90 -22.47
N GLY A 55 5.58 3.75 -22.53
CA GLY A 55 6.14 3.22 -23.76
C GLY A 55 7.65 3.21 -23.60
N MET A 56 8.20 3.54 -22.43
CA MET A 56 9.60 3.64 -22.05
C MET A 56 9.80 3.15 -20.61
N LEU A 57 11.03 2.80 -20.24
CA LEU A 57 11.43 2.15 -19.00
C LEU A 57 12.84 2.66 -18.74
N ASN A 58 13.05 3.38 -17.63
CA ASN A 58 14.18 4.26 -17.38
C ASN A 58 14.45 4.55 -15.91
N SER A 59 13.38 4.71 -15.13
CA SER A 59 13.43 5.16 -13.75
C SER A 59 13.89 3.99 -12.88
N ARG A 60 13.60 4.14 -11.59
CA ARG A 60 13.89 3.16 -10.57
C ARG A 60 12.82 2.08 -10.49
N VAL A 61 11.76 2.18 -11.31
CA VAL A 61 10.57 1.35 -11.35
C VAL A 61 10.70 -0.15 -11.25
N ILE A 62 11.70 -0.73 -11.93
CA ILE A 62 11.89 -2.16 -12.02
C ILE A 62 12.60 -2.67 -10.78
N GLU A 63 13.52 -1.87 -10.21
CA GLU A 63 14.34 -2.16 -9.05
C GLU A 63 13.36 -2.23 -7.89
N ILE A 64 12.57 -1.16 -7.74
CA ILE A 64 11.73 -0.98 -6.57
C ILE A 64 10.50 -1.88 -6.68
N MET A 65 10.19 -2.48 -7.83
CA MET A 65 9.27 -3.58 -8.03
C MET A 65 9.59 -4.90 -7.33
N GLN A 66 10.92 -5.07 -7.29
CA GLN A 66 11.59 -6.32 -7.04
C GLN A 66 11.61 -6.56 -5.54
N LYS A 67 11.74 -5.50 -4.74
CA LYS A 67 11.74 -5.55 -3.29
C LYS A 67 10.32 -5.46 -2.73
N PRO A 68 9.98 -5.96 -1.55
CA PRO A 68 8.61 -5.81 -1.11
C PRO A 68 8.21 -4.39 -0.72
N ARG A 69 7.23 -3.88 -1.47
CA ARG A 69 6.64 -2.56 -1.32
C ARG A 69 5.15 -2.38 -1.62
N CYS A 70 4.65 -2.72 -2.81
CA CYS A 70 3.23 -2.91 -2.99
C CYS A 70 2.89 -4.39 -2.98
N GLY A 71 2.19 -4.83 -1.92
CA GLY A 71 1.36 -6.01 -1.86
C GLY A 71 -0.11 -5.59 -1.77
N VAL A 72 -0.47 -4.49 -1.12
CA VAL A 72 -1.74 -3.82 -1.28
C VAL A 72 -1.94 -3.37 -2.72
N PRO A 73 -3.02 -3.72 -3.42
CA PRO A 73 -3.11 -3.40 -4.83
C PRO A 73 -3.52 -1.97 -5.16
N ASP A 74 -2.68 -1.27 -5.92
CA ASP A 74 -2.93 0.05 -6.48
C ASP A 74 -3.65 0.07 -7.81
N VAL A 75 -3.51 -1.04 -8.55
CA VAL A 75 -4.38 -1.45 -9.64
C VAL A 75 -5.26 -2.61 -9.22
N ALA A 76 -6.57 -2.37 -9.18
CA ALA A 76 -7.49 -3.33 -8.60
C ALA A 76 -8.78 -3.47 -9.38
N GLU A 77 -9.39 -4.63 -9.12
CA GLU A 77 -10.64 -5.10 -9.66
C GLU A 77 -11.26 -5.94 -8.55
N TYR A 78 -12.31 -5.47 -7.87
CA TYR A 78 -12.96 -6.19 -6.78
C TYR A 78 -14.45 -5.89 -6.88
N SER A 79 -15.20 -6.97 -7.10
CA SER A 79 -16.64 -7.05 -7.00
C SER A 79 -17.21 -6.79 -5.62
N LEU A 80 -18.50 -6.41 -5.59
CA LEU A 80 -19.31 -6.40 -4.38
C LEU A 80 -19.03 -5.19 -3.51
N PHE A 81 -18.32 -4.17 -3.98
CA PHE A 81 -18.12 -2.83 -3.46
C PHE A 81 -18.71 -1.71 -4.29
N PRO A 82 -19.12 -0.55 -3.77
CA PRO A 82 -19.60 0.58 -4.53
C PRO A 82 -18.54 1.18 -5.42
N ASN A 83 -18.95 2.12 -6.27
CA ASN A 83 -18.08 2.80 -7.21
C ASN A 83 -17.33 3.90 -6.46
N SER A 84 -16.02 3.70 -6.37
CA SER A 84 -14.91 4.47 -5.84
C SER A 84 -14.80 4.35 -4.33
N PRO A 85 -13.57 4.24 -3.80
CA PRO A 85 -13.40 4.09 -2.37
C PRO A 85 -13.52 5.36 -1.56
N LYS A 86 -14.47 5.43 -0.62
CA LYS A 86 -14.56 6.49 0.35
C LYS A 86 -15.06 5.81 1.62
N TRP A 87 -14.71 6.30 2.81
CA TRP A 87 -15.49 6.08 4.02
C TRP A 87 -16.66 7.06 4.04
N THR A 88 -17.82 6.52 4.46
CA THR A 88 -19.07 7.23 4.59
C THR A 88 -19.50 7.36 6.05
N SER A 89 -18.91 6.57 6.94
CA SER A 89 -18.92 6.72 8.37
C SER A 89 -17.92 7.78 8.79
N LYS A 90 -18.34 8.71 9.65
CA LYS A 90 -17.65 9.87 10.16
C LYS A 90 -16.80 9.59 11.39
N VAL A 91 -16.98 8.46 12.06
CA VAL A 91 -16.25 7.93 13.21
C VAL A 91 -15.80 6.52 12.88
N VAL A 92 -14.49 6.28 12.74
CA VAL A 92 -13.97 4.96 12.43
C VAL A 92 -13.14 4.44 13.60
N THR A 93 -13.16 3.16 13.97
CA THR A 93 -12.40 2.66 15.10
C THR A 93 -11.36 1.66 14.62
N TYR A 94 -10.30 1.39 15.38
CA TYR A 94 -9.14 0.58 15.08
C TYR A 94 -8.76 -0.31 16.25
N ARG A 95 -8.34 -1.54 15.97
CA ARG A 95 -7.88 -2.53 16.92
C ARG A 95 -6.99 -3.55 16.22
N ILE A 96 -5.92 -3.95 16.91
CA ILE A 96 -4.89 -4.89 16.52
C ILE A 96 -5.38 -6.23 17.04
N VAL A 97 -5.47 -7.15 16.08
CA VAL A 97 -5.95 -8.51 16.27
C VAL A 97 -4.97 -9.68 16.22
N SER A 98 -3.89 -9.48 15.46
CA SER A 98 -2.67 -10.24 15.56
C SER A 98 -1.39 -9.41 15.59
N TYR A 99 -0.23 -10.00 15.88
CA TYR A 99 1.02 -9.30 16.07
C TYR A 99 2.22 -9.91 15.34
N THR A 100 3.22 -9.14 14.94
CA THR A 100 4.57 -9.47 14.51
C THR A 100 5.33 -9.74 15.80
N ARG A 101 6.37 -10.58 15.71
CA ARG A 101 7.40 -10.75 16.70
C ARG A 101 8.44 -9.64 16.62
N ASP A 102 8.58 -8.88 15.53
CA ASP A 102 9.66 -7.95 15.28
C ASP A 102 9.44 -6.64 16.01
N LEU A 103 8.18 -6.38 16.35
CA LEU A 103 7.74 -5.31 17.23
C LEU A 103 6.75 -5.80 18.27
N PRO A 104 6.96 -5.62 19.57
CA PRO A 104 5.99 -6.03 20.57
C PRO A 104 4.69 -5.24 20.51
N HIS A 105 3.50 -5.85 20.66
CA HIS A 105 2.18 -5.31 20.46
C HIS A 105 1.95 -3.88 20.94
N ILE A 106 2.51 -3.44 22.07
CA ILE A 106 2.45 -2.07 22.58
C ILE A 106 2.91 -1.02 21.58
N THR A 107 3.98 -1.28 20.81
CA THR A 107 4.52 -0.38 19.82
C THR A 107 3.66 -0.41 18.56
N VAL A 108 3.14 -1.59 18.22
CA VAL A 108 2.45 -1.79 16.97
C VAL A 108 1.12 -1.04 17.02
N ASP A 109 0.42 -1.24 18.15
CA ASP A 109 -0.73 -0.50 18.64
C ASP A 109 -0.61 1.01 18.56
N ARG A 110 0.58 1.50 18.94
CA ARG A 110 1.00 2.89 18.93
C ARG A 110 1.34 3.43 17.55
N LEU A 111 2.07 2.69 16.72
CA LEU A 111 2.56 3.20 15.44
C LEU A 111 1.40 3.23 14.46
N VAL A 112 0.46 2.29 14.48
CA VAL A 112 -0.81 2.44 13.80
C VAL A 112 -1.56 3.76 14.02
N SER A 113 -1.56 4.14 15.31
CA SER A 113 -2.16 5.30 15.94
C SER A 113 -1.54 6.59 15.41
N LYS A 114 -0.23 6.71 15.21
CA LYS A 114 0.57 7.83 14.77
C LYS A 114 0.31 8.19 13.31
N ALA A 115 0.18 7.13 12.51
CA ALA A 115 -0.29 7.15 11.14
C ALA A 115 -1.70 7.70 11.01
N LEU A 116 -2.50 7.18 11.95
CA LEU A 116 -3.87 7.63 12.07
C LEU A 116 -4.07 9.06 12.55
N ASN A 117 -3.11 9.54 13.33
CA ASN A 117 -3.04 10.94 13.65
C ASN A 117 -2.81 11.79 12.41
N MET A 118 -1.76 11.45 11.65
CA MET A 118 -1.26 12.25 10.55
C MET A 118 -2.26 12.28 9.41
N TRP A 119 -2.93 11.17 9.11
CA TRP A 119 -4.00 10.99 8.14
C TRP A 119 -5.32 11.52 8.68
N GLY A 120 -5.52 11.63 9.99
CA GLY A 120 -6.78 11.95 10.64
C GLY A 120 -6.98 13.47 10.66
N LYS A 121 -5.97 14.24 11.03
CA LYS A 121 -5.88 15.68 11.16
C LYS A 121 -6.30 16.55 9.99
N GLU A 122 -6.55 15.98 8.81
CA GLU A 122 -6.77 16.63 7.53
C GLU A 122 -8.12 16.33 6.92
N ILE A 123 -8.99 15.58 7.61
CA ILE A 123 -10.29 15.12 7.16
C ILE A 123 -11.36 15.25 8.23
N PRO A 124 -12.66 15.25 7.95
CA PRO A 124 -13.73 15.35 8.93
C PRO A 124 -13.97 14.10 9.74
N LEU A 125 -13.27 13.03 9.38
CA LEU A 125 -13.29 11.70 9.94
C LEU A 125 -12.39 11.59 11.16
N HIS A 126 -12.92 11.18 12.31
CA HIS A 126 -12.19 10.93 13.53
C HIS A 126 -12.02 9.42 13.64
N PHE A 127 -10.73 9.05 13.67
CA PHE A 127 -10.28 7.71 13.95
C PHE A 127 -10.06 7.71 15.45
N ARG A 128 -10.72 6.77 16.14
CA ARG A 128 -10.55 6.54 17.55
C ARG A 128 -9.93 5.17 17.76
N LYS A 129 -9.20 4.90 18.86
CA LYS A 129 -8.87 3.55 19.28
C LYS A 129 -9.94 3.18 20.29
N VAL A 130 -10.39 1.92 20.21
CA VAL A 130 -11.21 1.32 21.24
C VAL A 130 -10.48 0.12 21.83
N VAL A 131 -10.95 -0.26 23.02
CA VAL A 131 -10.62 -1.57 23.56
C VAL A 131 -11.86 -2.27 24.10
N TRP A 132 -12.97 -2.01 23.40
CA TRP A 132 -14.31 -2.43 23.74
C TRP A 132 -14.85 -2.76 22.35
N GLY A 133 -14.99 -4.07 22.08
CA GLY A 133 -15.67 -4.60 20.91
C GLY A 133 -14.66 -5.00 19.85
N THR A 134 -15.10 -5.55 18.72
CA THR A 134 -14.38 -5.43 17.46
C THR A 134 -14.42 -4.03 16.85
N ALA A 135 -13.38 -3.65 16.11
CA ALA A 135 -13.20 -2.42 15.37
C ALA A 135 -13.33 -2.57 13.87
N ASP A 136 -13.45 -1.40 13.24
CA ASP A 136 -13.68 -1.26 11.81
C ASP A 136 -12.47 -1.53 10.93
N ILE A 137 -11.28 -1.04 11.29
CA ILE A 137 -10.08 -1.41 10.57
C ILE A 137 -9.45 -2.36 11.58
N MET A 138 -9.48 -3.66 11.30
CA MET A 138 -8.61 -4.64 11.93
C MET A 138 -7.27 -4.73 11.22
N ILE A 139 -6.21 -4.55 12.01
CA ILE A 139 -4.83 -4.82 11.66
C ILE A 139 -4.45 -6.18 12.24
N GLY A 140 -4.07 -7.11 11.37
CA GLY A 140 -3.53 -8.41 11.71
C GLY A 140 -2.18 -8.63 11.05
N PHE A 141 -1.53 -9.70 11.53
CA PHE A 141 -0.33 -10.26 10.94
C PHE A 141 -0.57 -11.72 10.62
N ALA A 142 -0.08 -12.27 9.50
CA ALA A 142 -0.38 -13.62 9.05
C ALA A 142 0.62 -14.11 8.01
N ARG A 143 0.46 -15.41 7.73
CA ARG A 143 1.27 -16.15 6.77
C ARG A 143 0.39 -16.53 5.60
N GLY A 144 0.97 -17.15 4.57
CA GLY A 144 0.13 -17.50 3.44
C GLY A 144 -0.61 -18.83 3.45
N ALA A 145 -1.01 -19.29 4.64
CA ALA A 145 -1.91 -20.39 4.88
C ALA A 145 -3.24 -19.91 5.43
N HIS A 146 -3.48 -18.62 5.73
CA HIS A 146 -4.68 -18.15 6.42
C HIS A 146 -5.90 -17.92 5.55
N GLY A 147 -5.83 -18.11 4.24
CA GLY A 147 -6.93 -18.51 3.38
C GLY A 147 -7.29 -17.40 2.39
N ASP A 148 -6.35 -16.68 1.79
CA ASP A 148 -6.54 -15.77 0.67
C ASP A 148 -6.17 -16.39 -0.66
N SER A 149 -6.47 -15.73 -1.78
CA SER A 149 -6.12 -16.10 -3.14
C SER A 149 -4.81 -15.38 -3.40
N TYR A 150 -3.70 -16.07 -3.70
CA TYR A 150 -2.42 -15.56 -4.16
C TYR A 150 -1.48 -15.30 -2.99
N PRO A 151 -0.19 -15.66 -3.11
CA PRO A 151 0.63 -15.93 -1.95
C PRO A 151 1.33 -14.74 -1.30
N PHE A 152 1.58 -14.85 0.00
CA PHE A 152 2.34 -13.87 0.76
C PHE A 152 3.84 -14.11 0.72
N ASP A 153 4.29 -15.25 0.18
CA ASP A 153 5.60 -15.56 -0.37
C ASP A 153 6.58 -16.09 0.67
N GLY A 154 6.65 -15.55 1.89
CA GLY A 154 7.79 -15.68 2.75
C GLY A 154 8.40 -14.30 2.88
N PRO A 155 9.72 -14.19 3.08
CA PRO A 155 10.31 -12.88 2.90
C PRO A 155 10.34 -12.54 1.40
N GLY A 156 10.09 -11.29 1.02
CA GLY A 156 10.03 -10.77 -0.34
C GLY A 156 8.63 -10.31 -0.70
N ASN A 157 8.47 -10.20 -2.02
CA ASN A 157 7.42 -9.50 -2.75
C ASN A 157 6.03 -9.91 -2.27
N THR A 158 5.20 -8.90 -2.00
CA THR A 158 4.02 -9.01 -1.15
C THR A 158 4.52 -9.10 0.27
N LEU A 159 4.08 -8.06 1.00
CA LEU A 159 4.22 -7.93 2.43
C LEU A 159 2.95 -7.56 3.19
N ALA A 160 1.85 -7.22 2.51
CA ALA A 160 0.51 -7.05 3.03
C ALA A 160 -0.46 -7.27 1.88
N HIS A 161 -1.74 -7.41 2.23
CA HIS A 161 -2.88 -6.99 1.44
C HIS A 161 -3.77 -6.19 2.38
N ALA A 162 -4.61 -5.25 1.93
CA ALA A 162 -5.54 -4.42 2.66
C ALA A 162 -6.79 -4.19 1.82
N PHE A 163 -7.94 -3.93 2.47
CA PHE A 163 -9.22 -3.72 1.84
C PHE A 163 -9.50 -2.24 1.61
N ALA A 164 -10.27 -1.99 0.55
CA ALA A 164 -11.08 -0.82 0.28
C ALA A 164 -12.11 -0.61 1.38
N PRO A 165 -12.51 0.61 1.76
CA PRO A 165 -13.22 0.96 2.98
C PRO A 165 -14.67 0.52 3.06
N GLY A 166 -15.14 -0.09 4.15
CA GLY A 166 -16.49 -0.50 4.45
C GLY A 166 -16.84 -0.63 5.93
N THR A 167 -18.15 -0.68 6.19
CA THR A 167 -18.69 -1.13 7.46
C THR A 167 -18.85 -2.64 7.43
N GLY A 168 -18.06 -3.44 8.16
CA GLY A 168 -17.92 -4.88 8.03
C GLY A 168 -16.60 -5.08 7.31
N LEU A 169 -16.64 -6.11 6.46
CA LEU A 169 -15.67 -6.68 5.55
C LEU A 169 -14.73 -5.80 4.73
N GLY A 170 -14.60 -4.49 4.94
CA GLY A 170 -13.56 -3.69 4.33
C GLY A 170 -12.81 -2.84 5.36
N GLY A 171 -11.73 -2.16 4.97
CA GLY A 171 -10.91 -1.29 5.78
C GLY A 171 -9.62 -1.92 6.30
N ASP A 172 -9.63 -3.24 6.46
CA ASP A 172 -8.72 -4.04 7.26
C ASP A 172 -7.39 -4.34 6.58
N ALA A 173 -6.32 -4.69 7.29
CA ALA A 173 -5.08 -5.16 6.67
C ALA A 173 -4.57 -6.37 7.43
N HIS A 174 -3.90 -7.26 6.68
CA HIS A 174 -3.07 -8.34 7.14
C HIS A 174 -1.68 -8.07 6.60
N PHE A 175 -0.64 -8.02 7.45
CA PHE A 175 0.76 -7.81 7.14
C PHE A 175 1.41 -9.18 7.26
N ASP A 176 2.29 -9.45 6.30
CA ASP A 176 3.15 -10.62 6.19
C ASP A 176 4.01 -10.86 7.42
N GLU A 177 3.93 -12.04 8.06
CA GLU A 177 4.61 -12.39 9.29
C GLU A 177 6.01 -12.94 9.02
N ASP A 178 6.25 -13.44 7.81
CA ASP A 178 7.51 -14.05 7.46
C ASP A 178 8.50 -12.98 6.97
N GLU A 179 7.97 -11.77 6.76
CA GLU A 179 8.68 -10.60 6.30
C GLU A 179 9.31 -10.06 7.57
N ARG A 180 10.49 -9.46 7.46
CA ARG A 180 11.20 -8.89 8.60
C ARG A 180 10.80 -7.42 8.61
N TRP A 181 10.11 -7.07 9.70
CA TRP A 181 9.71 -5.71 9.99
C TRP A 181 10.68 -5.03 10.94
N THR A 182 10.63 -3.70 11.10
CA THR A 182 11.33 -2.84 12.04
C THR A 182 10.59 -1.52 12.17
N ASP A 183 11.09 -0.78 13.17
CA ASP A 183 10.91 0.66 13.31
C ASP A 183 12.25 1.37 13.34
N GLY A 184 12.85 1.63 14.51
CA GLY A 184 14.09 2.37 14.61
C GLY A 184 15.33 1.47 14.48
N SER A 185 15.15 0.15 14.58
CA SER A 185 16.32 -0.68 14.82
C SER A 185 16.88 -0.93 13.43
N SER A 186 16.16 -0.72 12.33
CA SER A 186 16.78 -0.75 11.01
C SER A 186 16.85 -2.08 10.29
N LEU A 187 16.59 -3.14 11.08
CA LEU A 187 16.92 -4.47 10.62
C LEU A 187 16.06 -5.05 9.51
N GLY A 188 14.83 -4.53 9.33
CA GLY A 188 13.95 -4.80 8.21
C GLY A 188 13.14 -3.58 7.78
N ILE A 189 11.93 -3.80 7.29
CA ILE A 189 11.09 -2.79 6.68
C ILE A 189 10.44 -1.95 7.77
N ASN A 190 10.46 -0.63 7.56
CA ASN A 190 9.91 0.28 8.53
C ASN A 190 8.40 0.21 8.47
N PHE A 191 7.78 -0.15 9.60
CA PHE A 191 6.35 -0.30 9.72
C PHE A 191 5.45 0.92 9.66
N LEU A 192 5.78 2.07 10.27
CA LEU A 192 5.10 3.35 10.16
C LEU A 192 4.77 3.71 8.73
N TYR A 193 5.76 3.66 7.83
CA TYR A 193 5.59 3.91 6.42
C TYR A 193 4.78 2.81 5.76
N ALA A 194 4.83 1.56 6.23
CA ALA A 194 4.13 0.43 5.65
C ALA A 194 2.65 0.49 6.00
N ALA A 195 2.39 0.92 7.23
CA ALA A 195 1.08 1.06 7.84
C ALA A 195 0.47 2.31 7.22
N THR A 196 1.15 3.44 7.01
CA THR A 196 0.77 4.63 6.29
C THR A 196 0.37 4.39 4.83
N HIS A 197 1.11 3.52 4.14
CA HIS A 197 0.88 3.16 2.76
C HIS A 197 -0.36 2.29 2.63
N ALA A 198 -0.65 1.40 3.58
CA ALA A 198 -1.75 0.45 3.62
C ALA A 198 -3.04 1.12 4.09
N LEU A 199 -2.94 1.99 5.09
CA LEU A 199 -4.06 2.75 5.60
C LEU A 199 -4.39 3.93 4.69
N GLY A 200 -3.49 4.49 3.88
CA GLY A 200 -3.87 5.45 2.87
C GLY A 200 -4.62 4.80 1.71
N HIS A 201 -4.37 3.53 1.39
CA HIS A 201 -5.06 2.73 0.40
C HIS A 201 -6.48 2.51 0.93
N SER A 202 -6.63 2.14 2.21
CA SER A 202 -7.90 2.04 2.90
C SER A 202 -8.75 3.29 2.98
N LEU A 203 -8.19 4.47 2.69
CA LEU A 203 -8.89 5.72 2.52
C LEU A 203 -9.15 6.04 1.05
N GLY A 204 -8.38 5.55 0.07
CA GLY A 204 -8.55 5.91 -1.33
C GLY A 204 -7.42 6.77 -1.87
N MET A 205 -6.27 6.88 -1.20
CA MET A 205 -5.18 7.71 -1.70
C MET A 205 -4.16 6.81 -2.37
N GLY A 206 -3.37 7.30 -3.34
CA GLY A 206 -2.42 6.58 -4.15
C GLY A 206 -1.07 7.27 -4.16
N HIS A 207 -0.07 6.71 -4.86
CA HIS A 207 1.29 7.21 -4.95
C HIS A 207 1.37 8.49 -5.77
N SER A 208 2.54 9.10 -5.58
CA SER A 208 3.06 10.02 -6.57
C SER A 208 4.56 9.85 -6.80
N SER A 209 5.03 10.37 -7.95
CA SER A 209 6.30 10.20 -8.61
C SER A 209 7.24 11.34 -8.27
N ASP A 210 6.82 12.24 -7.37
CA ASP A 210 7.45 13.39 -6.76
C ASP A 210 8.16 12.90 -5.51
N PRO A 211 9.45 13.22 -5.36
CA PRO A 211 10.14 12.83 -4.15
C PRO A 211 9.77 13.45 -2.81
N ASN A 212 9.21 14.65 -2.83
CA ASN A 212 8.62 15.26 -1.65
C ASN A 212 7.26 14.69 -1.26
N ALA A 213 6.74 13.73 -2.03
CA ALA A 213 5.61 12.92 -1.62
C ALA A 213 5.78 11.92 -0.48
N VAL A 214 4.76 11.87 0.38
CA VAL A 214 4.79 11.04 1.56
C VAL A 214 4.84 9.57 1.21
N MET A 215 4.21 9.17 0.10
CA MET A 215 4.22 7.88 -0.55
C MET A 215 4.90 7.98 -1.91
N TYR A 216 6.18 8.35 -1.91
CA TYR A 216 7.16 8.20 -2.97
C TYR A 216 7.55 6.74 -3.16
N PRO A 217 7.12 6.02 -4.19
CA PRO A 217 7.49 4.62 -4.28
C PRO A 217 8.90 4.29 -4.74
N THR A 218 9.48 5.10 -5.63
CA THR A 218 10.53 4.91 -6.62
C THR A 218 11.82 5.49 -6.06
N TYR A 219 12.01 5.35 -4.75
CA TYR A 219 13.27 5.76 -4.16
C TYR A 219 14.21 4.57 -4.30
N GLY A 220 15.48 4.77 -4.63
CA GLY A 220 16.54 3.79 -4.47
C GLY A 220 17.39 3.98 -3.22
N ASN A 221 17.46 5.19 -2.68
CA ASN A 221 18.05 5.55 -1.40
C ASN A 221 17.18 6.67 -0.83
N GLY A 222 17.25 6.90 0.49
CA GLY A 222 16.86 8.06 1.23
C GLY A 222 15.57 7.88 2.04
N ASP A 223 15.70 7.91 3.37
CA ASP A 223 14.61 7.93 4.33
C ASP A 223 14.20 9.39 4.57
N PRO A 224 12.92 9.68 4.73
CA PRO A 224 12.47 11.06 4.74
C PRO A 224 12.71 11.67 6.12
N GLN A 225 13.13 12.93 6.15
CA GLN A 225 13.63 13.52 7.37
C GLN A 225 12.49 13.70 8.37
N ASN A 226 11.42 14.40 8.01
CA ASN A 226 10.33 14.83 8.87
C ASN A 226 9.22 13.80 8.68
N PHE A 227 8.96 13.39 7.45
CA PHE A 227 7.82 12.62 6.96
C PHE A 227 6.50 13.27 7.36
N LYS A 228 5.96 13.97 6.36
CA LYS A 228 4.80 14.85 6.43
C LYS A 228 4.00 14.75 5.16
N LEU A 229 2.71 15.14 5.20
CA LEU A 229 1.93 15.15 3.98
C LEU A 229 2.39 16.37 3.20
N SER A 230 2.53 16.07 1.92
CA SER A 230 2.88 17.05 0.92
C SER A 230 1.64 17.79 0.45
N GLN A 231 1.87 18.87 -0.30
CA GLN A 231 0.86 19.83 -0.71
C GLN A 231 -0.11 19.28 -1.74
N ASP A 232 0.36 18.35 -2.58
CA ASP A 232 -0.49 17.64 -3.51
C ASP A 232 -1.34 16.57 -2.85
N ASP A 233 -0.80 16.12 -1.71
CA ASP A 233 -1.31 15.01 -0.93
C ASP A 233 -2.57 15.47 -0.19
N ILE A 234 -2.45 16.52 0.61
CA ILE A 234 -3.53 17.32 1.15
C ILE A 234 -4.56 17.59 0.07
N LYS A 235 -4.21 18.05 -1.13
CA LYS A 235 -5.11 18.37 -2.21
C LYS A 235 -5.75 17.14 -2.84
N GLY A 236 -5.26 15.91 -2.64
CA GLY A 236 -5.81 14.61 -3.00
C GLY A 236 -6.76 14.09 -1.93
N ILE A 237 -6.37 14.15 -0.66
CA ILE A 237 -7.10 13.82 0.55
C ILE A 237 -8.35 14.68 0.58
N GLN A 238 -8.23 16.01 0.45
CA GLN A 238 -9.29 16.99 0.27
C GLN A 238 -10.17 16.73 -0.93
N LYS A 239 -9.80 15.88 -1.90
CA LYS A 239 -10.55 15.65 -3.12
C LYS A 239 -11.58 14.59 -2.80
N LEU A 240 -11.21 13.63 -1.94
CA LEU A 240 -12.06 12.58 -1.42
C LEU A 240 -12.86 12.96 -0.19
N TYR A 241 -12.25 13.49 0.88
CA TYR A 241 -12.74 13.75 2.21
C TYR A 241 -13.01 15.24 2.41
N GLY A 242 -13.09 16.02 1.33
CA GLY A 242 -13.32 17.44 1.28
C GLY A 242 -14.25 17.73 0.11
N LYS A 243 -14.24 18.94 -0.46
CA LYS A 243 -15.00 19.36 -1.63
C LYS A 243 -14.38 18.82 -2.91
N ARG A 244 -15.23 18.42 -3.86
CA ARG A 244 -14.96 17.97 -5.20
C ARG A 244 -14.49 19.13 -6.07
N SER A 245 -13.16 19.14 -6.19
CA SER A 245 -12.45 20.10 -7.01
C SER A 245 -11.18 19.50 -7.61
N ASN A 246 -10.89 20.00 -8.81
CA ASN A 246 -9.63 19.69 -9.45
C ASN A 246 -8.54 20.68 -9.06
N SER A 247 -7.38 20.14 -8.70
CA SER A 247 -6.15 20.88 -8.47
C SER A 247 -4.90 20.36 -9.16
N ARG A 248 -4.86 19.22 -9.85
CA ARG A 248 -3.79 18.75 -10.70
C ARG A 248 -4.11 18.97 -12.17
N LYS A 249 -3.09 19.33 -12.95
CA LYS A 249 -3.15 19.36 -14.41
C LYS A 249 -2.87 18.01 -15.04
N LYS A 250 -1.95 17.27 -14.40
CA LYS A 250 -1.79 15.86 -14.69
C LYS A 250 -1.59 15.30 -13.29
N LEU A 3 23.63 -3.27 -12.88
CA LEU A 3 22.85 -2.92 -14.08
C LEU A 3 22.59 -1.43 -14.22
N PRO A 4 22.27 -0.92 -15.42
CA PRO A 4 21.74 0.43 -15.50
C PRO A 4 20.27 0.59 -15.10
N GLN A 5 19.40 -0.34 -15.52
CA GLN A 5 17.98 -0.45 -15.23
C GLN A 5 17.66 -1.94 -15.24
N GLU A 6 16.85 -2.39 -14.27
CA GLU A 6 16.23 -3.69 -14.27
C GLU A 6 15.27 -3.80 -15.45
N ALA A 7 14.41 -2.80 -15.69
CA ALA A 7 13.64 -2.62 -16.91
C ALA A 7 14.41 -2.78 -18.21
N GLY A 8 15.70 -2.45 -18.25
CA GLY A 8 16.53 -2.71 -19.41
C GLY A 8 17.22 -4.06 -19.45
N GLY A 9 17.09 -4.88 -18.41
CA GLY A 9 17.46 -6.28 -18.39
C GLY A 9 16.20 -7.11 -18.16
N MET A 10 15.02 -6.60 -18.56
CA MET A 10 13.70 -7.19 -18.56
C MET A 10 13.61 -8.42 -19.44
N SER A 11 13.47 -9.59 -18.84
CA SER A 11 13.53 -10.86 -19.54
C SER A 11 12.39 -11.69 -18.97
N GLU A 12 12.17 -12.88 -19.55
CA GLU A 12 11.24 -13.87 -19.05
C GLU A 12 11.09 -14.06 -17.55
N LEU A 13 12.17 -14.10 -16.77
CA LEU A 13 12.19 -14.12 -15.32
C LEU A 13 11.40 -12.95 -14.73
N GLN A 14 11.55 -11.72 -15.21
CA GLN A 14 10.88 -10.52 -14.77
C GLN A 14 9.42 -10.58 -15.22
N TRP A 15 9.19 -11.18 -16.39
CA TRP A 15 7.86 -11.29 -16.97
C TRP A 15 7.01 -12.31 -16.22
N GLU A 16 7.61 -13.36 -15.68
CA GLU A 16 6.93 -14.29 -14.79
C GLU A 16 6.81 -13.66 -13.42
N GLN A 17 7.71 -12.77 -12.99
CA GLN A 17 7.68 -12.04 -11.73
C GLN A 17 6.57 -11.01 -11.75
N ALA A 18 6.33 -10.35 -12.88
CA ALA A 18 5.37 -9.28 -13.10
C ALA A 18 3.95 -9.84 -13.15
N GLN A 19 3.82 -11.10 -13.59
CA GLN A 19 2.58 -11.84 -13.50
C GLN A 19 2.26 -12.16 -12.05
N ASP A 20 3.26 -12.62 -11.28
CA ASP A 20 3.22 -12.92 -9.86
C ASP A 20 2.89 -11.70 -9.00
N TYR A 21 3.38 -10.54 -9.42
CA TYR A 21 3.16 -9.27 -8.77
C TYR A 21 1.71 -8.85 -8.95
N LEU A 22 1.27 -8.73 -10.20
CA LEU A 22 0.02 -8.06 -10.53
C LEU A 22 -1.17 -8.83 -9.98
N LYS A 23 -1.16 -10.16 -10.12
CA LYS A 23 -2.25 -11.05 -9.82
C LYS A 23 -2.81 -10.98 -8.40
N ARG A 24 -2.03 -10.43 -7.47
CA ARG A 24 -2.38 -10.33 -6.07
C ARG A 24 -3.32 -9.19 -5.70
N PHE A 25 -3.28 -8.06 -6.42
CA PHE A 25 -4.19 -6.96 -6.22
C PHE A 25 -5.62 -7.21 -6.70
N TYR A 26 -5.83 -8.26 -7.49
CA TYR A 26 -7.08 -8.67 -8.10
C TYR A 26 -7.60 -9.97 -7.50
N LEU A 27 -6.65 -10.80 -7.03
CA LEU A 27 -6.75 -12.09 -6.36
C LEU A 27 -6.90 -13.18 -7.42
N TYR A 28 -6.07 -13.11 -8.46
CA TYR A 28 -6.20 -13.69 -9.78
C TYR A 28 -6.66 -12.62 -10.77
N ASP A 29 -5.94 -12.46 -11.88
CA ASP A 29 -6.37 -11.83 -13.11
C ASP A 29 -6.05 -12.65 -14.35
N SER A 30 -7.05 -12.76 -15.25
CA SER A 30 -7.07 -13.60 -16.43
C SER A 30 -6.35 -12.92 -17.59
N GLU A 31 -6.15 -11.61 -17.61
CA GLU A 31 -5.46 -10.83 -18.61
C GLU A 31 -3.96 -10.86 -18.30
N THR A 32 -3.60 -10.93 -17.03
CA THR A 32 -2.23 -11.11 -16.55
C THR A 32 -1.73 -12.51 -16.82
N LYS A 33 -2.60 -13.52 -16.96
CA LYS A 33 -2.29 -14.89 -17.32
C LYS A 33 -2.03 -14.96 -18.81
N ASN A 34 -0.98 -15.63 -19.29
CA ASN A 34 -0.47 -15.64 -20.65
C ASN A 34 0.49 -14.48 -20.84
N ALA A 35 1.76 -14.81 -21.14
CA ALA A 35 2.77 -13.78 -21.17
C ALA A 35 2.69 -12.77 -22.32
N ASN A 36 2.10 -12.99 -23.48
CA ASN A 36 1.85 -11.94 -24.45
C ASN A 36 0.84 -10.91 -23.98
N SER A 37 -0.16 -11.30 -23.20
CA SER A 37 -1.25 -10.49 -22.67
C SER A 37 -0.80 -9.55 -21.57
N LEU A 38 0.19 -9.85 -20.72
CA LEU A 38 0.91 -9.02 -19.76
C LEU A 38 1.47 -7.71 -20.31
N GLU A 39 1.70 -7.56 -21.61
CA GLU A 39 2.15 -6.34 -22.26
C GLU A 39 1.21 -5.14 -22.14
N ALA A 40 -0.08 -5.43 -22.36
CA ALA A 40 -1.25 -4.63 -22.04
C ALA A 40 -1.42 -4.27 -20.58
N LYS A 41 -0.96 -5.17 -19.70
CA LYS A 41 -1.11 -5.16 -18.27
C LYS A 41 -0.01 -4.32 -17.63
N LEU A 42 1.17 -4.22 -18.23
CA LEU A 42 2.28 -3.35 -17.91
C LEU A 42 2.04 -1.85 -17.97
N LYS A 43 1.27 -1.46 -18.99
CA LYS A 43 0.79 -0.11 -19.24
C LYS A 43 -0.32 0.23 -18.26
N GLU A 44 -0.98 -0.74 -17.63
CA GLU A 44 -1.82 -0.60 -16.45
C GLU A 44 -1.00 -0.27 -15.20
N MET A 45 0.04 -1.04 -14.89
CA MET A 45 0.86 -0.84 -13.71
C MET A 45 1.53 0.52 -13.53
N GLN A 46 1.87 1.13 -14.68
CA GLN A 46 2.41 2.46 -14.75
C GLN A 46 1.55 3.57 -14.14
N LYS A 47 0.23 3.42 -14.24
CA LYS A 47 -0.83 4.23 -13.67
C LYS A 47 -0.90 4.16 -12.15
N PHE A 48 -0.54 3.02 -11.54
CA PHE A 48 -0.52 2.93 -10.09
C PHE A 48 0.71 3.59 -9.50
N PHE A 49 1.87 3.50 -10.15
CA PHE A 49 3.09 4.09 -9.65
C PHE A 49 3.05 5.61 -9.86
N GLY A 50 2.26 6.17 -10.78
CA GLY A 50 1.94 7.57 -10.93
C GLY A 50 2.53 8.17 -12.20
N LEU A 51 3.04 7.35 -13.13
CA LEU A 51 3.75 7.93 -14.24
C LEU A 51 2.78 8.61 -15.19
N PRO A 52 3.12 9.77 -15.76
CA PRO A 52 2.19 10.49 -16.61
C PRO A 52 2.10 9.88 -18.01
N ILE A 53 3.11 9.13 -18.45
CA ILE A 53 2.98 8.41 -19.69
C ILE A 53 2.53 6.98 -19.41
N THR A 54 1.54 6.57 -20.22
CA THR A 54 1.00 5.22 -20.25
C THR A 54 1.45 4.57 -21.55
N GLY A 55 2.17 3.45 -21.40
CA GLY A 55 2.67 2.70 -22.52
C GLY A 55 4.17 2.89 -22.65
N MET A 56 4.87 3.21 -21.56
CA MET A 56 6.31 3.27 -21.61
C MET A 56 6.96 2.66 -20.37
N LEU A 57 7.96 1.81 -20.65
CA LEU A 57 8.78 1.02 -19.76
C LEU A 57 10.26 1.20 -20.10
N ASN A 58 11.05 1.67 -19.12
CA ASN A 58 12.35 2.27 -19.32
C ASN A 58 13.20 2.27 -18.05
N SER A 59 12.50 2.50 -16.94
CA SER A 59 13.13 2.91 -15.70
C SER A 59 12.59 2.10 -14.52
N ARG A 60 12.69 2.57 -13.28
CA ARG A 60 12.57 1.92 -11.99
C ARG A 60 11.34 1.06 -11.68
N VAL A 61 10.41 0.96 -12.62
CA VAL A 61 9.15 0.26 -12.50
C VAL A 61 9.22 -1.21 -12.11
N ILE A 62 10.16 -1.93 -12.72
CA ILE A 62 10.43 -3.32 -12.41
C ILE A 62 11.36 -3.40 -11.21
N GLU A 63 12.34 -2.51 -11.07
CA GLU A 63 13.21 -2.35 -9.92
C GLU A 63 12.61 -2.27 -8.52
N ILE A 64 11.53 -1.50 -8.43
CA ILE A 64 10.72 -1.28 -7.25
C ILE A 64 9.69 -2.38 -7.03
N MET A 65 9.35 -3.16 -8.06
CA MET A 65 8.31 -4.16 -7.93
C MET A 65 8.86 -5.39 -7.21
N GLN A 66 10.12 -5.77 -7.48
CA GLN A 66 10.73 -6.99 -6.98
C GLN A 66 11.05 -6.95 -5.50
N LYS A 67 10.98 -5.79 -4.84
CA LYS A 67 11.22 -5.60 -3.43
C LYS A 67 9.90 -5.63 -2.68
N PRO A 68 9.83 -5.92 -1.38
CA PRO A 68 8.60 -5.74 -0.63
C PRO A 68 8.22 -4.28 -0.44
N ARG A 69 7.27 -3.75 -1.21
CA ARG A 69 6.74 -2.40 -1.23
C ARG A 69 5.23 -2.37 -1.44
N CYS A 70 4.71 -2.98 -2.51
CA CYS A 70 3.29 -3.05 -2.82
C CYS A 70 2.74 -4.47 -2.90
N GLY A 71 2.08 -4.94 -1.83
CA GLY A 71 1.20 -6.09 -1.78
C GLY A 71 -0.20 -5.61 -1.40
N VAL A 72 -0.32 -4.41 -0.85
CA VAL A 72 -1.56 -3.67 -0.76
C VAL A 72 -1.91 -3.12 -2.13
N PRO A 73 -3.14 -3.26 -2.65
CA PRO A 73 -3.58 -2.67 -3.90
C PRO A 73 -3.65 -1.16 -3.83
N ASP A 74 -3.59 -0.51 -4.99
CA ASP A 74 -3.48 0.91 -5.27
C ASP A 74 -4.69 1.35 -6.08
N VAL A 75 -5.45 0.45 -6.71
CA VAL A 75 -6.83 0.72 -7.07
C VAL A 75 -7.71 -0.40 -6.56
N ALA A 76 -8.98 -0.11 -6.26
CA ALA A 76 -9.98 -1.10 -5.91
C ALA A 76 -10.54 -1.73 -7.19
N GLU A 77 -11.07 -2.95 -7.20
CA GLU A 77 -11.82 -3.48 -8.32
C GLU A 77 -12.89 -4.31 -7.64
N TYR A 78 -14.14 -3.83 -7.71
CA TYR A 78 -15.32 -4.45 -7.17
C TYR A 78 -16.46 -4.19 -8.15
N SER A 79 -17.63 -4.81 -7.92
CA SER A 79 -18.69 -4.97 -8.89
C SER A 79 -20.06 -4.63 -8.31
N LEU A 80 -21.05 -4.54 -9.19
CA LEU A 80 -22.46 -4.32 -8.90
C LEU A 80 -22.78 -2.88 -8.59
N PHE A 81 -21.89 -2.12 -7.94
CA PHE A 81 -22.01 -0.72 -7.59
C PHE A 81 -20.87 -0.08 -8.36
N PRO A 82 -20.92 1.22 -8.66
CA PRO A 82 -19.82 1.92 -9.27
C PRO A 82 -18.54 2.04 -8.47
N ASN A 83 -17.38 1.96 -9.15
CA ASN A 83 -16.10 1.75 -8.52
C ASN A 83 -15.55 3.12 -8.17
N SER A 84 -15.75 3.45 -6.90
CA SER A 84 -15.24 4.68 -6.30
C SER A 84 -15.24 4.65 -4.78
N PRO A 85 -14.30 4.06 -4.04
CA PRO A 85 -14.38 3.85 -2.61
C PRO A 85 -14.07 5.12 -1.81
N LYS A 86 -14.86 5.34 -0.76
CA LYS A 86 -14.66 6.37 0.23
C LYS A 86 -15.46 6.01 1.48
N TRP A 87 -14.93 6.62 2.55
CA TRP A 87 -15.53 6.64 3.87
C TRP A 87 -16.67 7.65 3.79
N THR A 88 -17.82 7.23 4.34
CA THR A 88 -19.06 7.96 4.42
C THR A 88 -19.57 8.30 5.82
N SER A 89 -18.81 7.90 6.83
CA SER A 89 -19.09 8.06 8.24
C SER A 89 -18.34 9.26 8.82
N LYS A 90 -18.94 9.73 9.90
CA LYS A 90 -18.47 10.77 10.81
C LYS A 90 -17.26 10.33 11.63
N VAL A 91 -17.25 9.12 12.19
CA VAL A 91 -16.28 8.71 13.19
C VAL A 91 -15.93 7.35 12.60
N VAL A 92 -14.67 6.96 12.66
CA VAL A 92 -14.01 5.74 12.23
C VAL A 92 -13.22 5.17 13.39
N THR A 93 -13.02 3.86 13.53
CA THR A 93 -12.31 3.29 14.64
C THR A 93 -11.27 2.30 14.15
N TYR A 94 -10.27 2.07 15.01
CA TYR A 94 -9.14 1.19 14.86
C TYR A 94 -8.84 0.35 16.08
N ARG A 95 -8.34 -0.84 15.76
CA ARG A 95 -7.77 -1.77 16.72
C ARG A 95 -6.63 -2.55 16.09
N ILE A 96 -5.53 -2.86 16.78
CA ILE A 96 -4.63 -3.91 16.35
C ILE A 96 -5.39 -5.17 16.73
N VAL A 97 -5.58 -6.14 15.85
CA VAL A 97 -6.18 -7.42 16.18
C VAL A 97 -5.22 -8.60 16.11
N SER A 98 -3.99 -8.45 15.60
CA SER A 98 -2.92 -9.42 15.76
C SER A 98 -1.68 -8.63 15.42
N TYR A 99 -0.55 -9.05 16.01
CA TYR A 99 0.71 -8.33 16.02
C TYR A 99 1.91 -9.21 15.65
N THR A 100 2.97 -8.55 15.20
CA THR A 100 4.32 -9.07 15.23
C THR A 100 4.80 -9.11 16.67
N ARG A 101 5.09 -10.28 17.24
CA ARG A 101 5.47 -10.41 18.64
C ARG A 101 6.94 -10.06 18.81
N ASP A 102 7.61 -9.70 17.71
CA ASP A 102 9.00 -9.28 17.74
C ASP A 102 9.16 -7.82 18.11
N LEU A 103 8.01 -7.16 18.25
CA LEU A 103 7.73 -5.83 18.75
C LEU A 103 6.71 -5.94 19.88
N PRO A 104 6.70 -5.27 21.03
CA PRO A 104 5.61 -5.18 21.99
C PRO A 104 4.36 -4.55 21.42
N HIS A 105 3.17 -5.00 21.83
CA HIS A 105 1.87 -4.72 21.25
C HIS A 105 1.58 -3.22 21.26
N ILE A 106 1.90 -2.51 22.35
CA ILE A 106 1.76 -1.09 22.54
C ILE A 106 2.57 -0.10 21.71
N THR A 107 3.73 -0.48 21.18
CA THR A 107 4.49 0.25 20.17
C THR A 107 3.91 0.13 18.77
N VAL A 108 3.33 -1.05 18.49
CA VAL A 108 2.69 -1.52 17.28
C VAL A 108 1.34 -0.83 17.21
N ASP A 109 0.52 -0.84 18.28
CA ASP A 109 -0.64 0.00 18.53
C ASP A 109 -0.28 1.47 18.30
N ARG A 110 0.72 2.05 18.96
CA ARG A 110 1.26 3.38 18.77
C ARG A 110 1.73 3.78 17.38
N LEU A 111 2.42 2.93 16.63
CA LEU A 111 2.85 3.02 15.24
C LEU A 111 1.73 3.24 14.25
N VAL A 112 0.66 2.45 14.31
CA VAL A 112 -0.53 2.67 13.53
C VAL A 112 -1.35 3.89 13.98
N SER A 113 -1.50 4.10 15.29
CA SER A 113 -2.21 5.14 15.99
C SER A 113 -1.62 6.50 15.61
N LYS A 114 -0.31 6.64 15.71
CA LYS A 114 0.37 7.88 15.34
C LYS A 114 0.39 8.09 13.83
N ALA A 115 0.18 7.09 12.97
CA ALA A 115 0.10 7.34 11.55
C ALA A 115 -1.29 7.86 11.22
N LEU A 116 -2.34 7.43 11.95
CA LEU A 116 -3.68 7.97 12.04
C LEU A 116 -3.85 9.43 12.42
N ASN A 117 -2.87 9.95 13.15
CA ASN A 117 -2.73 11.34 13.52
C ASN A 117 -2.28 12.21 12.35
N MET A 118 -1.28 11.73 11.61
CA MET A 118 -0.78 12.34 10.40
C MET A 118 -1.76 12.35 9.24
N TRP A 119 -2.55 11.28 9.11
CA TRP A 119 -3.59 11.27 8.10
C TRP A 119 -4.87 11.89 8.63
N GLY A 120 -5.20 11.88 9.92
CA GLY A 120 -6.46 12.30 10.51
C GLY A 120 -6.66 13.81 10.62
N LYS A 121 -5.57 14.55 10.80
CA LYS A 121 -5.65 15.99 10.93
C LYS A 121 -6.31 16.70 9.75
N GLU A 122 -6.18 16.18 8.54
CA GLU A 122 -6.46 16.81 7.27
C GLU A 122 -7.87 16.50 6.79
N ILE A 123 -8.50 15.51 7.42
CA ILE A 123 -9.82 14.99 7.10
C ILE A 123 -10.91 15.29 8.13
N PRO A 124 -12.14 15.37 7.62
CA PRO A 124 -13.23 15.88 8.43
C PRO A 124 -13.63 14.88 9.51
N LEU A 125 -13.31 13.60 9.37
CA LEU A 125 -13.72 12.55 10.28
C LEU A 125 -12.73 12.51 11.45
N HIS A 126 -13.19 11.92 12.55
CA HIS A 126 -12.34 11.67 13.69
C HIS A 126 -12.12 10.17 13.55
N PHE A 127 -10.87 9.75 13.78
CA PHE A 127 -10.43 8.39 14.06
C PHE A 127 -10.44 8.32 15.57
N ARG A 128 -11.20 7.39 16.17
CA ARG A 128 -11.17 7.11 17.59
C ARG A 128 -10.67 5.72 17.97
N LYS A 129 -10.08 5.58 19.16
CA LYS A 129 -9.63 4.27 19.59
C LYS A 129 -10.79 3.42 20.10
N VAL A 130 -10.82 2.13 19.78
CA VAL A 130 -11.64 1.12 20.42
C VAL A 130 -10.67 0.08 20.98
N VAL A 131 -10.98 -0.52 22.13
CA VAL A 131 -10.15 -1.58 22.66
C VAL A 131 -11.01 -2.82 22.89
N TRP A 132 -12.11 -2.81 22.15
CA TRP A 132 -13.14 -3.82 22.31
C TRP A 132 -13.46 -4.30 20.89
N GLY A 133 -14.22 -5.38 20.76
CA GLY A 133 -14.75 -6.09 19.61
C GLY A 133 -13.95 -5.99 18.32
N THR A 134 -14.71 -5.53 17.32
CA THR A 134 -14.17 -5.20 16.02
C THR A 134 -13.75 -3.76 15.83
N ALA A 135 -13.24 -3.42 14.64
CA ALA A 135 -12.90 -2.07 14.29
C ALA A 135 -13.19 -1.81 12.81
N ASP A 136 -13.29 -0.54 12.40
CA ASP A 136 -13.58 -0.16 11.04
C ASP A 136 -12.35 -0.43 10.18
N ILE A 137 -11.17 0.02 10.63
CA ILE A 137 -9.85 -0.37 10.17
C ILE A 137 -9.33 -1.43 11.13
N MET A 138 -9.22 -2.69 10.71
CA MET A 138 -8.48 -3.71 11.41
C MET A 138 -7.09 -3.83 10.80
N ILE A 139 -6.05 -3.85 11.65
CA ILE A 139 -4.68 -4.24 11.37
C ILE A 139 -4.42 -5.60 12.01
N GLY A 140 -3.91 -6.59 11.26
CA GLY A 140 -3.69 -7.95 11.71
C GLY A 140 -2.40 -8.48 11.09
N PHE A 141 -1.72 -9.48 11.65
CA PHE A 141 -0.54 -10.08 11.09
C PHE A 141 -0.82 -11.57 10.86
N ALA A 142 -0.26 -12.14 9.79
CA ALA A 142 -0.35 -13.55 9.52
C ALA A 142 0.83 -14.07 8.70
N ARG A 143 0.95 -15.38 8.43
CA ARG A 143 1.53 -16.02 7.27
C ARG A 143 0.47 -16.16 6.19
N GLY A 144 0.93 -16.31 4.94
CA GLY A 144 0.04 -16.24 3.80
C GLY A 144 -0.48 -17.62 3.43
N ALA A 145 -0.69 -18.39 4.50
CA ALA A 145 -1.23 -19.74 4.64
C ALA A 145 -2.56 -19.75 5.37
N HIS A 146 -3.18 -18.59 5.62
CA HIS A 146 -4.33 -18.42 6.47
C HIS A 146 -5.58 -18.60 5.64
N GLY A 147 -5.48 -18.43 4.32
CA GLY A 147 -6.55 -18.81 3.41
C GLY A 147 -7.23 -17.65 2.71
N ASP A 148 -6.34 -16.81 2.17
CA ASP A 148 -6.61 -15.81 1.15
C ASP A 148 -5.64 -16.18 0.03
N SER A 149 -5.96 -15.95 -1.24
CA SER A 149 -5.15 -16.38 -2.35
C SER A 149 -3.79 -15.71 -2.42
N TYR A 150 -2.77 -16.57 -2.51
CA TYR A 150 -1.35 -16.34 -2.77
C TYR A 150 -0.43 -16.26 -1.56
N PRO A 151 0.76 -16.86 -1.51
CA PRO A 151 1.57 -16.92 -0.31
C PRO A 151 2.25 -15.58 -0.07
N PHE A 152 2.50 -15.13 1.16
CA PHE A 152 3.13 -13.88 1.57
C PHE A 152 4.65 -13.99 1.55
N ASP A 153 5.09 -15.22 1.29
CA ASP A 153 6.36 -15.76 0.82
C ASP A 153 7.28 -16.25 1.93
N GLY A 154 7.40 -15.57 3.07
CA GLY A 154 8.57 -15.73 3.92
C GLY A 154 9.21 -14.38 4.17
N PRO A 155 10.48 -14.16 4.51
CA PRO A 155 11.11 -12.88 4.28
C PRO A 155 11.29 -12.51 2.81
N GLY A 156 10.92 -11.28 2.46
CA GLY A 156 11.20 -10.59 1.22
C GLY A 156 9.91 -10.34 0.46
N ASN A 157 9.99 -10.37 -0.87
CA ASN A 157 8.98 -10.11 -1.88
C ASN A 157 7.54 -10.31 -1.43
N THR A 158 6.92 -9.17 -1.12
CA THR A 158 5.58 -9.02 -0.59
C THR A 158 5.50 -9.19 0.92
N LEU A 159 4.86 -8.18 1.50
CA LEU A 159 4.74 -7.97 2.93
C LEU A 159 3.32 -7.77 3.47
N ALA A 160 2.32 -7.61 2.60
CA ALA A 160 1.03 -7.17 3.06
C ALA A 160 -0.05 -7.52 2.03
N HIS A 161 -1.30 -7.49 2.53
CA HIS A 161 -2.40 -7.24 1.62
C HIS A 161 -3.52 -6.51 2.34
N ALA A 162 -4.33 -5.77 1.59
CA ALA A 162 -5.41 -4.95 2.08
C ALA A 162 -6.47 -4.76 0.99
N PHE A 163 -7.49 -3.94 1.23
CA PHE A 163 -8.40 -3.34 0.28
C PHE A 163 -8.90 -1.95 0.66
N ALA A 164 -9.44 -1.21 -0.31
CA ALA A 164 -10.02 0.12 -0.31
C ALA A 164 -11.00 0.39 0.82
N PRO A 165 -11.38 1.59 1.25
CA PRO A 165 -12.38 1.85 2.28
C PRO A 165 -13.73 1.32 1.83
N GLY A 166 -14.19 0.34 2.61
CA GLY A 166 -15.49 -0.29 2.59
C GLY A 166 -16.02 -0.40 4.02
N THR A 167 -17.27 -0.81 4.20
CA THR A 167 -17.90 -0.92 5.51
C THR A 167 -17.54 -2.18 6.28
N GLY A 168 -17.08 -3.27 5.68
CA GLY A 168 -16.63 -4.52 6.26
C GLY A 168 -15.20 -4.99 6.02
N LEU A 169 -14.94 -5.88 5.06
CA LEU A 169 -13.67 -6.35 4.54
C LEU A 169 -12.69 -5.24 4.19
N GLY A 170 -13.15 -4.06 3.78
CA GLY A 170 -12.33 -2.98 3.27
C GLY A 170 -11.90 -2.02 4.38
N GLY A 171 -10.86 -1.20 4.18
CA GLY A 171 -10.30 -0.36 5.22
C GLY A 171 -9.22 -1.02 6.05
N ASP A 172 -9.07 -2.34 5.83
CA ASP A 172 -8.36 -3.26 6.69
C ASP A 172 -7.15 -3.83 5.96
N ALA A 173 -6.08 -4.16 6.69
CA ALA A 173 -4.76 -4.57 6.25
C ALA A 173 -4.27 -5.77 7.05
N HIS A 174 -3.56 -6.67 6.38
CA HIS A 174 -3.09 -7.98 6.80
C HIS A 174 -1.58 -7.93 6.59
N PHE A 175 -0.76 -8.52 7.47
CA PHE A 175 0.68 -8.34 7.43
C PHE A 175 1.44 -9.67 7.45
N ASP A 176 2.54 -9.75 6.70
CA ASP A 176 3.43 -10.89 6.64
C ASP A 176 4.26 -11.00 7.91
N GLU A 177 4.11 -12.12 8.60
CA GLU A 177 4.76 -12.27 9.88
C GLU A 177 6.15 -12.88 9.69
N ASP A 178 6.52 -13.50 8.56
CA ASP A 178 7.86 -13.97 8.30
C ASP A 178 8.84 -12.86 7.97
N GLU A 179 8.39 -11.68 7.56
CA GLU A 179 9.07 -10.41 7.43
C GLU A 179 9.37 -9.89 8.83
N ARG A 180 10.39 -9.04 9.00
CA ARG A 180 10.70 -8.28 10.19
C ARG A 180 10.40 -6.79 10.11
N TRP A 181 9.70 -6.23 11.10
CA TRP A 181 9.01 -4.95 11.10
C TRP A 181 9.76 -4.08 12.10
N THR A 182 10.22 -2.87 11.77
CA THR A 182 11.05 -2.04 12.61
C THR A 182 10.51 -0.63 12.68
N ASP A 183 11.07 0.16 13.60
CA ASP A 183 10.96 1.61 13.54
C ASP A 183 12.35 2.16 13.82
N GLY A 184 12.89 2.02 15.03
CA GLY A 184 14.08 2.64 15.57
C GLY A 184 15.35 1.77 15.55
N SER A 185 15.25 0.45 15.65
CA SER A 185 16.43 -0.39 15.72
C SER A 185 16.96 -0.78 14.35
N SER A 186 16.15 -0.80 13.29
CA SER A 186 16.42 -0.92 11.87
C SER A 186 16.55 -2.35 11.33
N LEU A 187 15.95 -3.36 11.95
CA LEU A 187 16.24 -4.74 11.64
C LEU A 187 15.59 -5.32 10.39
N GLY A 188 14.47 -4.72 9.99
CA GLY A 188 13.72 -5.06 8.80
C GLY A 188 13.08 -3.85 8.12
N ILE A 189 11.86 -4.07 7.62
CA ILE A 189 11.09 -3.11 6.86
C ILE A 189 10.43 -2.20 7.88
N ASN A 190 10.51 -0.88 7.67
CA ASN A 190 10.01 0.10 8.61
C ASN A 190 8.50 0.21 8.62
N PHE A 191 7.95 -0.41 9.67
CA PHE A 191 6.55 -0.41 10.04
C PHE A 191 5.90 0.96 9.88
N LEU A 192 6.42 2.08 10.35
CA LEU A 192 5.80 3.40 10.33
C LEU A 192 5.57 3.78 8.88
N TYR A 193 6.55 3.50 8.02
CA TYR A 193 6.40 3.78 6.61
C TYR A 193 5.28 2.97 5.98
N ALA A 194 5.26 1.65 6.25
CA ALA A 194 4.38 0.70 5.61
C ALA A 194 2.91 0.75 5.99
N ALA A 195 2.69 1.19 7.23
CA ALA A 195 1.37 1.49 7.76
C ALA A 195 0.82 2.78 7.14
N THR A 196 1.67 3.80 7.06
CA THR A 196 1.26 5.02 6.40
C THR A 196 0.88 4.85 4.94
N HIS A 197 1.50 3.96 4.16
CA HIS A 197 1.01 3.70 2.81
C HIS A 197 -0.21 2.80 2.77
N ALA A 198 -0.51 1.92 3.73
CA ALA A 198 -1.74 1.15 3.79
C ALA A 198 -2.91 1.97 4.32
N LEU A 199 -2.71 2.70 5.42
CA LEU A 199 -3.68 3.62 5.99
C LEU A 199 -4.03 4.78 5.05
N GLY A 200 -3.11 5.10 4.13
CA GLY A 200 -3.25 6.13 3.12
C GLY A 200 -4.05 5.64 1.93
N HIS A 201 -4.01 4.38 1.47
CA HIS A 201 -4.90 3.77 0.51
C HIS A 201 -6.27 3.38 1.05
N SER A 202 -6.33 2.92 2.31
CA SER A 202 -7.55 2.74 3.06
C SER A 202 -8.29 4.04 3.37
N LEU A 203 -7.71 5.21 3.06
CA LEU A 203 -8.42 6.44 2.78
C LEU A 203 -8.81 6.84 1.37
N GLY A 204 -8.26 6.26 0.29
CA GLY A 204 -8.65 6.41 -1.09
C GLY A 204 -7.63 7.09 -1.99
N MET A 205 -6.43 7.37 -1.46
CA MET A 205 -5.30 8.00 -2.11
C MET A 205 -4.32 7.03 -2.76
N GLY A 206 -3.43 7.57 -3.59
CA GLY A 206 -2.46 6.93 -4.45
C GLY A 206 -1.00 7.28 -4.17
N HIS A 207 -0.05 6.75 -4.94
CA HIS A 207 1.31 7.23 -5.02
C HIS A 207 1.40 8.51 -5.84
N SER A 208 2.50 9.26 -5.73
CA SER A 208 2.76 10.42 -6.57
C SER A 208 4.23 10.38 -6.96
N SER A 209 4.58 10.97 -8.11
CA SER A 209 5.92 11.12 -8.66
C SER A 209 6.77 12.30 -8.22
N ASP A 210 6.21 13.16 -7.37
CA ASP A 210 6.95 14.21 -6.69
C ASP A 210 7.95 13.69 -5.66
N PRO A 211 9.18 14.19 -5.49
CA PRO A 211 10.16 13.51 -4.67
C PRO A 211 9.91 13.63 -3.18
N ASN A 212 9.07 14.60 -2.79
CA ASN A 212 8.76 14.93 -1.41
C ASN A 212 7.62 14.06 -0.89
N ALA A 213 6.82 13.50 -1.78
CA ALA A 213 5.57 12.84 -1.46
C ALA A 213 5.84 11.63 -0.58
N VAL A 214 5.11 11.50 0.52
CA VAL A 214 5.36 10.50 1.55
C VAL A 214 5.48 9.10 0.99
N MET A 215 4.61 8.74 0.04
CA MET A 215 4.53 7.44 -0.59
C MET A 215 5.24 7.47 -1.93
N TYR A 216 6.26 8.31 -2.12
CA TYR A 216 7.15 8.27 -3.26
C TYR A 216 7.88 6.95 -3.47
N PRO A 217 7.50 6.20 -4.51
CA PRO A 217 7.94 4.82 -4.60
C PRO A 217 9.36 4.65 -5.14
N THR A 218 9.90 5.54 -5.97
CA THR A 218 11.19 5.34 -6.57
C THR A 218 12.25 6.00 -5.70
N TYR A 219 12.13 5.78 -4.39
CA TYR A 219 13.11 6.17 -3.40
C TYR A 219 14.53 5.68 -3.66
N GLY A 220 15.50 6.50 -3.23
CA GLY A 220 16.92 6.20 -3.37
C GLY A 220 17.61 6.27 -2.02
N ASN A 221 18.67 7.04 -1.80
CA ASN A 221 19.32 7.33 -0.54
C ASN A 221 18.68 8.58 0.04
N GLY A 222 18.44 8.61 1.35
CA GLY A 222 17.82 9.77 1.98
C GLY A 222 16.54 9.30 2.67
N ASP A 223 16.68 8.97 3.95
CA ASP A 223 15.66 8.58 4.91
C ASP A 223 15.03 9.80 5.54
N PRO A 224 13.70 9.98 5.45
CA PRO A 224 12.93 11.14 5.89
C PRO A 224 13.01 11.27 7.40
N GLN A 225 13.89 12.16 7.88
CA GLN A 225 14.25 12.23 9.29
C GLN A 225 13.20 12.74 10.26
N ASN A 226 12.31 13.59 9.76
CA ASN A 226 11.19 14.15 10.49
C ASN A 226 10.02 13.18 10.42
N PHE A 227 9.72 12.73 9.20
CA PHE A 227 8.67 11.91 8.64
C PHE A 227 7.42 12.79 8.57
N LYS A 228 6.96 13.12 7.37
CA LYS A 228 5.99 14.17 7.14
C LYS A 228 5.26 14.01 5.81
N LEU A 229 4.08 14.61 5.61
CA LEU A 229 3.27 14.82 4.44
C LEU A 229 3.72 16.04 3.64
N SER A 230 3.74 16.07 2.30
CA SER A 230 4.20 17.11 1.42
C SER A 230 3.07 17.94 0.84
N GLN A 231 3.27 19.08 0.17
CA GLN A 231 2.20 19.90 -0.34
C GLN A 231 1.21 19.14 -1.22
N ASP A 232 1.78 18.36 -2.14
CA ASP A 232 1.06 17.44 -2.99
C ASP A 232 0.06 16.50 -2.35
N ASP A 233 0.55 15.97 -1.23
CA ASP A 233 -0.15 14.92 -0.53
C ASP A 233 -1.37 15.48 0.20
N ILE A 234 -1.17 16.62 0.87
CA ILE A 234 -2.22 17.46 1.39
C ILE A 234 -3.15 17.79 0.22
N LYS A 235 -2.66 18.21 -0.94
CA LYS A 235 -3.50 18.46 -2.10
C LYS A 235 -4.28 17.27 -2.65
N GLY A 236 -3.76 16.04 -2.50
CA GLY A 236 -4.43 14.79 -2.75
C GLY A 236 -5.61 14.51 -1.83
N ILE A 237 -5.44 14.48 -0.50
CA ILE A 237 -6.44 14.37 0.54
C ILE A 237 -7.54 15.42 0.53
N GLN A 238 -7.19 16.67 0.25
CA GLN A 238 -8.08 17.80 0.04
C GLN A 238 -8.97 17.74 -1.19
N LYS A 239 -8.69 16.85 -2.14
CA LYS A 239 -9.59 16.50 -3.22
C LYS A 239 -10.63 15.47 -2.81
N LEU A 240 -10.20 14.46 -2.06
CA LEU A 240 -11.09 13.39 -1.62
C LEU A 240 -11.97 13.86 -0.48
N TYR A 241 -11.48 14.66 0.47
CA TYR A 241 -12.11 14.96 1.73
C TYR A 241 -12.24 16.44 2.03
N GLY A 242 -12.01 17.34 1.07
CA GLY A 242 -12.24 18.77 1.02
C GLY A 242 -13.06 19.12 -0.22
N LYS A 243 -12.71 20.14 -1.01
CA LYS A 243 -13.32 20.52 -2.27
C LYS A 243 -12.57 19.93 -3.46
N ARG A 244 -13.32 19.31 -4.36
CA ARG A 244 -12.72 18.56 -5.46
C ARG A 244 -12.11 19.57 -6.41
N SER A 245 -10.78 19.47 -6.47
CA SER A 245 -9.89 20.38 -7.17
C SER A 245 -8.51 19.76 -7.34
N ASN A 246 -7.70 20.18 -8.32
CA ASN A 246 -6.32 19.88 -8.60
C ASN A 246 -5.52 21.18 -8.61
N SER A 247 -4.36 21.25 -7.94
CA SER A 247 -3.45 22.37 -8.09
C SER A 247 -1.99 21.94 -8.08
N ARG A 248 -1.57 20.87 -8.76
CA ARG A 248 -0.22 20.37 -8.79
C ARG A 248 0.75 21.25 -9.58
N LYS A 249 2.05 21.03 -9.39
CA LYS A 249 3.20 21.66 -10.03
C LYS A 249 4.46 20.84 -9.82
N LYS A 250 5.62 21.23 -10.36
CA LYS A 250 6.85 20.47 -10.20
C LYS A 250 7.69 20.84 -9.00
N LEU A 3 21.50 -9.05 -11.45
CA LEU A 3 21.22 -8.20 -12.63
C LEU A 3 21.83 -6.83 -12.47
N PRO A 4 22.14 -6.06 -13.52
CA PRO A 4 22.47 -4.65 -13.48
C PRO A 4 21.27 -3.77 -13.18
N GLN A 5 20.18 -3.87 -13.94
CA GLN A 5 18.85 -3.40 -13.61
C GLN A 5 17.81 -4.51 -13.76
N GLU A 6 16.90 -4.69 -12.79
CA GLU A 6 15.94 -5.78 -12.72
C GLU A 6 14.97 -5.82 -13.91
N ALA A 7 14.56 -4.63 -14.32
CA ALA A 7 13.76 -4.38 -15.50
C ALA A 7 14.44 -4.51 -16.85
N GLY A 8 15.76 -4.31 -16.83
CA GLY A 8 16.52 -4.51 -18.04
C GLY A 8 17.15 -5.88 -18.26
N GLY A 9 17.40 -6.64 -17.19
CA GLY A 9 17.77 -8.03 -17.26
C GLY A 9 16.61 -8.98 -16.95
N MET A 10 15.36 -8.51 -17.06
CA MET A 10 14.02 -8.94 -16.72
C MET A 10 13.79 -10.20 -17.54
N SER A 11 13.72 -11.39 -16.92
CA SER A 11 13.60 -12.58 -17.74
C SER A 11 12.19 -13.16 -17.85
N GLU A 12 12.03 -14.30 -18.52
CA GLU A 12 10.86 -15.16 -18.56
C GLU A 12 10.24 -15.55 -17.23
N LEU A 13 11.06 -15.49 -16.17
CA LEU A 13 10.52 -15.69 -14.85
C LEU A 13 10.10 -14.43 -14.10
N GLN A 14 10.77 -13.30 -14.32
CA GLN A 14 10.30 -12.03 -13.82
C GLN A 14 8.97 -11.67 -14.49
N TRP A 15 8.81 -12.09 -15.74
CA TRP A 15 7.60 -11.80 -16.49
C TRP A 15 6.39 -12.51 -15.91
N GLU A 16 6.66 -13.68 -15.32
CA GLU A 16 5.74 -14.49 -14.55
C GLU A 16 5.51 -13.97 -13.14
N GLN A 17 6.51 -13.39 -12.45
CA GLN A 17 6.27 -12.68 -11.21
C GLN A 17 5.39 -11.45 -11.39
N ALA A 18 5.66 -10.62 -12.40
CA ALA A 18 4.89 -9.44 -12.75
C ALA A 18 3.41 -9.74 -12.96
N GLN A 19 3.18 -10.80 -13.73
CA GLN A 19 1.86 -11.41 -13.86
C GLN A 19 1.24 -11.91 -12.57
N ASP A 20 2.01 -12.63 -11.76
CA ASP A 20 1.69 -13.09 -10.42
C ASP A 20 1.30 -12.08 -9.35
N TYR A 21 1.96 -10.92 -9.41
CA TYR A 21 1.85 -9.80 -8.51
C TYR A 21 0.50 -9.11 -8.70
N LEU A 22 0.12 -8.91 -9.96
CA LEU A 22 -1.20 -8.50 -10.38
C LEU A 22 -2.21 -9.53 -9.91
N LYS A 23 -1.99 -10.84 -10.09
CA LYS A 23 -2.94 -11.90 -9.82
C LYS A 23 -3.30 -12.08 -8.34
N ARG A 24 -2.42 -11.66 -7.44
CA ARG A 24 -2.65 -11.71 -6.01
C ARG A 24 -3.42 -10.52 -5.45
N PHE A 25 -3.25 -9.29 -5.95
CA PHE A 25 -4.02 -8.10 -5.69
C PHE A 25 -5.48 -8.18 -6.12
N TYR A 26 -5.78 -8.49 -7.39
CA TYR A 26 -7.11 -8.56 -7.96
C TYR A 26 -7.91 -9.79 -7.56
N LEU A 27 -7.25 -10.88 -7.14
CA LEU A 27 -7.74 -12.20 -6.81
C LEU A 27 -7.96 -13.13 -8.00
N TYR A 28 -8.58 -12.48 -8.99
CA TYR A 28 -8.69 -12.81 -10.39
C TYR A 28 -8.88 -11.55 -11.22
N ASP A 29 -8.13 -11.44 -12.31
CA ASP A 29 -8.33 -10.46 -13.36
C ASP A 29 -8.31 -11.04 -14.77
N SER A 30 -9.27 -10.78 -15.66
CA SER A 30 -9.30 -11.29 -17.02
C SER A 30 -8.32 -10.58 -17.95
N GLU A 31 -7.72 -9.46 -17.53
CA GLU A 31 -6.83 -8.62 -18.32
C GLU A 31 -5.42 -9.17 -18.14
N THR A 32 -5.16 -9.76 -16.98
CA THR A 32 -3.90 -10.37 -16.62
C THR A 32 -3.78 -11.73 -17.31
N LYS A 33 -4.82 -12.53 -17.59
CA LYS A 33 -4.82 -13.68 -18.46
C LYS A 33 -4.80 -13.28 -19.94
N ASN A 34 -3.88 -13.83 -20.73
CA ASN A 34 -3.61 -13.55 -22.12
C ASN A 34 -2.38 -12.65 -22.17
N ALA A 35 -1.34 -13.10 -22.88
CA ALA A 35 -0.07 -12.49 -23.20
C ALA A 35 -0.08 -11.04 -23.67
N ASN A 36 -0.91 -10.70 -24.67
CA ASN A 36 -0.91 -9.38 -25.27
C ASN A 36 -1.63 -8.38 -24.37
N SER A 37 -2.68 -8.83 -23.66
CA SER A 37 -3.36 -8.11 -22.60
C SER A 37 -2.49 -7.94 -21.35
N LEU A 38 -1.61 -8.87 -21.00
CA LEU A 38 -0.62 -8.81 -19.94
C LEU A 38 0.40 -7.74 -20.30
N GLU A 39 1.11 -7.85 -21.43
CA GLU A 39 2.10 -6.95 -21.98
C GLU A 39 1.79 -5.47 -21.75
N ALA A 40 0.52 -5.11 -21.86
CA ALA A 40 -0.11 -3.83 -21.67
C ALA A 40 0.03 -3.25 -20.26
N LYS A 41 -0.32 -4.15 -19.34
CA LYS A 41 -0.45 -3.94 -17.91
C LYS A 41 0.92 -3.69 -17.29
N LEU A 42 1.96 -4.41 -17.71
CA LEU A 42 3.36 -4.23 -17.36
C LEU A 42 3.92 -2.92 -17.89
N LYS A 43 3.51 -2.41 -19.05
CA LYS A 43 3.89 -1.16 -19.67
C LYS A 43 3.43 0.10 -18.94
N GLU A 44 2.26 -0.01 -18.31
CA GLU A 44 1.52 0.94 -17.51
C GLU A 44 1.91 0.97 -16.04
N MET A 45 2.62 -0.03 -15.51
CA MET A 45 2.88 -0.18 -14.09
C MET A 45 3.72 1.00 -13.61
N GLN A 46 4.66 1.54 -14.38
CA GLN A 46 5.30 2.80 -14.03
C GLN A 46 4.43 4.04 -13.83
N LYS A 47 3.32 4.18 -14.56
CA LYS A 47 2.31 5.13 -14.14
C LYS A 47 1.69 4.92 -12.76
N PHE A 48 1.34 3.70 -12.35
CA PHE A 48 1.02 3.26 -11.01
C PHE A 48 2.00 3.48 -9.86
N PHE A 49 3.27 3.51 -10.24
CA PHE A 49 4.28 4.04 -9.34
C PHE A 49 4.53 5.53 -9.44
N GLY A 50 3.99 6.18 -10.48
CA GLY A 50 3.84 7.62 -10.53
C GLY A 50 4.81 8.30 -11.49
N LEU A 51 5.68 7.52 -12.15
CA LEU A 51 6.64 8.03 -13.09
C LEU A 51 6.11 8.76 -14.32
N PRO A 52 6.77 9.85 -14.75
CA PRO A 52 6.50 10.38 -16.07
C PRO A 52 6.85 9.44 -17.21
N ILE A 53 7.88 8.61 -17.00
CA ILE A 53 8.40 7.66 -17.96
C ILE A 53 7.45 6.47 -17.80
N THR A 54 6.48 6.23 -18.70
CA THR A 54 5.66 5.05 -18.72
C THR A 54 5.54 4.55 -20.14
N GLY A 55 5.06 3.32 -20.35
CA GLY A 55 4.73 2.69 -21.61
C GLY A 55 5.76 1.64 -21.98
N MET A 56 6.75 1.52 -21.09
CA MET A 56 7.98 0.75 -21.08
C MET A 56 8.15 0.15 -19.69
N LEU A 57 9.10 -0.79 -19.59
CA LEU A 57 9.64 -1.27 -18.34
C LEU A 57 11.11 -0.87 -18.42
N ASN A 58 11.66 -0.27 -17.37
CA ASN A 58 12.99 0.30 -17.46
C ASN A 58 13.59 0.53 -16.07
N SER A 59 12.80 1.12 -15.16
CA SER A 59 13.41 1.68 -13.97
C SER A 59 13.38 0.68 -12.83
N ARG A 60 13.56 1.14 -11.59
CA ARG A 60 13.71 0.34 -10.38
C ARG A 60 12.44 -0.38 -9.93
N VAL A 61 11.30 -0.16 -10.59
CA VAL A 61 10.01 -0.80 -10.47
C VAL A 61 9.92 -2.31 -10.31
N ILE A 62 10.67 -3.09 -11.11
CA ILE A 62 10.78 -4.53 -11.06
C ILE A 62 11.62 -4.99 -9.88
N GLU A 63 12.48 -4.18 -9.26
CA GLU A 63 13.19 -4.56 -8.05
C GLU A 63 12.36 -4.23 -6.82
N ILE A 64 11.59 -3.15 -6.77
CA ILE A 64 10.79 -2.74 -5.62
C ILE A 64 9.50 -3.54 -5.64
N MET A 65 9.01 -4.02 -6.79
CA MET A 65 8.03 -5.08 -6.91
C MET A 65 8.44 -6.36 -6.19
N GLN A 66 9.72 -6.72 -6.08
CA GLN A 66 10.27 -7.93 -5.49
C GLN A 66 10.56 -7.75 -4.00
N LYS A 67 10.61 -6.56 -3.41
CA LYS A 67 10.78 -6.30 -2.00
C LYS A 67 9.40 -6.24 -1.37
N PRO A 68 9.20 -6.67 -0.12
CA PRO A 68 7.96 -6.46 0.60
C PRO A 68 7.69 -5.00 0.95
N ARG A 69 6.93 -4.34 0.08
CA ARG A 69 6.57 -2.94 0.17
C ARG A 69 5.07 -2.72 0.07
N CYS A 70 4.34 -3.59 -0.64
CA CYS A 70 2.97 -3.37 -1.05
C CYS A 70 2.17 -4.65 -0.89
N GLY A 71 1.14 -4.73 -0.04
CA GLY A 71 0.20 -5.81 0.19
C GLY A 71 -1.23 -5.36 -0.12
N VAL A 72 -1.56 -4.16 0.36
CA VAL A 72 -2.81 -3.50 0.07
C VAL A 72 -2.78 -3.06 -1.38
N PRO A 73 -3.71 -3.31 -2.30
CA PRO A 73 -3.60 -3.01 -3.71
C PRO A 73 -3.60 -1.51 -4.01
N ASP A 74 -2.80 -1.09 -4.99
CA ASP A 74 -2.81 0.20 -5.67
C ASP A 74 -3.99 0.42 -6.60
N VAL A 75 -4.45 -0.73 -7.13
CA VAL A 75 -5.51 -1.04 -8.05
C VAL A 75 -5.86 -2.49 -7.70
N ALA A 76 -7.14 -2.67 -7.40
CA ALA A 76 -7.85 -3.93 -7.35
C ALA A 76 -9.27 -3.79 -7.91
N GLU A 77 -9.83 -4.96 -8.19
CA GLU A 77 -11.24 -5.05 -8.51
C GLU A 77 -11.73 -6.45 -8.19
N TYR A 78 -12.66 -6.55 -7.24
CA TYR A 78 -13.24 -7.70 -6.57
C TYR A 78 -14.73 -7.56 -6.30
N SER A 79 -15.50 -8.64 -6.24
CA SER A 79 -16.92 -8.78 -6.06
C SER A 79 -17.35 -8.72 -4.60
N LEU A 80 -18.65 -8.57 -4.32
CA LEU A 80 -19.32 -8.71 -3.04
C LEU A 80 -19.47 -7.38 -2.32
N PHE A 81 -18.41 -6.57 -2.35
CA PHE A 81 -18.32 -5.16 -2.04
C PHE A 81 -17.21 -4.56 -2.90
N PRO A 82 -17.37 -3.40 -3.54
CA PRO A 82 -16.36 -2.87 -4.44
C PRO A 82 -15.15 -2.32 -3.68
N ASN A 83 -14.04 -2.18 -4.39
CA ASN A 83 -12.78 -1.70 -3.85
C ASN A 83 -12.80 -0.18 -3.86
N SER A 84 -13.37 0.44 -2.82
CA SER A 84 -13.84 1.80 -2.88
C SER A 84 -13.99 2.18 -1.41
N PRO A 85 -13.81 3.45 -1.03
CA PRO A 85 -14.27 4.02 0.21
C PRO A 85 -15.78 4.18 0.26
N LYS A 86 -16.41 3.27 1.01
CA LYS A 86 -17.85 3.23 1.15
C LYS A 86 -18.24 3.00 2.60
N TRP A 87 -17.83 3.89 3.50
CA TRP A 87 -18.33 3.90 4.86
C TRP A 87 -19.47 4.90 4.77
N THR A 88 -20.56 4.65 5.49
CA THR A 88 -21.78 5.42 5.44
C THR A 88 -22.04 6.16 6.75
N SER A 89 -21.05 6.14 7.65
CA SER A 89 -21.00 6.93 8.87
C SER A 89 -19.77 7.84 8.84
N LYS A 90 -19.94 9.02 9.41
CA LYS A 90 -18.91 10.04 9.49
C LYS A 90 -17.91 9.69 10.59
N VAL A 91 -18.15 8.74 11.49
CA VAL A 91 -17.16 8.20 12.41
C VAL A 91 -17.06 6.71 12.12
N VAL A 92 -15.86 6.16 12.34
CA VAL A 92 -15.46 4.76 12.31
C VAL A 92 -14.49 4.41 13.42
N THR A 93 -14.27 3.17 13.83
CA THR A 93 -13.55 2.72 15.01
C THR A 93 -12.40 1.86 14.53
N TYR A 94 -11.27 2.01 15.23
CA TYR A 94 -10.09 1.19 15.05
C TYR A 94 -9.61 0.49 16.31
N ARG A 95 -9.14 -0.74 16.18
CA ARG A 95 -8.29 -1.34 17.21
C ARG A 95 -7.23 -2.23 16.59
N ILE A 96 -6.06 -2.47 17.18
CA ILE A 96 -4.94 -3.23 16.65
C ILE A 96 -5.11 -4.54 17.40
N VAL A 97 -5.45 -5.61 16.67
CA VAL A 97 -5.79 -6.85 17.34
C VAL A 97 -4.57 -7.75 17.47
N SER A 98 -3.47 -7.55 16.75
CA SER A 98 -2.26 -8.34 16.81
C SER A 98 -1.07 -7.54 16.33
N TYR A 99 0.10 -8.18 16.46
CA TYR A 99 1.45 -7.65 16.39
C TYR A 99 2.36 -8.65 15.69
N THR A 100 3.36 -8.14 14.98
CA THR A 100 4.57 -8.79 14.50
C THR A 100 5.41 -8.88 15.76
N ARG A 101 5.62 -10.06 16.37
CA ARG A 101 6.28 -10.26 17.64
C ARG A 101 7.74 -9.83 17.76
N ASP A 102 8.28 -9.16 16.74
CA ASP A 102 9.62 -8.62 16.74
C ASP A 102 9.73 -7.35 17.56
N LEU A 103 8.57 -6.72 17.74
CA LEU A 103 8.19 -5.56 18.52
C LEU A 103 7.19 -6.04 19.56
N PRO A 104 7.02 -5.35 20.68
CA PRO A 104 5.87 -5.50 21.56
C PRO A 104 4.76 -4.62 21.01
N HIS A 105 3.53 -5.10 21.23
CA HIS A 105 2.31 -4.54 20.68
C HIS A 105 2.05 -3.07 20.87
N ILE A 106 2.62 -2.41 21.89
CA ILE A 106 2.29 -1.02 22.14
C ILE A 106 2.94 -0.14 21.09
N THR A 107 4.06 -0.62 20.53
CA THR A 107 4.79 0.04 19.47
C THR A 107 3.93 0.14 18.21
N VAL A 108 3.39 -1.01 17.83
CA VAL A 108 2.46 -1.22 16.72
C VAL A 108 1.17 -0.45 16.96
N ASP A 109 0.60 -0.42 18.16
CA ASP A 109 -0.57 0.36 18.51
C ASP A 109 -0.49 1.85 18.19
N ARG A 110 0.64 2.38 18.64
CA ARG A 110 0.95 3.78 18.40
C ARG A 110 1.35 4.00 16.95
N LEU A 111 2.12 3.13 16.29
CA LEU A 111 2.53 3.26 14.90
C LEU A 111 1.34 3.21 13.95
N VAL A 112 0.25 2.51 14.28
CA VAL A 112 -0.99 2.51 13.53
C VAL A 112 -1.76 3.82 13.73
N SER A 113 -1.78 4.44 14.91
CA SER A 113 -2.56 5.64 15.14
C SER A 113 -1.89 6.77 14.40
N LYS A 114 -0.56 6.74 14.31
CA LYS A 114 0.30 7.72 13.67
C LYS A 114 0.06 7.88 12.18
N ALA A 115 -0.16 6.77 11.50
CA ALA A 115 -0.42 6.63 10.08
C ALA A 115 -1.88 6.90 9.71
N LEU A 116 -2.86 6.48 10.50
CA LEU A 116 -4.26 6.86 10.32
C LEU A 116 -4.39 8.36 10.59
N ASN A 117 -3.84 8.87 11.69
CA ASN A 117 -3.85 10.28 12.00
C ASN A 117 -2.99 11.09 11.04
N MET A 118 -2.09 10.47 10.29
CA MET A 118 -1.27 11.19 9.33
C MET A 118 -2.06 11.66 8.11
N TRP A 119 -3.10 10.88 7.82
CA TRP A 119 -4.10 11.24 6.84
C TRP A 119 -5.28 12.01 7.41
N GLY A 120 -5.58 11.71 8.68
CA GLY A 120 -6.89 11.91 9.26
C GLY A 120 -7.23 13.32 9.72
N LYS A 121 -6.18 14.16 9.73
CA LYS A 121 -6.21 15.60 9.91
C LYS A 121 -6.89 16.34 8.76
N GLU A 122 -6.77 15.78 7.56
CA GLU A 122 -6.96 16.43 6.28
C GLU A 122 -8.20 15.90 5.57
N ILE A 123 -8.97 15.07 6.27
CA ILE A 123 -10.22 14.48 5.82
C ILE A 123 -11.30 14.53 6.90
N PRO A 124 -12.58 14.75 6.61
CA PRO A 124 -13.61 14.82 7.64
C PRO A 124 -14.04 13.59 8.43
N LEU A 125 -13.48 12.43 8.09
CA LEU A 125 -13.59 11.17 8.80
C LEU A 125 -12.63 11.22 9.98
N HIS A 126 -13.10 10.73 11.14
CA HIS A 126 -12.32 10.51 12.33
C HIS A 126 -12.24 9.00 12.50
N PHE A 127 -11.03 8.53 12.76
CA PHE A 127 -10.90 7.15 13.21
C PHE A 127 -10.88 7.18 14.73
N ARG A 128 -11.76 6.47 15.45
CA ARG A 128 -11.86 6.59 16.89
C ARG A 128 -11.21 5.33 17.44
N LYS A 129 -10.39 5.49 18.49
CA LYS A 129 -9.76 4.33 19.09
C LYS A 129 -10.77 3.80 20.09
N VAL A 130 -11.06 2.49 19.99
CA VAL A 130 -11.89 1.75 20.91
C VAL A 130 -10.97 0.69 21.52
N VAL A 131 -11.26 0.22 22.73
CA VAL A 131 -10.48 -0.82 23.37
C VAL A 131 -11.46 -1.86 23.90
N TRP A 132 -12.64 -1.95 23.27
CA TRP A 132 -13.70 -2.86 23.64
C TRP A 132 -14.15 -3.35 22.27
N GLY A 133 -14.08 -4.68 22.19
CA GLY A 133 -14.74 -5.49 21.18
C GLY A 133 -13.82 -5.74 19.99
N THR A 134 -14.51 -6.13 18.93
CA THR A 134 -14.06 -5.96 17.57
C THR A 134 -14.32 -4.50 17.21
N ALA A 135 -13.48 -4.03 16.28
CA ALA A 135 -13.43 -2.71 15.69
C ALA A 135 -14.00 -2.76 14.28
N ASP A 136 -14.27 -1.57 13.71
CA ASP A 136 -14.63 -1.41 12.32
C ASP A 136 -13.47 -1.75 11.38
N ILE A 137 -12.31 -1.10 11.47
CA ILE A 137 -11.00 -1.40 10.92
C ILE A 137 -10.28 -2.26 11.95
N MET A 138 -10.21 -3.56 11.68
CA MET A 138 -9.44 -4.50 12.45
C MET A 138 -8.05 -4.57 11.82
N ILE A 139 -6.98 -4.21 12.55
CA ILE A 139 -5.63 -4.24 12.02
C ILE A 139 -5.05 -5.46 12.70
N GLY A 140 -4.86 -6.58 11.99
CA GLY A 140 -4.34 -7.84 12.49
C GLY A 140 -3.11 -8.18 11.65
N PHE A 141 -2.21 -8.90 12.32
CA PHE A 141 -0.99 -9.49 11.80
C PHE A 141 -1.16 -11.01 11.81
N ALA A 142 -0.86 -11.61 10.66
CA ALA A 142 -1.19 -13.01 10.39
C ALA A 142 -0.22 -13.59 9.36
N ARG A 143 -0.20 -14.91 9.12
CA ARG A 143 0.17 -15.41 7.81
C ARG A 143 -1.08 -15.43 6.95
N GLY A 144 -0.96 -15.47 5.62
CA GLY A 144 -2.04 -15.09 4.73
C GLY A 144 -2.89 -16.18 4.09
N ALA A 145 -2.57 -17.45 4.36
CA ALA A 145 -3.21 -18.60 3.75
C ALA A 145 -4.34 -19.16 4.60
N HIS A 146 -4.96 -18.34 5.45
CA HIS A 146 -5.84 -18.68 6.54
C HIS A 146 -7.31 -18.82 6.18
N GLY A 147 -7.63 -19.07 4.92
CA GLY A 147 -8.90 -19.00 4.19
C GLY A 147 -8.84 -17.98 3.06
N ASP A 148 -7.86 -17.08 2.96
CA ASP A 148 -7.67 -16.19 1.84
C ASP A 148 -6.74 -16.87 0.83
N SER A 149 -6.71 -16.44 -0.43
CA SER A 149 -5.84 -17.04 -1.43
C SER A 149 -4.43 -16.47 -1.41
N TYR A 150 -3.39 -17.30 -1.44
CA TYR A 150 -1.98 -16.99 -1.47
C TYR A 150 -1.44 -16.70 -0.08
N PRO A 151 -0.28 -17.27 0.25
CA PRO A 151 0.40 -16.86 1.47
C PRO A 151 1.46 -15.77 1.35
N PHE A 152 1.65 -15.04 2.44
CA PHE A 152 2.51 -13.87 2.56
C PHE A 152 3.96 -14.31 2.59
N ASP A 153 4.28 -15.58 2.32
CA ASP A 153 5.57 -16.18 2.06
C ASP A 153 6.36 -16.58 3.30
N GLY A 154 6.33 -15.77 4.36
CA GLY A 154 7.19 -15.75 5.52
C GLY A 154 7.92 -14.41 5.46
N PRO A 155 9.21 -14.40 5.80
CA PRO A 155 10.03 -13.21 5.67
C PRO A 155 10.44 -13.09 4.20
N GLY A 156 10.36 -11.88 3.65
CA GLY A 156 10.55 -11.65 2.23
C GLY A 156 9.28 -11.27 1.49
N ASN A 157 9.17 -11.55 0.19
CA ASN A 157 8.15 -11.11 -0.75
C ASN A 157 6.73 -10.96 -0.22
N THR A 158 6.28 -9.70 -0.26
CA THR A 158 5.01 -9.20 0.22
C THR A 158 4.86 -9.08 1.73
N LEU A 159 3.91 -8.25 2.16
CA LEU A 159 3.73 -7.88 3.56
C LEU A 159 2.30 -7.65 3.99
N ALA A 160 1.27 -7.84 3.15
CA ALA A 160 -0.10 -7.79 3.62
C ALA A 160 -1.04 -8.20 2.50
N HIS A 161 -2.33 -8.21 2.86
CA HIS A 161 -3.56 -8.01 2.13
C HIS A 161 -4.50 -7.16 2.99
N ALA A 162 -5.44 -6.49 2.35
CA ALA A 162 -6.44 -5.74 3.11
C ALA A 162 -7.70 -5.56 2.27
N PHE A 163 -8.82 -5.43 2.99
CA PHE A 163 -10.13 -5.17 2.43
C PHE A 163 -10.41 -3.67 2.41
N ALA A 164 -11.07 -3.18 1.37
CA ALA A 164 -11.49 -1.80 1.24
C ALA A 164 -12.42 -1.34 2.35
N PRO A 165 -12.52 -0.07 2.74
CA PRO A 165 -13.36 0.49 3.79
C PRO A 165 -14.84 0.32 3.49
N GLY A 166 -15.52 -0.68 4.05
CA GLY A 166 -16.97 -0.68 4.17
C GLY A 166 -17.31 -1.50 5.42
N THR A 167 -18.60 -1.45 5.76
CA THR A 167 -19.18 -1.99 6.96
C THR A 167 -19.34 -3.50 6.92
N GLY A 168 -18.73 -4.23 7.85
CA GLY A 168 -18.57 -5.67 7.94
C GLY A 168 -17.15 -6.06 7.55
N LEU A 169 -16.97 -6.76 6.44
CA LEU A 169 -15.84 -7.45 5.87
C LEU A 169 -14.91 -6.50 5.14
N GLY A 170 -15.01 -5.18 5.34
CA GLY A 170 -14.23 -4.07 4.84
C GLY A 170 -13.48 -3.34 5.94
N GLY A 171 -12.37 -2.67 5.60
CA GLY A 171 -11.66 -1.62 6.30
C GLY A 171 -10.42 -2.24 6.91
N ASP A 172 -10.48 -3.57 7.01
CA ASP A 172 -9.58 -4.44 7.74
C ASP A 172 -8.34 -4.93 7.01
N ALA A 173 -7.22 -5.10 7.71
CA ALA A 173 -5.98 -5.55 7.10
C ALA A 173 -5.47 -6.74 7.90
N HIS A 174 -4.74 -7.57 7.15
CA HIS A 174 -3.88 -8.59 7.72
C HIS A 174 -2.52 -8.19 7.16
N PHE A 175 -1.61 -7.87 8.08
CA PHE A 175 -0.20 -7.68 7.85
C PHE A 175 0.61 -8.94 8.09
N ASP A 176 1.71 -9.20 7.38
CA ASP A 176 2.58 -10.35 7.50
C ASP A 176 3.36 -10.26 8.80
N GLU A 177 3.14 -11.29 9.62
CA GLU A 177 3.67 -11.52 10.95
C GLU A 177 5.15 -11.88 11.00
N ASP A 178 5.63 -12.65 10.00
CA ASP A 178 6.87 -13.37 9.96
C ASP A 178 7.96 -12.45 9.43
N GLU A 179 7.61 -11.37 8.72
CA GLU A 179 8.41 -10.25 8.26
C GLU A 179 9.12 -9.56 9.41
N ARG A 180 10.26 -8.93 9.12
CA ARG A 180 10.95 -8.10 10.10
C ARG A 180 10.56 -6.68 9.70
N TRP A 181 9.66 -6.14 10.52
CA TRP A 181 9.20 -4.77 10.58
C TRP A 181 9.91 -4.16 11.77
N THR A 182 10.25 -2.87 11.62
CA THR A 182 10.90 -2.01 12.58
C THR A 182 10.50 -0.54 12.54
N ASP A 183 11.11 0.26 13.42
CA ASP A 183 11.02 1.71 13.38
C ASP A 183 12.37 2.27 13.80
N GLY A 184 12.83 1.76 14.95
CA GLY A 184 14.05 2.12 15.64
C GLY A 184 15.20 1.11 15.56
N SER A 185 15.00 -0.18 15.82
CA SER A 185 16.00 -1.22 15.96
C SER A 185 16.83 -1.51 14.72
N SER A 186 16.32 -1.24 13.53
CA SER A 186 16.93 -1.12 12.22
C SER A 186 17.35 -2.43 11.57
N LEU A 187 16.92 -3.58 12.09
CA LEU A 187 17.10 -4.89 11.50
C LEU A 187 16.07 -5.28 10.45
N GLY A 188 14.93 -4.60 10.37
CA GLY A 188 13.93 -4.77 9.35
C GLY A 188 13.57 -3.49 8.59
N ILE A 189 12.42 -3.46 7.91
CA ILE A 189 11.82 -2.37 7.17
C ILE A 189 11.13 -1.44 8.15
N ASN A 190 11.25 -0.13 7.92
CA ASN A 190 10.57 0.95 8.59
C ASN A 190 9.06 0.75 8.50
N PHE A 191 8.37 0.65 9.63
CA PHE A 191 6.96 0.30 9.68
C PHE A 191 6.05 1.44 9.26
N LEU A 192 6.27 2.66 9.75
CA LEU A 192 5.53 3.86 9.44
C LEU A 192 5.46 4.09 7.93
N TYR A 193 6.59 4.10 7.22
CA TYR A 193 6.64 4.35 5.79
C TYR A 193 5.86 3.36 4.94
N ALA A 194 5.80 2.10 5.38
CA ALA A 194 5.06 0.99 4.80
C ALA A 194 3.60 1.02 5.25
N ALA A 195 3.29 1.28 6.52
CA ALA A 195 1.95 1.39 7.06
C ALA A 195 1.17 2.57 6.52
N THR A 196 1.77 3.75 6.35
CA THR A 196 1.15 4.94 5.82
C THR A 196 0.79 4.83 4.34
N HIS A 197 1.48 3.95 3.60
CA HIS A 197 1.15 3.59 2.24
C HIS A 197 -0.12 2.73 2.19
N ALA A 198 -0.19 1.65 2.96
CA ALA A 198 -1.28 0.69 3.06
C ALA A 198 -2.58 1.30 3.55
N LEU A 199 -2.51 2.21 4.53
CA LEU A 199 -3.58 2.98 5.14
C LEU A 199 -4.10 4.17 4.35
N GLY A 200 -3.31 4.54 3.34
CA GLY A 200 -3.60 5.56 2.36
C GLY A 200 -4.29 4.93 1.15
N HIS A 201 -3.78 3.79 0.67
CA HIS A 201 -4.34 3.01 -0.41
C HIS A 201 -5.82 2.72 -0.22
N SER A 202 -6.25 2.59 1.04
CA SER A 202 -7.55 2.40 1.64
C SER A 202 -8.51 3.51 1.29
N LEU A 203 -8.00 4.74 1.18
CA LEU A 203 -8.68 5.92 0.70
C LEU A 203 -8.38 6.00 -0.79
N GLY A 204 -7.30 5.43 -1.32
CA GLY A 204 -7.02 5.37 -2.74
C GLY A 204 -5.81 6.18 -3.18
N MET A 205 -5.09 6.70 -2.18
CA MET A 205 -4.04 7.68 -2.34
C MET A 205 -2.88 6.92 -2.96
N GLY A 206 -2.11 7.55 -3.86
CA GLY A 206 -1.15 6.84 -4.67
C GLY A 206 0.24 7.47 -4.73
N HIS A 207 1.01 7.21 -5.78
CA HIS A 207 2.45 7.43 -5.72
C HIS A 207 2.78 8.51 -6.74
N SER A 208 3.65 9.45 -6.36
CA SER A 208 4.15 10.47 -7.27
C SER A 208 5.66 10.37 -7.41
N SER A 209 6.25 11.14 -8.34
CA SER A 209 7.62 11.14 -8.80
C SER A 209 8.39 12.28 -8.17
N ASP A 210 7.70 13.22 -7.50
CA ASP A 210 8.16 14.31 -6.65
C ASP A 210 8.73 13.58 -5.44
N PRO A 211 9.99 13.72 -5.05
CA PRO A 211 10.65 13.06 -3.94
C PRO A 211 10.26 13.39 -2.51
N ASN A 212 9.47 14.46 -2.35
CA ASN A 212 8.95 14.98 -1.11
C ASN A 212 7.61 14.29 -0.86
N ALA A 213 6.98 13.64 -1.85
CA ALA A 213 5.72 12.96 -1.69
C ALA A 213 5.85 11.88 -0.61
N VAL A 214 4.80 11.76 0.19
CA VAL A 214 4.65 10.78 1.25
C VAL A 214 4.69 9.37 0.67
N MET A 215 3.96 9.11 -0.42
CA MET A 215 3.92 7.82 -1.09
C MET A 215 4.78 7.83 -2.34
N TYR A 216 5.91 8.55 -2.31
CA TYR A 216 7.08 8.39 -3.14
C TYR A 216 7.58 6.97 -2.92
N PRO A 217 7.66 6.12 -3.94
CA PRO A 217 7.92 4.71 -3.74
C PRO A 217 9.41 4.35 -3.71
N THR A 218 10.30 5.14 -4.30
CA THR A 218 11.74 4.88 -4.25
C THR A 218 12.35 5.75 -3.18
N TYR A 219 12.15 5.31 -1.94
CA TYR A 219 12.58 6.01 -0.74
C TYR A 219 13.88 5.47 -0.17
N GLY A 220 14.66 6.30 0.54
CA GLY A 220 15.70 5.87 1.45
C GLY A 220 17.03 6.55 1.17
N ASN A 221 17.00 7.38 0.13
CA ASN A 221 18.14 8.22 -0.20
C ASN A 221 18.31 9.34 0.83
N GLY A 222 17.34 10.21 1.14
CA GLY A 222 17.36 10.94 2.39
C GLY A 222 16.20 10.41 3.22
N ASP A 223 16.52 10.04 4.46
CA ASP A 223 15.61 9.59 5.50
C ASP A 223 14.83 10.72 6.14
N PRO A 224 13.50 10.73 6.03
CA PRO A 224 12.78 11.84 6.62
C PRO A 224 13.01 12.19 8.07
N GLN A 225 13.08 13.47 8.44
CA GLN A 225 13.26 14.01 9.77
C GLN A 225 12.17 13.60 10.76
N ASN A 226 10.90 13.68 10.36
CA ASN A 226 9.73 13.28 11.12
C ASN A 226 8.70 12.63 10.20
N PHE A 227 8.67 12.97 8.92
CA PHE A 227 7.84 12.44 7.85
C PHE A 227 6.51 13.20 7.76
N LYS A 228 6.21 13.87 6.65
CA LYS A 228 5.20 14.90 6.53
C LYS A 228 4.57 15.11 5.16
N LEU A 229 3.31 15.56 5.14
CA LEU A 229 2.52 15.81 3.95
C LEU A 229 3.02 17.03 3.19
N SER A 230 3.38 16.81 1.93
CA SER A 230 3.91 17.77 0.98
C SER A 230 2.70 18.40 0.28
N GLN A 231 2.85 19.56 -0.36
CA GLN A 231 1.72 20.32 -0.85
C GLN A 231 0.88 19.64 -1.92
N ASP A 232 1.39 18.93 -2.93
CA ASP A 232 0.68 17.99 -3.77
C ASP A 232 -0.04 16.90 -2.99
N ASP A 233 0.51 16.55 -1.83
CA ASP A 233 -0.20 15.66 -0.94
C ASP A 233 -1.36 16.33 -0.20
N ILE A 234 -1.16 17.54 0.32
CA ILE A 234 -2.23 18.36 0.86
C ILE A 234 -3.42 18.53 -0.07
N LYS A 235 -3.12 18.66 -1.37
CA LYS A 235 -4.06 18.85 -2.45
C LYS A 235 -4.60 17.54 -2.99
N GLY A 236 -3.86 16.46 -2.72
CA GLY A 236 -4.04 15.07 -3.07
C GLY A 236 -4.98 14.26 -2.19
N ILE A 237 -4.92 14.46 -0.87
CA ILE A 237 -5.79 13.71 0.02
C ILE A 237 -7.19 14.28 -0.11
N GLN A 238 -7.42 15.59 -0.06
CA GLN A 238 -8.65 16.27 -0.40
C GLN A 238 -9.24 16.10 -1.79
N LYS A 239 -8.52 15.56 -2.77
CA LYS A 239 -9.14 15.09 -4.00
C LYS A 239 -10.05 13.91 -3.70
N LEU A 240 -9.68 12.97 -2.83
CA LEU A 240 -10.44 11.76 -2.53
C LEU A 240 -11.71 12.01 -1.74
N TYR A 241 -11.93 13.22 -1.24
CA TYR A 241 -13.07 13.68 -0.48
C TYR A 241 -13.86 14.70 -1.29
N GLY A 242 -13.30 15.11 -2.43
CA GLY A 242 -14.05 15.96 -3.33
C GLY A 242 -13.98 15.30 -4.70
N LYS A 243 -13.06 15.73 -5.57
CA LYS A 243 -13.07 15.35 -6.98
C LYS A 243 -11.65 14.92 -7.36
N ARG A 244 -11.48 13.85 -8.14
CA ARG A 244 -10.23 13.30 -8.64
C ARG A 244 -9.87 14.05 -9.91
N SER A 245 -8.82 14.87 -9.87
CA SER A 245 -8.56 15.89 -10.88
C SER A 245 -7.07 16.21 -10.80
N ASN A 246 -6.55 16.92 -11.79
CA ASN A 246 -5.16 17.35 -11.81
C ASN A 246 -5.15 18.74 -11.19
N SER A 247 -4.03 19.05 -10.52
CA SER A 247 -3.70 20.36 -10.02
C SER A 247 -2.22 20.66 -10.17
N ARG A 248 -1.46 19.78 -10.83
CA ARG A 248 -0.03 19.91 -11.07
C ARG A 248 0.07 20.67 -12.39
N LYS A 249 1.10 21.53 -12.39
CA LYS A 249 1.48 22.26 -13.58
C LYS A 249 2.26 21.30 -14.46
N LYS A 250 1.67 20.66 -15.47
CA LYS A 250 2.33 19.87 -16.48
C LYS A 250 1.76 20.14 -17.87
N LEU A 3 20.39 -5.41 -10.18
CA LEU A 3 20.97 -5.37 -11.53
C LEU A 3 20.90 -3.90 -11.97
N PRO A 4 21.81 -3.48 -12.84
CA PRO A 4 22.05 -2.12 -13.23
C PRO A 4 20.87 -1.39 -13.83
N GLN A 5 20.03 -2.15 -14.52
CA GLN A 5 18.62 -1.93 -14.82
C GLN A 5 17.99 -3.30 -14.61
N GLU A 6 16.97 -3.28 -13.75
CA GLU A 6 16.25 -4.47 -13.34
C GLU A 6 15.27 -4.91 -14.43
N ALA A 7 14.57 -3.97 -15.06
CA ALA A 7 13.85 -4.11 -16.31
C ALA A 7 14.73 -4.47 -17.50
N GLY A 8 16.04 -4.24 -17.45
CA GLY A 8 16.87 -4.57 -18.60
C GLY A 8 17.67 -5.85 -18.38
N GLY A 9 17.44 -6.50 -17.24
CA GLY A 9 17.96 -7.76 -16.73
C GLY A 9 16.90 -8.81 -16.44
N MET A 10 15.85 -8.74 -17.27
CA MET A 10 14.67 -9.54 -16.98
C MET A 10 14.87 -10.88 -17.67
N SER A 11 14.95 -12.00 -16.92
CA SER A 11 14.83 -13.36 -17.37
C SER A 11 13.47 -13.92 -16.98
N GLU A 12 13.07 -15.10 -17.42
CA GLU A 12 11.84 -15.83 -17.11
C GLU A 12 11.39 -15.84 -15.66
N LEU A 13 12.28 -15.77 -14.68
CA LEU A 13 11.99 -15.65 -13.26
C LEU A 13 11.38 -14.30 -12.89
N GLN A 14 11.91 -13.20 -13.44
CA GLN A 14 11.41 -11.86 -13.24
C GLN A 14 10.05 -11.68 -13.91
N TRP A 15 9.73 -12.44 -14.96
CA TRP A 15 8.48 -12.44 -15.67
C TRP A 15 7.43 -13.26 -14.94
N GLU A 16 7.82 -14.32 -14.24
CA GLU A 16 7.00 -15.01 -13.26
C GLU A 16 6.57 -14.18 -12.07
N GLN A 17 7.53 -13.50 -11.42
CA GLN A 17 7.30 -12.51 -10.39
C GLN A 17 6.28 -11.41 -10.66
N ALA A 18 6.30 -10.83 -11.86
CA ALA A 18 5.29 -9.95 -12.43
C ALA A 18 3.87 -10.49 -12.54
N GLN A 19 3.70 -11.73 -13.00
CA GLN A 19 2.40 -12.37 -13.10
C GLN A 19 1.94 -12.66 -11.68
N ASP A 20 2.80 -13.17 -10.80
CA ASP A 20 2.55 -13.45 -9.40
C ASP A 20 2.10 -12.23 -8.63
N TYR A 21 2.67 -11.07 -8.97
CA TYR A 21 2.30 -9.84 -8.30
C TYR A 21 0.88 -9.38 -8.53
N LEU A 22 0.36 -9.67 -9.73
CA LEU A 22 -0.97 -9.33 -10.18
C LEU A 22 -1.93 -10.37 -9.63
N LYS A 23 -1.45 -11.62 -9.55
CA LYS A 23 -2.22 -12.69 -8.93
C LYS A 23 -2.39 -12.49 -7.44
N ARG A 24 -1.43 -11.97 -6.67
CA ARG A 24 -1.66 -11.47 -5.33
C ARG A 24 -2.75 -10.43 -5.10
N PHE A 25 -2.74 -9.36 -5.91
CA PHE A 25 -3.59 -8.22 -5.70
C PHE A 25 -5.02 -8.48 -6.18
N TYR A 26 -5.20 -9.15 -7.32
CA TYR A 26 -6.52 -9.40 -7.86
C TYR A 26 -7.14 -10.66 -7.28
N LEU A 27 -6.37 -11.59 -6.71
CA LEU A 27 -6.68 -12.90 -6.17
C LEU A 27 -6.77 -13.87 -7.34
N TYR A 28 -7.48 -13.50 -8.42
CA TYR A 28 -7.64 -14.28 -9.63
C TYR A 28 -8.14 -13.21 -10.60
N ASP A 29 -7.43 -12.95 -11.69
CA ASP A 29 -7.87 -12.15 -12.81
C ASP A 29 -7.54 -12.96 -14.05
N SER A 30 -8.55 -12.84 -14.91
CA SER A 30 -8.59 -13.55 -16.17
C SER A 30 -7.75 -12.89 -17.25
N GLU A 31 -7.46 -11.59 -17.18
CA GLU A 31 -6.46 -10.98 -18.03
C GLU A 31 -5.06 -11.26 -17.51
N THR A 32 -4.82 -11.63 -16.25
CA THR A 32 -3.56 -12.19 -15.83
C THR A 32 -3.26 -13.61 -16.29
N LYS A 33 -4.24 -14.22 -16.96
CA LYS A 33 -4.13 -15.32 -17.90
C LYS A 33 -4.15 -14.88 -19.35
N ASN A 34 -3.34 -15.61 -20.12
CA ASN A 34 -2.72 -15.36 -21.40
C ASN A 34 -1.64 -14.30 -21.16
N ALA A 35 -0.46 -14.69 -21.63
CA ALA A 35 0.79 -13.95 -21.66
C ALA A 35 0.69 -12.65 -22.44
N ASN A 36 -0.14 -12.52 -23.48
CA ASN A 36 -0.30 -11.31 -24.26
C ASN A 36 -1.15 -10.35 -23.45
N SER A 37 -2.26 -10.85 -22.88
CA SER A 37 -3.07 -10.04 -21.99
C SER A 37 -2.30 -9.54 -20.79
N LEU A 38 -1.49 -10.41 -20.17
CA LEU A 38 -0.55 -10.20 -19.08
C LEU A 38 0.40 -9.04 -19.32
N GLU A 39 1.00 -8.99 -20.51
CA GLU A 39 1.89 -7.93 -20.94
C GLU A 39 1.19 -6.58 -21.07
N ALA A 40 -0.04 -6.61 -21.59
CA ALA A 40 -1.03 -5.55 -21.63
C ALA A 40 -1.25 -4.88 -20.29
N LYS A 41 -1.25 -5.68 -19.22
CA LYS A 41 -1.40 -5.09 -17.91
C LYS A 41 -0.11 -4.46 -17.39
N LEU A 42 1.04 -5.02 -17.77
CA LEU A 42 2.36 -4.60 -17.33
C LEU A 42 2.75 -3.37 -18.12
N LYS A 43 2.26 -3.08 -19.33
CA LYS A 43 2.39 -1.85 -20.08
C LYS A 43 1.62 -0.67 -19.51
N GLU A 44 0.56 -0.92 -18.75
CA GLU A 44 -0.26 0.02 -18.00
C GLU A 44 0.29 0.19 -16.59
N MET A 45 1.06 -0.75 -16.04
CA MET A 45 1.55 -0.78 -14.68
C MET A 45 2.16 0.52 -14.16
N GLN A 46 3.03 1.21 -14.89
CA GLN A 46 3.70 2.42 -14.47
C GLN A 46 2.82 3.65 -14.22
N LYS A 47 1.61 3.67 -14.78
CA LYS A 47 0.62 4.58 -14.29
C LYS A 47 0.32 4.44 -12.80
N PHE A 48 0.13 3.21 -12.33
CA PHE A 48 -0.35 2.97 -10.98
C PHE A 48 0.75 3.18 -9.95
N PHE A 49 2.01 3.24 -10.37
CA PHE A 49 3.10 3.76 -9.55
C PHE A 49 3.38 5.25 -9.66
N GLY A 50 2.52 5.96 -10.40
CA GLY A 50 2.38 7.40 -10.31
C GLY A 50 3.26 8.14 -11.31
N LEU A 51 3.77 7.51 -12.37
CA LEU A 51 4.62 8.20 -13.33
C LEU A 51 3.83 8.72 -14.52
N PRO A 52 4.36 9.66 -15.30
CA PRO A 52 3.89 10.08 -16.61
C PRO A 52 4.21 9.26 -17.86
N ILE A 53 4.92 8.16 -17.64
CA ILE A 53 5.49 7.37 -18.72
C ILE A 53 4.73 6.06 -18.82
N THR A 54 4.11 5.78 -19.97
CA THR A 54 3.27 4.60 -20.08
C THR A 54 3.42 3.88 -21.41
N GLY A 55 3.02 2.61 -21.47
CA GLY A 55 2.98 1.83 -22.70
C GLY A 55 4.08 0.79 -22.73
N MET A 56 4.97 0.73 -21.73
CA MET A 56 6.08 -0.18 -21.57
C MET A 56 6.38 -0.36 -20.09
N LEU A 57 7.24 -1.34 -19.78
CA LEU A 57 8.03 -1.30 -18.57
C LEU A 57 9.34 -0.67 -18.99
N ASN A 58 9.98 0.21 -18.21
CA ASN A 58 11.30 0.76 -18.42
C ASN A 58 11.89 1.19 -17.08
N SER A 59 11.07 1.76 -16.20
CA SER A 59 11.45 2.35 -14.93
C SER A 59 12.01 1.29 -13.99
N ARG A 60 12.42 1.69 -12.78
CA ARG A 60 13.01 0.90 -11.73
C ARG A 60 12.02 -0.16 -11.25
N VAL A 61 10.77 -0.20 -11.72
CA VAL A 61 9.60 -0.91 -11.25
C VAL A 61 9.72 -2.38 -10.89
N ILE A 62 10.56 -3.17 -11.55
CA ILE A 62 10.78 -4.60 -11.43
C ILE A 62 11.69 -4.79 -10.23
N GLU A 63 12.41 -3.79 -9.72
CA GLU A 63 13.07 -4.02 -8.45
C GLU A 63 12.06 -3.90 -7.31
N ILE A 64 11.34 -2.79 -7.25
CA ILE A 64 10.34 -2.55 -6.22
C ILE A 64 9.20 -3.54 -6.05
N MET A 65 9.10 -4.48 -6.99
CA MET A 65 8.04 -5.46 -7.19
C MET A 65 8.26 -6.64 -6.26
N GLN A 66 9.48 -7.15 -6.12
CA GLN A 66 9.89 -8.28 -5.30
C GLN A 66 10.11 -7.85 -3.86
N LYS A 67 10.52 -6.59 -3.65
CA LYS A 67 10.60 -6.03 -2.31
C LYS A 67 9.17 -5.88 -1.79
N PRO A 68 8.85 -6.30 -0.57
CA PRO A 68 7.59 -5.97 0.05
C PRO A 68 7.47 -4.46 0.25
N ARG A 69 6.40 -3.87 -0.27
CA ARG A 69 6.07 -2.47 -0.10
C ARG A 69 4.57 -2.29 0.11
N CYS A 70 3.84 -3.11 -0.67
CA CYS A 70 2.46 -2.90 -1.07
C CYS A 70 1.67 -4.20 -0.93
N GLY A 71 0.80 -4.44 0.04
CA GLY A 71 -0.03 -5.64 0.03
C GLY A 71 -1.43 -5.22 -0.39
N VAL A 72 -1.99 -4.18 0.22
CA VAL A 72 -3.24 -3.52 -0.07
C VAL A 72 -3.08 -2.95 -1.46
N PRO A 73 -3.91 -3.28 -2.46
CA PRO A 73 -3.72 -3.02 -3.87
C PRO A 73 -3.90 -1.58 -4.31
N ASP A 74 -3.32 -1.21 -5.45
CA ASP A 74 -3.44 0.07 -6.12
C ASP A 74 -4.47 0.03 -7.24
N VAL A 75 -4.73 -1.17 -7.76
CA VAL A 75 -5.80 -1.59 -8.64
C VAL A 75 -6.21 -2.99 -8.25
N ALA A 76 -7.49 -3.27 -7.96
CA ALA A 76 -7.94 -4.63 -7.81
C ALA A 76 -9.36 -4.82 -8.35
N GLU A 77 -9.68 -6.10 -8.59
CA GLU A 77 -11.03 -6.60 -8.77
C GLU A 77 -11.18 -7.79 -7.84
N TYR A 78 -12.17 -7.79 -6.95
CA TYR A 78 -12.40 -8.95 -6.12
C TYR A 78 -13.90 -9.21 -5.97
N SER A 79 -14.25 -10.34 -5.34
CA SER A 79 -15.59 -10.69 -4.94
C SER A 79 -16.08 -9.79 -3.81
N LEU A 80 -17.40 -9.85 -3.62
CA LEU A 80 -18.30 -9.45 -2.54
C LEU A 80 -18.53 -7.95 -2.49
N PHE A 81 -17.49 -7.16 -2.80
CA PHE A 81 -17.55 -5.72 -2.85
C PHE A 81 -16.41 -5.25 -3.74
N PRO A 82 -16.39 -4.05 -4.34
CA PRO A 82 -15.27 -3.59 -5.14
C PRO A 82 -14.32 -2.84 -4.21
N ASN A 83 -13.09 -2.72 -4.71
CA ASN A 83 -11.91 -2.06 -4.18
C ASN A 83 -12.15 -0.59 -4.50
N SER A 84 -12.69 0.14 -3.53
CA SER A 84 -12.98 1.57 -3.58
C SER A 84 -13.12 2.07 -2.15
N PRO A 85 -12.95 3.35 -1.80
CA PRO A 85 -13.24 3.83 -0.47
C PRO A 85 -14.70 3.96 -0.09
N LYS A 86 -15.12 3.45 1.08
CA LYS A 86 -16.50 3.53 1.49
C LYS A 86 -16.68 3.82 2.97
N TRP A 87 -16.64 5.08 3.40
CA TRP A 87 -16.81 5.49 4.79
C TRP A 87 -17.82 6.62 4.68
N THR A 88 -19.09 6.33 5.00
CA THR A 88 -20.13 7.34 4.97
C THR A 88 -20.05 8.31 6.13
N SER A 89 -19.61 7.75 7.26
CA SER A 89 -19.71 8.41 8.55
C SER A 89 -18.58 9.41 8.71
N LYS A 90 -18.81 10.36 9.62
CA LYS A 90 -17.84 11.39 9.92
C LYS A 90 -16.82 10.90 10.93
N VAL A 91 -17.09 9.80 11.64
CA VAL A 91 -16.25 9.13 12.61
C VAL A 91 -16.17 7.63 12.38
N VAL A 92 -15.03 6.99 12.62
CA VAL A 92 -14.69 5.60 12.41
C VAL A 92 -13.84 5.18 13.61
N THR A 93 -13.86 3.89 13.94
CA THR A 93 -13.12 3.36 15.06
C THR A 93 -11.96 2.48 14.58
N TYR A 94 -10.90 2.40 15.39
CA TYR A 94 -9.70 1.63 15.13
C TYR A 94 -9.30 1.03 16.46
N ARG A 95 -8.75 -0.19 16.40
CA ARG A 95 -8.04 -0.98 17.39
C ARG A 95 -7.08 -1.80 16.55
N ILE A 96 -5.92 -2.07 17.14
CA ILE A 96 -4.90 -3.00 16.68
C ILE A 96 -5.22 -4.31 17.41
N VAL A 97 -5.93 -5.23 16.76
CA VAL A 97 -6.39 -6.46 17.39
C VAL A 97 -5.30 -7.52 17.47
N SER A 98 -4.14 -7.42 16.80
CA SER A 98 -3.04 -8.36 16.74
C SER A 98 -1.83 -7.54 16.33
N TYR A 99 -0.62 -7.92 16.76
CA TYR A 99 0.69 -7.33 16.59
C TYR A 99 1.76 -8.34 16.22
N THR A 100 2.92 -7.92 15.71
CA THR A 100 4.03 -8.82 15.47
C THR A 100 4.84 -8.89 16.77
N ARG A 101 5.04 -10.11 17.29
CA ARG A 101 5.61 -10.42 18.59
C ARG A 101 7.10 -10.13 18.73
N ASP A 102 7.73 -9.63 17.67
CA ASP A 102 9.07 -9.10 17.81
C ASP A 102 9.23 -7.74 18.47
N LEU A 103 8.12 -7.01 18.67
CA LEU A 103 7.92 -5.70 19.26
C LEU A 103 6.82 -5.74 20.32
N PRO A 104 6.91 -4.99 21.42
CA PRO A 104 5.82 -4.97 22.36
C PRO A 104 4.69 -4.16 21.73
N HIS A 105 3.43 -4.55 21.96
CA HIS A 105 2.23 -3.93 21.43
C HIS A 105 2.21 -2.41 21.43
N ILE A 106 2.71 -1.88 22.56
CA ILE A 106 2.95 -0.48 22.87
C ILE A 106 3.60 0.26 21.71
N THR A 107 4.46 -0.41 20.94
CA THR A 107 5.03 0.14 19.72
C THR A 107 4.10 0.12 18.52
N VAL A 108 3.60 -1.07 18.18
CA VAL A 108 2.64 -1.33 17.13
C VAL A 108 1.40 -0.46 17.26
N ASP A 109 0.95 -0.11 18.46
CA ASP A 109 -0.26 0.57 18.88
C ASP A 109 -0.06 2.08 18.82
N ARG A 110 1.10 2.61 19.21
CA ARG A 110 1.45 3.99 19.01
C ARG A 110 1.77 4.27 17.55
N LEU A 111 2.32 3.32 16.77
CA LEU A 111 2.83 3.47 15.42
C LEU A 111 1.57 3.53 14.54
N VAL A 112 0.65 2.57 14.63
CA VAL A 112 -0.60 2.65 13.89
C VAL A 112 -1.41 3.93 14.03
N SER A 113 -1.49 4.47 15.25
CA SER A 113 -2.08 5.74 15.61
C SER A 113 -1.44 6.92 14.88
N LYS A 114 -0.12 6.96 14.82
CA LYS A 114 0.67 7.97 14.13
C LYS A 114 0.43 7.91 12.63
N ALA A 115 0.37 6.72 12.03
CA ALA A 115 0.10 6.42 10.64
C ALA A 115 -1.30 6.79 10.21
N LEU A 116 -2.29 6.49 11.06
CA LEU A 116 -3.69 6.81 10.86
C LEU A 116 -3.94 8.31 10.99
N ASN A 117 -3.35 8.99 11.97
CA ASN A 117 -3.34 10.43 12.09
C ASN A 117 -2.79 11.19 10.90
N MET A 118 -1.76 10.64 10.24
CA MET A 118 -1.07 11.16 9.07
C MET A 118 -1.98 11.52 7.91
N TRP A 119 -3.01 10.75 7.56
CA TRP A 119 -4.05 11.13 6.63
C TRP A 119 -5.35 11.65 7.25
N GLY A 120 -5.77 11.19 8.44
CA GLY A 120 -7.10 11.45 8.95
C GLY A 120 -7.37 12.87 9.41
N LYS A 121 -6.34 13.68 9.67
CA LYS A 121 -6.39 15.00 10.26
C LYS A 121 -6.73 15.99 9.16
N GLU A 122 -6.55 15.64 7.88
CA GLU A 122 -6.78 16.50 6.73
C GLU A 122 -8.20 16.41 6.20
N ILE A 123 -8.82 15.24 6.35
CA ILE A 123 -10.18 14.98 5.90
C ILE A 123 -11.14 14.92 7.08
N PRO A 124 -12.44 15.03 6.83
CA PRO A 124 -13.48 14.88 7.83
C PRO A 124 -13.86 13.44 8.11
N LEU A 125 -12.87 12.71 8.63
CA LEU A 125 -13.05 11.33 9.02
C LEU A 125 -12.13 11.07 10.21
N HIS A 126 -12.79 10.97 11.36
CA HIS A 126 -12.03 10.87 12.59
C HIS A 126 -11.90 9.41 12.98
N PHE A 127 -10.63 9.02 12.98
CA PHE A 127 -10.13 7.76 13.49
C PHE A 127 -9.91 7.91 14.99
N ARG A 128 -10.85 7.24 15.65
CA ARG A 128 -11.06 7.25 17.08
C ARG A 128 -10.55 5.89 17.56
N LYS A 129 -9.87 5.91 18.71
CA LYS A 129 -9.47 4.68 19.37
C LYS A 129 -10.58 4.06 20.22
N VAL A 130 -10.64 2.73 20.16
CA VAL A 130 -11.43 1.77 20.90
C VAL A 130 -10.56 0.62 21.39
N VAL A 131 -10.76 0.20 22.64
CA VAL A 131 -10.10 -0.89 23.33
C VAL A 131 -11.12 -1.83 23.96
N TRP A 132 -12.12 -2.24 23.19
CA TRP A 132 -13.29 -3.01 23.55
C TRP A 132 -13.77 -3.66 22.26
N GLY A 133 -13.93 -4.99 22.23
CA GLY A 133 -13.79 -5.91 21.12
C GLY A 133 -13.29 -5.46 19.75
N THR A 134 -14.16 -5.48 18.74
CA THR A 134 -13.97 -5.03 17.38
C THR A 134 -13.74 -3.53 17.20
N ALA A 135 -13.30 -3.13 16.01
CA ALA A 135 -13.35 -1.79 15.47
C ALA A 135 -13.74 -1.86 14.01
N ASP A 136 -13.86 -0.65 13.43
CA ASP A 136 -14.37 -0.50 12.09
C ASP A 136 -13.20 -0.76 11.14
N ILE A 137 -12.01 -0.27 11.51
CA ILE A 137 -10.72 -0.58 10.91
C ILE A 137 -10.04 -1.43 11.97
N MET A 138 -9.99 -2.74 11.78
CA MET A 138 -9.19 -3.63 12.59
C MET A 138 -7.83 -3.90 11.97
N ILE A 139 -6.71 -3.55 12.63
CA ILE A 139 -5.37 -3.79 12.14
C ILE A 139 -4.83 -5.00 12.91
N GLY A 140 -4.33 -6.01 12.20
CA GLY A 140 -3.86 -7.28 12.70
C GLY A 140 -2.54 -7.64 12.04
N PHE A 141 -2.04 -8.79 12.49
CA PHE A 141 -0.76 -9.38 12.10
C PHE A 141 -0.96 -10.89 12.11
N ALA A 142 -0.72 -11.53 10.96
CA ALA A 142 -0.94 -12.92 10.61
C ALA A 142 0.21 -13.45 9.76
N ARG A 143 0.11 -14.79 9.62
CA ARG A 143 0.61 -15.60 8.54
C ARG A 143 -0.58 -15.69 7.58
N GLY A 144 -0.27 -15.61 6.29
CA GLY A 144 -1.15 -15.17 5.22
C GLY A 144 -2.12 -16.25 4.76
N ALA A 145 -1.86 -17.52 5.04
CA ALA A 145 -2.63 -18.57 4.39
C ALA A 145 -3.72 -19.15 5.29
N HIS A 146 -4.19 -18.22 6.13
CA HIS A 146 -5.12 -18.40 7.22
C HIS A 146 -6.55 -18.68 6.77
N GLY A 147 -6.70 -18.99 5.47
CA GLY A 147 -7.94 -19.24 4.78
C GLY A 147 -8.16 -18.32 3.59
N ASP A 148 -7.50 -17.15 3.56
CA ASP A 148 -7.42 -16.31 2.38
C ASP A 148 -6.31 -16.79 1.45
N SER A 149 -6.29 -16.32 0.20
CA SER A 149 -5.48 -16.74 -0.92
C SER A 149 -4.06 -16.26 -0.70
N TYR A 150 -3.10 -17.18 -0.85
CA TYR A 150 -1.67 -17.00 -0.91
C TYR A 150 -1.05 -16.81 0.47
N PRO A 151 0.09 -17.41 0.79
CA PRO A 151 0.88 -17.14 1.99
C PRO A 151 1.60 -15.80 1.88
N PHE A 152 2.00 -15.19 3.00
CA PHE A 152 2.77 -13.98 3.10
C PHE A 152 4.27 -14.20 3.26
N ASP A 153 4.68 -15.46 3.04
CA ASP A 153 6.01 -15.82 2.63
C ASP A 153 7.02 -16.20 3.70
N GLY A 154 7.13 -15.42 4.78
CA GLY A 154 8.33 -15.30 5.59
C GLY A 154 8.72 -13.83 5.53
N PRO A 155 9.90 -13.38 5.93
CA PRO A 155 10.53 -12.10 5.64
C PRO A 155 10.93 -11.98 4.17
N GLY A 156 10.46 -10.93 3.50
CA GLY A 156 10.47 -10.69 2.07
C GLY A 156 9.08 -10.72 1.44
N ASN A 157 8.88 -11.29 0.25
CA ASN A 157 7.77 -11.14 -0.67
C ASN A 157 6.46 -10.78 0.00
N THR A 158 6.02 -9.52 -0.06
CA THR A 158 4.78 -8.96 0.43
C THR A 158 4.71 -8.79 1.95
N LEU A 159 4.00 -7.79 2.46
CA LEU A 159 3.90 -7.46 3.87
C LEU A 159 2.47 -7.47 4.40
N ALA A 160 1.48 -7.64 3.52
CA ALA A 160 0.10 -7.44 3.89
C ALA A 160 -0.94 -7.97 2.91
N HIS A 161 -2.20 -7.95 3.33
CA HIS A 161 -3.40 -7.78 2.53
C HIS A 161 -4.31 -6.87 3.33
N ALA A 162 -5.42 -6.42 2.72
CA ALA A 162 -6.54 -5.73 3.32
C ALA A 162 -7.71 -5.83 2.36
N PHE A 163 -8.89 -5.58 2.93
CA PHE A 163 -10.08 -5.31 2.13
C PHE A 163 -10.35 -3.81 2.18
N ALA A 164 -10.91 -3.19 1.13
CA ALA A 164 -11.41 -1.83 1.18
C ALA A 164 -12.57 -1.69 2.14
N PRO A 165 -12.95 -0.49 2.58
CA PRO A 165 -14.07 -0.23 3.46
C PRO A 165 -15.39 -0.81 2.96
N GLY A 166 -16.14 -1.27 3.96
CA GLY A 166 -17.45 -1.87 3.87
C GLY A 166 -17.87 -2.02 5.32
N THR A 167 -19.18 -2.17 5.53
CA THR A 167 -19.79 -2.33 6.84
C THR A 167 -19.43 -3.71 7.36
N GLY A 168 -18.58 -3.81 8.37
CA GLY A 168 -18.10 -5.01 9.02
C GLY A 168 -16.81 -5.50 8.38
N LEU A 169 -16.95 -6.56 7.59
CA LEU A 169 -15.89 -7.28 6.92
C LEU A 169 -14.84 -6.47 6.15
N GLY A 170 -15.21 -5.27 5.73
CA GLY A 170 -14.27 -4.39 5.06
C GLY A 170 -13.66 -3.26 5.85
N GLY A 171 -12.51 -2.77 5.38
CA GLY A 171 -11.78 -1.65 5.92
C GLY A 171 -10.53 -2.04 6.69
N ASP A 172 -10.32 -3.35 6.89
CA ASP A 172 -9.42 -3.98 7.84
C ASP A 172 -8.21 -4.54 7.12
N ALA A 173 -7.09 -4.78 7.81
CA ALA A 173 -5.79 -5.09 7.25
C ALA A 173 -5.17 -6.13 8.16
N HIS A 174 -4.48 -7.08 7.52
CA HIS A 174 -3.75 -8.23 7.99
C HIS A 174 -2.34 -7.98 7.51
N PHE A 175 -1.38 -7.88 8.43
CA PHE A 175 0.00 -7.70 8.03
C PHE A 175 0.87 -8.90 8.35
N ASP A 176 2.06 -9.06 7.76
CA ASP A 176 2.78 -10.32 7.80
C ASP A 176 3.64 -10.29 9.07
N GLU A 177 3.30 -11.17 10.01
CA GLU A 177 3.97 -11.50 11.25
C GLU A 177 5.45 -11.85 11.19
N ASP A 178 5.89 -12.58 10.16
CA ASP A 178 7.25 -13.03 9.95
C ASP A 178 8.15 -12.03 9.23
N GLU A 179 7.63 -10.84 8.93
CA GLU A 179 8.34 -9.76 8.27
C GLU A 179 8.96 -8.92 9.38
N ARG A 180 10.24 -8.58 9.17
CA ARG A 180 10.91 -7.89 10.26
C ARG A 180 10.52 -6.42 10.17
N TRP A 181 9.63 -5.97 11.06
CA TRP A 181 9.23 -4.58 11.23
C TRP A 181 10.04 -3.90 12.32
N THR A 182 10.21 -2.58 12.21
CA THR A 182 10.84 -1.66 13.12
C THR A 182 10.33 -0.24 12.92
N ASP A 183 10.72 0.64 13.85
CA ASP A 183 10.67 2.08 13.80
C ASP A 183 12.11 2.60 13.87
N GLY A 184 12.68 2.64 15.08
CA GLY A 184 13.87 3.38 15.43
C GLY A 184 15.09 2.48 15.56
N SER A 185 14.81 1.19 15.74
CA SER A 185 15.82 0.18 15.97
C SER A 185 16.42 -0.22 14.64
N SER A 186 15.72 -0.07 13.51
CA SER A 186 16.21 0.03 12.16
C SER A 186 16.69 -1.22 11.43
N LEU A 187 16.71 -2.29 12.23
CA LEU A 187 17.12 -3.60 11.76
C LEU A 187 16.03 -4.31 10.98
N GLY A 188 14.90 -3.72 10.61
CA GLY A 188 13.85 -4.28 9.78
C GLY A 188 13.28 -3.21 8.85
N ILE A 189 12.10 -3.45 8.28
CA ILE A 189 11.41 -2.43 7.51
C ILE A 189 10.77 -1.47 8.51
N ASN A 190 10.87 -0.21 8.13
CA ASN A 190 10.26 0.89 8.86
C ASN A 190 8.76 0.97 8.64
N PHE A 191 8.00 0.89 9.73
CA PHE A 191 6.57 0.70 9.77
C PHE A 191 5.76 1.75 9.03
N LEU A 192 6.11 3.01 9.29
CA LEU A 192 5.48 4.26 8.89
C LEU A 192 5.31 4.38 7.38
N TYR A 193 6.45 4.21 6.69
CA TYR A 193 6.42 4.40 5.26
C TYR A 193 5.58 3.31 4.60
N ALA A 194 5.37 2.10 5.13
CA ALA A 194 4.51 1.07 4.58
C ALA A 194 3.06 1.20 5.01
N ALA A 195 2.81 1.77 6.18
CA ALA A 195 1.53 1.80 6.84
C ALA A 195 0.80 2.94 6.14
N THR A 196 1.43 4.09 5.90
CA THR A 196 0.82 5.31 5.41
C THR A 196 0.46 5.07 3.94
N HIS A 197 1.24 4.32 3.16
CA HIS A 197 0.90 3.81 1.85
C HIS A 197 -0.36 2.95 1.78
N ALA A 198 -0.49 2.04 2.74
CA ALA A 198 -1.51 1.02 2.91
C ALA A 198 -2.83 1.62 3.38
N LEU A 199 -2.85 2.54 4.34
CA LEU A 199 -3.98 3.36 4.75
C LEU A 199 -4.26 4.49 3.79
N GLY A 200 -3.46 4.77 2.75
CA GLY A 200 -3.75 5.76 1.73
C GLY A 200 -4.45 5.23 0.50
N HIS A 201 -4.11 4.02 0.03
CA HIS A 201 -4.97 3.21 -0.79
C HIS A 201 -6.35 2.89 -0.25
N SER A 202 -6.43 2.72 1.08
CA SER A 202 -7.69 2.58 1.74
C SER A 202 -8.65 3.75 1.55
N LEU A 203 -8.17 4.99 1.63
CA LEU A 203 -8.98 6.19 1.51
C LEU A 203 -9.11 6.61 0.06
N GLY A 204 -8.45 5.99 -0.93
CA GLY A 204 -8.63 6.28 -2.34
C GLY A 204 -7.42 6.70 -3.16
N MET A 205 -6.42 7.30 -2.49
CA MET A 205 -5.26 7.96 -3.05
C MET A 205 -4.23 6.95 -3.53
N GLY A 206 -3.45 7.44 -4.49
CA GLY A 206 -2.35 6.80 -5.19
C GLY A 206 -1.02 7.52 -5.06
N HIS A 207 -0.04 7.17 -5.91
CA HIS A 207 1.36 7.48 -5.89
C HIS A 207 1.57 8.80 -6.63
N SER A 208 2.76 9.40 -6.53
CA SER A 208 3.14 10.63 -7.17
C SER A 208 4.61 10.45 -7.53
N SER A 209 5.05 11.17 -8.56
CA SER A 209 6.36 11.09 -9.15
C SER A 209 7.33 12.17 -8.67
N ASP A 210 6.93 12.91 -7.63
CA ASP A 210 7.67 14.02 -7.07
C ASP A 210 8.42 13.40 -5.88
N PRO A 211 9.73 13.67 -5.80
CA PRO A 211 10.64 13.25 -4.76
C PRO A 211 10.32 13.56 -3.31
N ASN A 212 9.40 14.50 -3.08
CA ASN A 212 9.01 15.05 -1.79
C ASN A 212 7.57 14.73 -1.42
N ALA A 213 6.92 13.84 -2.17
CA ALA A 213 5.57 13.38 -1.86
C ALA A 213 5.64 12.12 -1.02
N VAL A 214 4.63 12.02 -0.16
CA VAL A 214 4.45 11.01 0.86
C VAL A 214 4.46 9.55 0.41
N MET A 215 3.95 9.33 -0.81
CA MET A 215 3.82 8.04 -1.44
C MET A 215 4.67 7.90 -2.69
N TYR A 216 5.84 8.54 -2.68
CA TYR A 216 6.84 8.47 -3.73
C TYR A 216 7.40 7.06 -3.67
N PRO A 217 7.38 6.27 -4.75
CA PRO A 217 7.50 4.83 -4.64
C PRO A 217 8.93 4.41 -4.34
N THR A 218 9.96 5.01 -4.97
CA THR A 218 11.34 4.71 -4.69
C THR A 218 11.68 5.65 -3.54
N TYR A 219 11.14 5.56 -2.32
CA TYR A 219 11.65 6.15 -1.10
C TYR A 219 12.84 5.35 -0.61
N GLY A 220 13.77 5.96 0.14
CA GLY A 220 14.85 5.25 0.79
C GLY A 220 16.17 5.95 0.54
N ASN A 221 16.34 6.79 -0.48
CA ASN A 221 17.59 7.49 -0.73
C ASN A 221 18.09 8.42 0.37
N GLY A 222 17.14 9.12 1.00
CA GLY A 222 17.15 9.84 2.25
C GLY A 222 15.97 9.38 3.08
N ASP A 223 16.16 9.34 4.41
CA ASP A 223 15.29 8.74 5.41
C ASP A 223 14.62 9.88 6.15
N PRO A 224 13.31 10.14 6.08
CA PRO A 224 12.62 11.15 6.84
C PRO A 224 12.80 11.20 8.35
N GLN A 225 12.62 12.39 8.92
CA GLN A 225 12.85 12.68 10.32
C GLN A 225 11.52 12.50 11.04
N ASN A 226 10.47 13.17 10.58
CA ASN A 226 9.14 13.14 11.19
C ASN A 226 8.16 12.57 10.18
N PHE A 227 8.40 12.81 8.88
CA PHE A 227 7.72 12.47 7.65
C PHE A 227 6.71 13.59 7.38
N LYS A 228 6.75 14.10 6.14
CA LYS A 228 5.80 15.10 5.69
C LYS A 228 5.19 14.85 4.32
N LEU A 229 3.87 15.06 4.19
CA LEU A 229 3.17 15.26 2.93
C LEU A 229 3.67 16.42 2.09
N SER A 230 3.61 16.29 0.76
CA SER A 230 3.65 17.37 -0.20
C SER A 230 2.30 18.06 -0.36
N GLN A 231 2.23 19.33 -0.74
CA GLN A 231 1.04 20.12 -0.98
C GLN A 231 0.11 19.32 -1.87
N ASP A 232 0.55 18.75 -3.00
CA ASP A 232 -0.26 18.06 -3.98
C ASP A 232 -0.96 16.82 -3.44
N ASP A 233 -0.31 16.22 -2.43
CA ASP A 233 -0.84 15.08 -1.71
C ASP A 233 -2.10 15.53 -1.00
N ILE A 234 -2.01 16.64 -0.27
CA ILE A 234 -3.03 17.31 0.50
C ILE A 234 -4.20 17.67 -0.41
N LYS A 235 -3.89 18.42 -1.47
CA LYS A 235 -4.77 18.73 -2.58
C LYS A 235 -5.42 17.62 -3.39
N GLY A 236 -4.93 16.40 -3.16
CA GLY A 236 -5.47 15.17 -3.69
C GLY A 236 -6.49 14.62 -2.69
N ILE A 237 -6.11 14.40 -1.44
CA ILE A 237 -6.95 13.69 -0.50
C ILE A 237 -8.19 14.47 -0.09
N GLN A 238 -8.11 15.80 -0.03
CA GLN A 238 -9.19 16.75 0.19
C GLN A 238 -10.32 16.76 -0.83
N LYS A 239 -10.04 16.23 -2.02
CA LYS A 239 -11.00 16.18 -3.11
C LYS A 239 -11.68 14.81 -3.15
N LEU A 240 -11.01 13.77 -2.64
CA LEU A 240 -11.55 12.46 -2.34
C LEU A 240 -12.49 12.40 -1.15
N TYR A 241 -12.63 13.52 -0.43
CA TYR A 241 -13.66 13.86 0.54
C TYR A 241 -14.38 15.16 0.19
N GLY A 242 -14.09 15.66 -1.01
CA GLY A 242 -14.74 16.88 -1.48
C GLY A 242 -15.26 16.58 -2.88
N LYS A 243 -15.45 17.61 -3.72
CA LYS A 243 -15.59 17.46 -5.15
C LYS A 243 -14.28 17.19 -5.87
N ARG A 244 -14.30 16.37 -6.94
CA ARG A 244 -13.21 16.08 -7.85
C ARG A 244 -12.96 17.21 -8.84
N SER A 245 -11.70 17.64 -8.91
CA SER A 245 -11.19 18.63 -9.84
C SER A 245 -9.69 18.41 -9.99
N ASN A 246 -9.19 19.27 -10.88
CA ASN A 246 -7.79 19.38 -11.26
C ASN A 246 -7.16 20.19 -10.14
N SER A 247 -5.86 19.96 -9.94
CA SER A 247 -4.99 20.76 -9.08
C SER A 247 -3.59 21.04 -9.61
N ARG A 248 -3.02 20.08 -10.34
CA ARG A 248 -1.76 20.19 -11.05
C ARG A 248 -2.00 20.87 -12.39
N LYS A 249 -1.25 21.95 -12.60
CA LYS A 249 -0.95 22.73 -13.78
C LYS A 249 -0.30 21.86 -14.84
N LYS A 250 -0.64 21.95 -16.12
CA LYS A 250 -0.15 21.19 -17.25
C LYS A 250 -0.36 22.07 -18.48
N LEU A 3 25.51 1.45 -14.68
CA LEU A 3 24.86 0.14 -14.85
C LEU A 3 23.42 0.22 -15.34
N PRO A 4 22.93 -0.76 -16.09
CA PRO A 4 21.56 -0.74 -16.59
C PRO A 4 20.45 -0.90 -15.56
N GLN A 5 19.29 -0.25 -15.76
CA GLN A 5 18.03 -0.23 -15.05
C GLN A 5 17.46 -1.61 -15.37
N GLU A 6 16.61 -2.11 -14.46
CA GLU A 6 16.04 -3.44 -14.49
C GLU A 6 15.02 -3.69 -15.58
N ALA A 7 14.42 -2.58 -16.01
CA ALA A 7 13.49 -2.56 -17.13
C ALA A 7 14.15 -2.77 -18.49
N GLY A 8 15.45 -2.53 -18.61
CA GLY A 8 16.19 -2.64 -19.85
C GLY A 8 16.99 -3.93 -19.95
N GLY A 9 17.22 -4.61 -18.81
CA GLY A 9 18.03 -5.79 -18.64
C GLY A 9 17.13 -6.88 -18.09
N MET A 10 15.83 -6.87 -18.36
CA MET A 10 14.79 -7.58 -17.62
C MET A 10 14.89 -9.05 -18.01
N SER A 11 15.18 -9.93 -17.04
CA SER A 11 15.27 -11.37 -17.22
C SER A 11 13.89 -12.00 -17.40
N GLU A 12 13.84 -13.26 -17.82
CA GLU A 12 12.70 -14.14 -17.86
C GLU A 12 12.07 -14.30 -16.48
N LEU A 13 12.89 -14.49 -15.43
CA LEU A 13 12.57 -14.61 -14.03
C LEU A 13 11.83 -13.35 -13.58
N GLN A 14 12.17 -12.19 -14.14
CA GLN A 14 11.33 -11.04 -13.84
C GLN A 14 10.14 -10.87 -14.77
N TRP A 15 10.19 -11.37 -16.00
CA TRP A 15 8.97 -11.35 -16.78
C TRP A 15 8.03 -12.41 -16.25
N GLU A 16 8.42 -13.44 -15.48
CA GLU A 16 7.50 -14.34 -14.82
C GLU A 16 6.94 -13.60 -13.61
N GLN A 17 7.82 -12.84 -12.97
CA GLN A 17 7.45 -12.01 -11.83
C GLN A 17 6.44 -10.93 -12.21
N ALA A 18 6.56 -10.32 -13.38
CA ALA A 18 5.62 -9.40 -13.97
C ALA A 18 4.17 -9.85 -13.91
N GLN A 19 3.97 -11.07 -14.43
CA GLN A 19 2.68 -11.71 -14.46
C GLN A 19 2.19 -12.02 -13.05
N ASP A 20 3.05 -12.63 -12.22
CA ASP A 20 2.74 -13.04 -10.87
C ASP A 20 2.36 -11.88 -9.96
N TYR A 21 3.03 -10.73 -10.11
CA TYR A 21 2.86 -9.50 -9.37
C TYR A 21 1.48 -8.89 -9.58
N LEU A 22 0.98 -8.77 -10.81
CA LEU A 22 -0.26 -8.09 -11.15
C LEU A 22 -1.46 -8.99 -10.87
N LYS A 23 -1.19 -10.28 -11.09
CA LYS A 23 -2.08 -11.39 -10.82
C LYS A 23 -2.51 -11.42 -9.36
N ARG A 24 -1.59 -11.24 -8.42
CA ARG A 24 -1.80 -11.41 -6.98
C ARG A 24 -2.75 -10.33 -6.47
N PHE A 25 -2.90 -9.18 -7.13
CA PHE A 25 -3.69 -8.06 -6.66
C PHE A 25 -5.15 -8.22 -7.06
N TYR A 26 -5.33 -8.77 -8.26
CA TYR A 26 -6.65 -8.99 -8.83
C TYR A 26 -7.23 -10.36 -8.54
N LEU A 27 -6.34 -11.30 -8.20
CA LEU A 27 -6.51 -12.69 -7.84
C LEU A 27 -6.75 -13.49 -9.12
N TYR A 28 -5.97 -13.24 -10.16
CA TYR A 28 -5.92 -13.71 -11.53
C TYR A 28 -6.77 -12.82 -12.44
N ASP A 29 -6.18 -12.18 -13.44
CA ASP A 29 -6.87 -11.33 -14.39
C ASP A 29 -6.49 -11.64 -15.83
N SER A 30 -7.48 -11.55 -16.71
CA SER A 30 -7.36 -11.93 -18.11
C SER A 30 -6.45 -11.06 -18.95
N GLU A 31 -6.31 -9.77 -18.62
CA GLU A 31 -5.43 -8.82 -19.28
C GLU A 31 -3.98 -8.95 -18.85
N THR A 32 -3.71 -9.79 -17.85
CA THR A 32 -2.37 -10.05 -17.34
C THR A 32 -1.91 -11.38 -17.90
N LYS A 33 -2.81 -12.09 -18.60
CA LYS A 33 -2.49 -13.23 -19.45
C LYS A 33 -2.17 -12.69 -20.83
N ASN A 34 -1.14 -13.23 -21.50
CA ASN A 34 -0.60 -12.97 -22.81
C ASN A 34 0.51 -11.91 -22.77
N ALA A 35 1.69 -12.20 -23.32
CA ALA A 35 2.87 -11.37 -23.25
C ALA A 35 2.67 -9.98 -23.87
N ASN A 36 2.08 -9.90 -25.06
CA ASN A 36 1.74 -8.72 -25.83
C ASN A 36 0.70 -7.98 -25.01
N SER A 37 -0.27 -8.62 -24.36
CA SER A 37 -1.23 -8.04 -23.44
C SER A 37 -0.50 -7.51 -22.23
N LEU A 38 0.50 -8.20 -21.65
CA LEU A 38 1.16 -7.86 -20.41
C LEU A 38 1.88 -6.52 -20.49
N GLU A 39 2.34 -6.05 -21.65
CA GLU A 39 2.90 -4.73 -21.90
C GLU A 39 1.87 -3.67 -21.57
N ALA A 40 0.56 -3.87 -21.78
CA ALA A 40 -0.55 -2.98 -21.54
C ALA A 40 -1.06 -2.93 -20.12
N LYS A 41 -0.76 -4.02 -19.41
CA LYS A 41 -1.01 -4.00 -17.99
C LYS A 41 0.27 -3.43 -17.35
N LEU A 42 1.50 -3.62 -17.83
CA LEU A 42 2.68 -2.87 -17.46
C LEU A 42 2.54 -1.37 -17.70
N LYS A 43 1.75 -0.94 -18.69
CA LYS A 43 1.42 0.46 -18.85
C LYS A 43 0.62 1.08 -17.72
N GLU A 44 -0.23 0.23 -17.15
CA GLU A 44 -1.18 0.59 -16.12
C GLU A 44 -0.51 0.47 -14.76
N MET A 45 0.58 -0.28 -14.62
CA MET A 45 1.39 -0.40 -13.42
C MET A 45 2.26 0.84 -13.27
N GLN A 46 2.85 1.18 -14.41
CA GLN A 46 3.62 2.42 -14.51
C GLN A 46 2.77 3.65 -14.26
N LYS A 47 1.47 3.56 -14.57
CA LYS A 47 0.45 4.52 -14.20
C LYS A 47 0.06 4.42 -12.74
N PHE A 48 -0.12 3.19 -12.24
CA PHE A 48 -0.39 3.02 -10.82
C PHE A 48 0.71 3.61 -9.94
N PHE A 49 1.99 3.50 -10.29
CA PHE A 49 3.09 3.98 -9.49
C PHE A 49 3.34 5.46 -9.72
N GLY A 50 2.59 6.12 -10.61
CA GLY A 50 2.39 7.56 -10.69
C GLY A 50 3.23 8.22 -11.77
N LEU A 51 3.97 7.48 -12.61
CA LEU A 51 4.87 8.00 -13.60
C LEU A 51 4.05 8.27 -14.87
N PRO A 52 4.15 9.42 -15.53
CA PRO A 52 3.36 9.77 -16.69
C PRO A 52 3.81 9.04 -17.95
N ILE A 53 4.91 8.28 -17.88
CA ILE A 53 5.60 7.58 -18.95
C ILE A 53 4.66 6.58 -19.64
N THR A 54 4.61 6.51 -20.97
CA THR A 54 3.64 5.72 -21.69
C THR A 54 4.20 5.10 -22.97
N GLY A 55 4.49 3.81 -23.03
CA GLY A 55 4.97 3.08 -24.19
C GLY A 55 6.40 2.55 -24.07
N MET A 56 7.21 3.04 -23.13
CA MET A 56 8.57 2.64 -22.84
C MET A 56 8.61 2.16 -21.39
N LEU A 57 9.54 1.23 -21.17
CA LEU A 57 9.93 0.59 -19.92
C LEU A 57 11.43 0.85 -19.84
N ASN A 58 11.80 1.82 -19.01
CA ASN A 58 13.10 2.46 -18.95
C ASN A 58 13.43 2.80 -17.50
N SER A 59 12.44 3.11 -16.67
CA SER A 59 12.56 3.69 -15.35
C SER A 59 12.59 2.49 -14.41
N ARG A 60 12.46 2.78 -13.11
CA ARG A 60 12.54 1.94 -11.94
C ARG A 60 11.45 0.90 -11.79
N VAL A 61 10.36 0.86 -12.57
CA VAL A 61 9.15 0.07 -12.42
C VAL A 61 9.39 -1.38 -12.02
N ILE A 62 10.20 -2.05 -12.85
CA ILE A 62 10.52 -3.46 -12.80
C ILE A 62 11.37 -3.66 -11.55
N GLU A 63 12.09 -2.64 -11.07
CA GLU A 63 13.05 -2.71 -10.00
C GLU A 63 12.34 -2.53 -8.67
N ILE A 64 11.17 -1.89 -8.57
CA ILE A 64 10.31 -1.82 -7.40
C ILE A 64 9.29 -2.94 -7.23
N MET A 65 8.97 -3.62 -8.33
CA MET A 65 7.99 -4.67 -8.48
C MET A 65 8.54 -5.93 -7.82
N GLN A 66 9.84 -6.10 -7.55
CA GLN A 66 10.55 -7.23 -7.00
C GLN A 66 10.65 -7.20 -5.48
N LYS A 67 10.60 -5.98 -4.93
CA LYS A 67 10.81 -5.61 -3.55
C LYS A 67 9.50 -5.60 -2.77
N PRO A 68 9.45 -5.77 -1.45
CA PRO A 68 8.22 -5.78 -0.68
C PRO A 68 7.89 -4.31 -0.51
N ARG A 69 6.78 -3.81 -1.05
CA ARG A 69 6.40 -2.41 -1.04
C ARG A 69 4.90 -2.28 -1.23
N CYS A 70 4.33 -2.96 -2.22
CA CYS A 70 2.89 -2.99 -2.41
C CYS A 70 2.47 -4.44 -2.25
N GLY A 71 1.82 -4.85 -1.15
CA GLY A 71 1.04 -6.05 -0.93
C GLY A 71 -0.43 -5.67 -0.74
N VAL A 72 -0.71 -4.51 -0.15
CA VAL A 72 -2.02 -3.87 -0.15
C VAL A 72 -2.20 -3.30 -1.55
N PRO A 73 -3.34 -3.58 -2.17
CA PRO A 73 -3.51 -3.08 -3.52
C PRO A 73 -3.43 -1.57 -3.73
N ASP A 74 -3.09 -1.20 -4.97
CA ASP A 74 -3.17 0.13 -5.53
C ASP A 74 -4.20 0.15 -6.65
N VAL A 75 -4.32 -0.91 -7.46
CA VAL A 75 -5.33 -1.32 -8.40
C VAL A 75 -5.67 -2.73 -7.93
N ALA A 76 -6.95 -3.00 -7.62
CA ALA A 76 -7.55 -4.27 -7.27
C ALA A 76 -8.66 -4.67 -8.22
N GLU A 77 -9.13 -5.91 -8.10
CA GLU A 77 -10.41 -6.42 -8.53
C GLU A 77 -11.00 -7.06 -7.28
N TYR A 78 -12.13 -6.52 -6.80
CA TYR A 78 -12.91 -7.01 -5.68
C TYR A 78 -14.39 -6.96 -6.02
N SER A 79 -15.17 -7.46 -5.07
CA SER A 79 -16.61 -7.57 -5.11
C SER A 79 -17.22 -7.27 -3.75
N LEU A 80 -18.43 -6.71 -3.75
CA LEU A 80 -19.21 -6.30 -2.60
C LEU A 80 -18.96 -4.83 -2.24
N PHE A 81 -17.76 -4.33 -2.48
CA PHE A 81 -17.33 -2.95 -2.32
C PHE A 81 -17.94 -2.13 -3.44
N PRO A 82 -18.28 -0.87 -3.17
CA PRO A 82 -18.74 0.01 -4.23
C PRO A 82 -17.60 0.40 -5.16
N ASN A 83 -17.84 0.98 -6.34
CA ASN A 83 -16.80 1.41 -7.25
C ASN A 83 -16.24 2.74 -6.77
N SER A 84 -14.93 2.78 -6.50
CA SER A 84 -14.11 3.83 -5.93
C SER A 84 -14.23 4.03 -4.43
N PRO A 85 -13.13 4.07 -3.68
CA PRO A 85 -13.12 4.07 -2.24
C PRO A 85 -13.50 5.37 -1.55
N LYS A 86 -14.30 5.26 -0.49
CA LYS A 86 -14.69 6.36 0.36
C LYS A 86 -15.36 5.75 1.59
N TRP A 87 -14.98 6.17 2.79
CA TRP A 87 -15.63 5.80 4.04
C TRP A 87 -16.83 6.74 4.24
N THR A 88 -18.02 6.19 4.41
CA THR A 88 -19.23 6.96 4.66
C THR A 88 -19.47 7.13 6.15
N SER A 89 -18.66 6.46 6.97
CA SER A 89 -18.64 6.60 8.41
C SER A 89 -18.00 7.93 8.81
N LYS A 90 -18.55 8.62 9.82
CA LYS A 90 -18.08 9.89 10.32
C LYS A 90 -17.07 9.71 11.45
N VAL A 91 -17.18 8.64 12.25
CA VAL A 91 -16.27 8.27 13.32
C VAL A 91 -15.73 6.87 13.04
N VAL A 92 -14.44 6.69 12.75
CA VAL A 92 -13.83 5.39 12.50
C VAL A 92 -13.21 4.99 13.82
N THR A 93 -13.11 3.67 14.07
CA THR A 93 -12.53 2.98 15.19
C THR A 93 -11.47 2.02 14.68
N TYR A 94 -10.37 1.79 15.41
CA TYR A 94 -9.18 1.06 15.02
C TYR A 94 -8.63 0.25 16.18
N ARG A 95 -8.15 -0.96 15.87
CA ARG A 95 -7.59 -1.95 16.77
C ARG A 95 -6.48 -2.75 16.12
N ILE A 96 -5.45 -3.11 16.90
CA ILE A 96 -4.49 -4.14 16.56
C ILE A 96 -5.02 -5.43 17.17
N VAL A 97 -5.18 -6.39 16.27
CA VAL A 97 -5.68 -7.74 16.53
C VAL A 97 -4.62 -8.83 16.64
N SER A 98 -3.46 -8.52 16.05
CA SER A 98 -2.24 -9.27 16.26
C SER A 98 -1.01 -8.41 15.98
N TYR A 99 0.21 -8.79 16.36
CA TYR A 99 1.47 -8.07 16.29
C TYR A 99 2.57 -9.06 15.95
N THR A 100 3.65 -8.62 15.31
CA THR A 100 4.82 -9.35 14.86
C THR A 100 5.70 -9.71 16.05
N ARG A 101 6.31 -10.90 16.01
CA ARG A 101 7.27 -11.36 17.00
C ARG A 101 8.46 -10.44 17.18
N ASP A 102 8.63 -9.41 16.33
CA ASP A 102 9.80 -8.56 16.26
C ASP A 102 9.59 -7.28 17.07
N LEU A 103 8.37 -6.79 17.25
CA LEU A 103 8.05 -5.53 17.88
C LEU A 103 6.93 -5.76 18.87
N PRO A 104 7.03 -5.27 20.11
CA PRO A 104 5.98 -5.49 21.09
C PRO A 104 4.70 -4.70 20.88
N HIS A 105 3.53 -5.29 21.14
CA HIS A 105 2.22 -4.73 20.93
C HIS A 105 2.05 -3.24 21.23
N ILE A 106 2.32 -2.74 22.44
CA ILE A 106 1.98 -1.37 22.76
C ILE A 106 2.75 -0.34 21.95
N THR A 107 3.80 -0.73 21.22
CA THR A 107 4.55 0.12 20.32
C THR A 107 3.94 0.05 18.94
N VAL A 108 3.66 -1.16 18.43
CA VAL A 108 2.98 -1.32 17.16
C VAL A 108 1.62 -0.63 17.19
N ASP A 109 0.97 -0.50 18.34
CA ASP A 109 -0.30 0.17 18.55
C ASP A 109 -0.16 1.68 18.54
N ARG A 110 1.00 2.18 18.98
CA ARG A 110 1.29 3.60 19.04
C ARG A 110 1.64 4.01 17.62
N LEU A 111 2.40 3.23 16.86
CA LEU A 111 2.99 3.49 15.56
C LEU A 111 1.91 3.75 14.51
N VAL A 112 0.76 3.08 14.58
CA VAL A 112 -0.44 3.29 13.80
C VAL A 112 -1.23 4.53 14.19
N SER A 113 -1.16 4.86 15.49
CA SER A 113 -1.74 6.04 16.13
C SER A 113 -1.01 7.32 15.76
N LYS A 114 0.31 7.30 15.71
CA LYS A 114 1.15 8.31 15.11
C LYS A 114 0.79 8.76 13.70
N ALA A 115 0.55 7.77 12.82
CA ALA A 115 0.26 7.82 11.40
C ALA A 115 -1.19 8.18 11.13
N LEU A 116 -2.16 7.68 11.90
CA LEU A 116 -3.53 8.16 11.91
C LEU A 116 -3.62 9.55 12.51
N ASN A 117 -2.65 10.10 13.24
CA ASN A 117 -2.68 11.47 13.71
C ASN A 117 -2.33 12.40 12.54
N MET A 118 -1.42 11.94 11.66
CA MET A 118 -1.03 12.65 10.47
C MET A 118 -2.12 12.52 9.40
N TRP A 119 -2.84 11.40 9.30
CA TRP A 119 -4.00 11.27 8.45
C TRP A 119 -5.29 11.91 8.95
N GLY A 120 -5.41 12.14 10.26
CA GLY A 120 -6.57 12.69 10.93
C GLY A 120 -6.66 14.19 11.19
N LYS A 121 -5.52 14.87 11.06
CA LYS A 121 -5.49 16.32 11.07
C LYS A 121 -6.01 16.96 9.79
N GLU A 122 -6.23 16.18 8.73
CA GLU A 122 -6.59 16.73 7.45
C GLU A 122 -8.03 16.50 7.00
N ILE A 123 -8.91 16.27 7.99
CA ILE A 123 -10.22 15.79 7.61
C ILE A 123 -11.30 15.95 8.67
N PRO A 124 -12.60 16.09 8.37
CA PRO A 124 -13.64 16.02 9.38
C PRO A 124 -13.88 14.64 9.97
N LEU A 125 -13.12 13.56 9.82
CA LEU A 125 -13.30 12.22 10.35
C LEU A 125 -12.53 12.09 11.64
N HIS A 126 -13.09 11.37 12.61
CA HIS A 126 -12.38 11.10 13.84
C HIS A 126 -12.03 9.62 13.84
N PHE A 127 -10.83 9.35 14.37
CA PHE A 127 -10.26 8.04 14.59
C PHE A 127 -10.23 7.81 16.09
N ARG A 128 -11.02 6.86 16.59
CA ARG A 128 -11.04 6.50 18.00
C ARG A 128 -10.23 5.21 18.15
N LYS A 129 -9.33 5.16 19.13
CA LYS A 129 -8.72 3.93 19.59
C LYS A 129 -9.78 3.24 20.44
N VAL A 130 -10.09 2.00 20.07
CA VAL A 130 -10.94 1.07 20.78
C VAL A 130 -10.15 -0.14 21.24
N VAL A 131 -10.37 -0.66 22.45
CA VAL A 131 -9.89 -1.94 22.94
C VAL A 131 -11.02 -2.89 23.33
N TRP A 132 -12.20 -2.56 22.80
CA TRP A 132 -13.46 -3.20 23.14
C TRP A 132 -14.11 -3.60 21.83
N GLY A 133 -14.19 -4.90 21.57
CA GLY A 133 -14.83 -5.40 20.37
C GLY A 133 -13.93 -5.40 19.14
N THR A 134 -14.49 -5.72 17.97
CA THR A 134 -13.98 -5.59 16.62
C THR A 134 -14.22 -4.15 16.21
N ALA A 135 -13.25 -3.51 15.58
CA ALA A 135 -13.25 -2.15 15.06
C ALA A 135 -13.38 -2.21 13.55
N ASP A 136 -13.74 -1.04 13.02
CA ASP A 136 -13.71 -0.66 11.61
C ASP A 136 -12.45 -1.15 10.89
N ILE A 137 -11.31 -0.75 11.44
CA ILE A 137 -10.02 -1.20 10.94
C ILE A 137 -9.38 -2.11 11.99
N MET A 138 -9.30 -3.40 11.68
CA MET A 138 -8.54 -4.43 12.37
C MET A 138 -7.21 -4.60 11.66
N ILE A 139 -6.10 -4.40 12.38
CA ILE A 139 -4.77 -4.50 11.82
C ILE A 139 -4.19 -5.76 12.44
N GLY A 140 -3.86 -6.74 11.60
CA GLY A 140 -3.44 -8.04 12.10
C GLY A 140 -2.09 -8.42 11.51
N PHE A 141 -1.38 -9.34 12.17
CA PHE A 141 -0.08 -9.81 11.72
C PHE A 141 -0.16 -11.34 11.69
N ALA A 142 -0.06 -11.88 10.47
CA ALA A 142 -0.35 -13.23 10.04
C ALA A 142 0.47 -13.82 8.91
N ARG A 143 0.46 -15.15 8.82
CA ARG A 143 1.10 -15.89 7.75
C ARG A 143 0.19 -16.11 6.55
N GLY A 144 0.66 -16.57 5.40
CA GLY A 144 -0.07 -16.44 4.16
C GLY A 144 -0.72 -17.75 3.72
N ALA A 145 -1.08 -18.57 4.71
CA ALA A 145 -1.96 -19.72 4.66
C ALA A 145 -3.10 -19.61 5.67
N HIS A 146 -3.54 -18.43 6.12
CA HIS A 146 -4.52 -18.33 7.18
C HIS A 146 -5.91 -18.36 6.57
N GLY A 147 -6.02 -18.37 5.24
CA GLY A 147 -7.29 -18.50 4.58
C GLY A 147 -7.72 -17.43 3.57
N ASP A 148 -6.70 -16.76 3.01
CA ASP A 148 -6.71 -15.89 1.86
C ASP A 148 -5.98 -16.61 0.73
N SER A 149 -6.47 -16.38 -0.48
CA SER A 149 -5.78 -16.68 -1.73
C SER A 149 -4.73 -15.63 -2.06
N TYR A 150 -3.64 -16.17 -2.61
CA TYR A 150 -2.39 -15.57 -3.04
C TYR A 150 -1.39 -15.38 -1.90
N PRO A 151 -0.15 -15.87 -2.03
CA PRO A 151 0.71 -15.98 -0.87
C PRO A 151 1.40 -14.72 -0.36
N PHE A 152 1.70 -14.71 0.93
CA PHE A 152 2.51 -13.63 1.46
C PHE A 152 3.98 -13.99 1.22
N ASP A 153 4.37 -15.16 0.73
CA ASP A 153 5.70 -15.60 0.35
C ASP A 153 6.56 -16.21 1.44
N GLY A 154 6.70 -15.57 2.60
CA GLY A 154 7.83 -15.59 3.51
C GLY A 154 8.52 -14.26 3.83
N PRO A 155 9.83 -14.22 4.02
CA PRO A 155 10.51 -12.95 3.92
C PRO A 155 10.67 -12.74 2.42
N GLY A 156 10.47 -11.50 1.96
CA GLY A 156 10.56 -11.06 0.58
C GLY A 156 9.19 -10.56 0.14
N ASN A 157 9.06 -10.33 -1.17
CA ASN A 157 7.93 -9.77 -1.87
C ASN A 157 6.51 -10.20 -1.50
N THR A 158 5.62 -9.22 -1.29
CA THR A 158 4.45 -9.25 -0.45
C THR A 158 4.74 -9.12 1.04
N LEU A 159 4.30 -8.05 1.70
CA LEU A 159 4.48 -7.85 3.13
C LEU A 159 3.14 -7.66 3.81
N ALA A 160 2.00 -7.68 3.12
CA ALA A 160 0.66 -7.34 3.57
C ALA A 160 -0.41 -7.84 2.61
N HIS A 161 -1.69 -7.72 2.98
CA HIS A 161 -2.90 -7.47 2.23
C HIS A 161 -3.91 -6.69 3.07
N ALA A 162 -4.79 -5.91 2.44
CA ALA A 162 -5.82 -5.23 3.20
C ALA A 162 -6.95 -4.95 2.23
N PHE A 163 -8.13 -4.70 2.80
CA PHE A 163 -9.34 -4.35 2.08
C PHE A 163 -9.56 -2.84 2.21
N ALA A 164 -10.24 -2.25 1.22
CA ALA A 164 -10.51 -0.86 0.93
C ALA A 164 -11.63 -0.32 1.79
N PRO A 165 -11.94 0.97 1.96
CA PRO A 165 -13.01 1.45 2.80
C PRO A 165 -14.42 1.00 2.41
N GLY A 166 -14.89 0.00 3.14
CA GLY A 166 -16.24 -0.52 3.22
C GLY A 166 -16.62 -0.65 4.68
N THR A 167 -17.91 -0.44 5.00
CA THR A 167 -18.61 -0.50 6.27
C THR A 167 -18.92 -1.97 6.48
N GLY A 168 -18.13 -2.45 7.44
CA GLY A 168 -17.98 -3.88 7.68
C GLY A 168 -16.81 -4.45 6.90
N LEU A 169 -17.04 -4.81 5.63
CA LEU A 169 -16.21 -5.66 4.80
C LEU A 169 -14.84 -5.11 4.46
N GLY A 170 -14.60 -3.82 4.70
CA GLY A 170 -13.40 -3.11 4.30
C GLY A 170 -12.52 -2.62 5.44
N GLY A 171 -11.40 -1.96 5.13
CA GLY A 171 -10.52 -1.16 5.94
C GLY A 171 -9.39 -1.96 6.57
N ASP A 172 -9.54 -3.28 6.70
CA ASP A 172 -8.91 -4.23 7.59
C ASP A 172 -7.74 -4.92 6.93
N ALA A 173 -6.72 -5.18 7.75
CA ALA A 173 -5.40 -5.37 7.19
C ALA A 173 -4.78 -6.60 7.84
N HIS A 174 -3.91 -7.32 7.11
CA HIS A 174 -2.92 -8.29 7.52
C HIS A 174 -1.56 -7.79 7.06
N PHE A 175 -0.56 -7.84 7.93
CA PHE A 175 0.87 -7.85 7.67
C PHE A 175 1.45 -9.25 7.84
N ASP A 176 2.47 -9.51 7.01
CA ASP A 176 3.20 -10.74 6.81
C ASP A 176 4.13 -11.03 7.98
N GLU A 177 3.79 -12.03 8.79
CA GLU A 177 4.47 -12.55 9.96
C GLU A 177 5.84 -13.18 9.72
N ASP A 178 6.19 -13.50 8.48
CA ASP A 178 7.39 -14.21 8.09
C ASP A 178 8.38 -13.12 7.68
N GLU A 179 7.99 -11.87 7.43
CA GLU A 179 8.79 -10.75 7.02
C GLU A 179 9.64 -10.34 8.22
N ARG A 180 10.84 -9.79 8.10
CA ARG A 180 11.47 -9.14 9.24
C ARG A 180 10.98 -7.71 9.36
N TRP A 181 10.49 -7.39 10.56
CA TRP A 181 9.85 -6.13 10.89
C TRP A 181 10.72 -5.45 11.92
N THR A 182 10.88 -4.12 11.90
CA THR A 182 11.78 -3.33 12.72
C THR A 182 11.12 -2.01 13.07
N ASP A 183 11.82 -1.25 13.92
CA ASP A 183 11.65 0.19 13.98
C ASP A 183 13.05 0.74 14.22
N GLY A 184 13.59 0.50 15.42
CA GLY A 184 14.74 1.13 16.03
C GLY A 184 16.04 0.35 15.83
N SER A 185 15.86 -0.96 15.73
CA SER A 185 16.90 -1.96 15.55
C SER A 185 17.37 -2.05 14.12
N SER A 186 16.55 -1.70 13.13
CA SER A 186 16.78 -1.46 11.71
C SER A 186 17.07 -2.74 10.93
N LEU A 187 16.77 -3.89 11.53
CA LEU A 187 17.19 -5.16 10.98
C LEU A 187 16.35 -5.59 9.79
N GLY A 188 15.04 -5.35 9.91
CA GLY A 188 14.19 -5.61 8.77
C GLY A 188 13.51 -4.37 8.20
N ILE A 189 12.22 -4.49 7.87
CA ILE A 189 11.46 -3.41 7.28
C ILE A 189 10.96 -2.46 8.38
N ASN A 190 11.23 -1.16 8.32
CA ASN A 190 10.65 -0.09 9.11
C ASN A 190 9.13 -0.07 9.01
N PHE A 191 8.43 -0.31 10.13
CA PHE A 191 7.00 -0.49 10.20
C PHE A 191 6.24 0.79 9.84
N LEU A 192 6.58 1.99 10.29
CA LEU A 192 5.79 3.21 10.23
C LEU A 192 5.45 3.59 8.79
N TYR A 193 6.40 3.55 7.85
CA TYR A 193 6.28 3.98 6.48
C TYR A 193 5.54 2.93 5.65
N ALA A 194 5.55 1.65 6.01
CA ALA A 194 4.68 0.58 5.56
C ALA A 194 3.24 0.76 6.01
N ALA A 195 3.06 1.01 7.31
CA ALA A 195 1.79 1.21 7.97
C ALA A 195 1.01 2.40 7.44
N THR A 196 1.67 3.49 7.03
CA THR A 196 1.15 4.76 6.58
C THR A 196 0.66 4.51 5.17
N HIS A 197 1.40 3.77 4.34
CA HIS A 197 1.07 3.38 2.98
C HIS A 197 -0.14 2.46 2.95
N ALA A 198 -0.31 1.62 3.97
CA ALA A 198 -1.42 0.68 4.06
C ALA A 198 -2.64 1.47 4.48
N LEU A 199 -2.52 2.29 5.52
CA LEU A 199 -3.61 3.09 6.07
C LEU A 199 -4.11 4.07 5.02
N GLY A 200 -3.25 4.65 4.18
CA GLY A 200 -3.62 5.52 3.08
C GLY A 200 -4.50 4.87 2.03
N HIS A 201 -4.34 3.56 1.83
CA HIS A 201 -5.13 2.70 0.97
C HIS A 201 -6.37 2.22 1.70
N SER A 202 -6.38 2.13 3.03
CA SER A 202 -7.62 2.01 3.77
C SER A 202 -8.29 3.37 3.89
N LEU A 203 -7.74 4.45 3.35
CA LEU A 203 -8.51 5.66 3.13
C LEU A 203 -8.88 5.90 1.68
N GLY A 204 -8.16 5.30 0.72
CA GLY A 204 -8.56 5.20 -0.67
C GLY A 204 -7.60 5.92 -1.61
N MET A 205 -6.36 6.21 -1.19
CA MET A 205 -5.42 7.01 -1.95
C MET A 205 -4.48 6.11 -2.75
N GLY A 206 -3.69 6.71 -3.64
CA GLY A 206 -2.72 5.99 -4.45
C GLY A 206 -1.32 6.57 -4.36
N HIS A 207 -0.33 6.06 -5.08
CA HIS A 207 1.01 6.60 -5.20
C HIS A 207 1.03 7.98 -5.84
N SER A 208 2.08 8.79 -5.66
CA SER A 208 2.49 9.97 -6.39
C SER A 208 3.96 9.77 -6.71
N SER A 209 4.45 10.36 -7.81
CA SER A 209 5.80 10.51 -8.31
C SER A 209 6.52 11.74 -7.76
N ASP A 210 5.81 12.68 -7.14
CA ASP A 210 6.47 13.84 -6.59
C ASP A 210 7.37 13.48 -5.41
N PRO A 211 8.68 13.72 -5.35
CA PRO A 211 9.60 13.25 -4.34
C PRO A 211 9.38 13.71 -2.90
N ASN A 212 8.38 14.50 -2.52
CA ASN A 212 8.05 14.95 -1.18
C ASN A 212 6.96 14.09 -0.55
N ALA A 213 6.18 13.31 -1.32
CA ALA A 213 4.89 12.73 -1.07
C ALA A 213 5.15 11.41 -0.33
N VAL A 214 4.40 11.14 0.72
CA VAL A 214 4.36 10.05 1.68
C VAL A 214 4.29 8.64 1.12
N MET A 215 3.90 8.58 -0.16
CA MET A 215 3.95 7.37 -0.94
C MET A 215 4.53 7.55 -2.33
N TYR A 216 5.60 8.34 -2.43
CA TYR A 216 6.63 8.24 -3.45
C TYR A 216 7.24 6.84 -3.41
N PRO A 217 7.01 5.96 -4.38
CA PRO A 217 7.46 4.58 -4.32
C PRO A 217 8.91 4.38 -4.72
N THR A 218 9.58 5.26 -5.47
CA THR A 218 10.94 5.17 -5.96
C THR A 218 11.84 5.94 -5.01
N TYR A 219 11.78 5.65 -3.70
CA TYR A 219 12.61 6.31 -2.72
C TYR A 219 13.90 5.52 -2.58
N GLY A 220 14.89 6.16 -1.95
CA GLY A 220 16.18 5.60 -1.59
C GLY A 220 16.53 5.71 -0.12
N ASN A 221 17.75 6.15 0.21
CA ASN A 221 18.30 6.10 1.55
C ASN A 221 18.34 7.51 2.14
N GLY A 222 18.10 7.61 3.44
CA GLY A 222 17.97 8.81 4.23
C GLY A 222 16.59 8.72 4.89
N ASP A 223 16.49 9.09 6.17
CA ASP A 223 15.32 9.19 7.00
C ASP A 223 14.62 10.51 6.69
N PRO A 224 13.31 10.72 6.90
CA PRO A 224 12.80 12.05 6.67
C PRO A 224 13.14 13.14 7.68
N GLN A 225 13.33 14.38 7.22
CA GLN A 225 13.86 15.49 7.98
C GLN A 225 12.72 15.99 8.87
N ASN A 226 11.49 15.63 8.52
CA ASN A 226 10.32 15.87 9.34
C ASN A 226 9.38 14.68 9.39
N PHE A 227 8.93 14.20 8.23
CA PHE A 227 7.86 13.30 7.86
C PHE A 227 6.52 14.01 8.02
N LYS A 228 5.87 14.36 6.90
CA LYS A 228 4.59 15.01 6.70
C LYS A 228 3.91 14.47 5.44
N LEU A 229 2.67 14.94 5.23
CA LEU A 229 2.01 15.02 3.95
C LEU A 229 2.66 16.12 3.13
N SER A 230 2.77 15.95 1.82
CA SER A 230 3.02 17.03 0.89
C SER A 230 1.70 17.64 0.44
N GLN A 231 1.75 18.64 -0.44
CA GLN A 231 0.58 19.41 -0.81
C GLN A 231 -0.28 18.70 -1.83
N ASP A 232 0.35 17.80 -2.61
CA ASP A 232 -0.26 16.83 -3.50
C ASP A 232 -1.20 15.82 -2.83
N ASP A 233 -0.84 15.28 -1.67
CA ASP A 233 -1.41 14.31 -0.75
C ASP A 233 -2.63 14.93 -0.09
N ILE A 234 -2.40 16.14 0.43
CA ILE A 234 -3.38 17.02 1.04
C ILE A 234 -4.63 17.30 0.21
N LYS A 235 -4.29 17.63 -1.04
CA LYS A 235 -5.24 17.91 -2.10
C LYS A 235 -5.91 16.64 -2.63
N GLY A 236 -5.35 15.47 -2.36
CA GLY A 236 -5.88 14.18 -2.77
C GLY A 236 -6.85 13.71 -1.70
N ILE A 237 -6.67 13.98 -0.41
CA ILE A 237 -7.67 13.87 0.63
C ILE A 237 -8.95 14.67 0.43
N GLN A 238 -8.85 15.90 -0.07
CA GLN A 238 -9.96 16.74 -0.47
C GLN A 238 -10.74 16.23 -1.69
N LYS A 239 -10.09 15.37 -2.49
CA LYS A 239 -10.70 14.71 -3.62
C LYS A 239 -11.65 13.60 -3.18
N LEU A 240 -11.32 12.87 -2.11
CA LEU A 240 -11.96 11.68 -1.59
C LEU A 240 -12.94 12.09 -0.51
N TYR A 241 -12.57 13.02 0.39
CA TYR A 241 -13.42 13.42 1.49
C TYR A 241 -13.97 14.82 1.30
N GLY A 242 -13.90 15.37 0.08
CA GLY A 242 -14.55 16.61 -0.28
C GLY A 242 -15.42 16.28 -1.49
N LYS A 243 -15.07 16.90 -2.61
CA LYS A 243 -15.53 16.58 -3.95
C LYS A 243 -14.44 16.14 -4.92
N ARG A 244 -14.83 15.19 -5.79
CA ARG A 244 -14.07 14.59 -6.87
C ARG A 244 -13.68 15.62 -7.91
N SER A 245 -12.42 16.03 -7.90
CA SER A 245 -11.95 17.27 -8.50
C SER A 245 -10.44 17.25 -8.64
N ASN A 246 -9.97 17.75 -9.79
CA ASN A 246 -8.64 17.64 -10.35
C ASN A 246 -7.76 18.66 -9.63
N SER A 247 -6.45 18.46 -9.54
CA SER A 247 -5.47 19.37 -8.97
C SER A 247 -4.07 19.36 -9.57
N ARG A 248 -3.68 18.32 -10.30
CA ARG A 248 -2.30 18.46 -10.78
C ARG A 248 -2.15 19.24 -12.08
N LYS A 249 -1.15 20.11 -12.13
CA LYS A 249 -0.69 20.75 -13.34
C LYS A 249 0.73 21.30 -13.30
N LYS A 250 1.73 20.53 -12.85
CA LYS A 250 3.13 20.85 -12.93
C LYS A 250 3.85 19.52 -13.11
N LEU A 3 20.10 -6.40 -9.58
CA LEU A 3 20.62 -6.25 -10.95
C LEU A 3 21.20 -4.86 -11.19
N PRO A 4 22.08 -4.62 -12.16
CA PRO A 4 22.48 -3.30 -12.60
C PRO A 4 21.36 -2.34 -12.99
N GLN A 5 20.26 -2.92 -13.47
CA GLN A 5 19.14 -2.29 -14.14
C GLN A 5 17.97 -3.26 -14.30
N GLU A 6 17.16 -3.41 -13.25
CA GLU A 6 16.28 -4.55 -13.13
C GLU A 6 15.29 -4.77 -14.27
N ALA A 7 14.72 -3.71 -14.84
CA ALA A 7 13.82 -3.71 -15.97
C ALA A 7 14.45 -4.26 -17.25
N GLY A 8 15.74 -3.96 -17.41
CA GLY A 8 16.68 -4.22 -18.49
C GLY A 8 17.34 -5.57 -18.35
N GLY A 9 17.25 -6.26 -17.20
CA GLY A 9 17.73 -7.59 -16.87
C GLY A 9 16.53 -8.46 -16.59
N MET A 10 15.35 -8.05 -17.08
CA MET A 10 14.13 -8.82 -17.05
C MET A 10 14.15 -9.94 -18.08
N SER A 11 14.34 -11.16 -17.58
CA SER A 11 14.15 -12.49 -18.13
C SER A 11 12.88 -13.11 -17.57
N GLU A 12 12.45 -14.28 -18.05
CA GLU A 12 11.28 -15.05 -17.69
C GLU A 12 11.03 -15.20 -16.19
N LEU A 13 12.10 -15.30 -15.39
CA LEU A 13 12.19 -15.30 -13.95
C LEU A 13 11.48 -14.11 -13.32
N GLN A 14 11.75 -12.88 -13.75
CA GLN A 14 11.18 -11.64 -13.25
C GLN A 14 9.83 -11.42 -13.92
N TRP A 15 9.59 -11.94 -15.13
CA TRP A 15 8.40 -11.76 -15.95
C TRP A 15 7.28 -12.56 -15.31
N GLU A 16 7.52 -13.82 -14.93
CA GLU A 16 6.56 -14.70 -14.28
C GLU A 16 6.23 -14.26 -12.85
N GLN A 17 7.20 -13.59 -12.22
CA GLN A 17 6.96 -12.96 -10.93
C GLN A 17 6.16 -11.67 -11.05
N ALA A 18 6.25 -10.92 -12.15
CA ALA A 18 5.52 -9.75 -12.54
C ALA A 18 4.11 -10.14 -12.98
N GLN A 19 3.89 -11.31 -13.58
CA GLN A 19 2.58 -11.85 -13.90
C GLN A 19 1.91 -12.24 -12.60
N ASP A 20 2.69 -12.88 -11.71
CA ASP A 20 2.22 -13.19 -10.38
C ASP A 20 1.74 -12.01 -9.56
N TYR A 21 2.65 -11.04 -9.44
CA TYR A 21 2.45 -9.80 -8.72
C TYR A 21 1.17 -9.10 -9.11
N LEU A 22 0.88 -9.06 -10.43
CA LEU A 22 -0.28 -8.36 -10.91
C LEU A 22 -1.56 -9.11 -10.61
N LYS A 23 -1.54 -10.45 -10.65
CA LYS A 23 -2.70 -11.31 -10.51
C LYS A 23 -3.02 -11.45 -9.04
N ARG A 24 -2.06 -11.45 -8.12
CA ARG A 24 -2.12 -11.71 -6.69
C ARG A 24 -2.91 -10.61 -6.00
N PHE A 25 -2.88 -9.39 -6.56
CA PHE A 25 -3.58 -8.22 -6.07
C PHE A 25 -5.08 -8.32 -6.28
N TYR A 26 -5.49 -8.93 -7.40
CA TYR A 26 -6.84 -9.23 -7.81
C TYR A 26 -7.41 -10.55 -7.33
N LEU A 27 -6.57 -11.57 -7.13
CA LEU A 27 -6.85 -13.00 -7.06
C LEU A 27 -6.92 -13.71 -8.39
N TYR A 28 -7.64 -13.12 -9.36
CA TYR A 28 -7.83 -13.46 -10.75
C TYR A 28 -8.19 -12.22 -11.55
N ASP A 29 -7.39 -11.96 -12.58
CA ASP A 29 -7.68 -10.92 -13.54
C ASP A 29 -7.48 -11.31 -15.00
N SER A 30 -8.49 -10.99 -15.81
CA SER A 30 -8.66 -11.29 -17.22
C SER A 30 -7.68 -10.41 -18.00
N GLU A 31 -7.14 -9.33 -17.43
CA GLU A 31 -6.25 -8.43 -18.13
C GLU A 31 -4.83 -8.91 -17.85
N THR A 32 -4.51 -9.50 -16.70
CA THR A 32 -3.23 -10.17 -16.54
C THR A 32 -3.19 -11.53 -17.21
N LYS A 33 -4.30 -12.26 -17.35
CA LYS A 33 -4.57 -13.44 -18.15
C LYS A 33 -4.33 -13.18 -19.63
N ASN A 34 -3.50 -14.01 -20.25
CA ASN A 34 -2.96 -14.13 -21.59
C ASN A 34 -1.73 -13.25 -21.68
N ALA A 35 -0.64 -13.70 -22.30
CA ALA A 35 0.62 -13.00 -22.46
C ALA A 35 0.54 -11.70 -23.24
N ASN A 36 -0.33 -11.59 -24.24
CA ASN A 36 -0.55 -10.49 -25.15
C ASN A 36 -1.36 -9.40 -24.47
N SER A 37 -1.90 -9.73 -23.29
CA SER A 37 -2.75 -8.85 -22.51
C SER A 37 -1.81 -8.39 -21.40
N LEU A 38 -1.11 -9.30 -20.72
CA LEU A 38 -0.02 -9.01 -19.81
C LEU A 38 0.99 -8.01 -20.34
N GLU A 39 1.40 -8.15 -21.60
CA GLU A 39 2.18 -7.14 -22.27
C GLU A 39 1.51 -5.77 -22.30
N ALA A 40 0.18 -5.72 -22.35
CA ALA A 40 -0.49 -4.47 -22.08
C ALA A 40 -0.46 -3.92 -20.66
N LYS A 41 -0.83 -4.71 -19.64
CA LYS A 41 -0.84 -4.30 -18.25
C LYS A 41 0.51 -3.88 -17.67
N LEU A 42 1.61 -4.51 -18.08
CA LEU A 42 2.96 -4.07 -17.83
C LEU A 42 3.37 -2.73 -18.42
N LYS A 43 2.78 -2.27 -19.53
CA LYS A 43 2.99 -1.02 -20.22
C LYS A 43 2.18 0.07 -19.53
N GLU A 44 1.11 -0.27 -18.82
CA GLU A 44 0.28 0.55 -17.96
C GLU A 44 0.87 0.76 -16.58
N MET A 45 1.59 -0.25 -16.10
CA MET A 45 2.03 -0.52 -14.74
C MET A 45 2.72 0.61 -13.99
N GLN A 46 3.44 1.48 -14.71
CA GLN A 46 4.12 2.60 -14.08
C GLN A 46 3.30 3.72 -13.47
N LYS A 47 2.02 3.75 -13.87
CA LYS A 47 0.98 4.63 -13.38
C LYS A 47 0.71 4.34 -11.91
N PHE A 48 0.67 3.04 -11.59
CA PHE A 48 0.51 2.46 -10.29
C PHE A 48 1.55 2.97 -9.29
N PHE A 49 2.80 3.06 -9.76
CA PHE A 49 3.98 3.51 -9.06
C PHE A 49 4.25 5.00 -9.20
N GLY A 50 3.53 5.81 -9.97
CA GLY A 50 3.42 7.23 -9.69
C GLY A 50 4.05 8.12 -10.75
N LEU A 51 4.74 7.50 -11.71
CA LEU A 51 5.47 8.13 -12.79
C LEU A 51 4.56 8.51 -13.96
N PRO A 52 4.91 9.51 -14.78
CA PRO A 52 4.06 9.82 -15.91
C PRO A 52 4.21 8.89 -17.10
N ILE A 53 5.39 8.32 -17.29
CA ILE A 53 5.85 7.52 -18.42
C ILE A 53 5.00 6.26 -18.45
N THR A 54 4.28 6.06 -19.56
CA THR A 54 3.45 4.91 -19.84
C THR A 54 3.51 4.47 -21.29
N GLY A 55 3.49 3.16 -21.57
CA GLY A 55 3.52 2.49 -22.86
C GLY A 55 4.79 1.66 -23.07
N MET A 56 5.84 1.87 -22.28
CA MET A 56 6.99 1.03 -22.01
C MET A 56 6.95 0.80 -20.50
N LEU A 57 7.60 -0.26 -20.02
CA LEU A 57 8.18 -0.33 -18.69
C LEU A 57 9.67 -0.04 -18.79
N ASN A 58 10.29 0.76 -17.92
CA ASN A 58 11.52 1.44 -18.27
C ASN A 58 12.21 2.04 -17.05
N SER A 59 11.47 2.39 -16.00
CA SER A 59 11.98 2.86 -14.72
C SER A 59 11.95 1.68 -13.77
N ARG A 60 12.50 1.93 -12.57
CA ARG A 60 12.73 1.10 -11.41
C ARG A 60 11.77 0.01 -10.97
N VAL A 61 10.58 -0.15 -11.57
CA VAL A 61 9.38 -0.91 -11.28
C VAL A 61 9.63 -2.33 -10.80
N ILE A 62 10.46 -3.07 -11.54
CA ILE A 62 10.79 -4.44 -11.22
C ILE A 62 11.71 -4.58 -10.02
N GLU A 63 12.53 -3.59 -9.66
CA GLU A 63 13.39 -3.56 -8.50
C GLU A 63 12.55 -3.30 -7.25
N ILE A 64 11.62 -2.35 -7.24
CA ILE A 64 10.72 -2.08 -6.13
C ILE A 64 9.68 -3.17 -5.94
N MET A 65 9.45 -4.05 -6.92
CA MET A 65 8.59 -5.21 -6.95
C MET A 65 9.15 -6.29 -6.02
N GLN A 66 10.42 -6.62 -6.24
CA GLN A 66 11.07 -7.79 -5.68
C GLN A 66 11.19 -7.66 -4.17
N LYS A 67 11.21 -6.42 -3.70
CA LYS A 67 11.30 -6.04 -2.29
C LYS A 67 9.93 -5.85 -1.67
N PRO A 68 9.71 -6.18 -0.39
CA PRO A 68 8.38 -6.03 0.15
C PRO A 68 8.06 -4.58 0.42
N ARG A 69 7.17 -4.02 -0.43
CA ARG A 69 6.90 -2.61 -0.43
C ARG A 69 5.39 -2.41 -0.34
N CYS A 70 4.54 -3.34 -0.79
CA CYS A 70 3.10 -3.23 -0.87
C CYS A 70 2.40 -4.57 -0.93
N GLY A 71 1.36 -4.82 -0.12
CA GLY A 71 0.52 -6.00 -0.22
C GLY A 71 -0.97 -5.72 -0.11
N VAL A 72 -1.31 -4.47 0.25
CA VAL A 72 -2.54 -3.76 -0.01
C VAL A 72 -2.49 -3.21 -1.42
N PRO A 73 -3.57 -3.33 -2.21
CA PRO A 73 -3.49 -3.16 -3.64
C PRO A 73 -3.63 -1.76 -4.22
N ASP A 74 -2.83 -1.48 -5.25
CA ASP A 74 -2.78 -0.20 -5.95
C ASP A 74 -3.93 -0.15 -6.96
N VAL A 75 -4.31 -1.30 -7.53
CA VAL A 75 -5.63 -1.59 -8.07
C VAL A 75 -5.96 -3.06 -7.82
N ALA A 76 -7.22 -3.43 -7.58
CA ALA A 76 -7.84 -4.74 -7.52
C ALA A 76 -9.26 -4.69 -8.06
N GLU A 77 -9.77 -5.89 -8.35
CA GLU A 77 -11.12 -6.31 -8.65
C GLU A 77 -11.32 -7.63 -7.90
N TYR A 78 -12.20 -7.70 -6.91
CA TYR A 78 -12.64 -8.81 -6.07
C TYR A 78 -14.12 -8.70 -5.74
N SER A 79 -14.75 -9.87 -5.63
CA SER A 79 -16.19 -9.90 -5.50
C SER A 79 -16.75 -9.80 -4.09
N LEU A 80 -18.07 -9.72 -3.92
CA LEU A 80 -18.74 -9.61 -2.64
C LEU A 80 -19.11 -8.17 -2.34
N PHE A 81 -18.07 -7.36 -2.11
CA PHE A 81 -18.09 -5.92 -2.10
C PHE A 81 -16.89 -5.43 -2.90
N PRO A 82 -16.90 -4.38 -3.72
CA PRO A 82 -15.86 -3.97 -4.63
C PRO A 82 -14.66 -3.34 -3.94
N ASN A 83 -13.53 -3.16 -4.63
CA ASN A 83 -12.43 -2.40 -4.08
C ASN A 83 -12.70 -0.90 -4.22
N SER A 84 -13.25 -0.30 -3.18
CA SER A 84 -13.64 1.11 -3.26
C SER A 84 -13.86 1.63 -1.85
N PRO A 85 -13.58 2.90 -1.54
CA PRO A 85 -13.89 3.42 -0.22
C PRO A 85 -15.36 3.80 -0.08
N LYS A 86 -16.02 3.40 1.01
CA LYS A 86 -17.28 3.95 1.46
C LYS A 86 -17.34 3.83 2.97
N TRP A 87 -16.68 4.77 3.66
CA TRP A 87 -16.88 5.09 5.06
C TRP A 87 -18.00 6.12 5.02
N THR A 88 -19.13 5.71 5.61
CA THR A 88 -20.30 6.52 5.82
C THR A 88 -20.15 7.22 7.17
N SER A 89 -19.38 6.69 8.13
CA SER A 89 -19.12 7.39 9.35
C SER A 89 -18.08 8.49 9.15
N LYS A 90 -18.35 9.54 9.92
CA LYS A 90 -17.40 10.60 10.21
C LYS A 90 -16.46 10.28 11.36
N VAL A 91 -16.71 9.24 12.17
CA VAL A 91 -15.80 8.61 13.09
C VAL A 91 -15.70 7.14 12.70
N VAL A 92 -14.46 6.76 12.40
CA VAL A 92 -14.05 5.39 12.17
C VAL A 92 -13.31 4.89 13.40
N THR A 93 -13.39 3.63 13.81
CA THR A 93 -12.72 3.05 14.96
C THR A 93 -11.55 2.19 14.53
N TYR A 94 -10.52 2.05 15.38
CA TYR A 94 -9.37 1.25 15.02
C TYR A 94 -8.84 0.44 16.20
N ARG A 95 -8.49 -0.83 16.01
CA ARG A 95 -7.88 -1.78 16.93
C ARG A 95 -6.86 -2.73 16.33
N ILE A 96 -5.76 -2.95 17.05
CA ILE A 96 -4.72 -3.93 16.81
C ILE A 96 -5.21 -5.09 17.66
N VAL A 97 -5.31 -6.32 17.15
CA VAL A 97 -5.56 -7.55 17.87
C VAL A 97 -4.42 -8.55 17.91
N SER A 98 -3.67 -8.70 16.81
CA SER A 98 -2.40 -9.39 16.72
C SER A 98 -1.30 -8.44 16.29
N TYR A 99 -0.03 -8.74 16.53
CA TYR A 99 1.14 -7.90 16.44
C TYR A 99 2.31 -8.77 16.02
N THR A 100 3.40 -8.18 15.51
CA THR A 100 4.66 -8.87 15.32
C THR A 100 5.38 -8.98 16.66
N ARG A 101 5.63 -10.23 17.04
CA ARG A 101 6.13 -10.67 18.33
C ARG A 101 7.48 -10.17 18.80
N ASP A 102 8.25 -9.65 17.84
CA ASP A 102 9.50 -8.94 17.94
C ASP A 102 9.41 -7.55 18.54
N LEU A 103 8.29 -6.83 18.36
CA LEU A 103 7.93 -5.58 19.01
C LEU A 103 6.83 -5.77 20.03
N PRO A 104 6.86 -5.28 21.27
CA PRO A 104 5.74 -5.40 22.18
C PRO A 104 4.56 -4.56 21.69
N HIS A 105 3.34 -5.02 21.98
CA HIS A 105 2.08 -4.66 21.38
C HIS A 105 1.68 -3.19 21.47
N ILE A 106 2.00 -2.52 22.58
CA ILE A 106 1.69 -1.11 22.73
C ILE A 106 2.61 -0.22 21.90
N THR A 107 3.74 -0.74 21.40
CA THR A 107 4.62 -0.07 20.47
C THR A 107 4.05 -0.15 19.06
N VAL A 108 3.42 -1.28 18.70
CA VAL A 108 2.85 -1.49 17.39
C VAL A 108 1.58 -0.66 17.28
N ASP A 109 0.80 -0.65 18.36
CA ASP A 109 -0.35 0.22 18.54
C ASP A 109 -0.10 1.69 18.19
N ARG A 110 0.94 2.33 18.72
CA ARG A 110 1.37 3.71 18.52
C ARG A 110 1.83 3.94 17.09
N LEU A 111 2.64 3.01 16.54
CA LEU A 111 3.06 2.92 15.17
C LEU A 111 1.90 2.98 14.18
N VAL A 112 0.77 2.36 14.52
CA VAL A 112 -0.47 2.35 13.75
C VAL A 112 -1.18 3.69 13.83
N SER A 113 -1.33 4.19 15.05
CA SER A 113 -1.87 5.49 15.37
C SER A 113 -1.19 6.66 14.64
N LYS A 114 0.15 6.66 14.65
CA LYS A 114 0.94 7.70 14.01
C LYS A 114 0.72 7.79 12.51
N ALA A 115 0.39 6.65 11.89
CA ALA A 115 0.24 6.60 10.45
C ALA A 115 -1.15 6.96 9.95
N LEU A 116 -2.14 6.55 10.73
CA LEU A 116 -3.48 7.10 10.62
C LEU A 116 -3.54 8.62 10.60
N ASN A 117 -2.97 9.22 11.66
CA ASN A 117 -2.70 10.63 11.83
C ASN A 117 -1.89 11.30 10.74
N MET A 118 -1.29 10.56 9.80
CA MET A 118 -0.64 11.19 8.67
C MET A 118 -1.69 11.76 7.73
N TRP A 119 -2.80 11.03 7.58
CA TRP A 119 -3.96 11.26 6.75
C TRP A 119 -5.10 11.90 7.54
N GLY A 120 -5.59 11.30 8.62
CA GLY A 120 -6.65 11.77 9.50
C GLY A 120 -6.76 13.24 9.87
N LYS A 121 -5.73 14.08 9.90
CA LYS A 121 -5.79 15.52 10.10
C LYS A 121 -6.20 16.25 8.84
N GLU A 122 -6.18 15.67 7.63
CA GLU A 122 -6.36 16.35 6.37
C GLU A 122 -7.50 15.70 5.59
N ILE A 123 -8.42 14.99 6.23
CA ILE A 123 -9.57 14.30 5.69
C ILE A 123 -10.77 14.45 6.62
N PRO A 124 -12.00 14.49 6.11
CA PRO A 124 -13.21 14.66 6.90
C PRO A 124 -13.68 13.48 7.73
N LEU A 125 -12.78 12.51 7.95
CA LEU A 125 -12.88 11.31 8.74
C LEU A 125 -11.89 11.59 9.85
N HIS A 126 -12.29 11.17 11.05
CA HIS A 126 -11.40 10.98 12.18
C HIS A 126 -11.46 9.49 12.51
N PHE A 127 -10.30 8.96 12.90
CA PHE A 127 -10.16 7.56 13.28
C PHE A 127 -9.88 7.60 14.76
N ARG A 128 -10.77 7.03 15.58
CA ARG A 128 -10.58 6.90 17.00
C ARG A 128 -10.13 5.51 17.47
N LYS A 129 -9.38 5.45 18.57
CA LYS A 129 -9.00 4.17 19.13
C LYS A 129 -10.08 3.54 19.98
N VAL A 130 -10.35 2.23 19.83
CA VAL A 130 -11.04 1.38 20.77
C VAL A 130 -10.22 0.19 21.25
N VAL A 131 -10.17 -0.08 22.55
CA VAL A 131 -9.71 -1.27 23.23
C VAL A 131 -10.92 -2.05 23.73
N TRP A 132 -12.02 -2.02 22.97
CA TRP A 132 -13.31 -2.53 23.37
C TRP A 132 -13.99 -3.00 22.09
N GLY A 133 -13.96 -4.32 21.88
CA GLY A 133 -14.78 -5.08 20.97
C GLY A 133 -14.12 -5.17 19.61
N THR A 134 -14.88 -5.29 18.52
CA THR A 134 -14.35 -5.18 17.18
C THR A 134 -14.20 -3.70 16.84
N ALA A 135 -13.29 -3.36 15.92
CA ALA A 135 -13.22 -2.05 15.34
C ALA A 135 -13.24 -2.02 13.82
N ASP A 136 -13.65 -0.89 13.25
CA ASP A 136 -13.89 -0.75 11.83
C ASP A 136 -12.73 -1.15 10.92
N ILE A 137 -11.53 -0.61 11.14
CA ILE A 137 -10.28 -1.30 10.84
C ILE A 137 -9.84 -2.13 12.04
N MET A 138 -9.82 -3.45 11.85
CA MET A 138 -9.06 -4.36 12.69
C MET A 138 -7.71 -4.51 11.98
N ILE A 139 -6.65 -4.23 12.74
CA ILE A 139 -5.27 -4.54 12.46
C ILE A 139 -4.93 -5.87 13.10
N GLY A 140 -4.29 -6.83 12.44
CA GLY A 140 -3.70 -8.06 12.93
C GLY A 140 -2.42 -8.30 12.14
N PHE A 141 -1.58 -9.22 12.63
CA PHE A 141 -0.40 -9.78 12.02
C PHE A 141 -0.54 -11.29 12.14
N ALA A 142 -0.20 -11.91 11.02
CA ALA A 142 -0.60 -13.26 10.63
C ALA A 142 0.33 -13.77 9.54
N ARG A 143 0.22 -15.08 9.26
CA ARG A 143 0.65 -15.76 8.06
C ARG A 143 -0.61 -15.96 7.23
N GLY A 144 -0.41 -15.89 5.92
CA GLY A 144 -1.39 -15.33 4.99
C GLY A 144 -2.29 -16.33 4.27
N ALA A 145 -2.10 -17.63 4.45
CA ALA A 145 -2.85 -18.76 3.93
C ALA A 145 -4.07 -19.16 4.77
N HIS A 146 -4.50 -18.35 5.75
CA HIS A 146 -5.45 -18.64 6.81
C HIS A 146 -6.92 -18.63 6.43
N GLY A 147 -7.25 -18.99 5.19
CA GLY A 147 -8.62 -18.89 4.71
C GLY A 147 -8.70 -18.05 3.44
N ASP A 148 -7.67 -17.22 3.26
CA ASP A 148 -7.49 -16.53 1.99
C ASP A 148 -6.36 -17.29 1.30
N SER A 149 -6.29 -17.20 -0.02
CA SER A 149 -5.20 -17.72 -0.82
C SER A 149 -3.98 -16.81 -0.78
N TYR A 150 -2.80 -17.35 -1.12
CA TYR A 150 -1.50 -16.73 -1.21
C TYR A 150 -0.80 -16.66 0.14
N PRO A 151 0.39 -17.23 0.28
CA PRO A 151 1.13 -16.95 1.49
C PRO A 151 1.87 -15.61 1.46
N PHE A 152 2.19 -15.01 2.60
CA PHE A 152 3.01 -13.82 2.65
C PHE A 152 4.50 -13.86 2.32
N ASP A 153 5.05 -15.04 2.06
CA ASP A 153 6.36 -15.52 1.67
C ASP A 153 7.19 -15.98 2.86
N GLY A 154 7.02 -15.29 3.99
CA GLY A 154 8.07 -15.29 4.98
C GLY A 154 8.67 -13.90 5.11
N PRO A 155 9.97 -13.77 5.40
CA PRO A 155 10.65 -12.50 5.21
C PRO A 155 11.13 -12.30 3.79
N GLY A 156 10.77 -11.15 3.22
CA GLY A 156 11.02 -10.93 1.80
C GLY A 156 9.69 -10.64 1.12
N ASN A 157 9.65 -10.75 -0.21
CA ASN A 157 8.66 -10.43 -1.22
C ASN A 157 7.24 -10.51 -0.69
N THR A 158 6.55 -9.36 -0.54
CA THR A 158 5.17 -9.14 -0.15
C THR A 158 5.03 -9.15 1.36
N LEU A 159 4.24 -8.25 1.93
CA LEU A 159 4.27 -7.98 3.36
C LEU A 159 2.89 -7.95 3.99
N ALA A 160 1.74 -8.06 3.31
CA ALA A 160 0.43 -7.82 3.89
C ALA A 160 -0.69 -8.09 2.90
N HIS A 161 -1.95 -8.01 3.35
CA HIS A 161 -3.15 -7.79 2.57
C HIS A 161 -4.21 -7.06 3.38
N ALA A 162 -5.18 -6.48 2.67
CA ALA A 162 -6.31 -5.83 3.30
C ALA A 162 -7.52 -5.71 2.37
N PHE A 163 -8.75 -5.69 2.88
CA PHE A 163 -10.01 -5.51 2.20
C PHE A 163 -10.41 -4.06 2.45
N ALA A 164 -10.84 -3.34 1.40
CA ALA A 164 -11.30 -1.98 1.26
C ALA A 164 -12.41 -1.61 2.23
N PRO A 165 -12.56 -0.41 2.79
CA PRO A 165 -13.64 0.00 3.68
C PRO A 165 -15.07 -0.39 3.35
N GLY A 166 -15.64 -1.19 4.26
CA GLY A 166 -17.03 -1.58 4.35
C GLY A 166 -17.22 -1.95 5.81
N THR A 167 -18.43 -1.61 6.25
CA THR A 167 -18.94 -2.04 7.54
C THR A 167 -19.03 -3.56 7.62
N GLY A 168 -18.35 -4.13 8.62
CA GLY A 168 -18.19 -5.57 8.81
C GLY A 168 -16.79 -5.96 8.35
N LEU A 169 -16.86 -6.81 7.33
CA LEU A 169 -15.69 -7.57 6.97
C LEU A 169 -14.73 -6.75 6.11
N GLY A 170 -15.03 -5.47 5.89
CA GLY A 170 -14.16 -4.53 5.23
C GLY A 170 -13.43 -3.60 6.18
N GLY A 171 -12.40 -2.94 5.67
CA GLY A 171 -11.50 -2.04 6.38
C GLY A 171 -10.20 -2.71 6.76
N ASP A 172 -10.08 -4.03 6.92
CA ASP A 172 -9.19 -4.69 7.86
C ASP A 172 -7.90 -5.16 7.20
N ALA A 173 -6.84 -5.28 8.00
CA ALA A 173 -5.46 -5.53 7.61
C ALA A 173 -4.89 -6.72 8.35
N HIS A 174 -4.16 -7.58 7.62
CA HIS A 174 -3.38 -8.72 8.04
C HIS A 174 -2.04 -8.34 7.41
N PHE A 175 -1.03 -8.19 8.27
CA PHE A 175 0.38 -7.95 8.01
C PHE A 175 1.18 -9.24 8.15
N ASP A 176 2.32 -9.40 7.46
CA ASP A 176 3.22 -10.53 7.53
C ASP A 176 3.90 -10.55 8.88
N GLU A 177 3.68 -11.66 9.61
CA GLU A 177 4.33 -12.00 10.85
C GLU A 177 5.80 -12.39 10.66
N ASP A 178 6.23 -12.91 9.51
CA ASP A 178 7.56 -13.46 9.37
C ASP A 178 8.50 -12.35 8.94
N GLU A 179 8.00 -11.31 8.27
CA GLU A 179 8.60 -10.01 8.04
C GLU A 179 8.85 -9.33 9.38
N ARG A 180 10.02 -8.71 9.52
CA ARG A 180 10.51 -7.97 10.67
C ARG A 180 10.36 -6.48 10.41
N TRP A 181 9.77 -5.76 11.37
CA TRP A 181 9.25 -4.41 11.23
C TRP A 181 9.98 -3.48 12.19
N THR A 182 10.24 -2.21 11.90
CA THR A 182 11.01 -1.38 12.79
C THR A 182 10.65 0.10 12.71
N ASP A 183 11.17 0.93 13.62
CA ASP A 183 11.19 2.37 13.76
C ASP A 183 12.60 2.92 13.89
N GLY A 184 13.20 2.59 15.04
CA GLY A 184 14.45 3.16 15.50
C GLY A 184 15.53 2.17 15.08
N SER A 185 15.29 0.87 15.25
CA SER A 185 16.34 -0.08 15.57
C SER A 185 17.06 -0.62 14.35
N SER A 186 16.60 -0.36 13.12
CA SER A 186 17.17 -0.84 11.87
C SER A 186 17.26 -2.32 11.53
N LEU A 187 16.48 -3.07 12.31
CA LEU A 187 16.44 -4.52 12.29
C LEU A 187 15.56 -4.94 11.12
N GLY A 188 14.52 -4.21 10.73
CA GLY A 188 13.46 -4.72 9.88
C GLY A 188 13.08 -3.78 8.75
N ILE A 189 11.90 -4.00 8.16
CA ILE A 189 11.43 -3.08 7.15
C ILE A 189 10.62 -2.07 7.94
N ASN A 190 10.62 -0.82 7.47
CA ASN A 190 9.93 0.30 8.09
C ASN A 190 8.41 0.25 8.10
N PHE A 191 7.89 0.35 9.33
CA PHE A 191 6.46 0.34 9.58
C PHE A 191 5.67 1.51 9.02
N LEU A 192 6.12 2.72 9.31
CA LEU A 192 5.39 3.96 9.09
C LEU A 192 5.05 4.08 7.61
N TYR A 193 6.10 4.01 6.81
CA TYR A 193 6.03 4.03 5.36
C TYR A 193 5.09 2.94 4.88
N ALA A 194 5.16 1.72 5.41
CA ALA A 194 4.28 0.68 4.92
C ALA A 194 2.80 0.87 5.30
N ALA A 195 2.48 1.31 6.51
CA ALA A 195 1.14 1.61 6.95
C ALA A 195 0.52 2.85 6.31
N THR A 196 1.31 3.92 6.16
CA THR A 196 0.79 5.15 5.61
C THR A 196 0.33 4.93 4.18
N HIS A 197 1.13 4.26 3.33
CA HIS A 197 0.86 3.83 1.98
C HIS A 197 -0.32 2.88 1.84
N ALA A 198 -0.42 1.91 2.74
CA ALA A 198 -1.56 1.03 2.89
C ALA A 198 -2.89 1.67 3.27
N LEU A 199 -2.92 2.78 4.01
CA LEU A 199 -4.11 3.56 4.30
C LEU A 199 -4.35 4.49 3.12
N GLY A 200 -3.36 5.08 2.44
CA GLY A 200 -3.63 5.74 1.17
C GLY A 200 -4.34 4.92 0.12
N HIS A 201 -4.16 3.60 0.08
CA HIS A 201 -4.99 2.73 -0.73
C HIS A 201 -6.41 2.57 -0.24
N SER A 202 -6.60 2.37 1.07
CA SER A 202 -7.86 2.34 1.78
C SER A 202 -8.79 3.51 1.47
N LEU A 203 -8.20 4.71 1.40
CA LEU A 203 -8.77 5.95 0.92
C LEU A 203 -8.91 6.19 -0.57
N GLY A 204 -8.16 5.42 -1.36
CA GLY A 204 -8.30 5.25 -2.79
C GLY A 204 -7.36 6.14 -3.60
N MET A 205 -6.34 6.76 -3.02
CA MET A 205 -5.40 7.76 -3.49
C MET A 205 -4.15 7.02 -3.97
N GLY A 206 -3.56 7.50 -5.06
CA GLY A 206 -2.36 6.97 -5.68
C GLY A 206 -1.07 7.74 -5.43
N HIS A 207 -0.06 7.12 -6.04
CA HIS A 207 1.35 7.46 -5.91
C HIS A 207 1.65 8.68 -6.77
N SER A 208 2.72 9.35 -6.34
CA SER A 208 3.21 10.60 -6.90
C SER A 208 4.63 10.48 -7.40
N SER A 209 4.93 11.22 -8.47
CA SER A 209 6.17 11.40 -9.20
C SER A 209 7.26 12.18 -8.47
N ASP A 210 6.89 13.09 -7.56
CA ASP A 210 7.59 14.07 -6.75
C ASP A 210 8.33 13.46 -5.57
N PRO A 211 9.59 13.85 -5.39
CA PRO A 211 10.43 13.18 -4.42
C PRO A 211 10.17 13.42 -2.94
N ASN A 212 9.32 14.40 -2.60
CA ASN A 212 8.91 14.73 -1.25
C ASN A 212 7.59 14.02 -1.01
N ALA A 213 6.72 13.71 -1.97
CA ALA A 213 5.39 13.16 -1.79
C ALA A 213 5.39 11.90 -0.94
N VAL A 214 4.39 11.68 -0.07
CA VAL A 214 4.34 10.74 1.03
C VAL A 214 4.08 9.31 0.59
N MET A 215 3.67 9.11 -0.67
CA MET A 215 3.75 7.91 -1.47
C MET A 215 4.53 8.12 -2.77
N TYR A 216 5.74 8.64 -2.58
CA TYR A 216 6.80 8.45 -3.55
C TYR A 216 7.49 7.12 -3.31
N PRO A 217 7.33 6.05 -4.12
CA PRO A 217 7.78 4.72 -3.84
C PRO A 217 9.29 4.57 -4.07
N THR A 218 9.91 5.33 -4.97
CA THR A 218 11.34 5.29 -5.19
C THR A 218 12.13 6.19 -4.27
N TYR A 219 11.67 6.36 -3.02
CA TYR A 219 12.31 6.89 -1.83
C TYR A 219 13.71 6.31 -1.75
N GLY A 220 14.67 7.09 -1.26
CA GLY A 220 16.05 6.73 -0.97
C GLY A 220 16.97 7.84 -1.45
N ASN A 221 16.54 9.10 -1.47
CA ASN A 221 17.42 10.22 -1.71
C ASN A 221 17.10 11.27 -0.66
N GLY A 222 17.23 10.83 0.59
CA GLY A 222 17.35 11.69 1.75
C GLY A 222 16.38 11.04 2.72
N ASP A 223 16.81 10.65 3.93
CA ASP A 223 16.04 9.97 4.95
C ASP A 223 15.60 11.01 5.98
N PRO A 224 14.30 11.22 6.17
CA PRO A 224 13.71 12.26 6.99
C PRO A 224 13.85 11.87 8.45
N GLN A 225 13.75 12.92 9.27
CA GLN A 225 13.70 12.91 10.72
C GLN A 225 12.44 12.29 11.33
N ASN A 226 11.24 12.57 10.80
CA ASN A 226 9.95 12.19 11.32
C ASN A 226 9.04 11.52 10.32
N PHE A 227 8.98 12.08 9.10
CA PHE A 227 8.14 11.85 7.94
C PHE A 227 6.81 12.55 8.21
N LYS A 228 6.35 13.18 7.13
CA LYS A 228 5.28 14.14 6.94
C LYS A 228 4.70 14.18 5.54
N LEU A 229 3.53 14.80 5.33
CA LEU A 229 2.90 15.15 4.07
C LEU A 229 3.72 16.32 3.53
N SER A 230 3.77 16.38 2.20
CA SER A 230 4.12 17.60 1.47
C SER A 230 2.86 18.33 1.03
N GLN A 231 3.04 19.49 0.39
CA GLN A 231 2.03 20.28 -0.29
C GLN A 231 1.27 19.56 -1.38
N ASP A 232 1.92 18.66 -2.13
CA ASP A 232 1.38 17.74 -3.11
C ASP A 232 0.32 16.85 -2.50
N ASP A 233 0.60 16.15 -1.39
CA ASP A 233 -0.17 15.21 -0.60
C ASP A 233 -1.34 15.93 0.07
N ILE A 234 -1.13 17.11 0.64
CA ILE A 234 -2.13 18.08 1.09
C ILE A 234 -3.12 18.46 0.01
N LYS A 235 -2.63 18.93 -1.15
CA LYS A 235 -3.53 19.43 -2.17
C LYS A 235 -4.25 18.33 -2.94
N GLY A 236 -3.63 17.15 -2.93
CA GLY A 236 -4.10 15.93 -3.57
C GLY A 236 -5.11 15.20 -2.70
N ILE A 237 -4.98 15.19 -1.36
CA ILE A 237 -6.01 14.60 -0.54
C ILE A 237 -7.25 15.46 -0.42
N GLN A 238 -7.10 16.79 -0.42
CA GLN A 238 -8.22 17.69 -0.51
C GLN A 238 -8.95 17.76 -1.85
N LYS A 239 -8.32 17.38 -2.96
CA LYS A 239 -9.08 17.16 -4.17
C LYS A 239 -9.64 15.76 -4.40
N LEU A 240 -9.12 14.66 -3.84
CA LEU A 240 -9.78 13.39 -3.72
C LEU A 240 -11.13 13.42 -3.01
N TYR A 241 -11.14 14.20 -1.93
CA TYR A 241 -12.30 14.61 -1.17
C TYR A 241 -12.86 15.97 -1.57
N GLY A 242 -12.58 16.38 -2.80
CA GLY A 242 -13.11 17.53 -3.53
C GLY A 242 -13.63 17.01 -4.86
N LYS A 243 -13.75 17.87 -5.89
CA LYS A 243 -13.88 17.50 -7.28
C LYS A 243 -12.50 17.21 -7.86
N ARG A 244 -12.41 15.95 -8.27
CA ARG A 244 -11.26 15.07 -8.41
C ARG A 244 -10.48 15.48 -9.65
N SER A 245 -9.76 16.59 -9.50
CA SER A 245 -9.07 17.36 -10.51
C SER A 245 -7.69 17.79 -10.03
N ASN A 246 -6.78 18.05 -10.97
CA ASN A 246 -5.38 18.40 -10.82
C ASN A 246 -5.11 19.83 -10.36
N SER A 247 -4.16 20.01 -9.43
CA SER A 247 -3.69 21.30 -8.95
C SER A 247 -2.20 21.28 -8.66
N ARG A 248 -1.47 20.54 -9.50
CA ARG A 248 -0.02 20.57 -9.46
C ARG A 248 0.30 21.64 -10.49
N LYS A 249 1.41 22.35 -10.21
CA LYS A 249 2.09 23.28 -11.08
C LYS A 249 3.00 22.55 -12.07
N LYS A 250 3.13 23.13 -13.26
CA LYS A 250 3.98 22.72 -14.37
C LYS A 250 4.04 23.88 -15.35
N LEU A 3 26.02 4.64 -12.17
CA LEU A 3 25.59 3.24 -12.12
C LEU A 3 24.39 3.05 -13.04
N PRO A 4 24.24 1.90 -13.70
CA PRO A 4 23.11 1.68 -14.59
C PRO A 4 21.86 1.43 -13.76
N GLN A 5 20.74 1.61 -14.45
CA GLN A 5 19.36 1.33 -14.09
C GLN A 5 19.15 -0.14 -14.43
N GLU A 6 18.50 -0.83 -13.51
CA GLU A 6 18.11 -2.23 -13.62
C GLU A 6 17.12 -2.36 -14.77
N ALA A 7 16.28 -1.35 -14.98
CA ALA A 7 15.22 -1.35 -15.97
C ALA A 7 15.77 -1.37 -17.39
N GLY A 8 17.03 -0.95 -17.55
CA GLY A 8 17.71 -0.70 -18.81
C GLY A 8 18.52 -1.93 -19.18
N GLY A 9 18.93 -2.72 -18.18
CA GLY A 9 19.65 -3.98 -18.27
C GLY A 9 18.82 -5.15 -17.75
N MET A 10 17.50 -5.07 -17.89
CA MET A 10 16.50 -5.93 -17.27
C MET A 10 16.50 -7.31 -17.92
N SER A 11 16.73 -8.36 -17.13
CA SER A 11 16.98 -9.73 -17.54
C SER A 11 15.75 -10.60 -17.31
N GLU A 12 15.81 -11.84 -17.80
CA GLU A 12 14.70 -12.77 -17.78
C GLU A 12 14.09 -13.03 -16.42
N LEU A 13 14.96 -12.98 -15.41
CA LEU A 13 14.63 -13.07 -14.00
C LEU A 13 13.71 -11.91 -13.62
N GLN A 14 13.92 -10.68 -14.08
CA GLN A 14 13.17 -9.49 -13.76
C GLN A 14 11.85 -9.54 -14.52
N TRP A 15 11.85 -9.94 -15.80
CA TRP A 15 10.71 -10.09 -16.68
C TRP A 15 9.74 -11.19 -16.24
N GLU A 16 10.18 -12.18 -15.46
CA GLU A 16 9.42 -13.22 -14.79
C GLU A 16 8.75 -12.54 -13.59
N GLN A 17 9.55 -11.80 -12.82
CA GLN A 17 9.13 -11.15 -11.60
C GLN A 17 8.08 -10.08 -11.80
N ALA A 18 8.14 -9.43 -12.98
CA ALA A 18 7.21 -8.50 -13.58
C ALA A 18 5.80 -9.05 -13.72
N GLN A 19 5.64 -10.30 -14.16
CA GLN A 19 4.35 -10.82 -14.54
C GLN A 19 3.66 -11.38 -13.30
N ASP A 20 4.48 -11.77 -12.33
CA ASP A 20 4.12 -12.35 -11.06
C ASP A 20 3.85 -11.28 -10.00
N TYR A 21 4.52 -10.12 -10.06
CA TYR A 21 4.28 -8.89 -9.34
C TYR A 21 2.89 -8.34 -9.61
N LEU A 22 2.50 -8.10 -10.87
CA LEU A 22 1.29 -7.49 -11.37
C LEU A 22 0.07 -8.30 -10.99
N LYS A 23 0.06 -9.61 -11.27
CA LYS A 23 -1.11 -10.46 -11.20
C LYS A 23 -1.62 -10.50 -9.76
N ARG A 24 -0.69 -10.57 -8.80
CA ARG A 24 -0.89 -10.74 -7.37
C ARG A 24 -1.77 -9.72 -6.66
N PHE A 25 -1.82 -8.52 -7.23
CA PHE A 25 -2.58 -7.42 -6.67
C PHE A 25 -4.05 -7.55 -7.04
N TYR A 26 -4.33 -7.91 -8.29
CA TYR A 26 -5.64 -8.01 -8.90
C TYR A 26 -6.31 -9.27 -8.34
N LEU A 27 -5.63 -10.24 -7.71
CA LEU A 27 -6.21 -11.51 -7.32
C LEU A 27 -6.14 -12.48 -8.49
N TYR A 28 -5.20 -12.29 -9.42
CA TYR A 28 -5.25 -12.72 -10.80
C TYR A 28 -5.88 -11.67 -11.70
N ASP A 29 -5.27 -11.49 -12.87
CA ASP A 29 -5.66 -10.63 -13.97
C ASP A 29 -5.30 -11.35 -15.26
N SER A 30 -6.26 -11.39 -16.18
CA SER A 30 -6.11 -12.01 -17.48
C SER A 30 -5.14 -11.34 -18.45
N GLU A 31 -4.98 -10.03 -18.25
CA GLU A 31 -4.32 -9.11 -19.16
C GLU A 31 -2.81 -9.16 -18.96
N THR A 32 -2.33 -9.65 -17.81
CA THR A 32 -0.91 -9.72 -17.47
C THR A 32 -0.29 -10.93 -18.13
N LYS A 33 -1.08 -11.81 -18.75
CA LYS A 33 -0.53 -12.94 -19.49
C LYS A 33 -0.21 -12.51 -20.90
N ASN A 34 0.89 -12.94 -21.54
CA ASN A 34 1.49 -12.60 -22.82
C ASN A 34 2.51 -11.47 -22.74
N ALA A 35 3.70 -11.64 -23.31
CA ALA A 35 4.69 -10.61 -23.51
C ALA A 35 4.18 -9.30 -24.11
N ASN A 36 3.28 -9.38 -25.10
CA ASN A 36 2.68 -8.35 -25.92
C ASN A 36 1.80 -7.53 -25.00
N SER A 37 0.93 -8.15 -24.20
CA SER A 37 0.09 -7.45 -23.27
C SER A 37 0.82 -7.19 -21.96
N LEU A 38 1.87 -7.84 -21.47
CA LEU A 38 2.72 -7.55 -20.32
C LEU A 38 3.54 -6.33 -20.68
N GLU A 39 3.86 -6.00 -21.94
CA GLU A 39 4.38 -4.75 -22.44
C GLU A 39 3.47 -3.58 -22.11
N ALA A 40 2.16 -3.76 -22.24
CA ALA A 40 1.19 -2.71 -21.98
C ALA A 40 0.82 -2.63 -20.52
N LYS A 41 0.97 -3.75 -19.82
CA LYS A 41 0.67 -3.79 -18.40
C LYS A 41 1.81 -3.15 -17.63
N LEU A 42 3.05 -3.15 -18.15
CA LEU A 42 4.21 -2.48 -17.58
C LEU A 42 4.17 -0.96 -17.56
N LYS A 43 3.40 -0.41 -18.51
CA LYS A 43 3.20 1.02 -18.51
C LYS A 43 2.23 1.37 -17.39
N GLU A 44 1.27 0.51 -17.04
CA GLU A 44 0.23 0.48 -16.03
C GLU A 44 0.87 0.47 -14.65
N MET A 45 2.01 -0.22 -14.51
CA MET A 45 2.89 -0.22 -13.37
C MET A 45 3.52 1.10 -12.94
N GLN A 46 4.00 1.77 -13.99
CA GLN A 46 4.57 3.09 -14.06
C GLN A 46 3.45 4.08 -13.79
N LYS A 47 2.25 3.78 -14.28
CA LYS A 47 1.13 4.64 -14.01
C LYS A 47 0.83 4.67 -12.52
N PHE A 48 0.97 3.55 -11.81
CA PHE A 48 0.75 3.50 -10.38
C PHE A 48 1.82 4.06 -9.46
N PHE A 49 3.06 4.11 -9.95
CA PHE A 49 4.20 4.82 -9.41
C PHE A 49 4.18 6.29 -9.80
N GLY A 50 3.72 6.70 -10.98
CA GLY A 50 3.13 8.02 -11.13
C GLY A 50 3.84 8.71 -12.28
N LEU A 51 4.62 8.09 -13.16
CA LEU A 51 5.32 8.74 -14.25
C LEU A 51 4.28 8.87 -15.36
N PRO A 52 4.19 9.94 -16.16
CA PRO A 52 3.33 9.99 -17.32
C PRO A 52 3.76 9.20 -18.54
N ILE A 53 5.01 8.72 -18.49
CA ILE A 53 5.68 8.22 -19.67
C ILE A 53 5.24 6.75 -19.68
N THR A 54 4.73 6.50 -20.88
CA THR A 54 3.99 5.33 -21.32
C THR A 54 4.73 4.80 -22.54
N GLY A 55 5.49 3.71 -22.34
CA GLY A 55 6.13 2.93 -23.38
C GLY A 55 7.62 3.24 -23.47
N MET A 56 8.12 3.84 -22.40
CA MET A 56 9.55 3.81 -22.20
C MET A 56 9.61 3.28 -20.76
N LEU A 57 10.36 2.21 -20.49
CA LEU A 57 10.74 1.68 -19.20
C LEU A 57 12.26 1.79 -19.15
N ASN A 58 12.78 2.64 -18.26
CA ASN A 58 14.19 2.96 -18.23
C ASN A 58 14.63 3.53 -16.90
N SER A 59 13.76 4.17 -16.12
CA SER A 59 14.00 4.65 -14.77
C SER A 59 13.99 3.54 -13.73
N ARG A 60 13.72 3.82 -12.46
CA ARG A 60 14.05 3.13 -11.23
C ARG A 60 13.05 2.05 -10.85
N VAL A 61 12.03 1.91 -11.71
CA VAL A 61 10.88 1.05 -11.54
C VAL A 61 11.20 -0.42 -11.29
N ILE A 62 12.24 -0.98 -11.93
CA ILE A 62 12.53 -2.39 -11.75
C ILE A 62 13.42 -2.62 -10.52
N GLU A 63 14.26 -1.62 -10.20
CA GLU A 63 15.10 -1.68 -9.01
C GLU A 63 14.33 -1.72 -7.71
N ILE A 64 13.24 -0.95 -7.59
CA ILE A 64 12.27 -0.91 -6.51
C ILE A 64 11.31 -2.08 -6.44
N MET A 65 11.13 -2.80 -7.56
CA MET A 65 10.23 -3.91 -7.80
C MET A 65 10.37 -5.10 -6.86
N GLN A 66 11.63 -5.52 -6.74
CA GLN A 66 12.17 -6.57 -5.89
C GLN A 66 12.07 -6.27 -4.40
N LYS A 67 11.89 -5.01 -4.01
CA LYS A 67 11.95 -4.66 -2.59
C LYS A 67 10.57 -4.74 -1.96
N PRO A 68 10.48 -5.31 -0.75
CA PRO A 68 9.19 -5.52 -0.13
C PRO A 68 8.46 -4.25 0.32
N ARG A 69 7.47 -3.82 -0.46
CA ARG A 69 7.04 -2.45 -0.56
C ARG A 69 5.55 -2.47 -0.87
N CYS A 70 5.17 -2.52 -2.14
CA CYS A 70 3.79 -2.59 -2.58
C CYS A 70 3.40 -4.05 -2.66
N GLY A 71 2.56 -4.52 -1.74
CA GLY A 71 1.73 -5.71 -1.86
C GLY A 71 0.25 -5.47 -1.67
N VAL A 72 -0.11 -4.34 -1.06
CA VAL A 72 -1.47 -3.83 -1.08
C VAL A 72 -1.69 -3.27 -2.47
N PRO A 73 -2.77 -3.66 -3.15
CA PRO A 73 -3.22 -2.96 -4.34
C PRO A 73 -2.98 -1.45 -4.28
N ASP A 74 -2.30 -1.04 -5.36
CA ASP A 74 -2.33 0.25 -6.05
C ASP A 74 -3.21 0.12 -7.29
N VAL A 75 -3.18 -0.96 -8.06
CA VAL A 75 -4.13 -1.54 -8.99
C VAL A 75 -4.85 -2.72 -8.35
N ALA A 76 -6.15 -2.90 -8.58
CA ALA A 76 -7.04 -3.65 -7.71
C ALA A 76 -8.21 -4.18 -8.52
N GLU A 77 -8.65 -5.33 -8.00
CA GLU A 77 -9.90 -5.89 -8.49
C GLU A 77 -10.57 -6.37 -7.21
N TYR A 78 -11.82 -5.94 -7.02
CA TYR A 78 -12.78 -6.19 -5.97
C TYR A 78 -14.20 -5.95 -6.45
N SER A 79 -15.16 -6.48 -5.70
CA SER A 79 -16.57 -6.23 -5.92
C SER A 79 -17.26 -6.26 -4.55
N LEU A 80 -18.39 -5.54 -4.43
CA LEU A 80 -19.22 -5.30 -3.28
C LEU A 80 -18.92 -3.97 -2.61
N PHE A 81 -18.62 -2.88 -3.34
CA PHE A 81 -18.25 -1.59 -2.82
C PHE A 81 -19.06 -0.51 -3.53
N PRO A 82 -19.57 0.58 -2.95
CA PRO A 82 -20.21 1.60 -3.75
C PRO A 82 -19.25 2.39 -4.62
N ASN A 83 -19.83 3.18 -5.52
CA ASN A 83 -19.21 4.06 -6.49
C ASN A 83 -18.64 5.27 -5.77
N SER A 84 -17.32 5.40 -5.88
CA SER A 84 -16.51 6.51 -5.43
C SER A 84 -15.89 6.35 -4.05
N PRO A 85 -14.58 6.11 -3.91
CA PRO A 85 -14.06 5.50 -2.70
C PRO A 85 -13.74 6.54 -1.64
N LYS A 86 -14.19 6.27 -0.40
CA LYS A 86 -14.19 7.00 0.85
C LYS A 86 -15.08 6.34 1.89
N TRP A 87 -14.71 6.71 3.11
CA TRP A 87 -15.49 6.35 4.28
C TRP A 87 -16.48 7.50 4.35
N THR A 88 -17.74 7.13 4.59
CA THR A 88 -18.93 7.95 4.63
C THR A 88 -19.68 7.86 5.96
N SER A 89 -19.13 7.12 6.92
CA SER A 89 -19.57 7.19 8.30
C SER A 89 -19.10 8.45 9.02
N LYS A 90 -19.50 8.68 10.27
CA LYS A 90 -19.05 9.79 11.07
C LYS A 90 -17.90 9.34 11.97
N VAL A 91 -17.90 8.05 12.28
CA VAL A 91 -16.83 7.34 12.96
C VAL A 91 -16.56 6.06 12.20
N VAL A 92 -15.26 5.78 12.23
CA VAL A 92 -14.45 4.71 11.70
C VAL A 92 -13.52 4.29 12.83
N THR A 93 -13.34 2.98 13.05
CA THR A 93 -12.71 2.36 14.19
C THR A 93 -11.46 1.60 13.77
N TYR A 94 -10.52 1.45 14.71
CA TYR A 94 -9.30 0.69 14.50
C TYR A 94 -8.90 -0.01 15.79
N ARG A 95 -8.24 -1.15 15.59
CA ARG A 95 -7.66 -2.05 16.57
C ARG A 95 -6.71 -2.97 15.83
N ILE A 96 -5.65 -3.40 16.52
CA ILE A 96 -4.76 -4.51 16.21
C ILE A 96 -5.47 -5.78 16.70
N VAL A 97 -5.48 -6.87 15.93
CA VAL A 97 -6.07 -8.14 16.30
C VAL A 97 -5.04 -9.27 16.36
N SER A 98 -3.94 -9.18 15.62
CA SER A 98 -2.80 -10.07 15.64
C SER A 98 -1.50 -9.35 15.28
N TYR A 99 -0.39 -9.94 15.69
CA TYR A 99 0.89 -9.28 15.83
C TYR A 99 2.06 -10.15 15.38
N THR A 100 3.24 -9.55 15.21
CA THR A 100 4.52 -10.09 14.79
C THR A 100 5.33 -10.47 16.03
N ARG A 101 6.12 -11.52 15.89
CA ARG A 101 7.12 -11.98 16.84
C ARG A 101 8.29 -11.03 17.08
N ASP A 102 8.57 -10.05 16.21
CA ASP A 102 9.69 -9.14 16.23
C ASP A 102 9.31 -7.85 16.94
N LEU A 103 8.05 -7.48 17.14
CA LEU A 103 7.59 -6.26 17.78
C LEU A 103 6.39 -6.66 18.65
N PRO A 104 6.37 -6.44 19.96
CA PRO A 104 5.27 -6.75 20.84
C PRO A 104 4.06 -5.85 20.61
N HIS A 105 2.87 -6.43 20.82
CA HIS A 105 1.53 -5.93 20.62
C HIS A 105 1.23 -4.46 20.75
N ILE A 106 1.59 -3.92 21.92
CA ILE A 106 1.45 -2.55 22.34
C ILE A 106 2.18 -1.57 21.43
N THR A 107 3.36 -1.97 20.93
CA THR A 107 4.15 -1.11 20.07
C THR A 107 3.62 -1.06 18.64
N VAL A 108 3.09 -2.18 18.14
CA VAL A 108 2.45 -2.25 16.85
C VAL A 108 1.21 -1.37 16.88
N ASP A 109 0.44 -1.45 17.96
CA ASP A 109 -0.70 -0.60 18.22
C ASP A 109 -0.35 0.87 18.09
N ARG A 110 0.73 1.26 18.80
CA ARG A 110 1.21 2.62 18.79
C ARG A 110 1.61 3.02 17.38
N LEU A 111 2.21 2.14 16.58
CA LEU A 111 2.73 2.56 15.29
C LEU A 111 1.57 2.87 14.35
N VAL A 112 0.48 2.10 14.32
CA VAL A 112 -0.66 2.48 13.50
C VAL A 112 -1.34 3.69 14.14
N SER A 113 -1.44 3.90 15.45
CA SER A 113 -2.12 4.99 16.12
C SER A 113 -1.43 6.33 15.83
N LYS A 114 -0.10 6.38 15.79
CA LYS A 114 0.81 7.46 15.47
C LYS A 114 0.83 7.69 13.97
N ALA A 115 0.37 6.75 13.14
CA ALA A 115 0.24 6.91 11.71
C ALA A 115 -1.12 7.50 11.38
N LEU A 116 -2.19 6.91 11.92
CA LEU A 116 -3.55 7.40 11.80
C LEU A 116 -3.79 8.83 12.27
N ASN A 117 -2.98 9.26 13.25
CA ASN A 117 -2.96 10.63 13.72
C ASN A 117 -2.57 11.61 12.63
N MET A 118 -1.56 11.31 11.79
CA MET A 118 -1.12 12.12 10.67
C MET A 118 -2.09 12.23 9.50
N TRP A 119 -2.86 11.16 9.24
CA TRP A 119 -3.91 11.02 8.26
C TRP A 119 -5.19 11.73 8.62
N GLY A 120 -5.61 11.64 9.89
CA GLY A 120 -6.92 12.05 10.35
C GLY A 120 -7.20 13.55 10.25
N LYS A 121 -6.16 14.36 10.04
CA LYS A 121 -6.27 15.80 10.18
C LYS A 121 -6.87 16.49 8.96
N GLU A 122 -7.04 15.76 7.86
CA GLU A 122 -7.57 16.28 6.61
C GLU A 122 -8.84 15.60 6.16
N ILE A 123 -9.42 14.65 6.90
CA ILE A 123 -10.71 14.05 6.59
C ILE A 123 -11.72 14.61 7.58
N PRO A 124 -13.02 14.54 7.29
CA PRO A 124 -14.05 15.15 8.12
C PRO A 124 -14.50 14.16 9.18
N LEU A 125 -14.36 12.86 8.93
CA LEU A 125 -14.71 11.82 9.88
C LEU A 125 -13.63 11.69 10.94
N HIS A 126 -13.91 11.00 12.05
CA HIS A 126 -12.99 10.68 13.11
C HIS A 126 -12.61 9.20 13.08
N PHE A 127 -11.31 8.93 13.17
CA PHE A 127 -10.77 7.62 13.48
C PHE A 127 -10.72 7.47 14.99
N ARG A 128 -11.51 6.56 15.56
CA ARG A 128 -11.54 6.26 16.99
C ARG A 128 -10.82 4.95 17.24
N LYS A 129 -10.05 4.95 18.34
CA LYS A 129 -9.42 3.76 18.87
C LYS A 129 -10.52 3.10 19.67
N VAL A 130 -10.76 1.79 19.54
CA VAL A 130 -11.67 1.02 20.36
C VAL A 130 -10.83 -0.12 20.93
N VAL A 131 -11.24 -0.69 22.07
CA VAL A 131 -10.67 -1.92 22.58
C VAL A 131 -11.84 -2.84 22.92
N TRP A 132 -12.89 -2.78 22.09
CA TRP A 132 -14.16 -3.44 22.32
C TRP A 132 -14.87 -3.69 21.00
N GLY A 133 -15.38 -4.91 20.79
CA GLY A 133 -16.12 -5.29 19.60
C GLY A 133 -15.22 -5.89 18.52
N THR A 134 -15.56 -5.64 17.26
CA THR A 134 -14.72 -5.68 16.08
C THR A 134 -14.63 -4.22 15.67
N ALA A 135 -13.47 -3.79 15.17
CA ALA A 135 -13.29 -2.50 14.54
C ALA A 135 -13.35 -2.59 13.03
N ASP A 136 -13.60 -1.50 12.31
CA ASP A 136 -13.67 -1.33 10.87
C ASP A 136 -12.34 -1.60 10.19
N ILE A 137 -11.22 -1.05 10.67
CA ILE A 137 -9.86 -1.35 10.26
C ILE A 137 -9.32 -2.30 11.33
N MET A 138 -9.32 -3.60 10.99
CA MET A 138 -8.64 -4.69 11.64
C MET A 138 -7.30 -4.88 10.94
N ILE A 139 -6.21 -4.64 11.67
CA ILE A 139 -4.85 -4.96 11.31
C ILE A 139 -4.35 -6.21 12.02
N GLY A 140 -3.97 -7.25 11.27
CA GLY A 140 -3.45 -8.52 11.71
C GLY A 140 -2.12 -8.90 11.09
N PHE A 141 -1.53 -10.05 11.44
CA PHE A 141 -0.32 -10.59 10.85
C PHE A 141 -0.58 -12.07 10.66
N ALA A 142 -0.19 -12.57 9.49
CA ALA A 142 -0.57 -13.89 9.04
C ALA A 142 0.48 -14.48 8.09
N ARG A 143 0.34 -15.78 7.84
CA ARG A 143 0.93 -16.53 6.75
C ARG A 143 -0.12 -16.72 5.65
N GLY A 144 0.24 -17.38 4.55
CA GLY A 144 -0.38 -17.31 3.25
C GLY A 144 -1.39 -18.42 3.01
N ALA A 145 -1.90 -18.97 4.12
CA ALA A 145 -2.85 -20.07 4.14
C ALA A 145 -4.24 -19.75 4.65
N HIS A 146 -4.58 -18.46 4.72
CA HIS A 146 -5.68 -18.04 5.57
C HIS A 146 -6.94 -17.63 4.81
N GLY A 147 -6.99 -17.60 3.48
CA GLY A 147 -8.10 -17.51 2.56
C GLY A 147 -8.05 -16.40 1.52
N ASP A 148 -6.89 -15.76 1.37
CA ASP A 148 -6.58 -14.97 0.19
C ASP A 148 -5.94 -15.79 -0.92
N SER A 149 -5.85 -15.16 -2.09
CA SER A 149 -5.16 -15.65 -3.27
C SER A 149 -3.72 -15.17 -3.21
N TYR A 150 -2.75 -16.10 -3.26
CA TYR A 150 -1.33 -15.86 -3.29
C TYR A 150 -0.73 -15.71 -1.91
N PRO A 151 0.42 -16.31 -1.57
CA PRO A 151 1.14 -16.06 -0.33
C PRO A 151 1.83 -14.72 -0.24
N PHE A 152 2.27 -14.37 0.99
CA PHE A 152 3.18 -13.30 1.32
C PHE A 152 4.63 -13.64 1.02
N ASP A 153 4.80 -14.82 0.43
CA ASP A 153 5.99 -15.45 -0.09
C ASP A 153 6.86 -16.18 0.93
N GLY A 154 6.89 -15.63 2.16
CA GLY A 154 7.83 -15.93 3.23
C GLY A 154 8.82 -14.81 3.46
N PRO A 155 10.09 -15.04 3.80
CA PRO A 155 10.97 -13.88 3.77
C PRO A 155 11.23 -13.41 2.35
N GLY A 156 11.17 -12.10 2.10
CA GLY A 156 11.40 -11.45 0.83
C GLY A 156 10.18 -10.82 0.18
N ASN A 157 10.19 -10.48 -1.12
CA ASN A 157 9.36 -9.44 -1.70
C ASN A 157 7.85 -9.68 -1.60
N THR A 158 7.05 -8.67 -1.22
CA THR A 158 5.67 -8.71 -0.77
C THR A 158 5.67 -9.08 0.71
N LEU A 159 4.87 -8.22 1.36
CA LEU A 159 4.85 -8.17 2.81
C LEU A 159 3.48 -7.85 3.39
N ALA A 160 2.53 -7.43 2.57
CA ALA A 160 1.22 -6.94 2.97
C ALA A 160 0.16 -7.09 1.89
N HIS A 161 -1.10 -7.08 2.32
CA HIS A 161 -2.27 -6.86 1.50
C HIS A 161 -3.35 -6.21 2.35
N ALA A 162 -4.31 -5.48 1.74
CA ALA A 162 -5.37 -4.74 2.39
C ALA A 162 -6.51 -4.50 1.41
N PHE A 163 -7.65 -4.27 2.08
CA PHE A 163 -8.90 -4.01 1.41
C PHE A 163 -9.32 -2.55 1.53
N ALA A 164 -9.74 -1.88 0.46
CA ALA A 164 -10.25 -0.53 0.32
C ALA A 164 -11.24 -0.12 1.40
N PRO A 165 -11.57 1.17 1.62
CA PRO A 165 -12.53 1.64 2.58
C PRO A 165 -13.97 1.14 2.44
N GLY A 166 -14.38 0.17 3.27
CA GLY A 166 -15.62 -0.56 3.12
C GLY A 166 -16.35 -0.78 4.44
N THR A 167 -17.64 -0.50 4.63
CA THR A 167 -18.23 -0.52 5.95
C THR A 167 -18.19 -1.77 6.82
N GLY A 168 -18.01 -2.96 6.24
CA GLY A 168 -17.71 -4.19 6.95
C GLY A 168 -16.49 -4.88 6.37
N LEU A 169 -16.65 -5.38 5.14
CA LEU A 169 -15.62 -6.17 4.48
C LEU A 169 -14.34 -5.44 4.12
N GLY A 170 -14.22 -4.11 4.24
CA GLY A 170 -13.02 -3.35 3.96
C GLY A 170 -12.32 -2.75 5.18
N GLY A 171 -11.17 -2.11 4.96
CA GLY A 171 -10.37 -1.33 5.89
C GLY A 171 -9.23 -2.19 6.43
N ASP A 172 -9.37 -3.51 6.27
CA ASP A 172 -8.65 -4.48 7.08
C ASP A 172 -7.39 -4.97 6.36
N ALA A 173 -6.32 -5.26 7.10
CA ALA A 173 -5.03 -5.59 6.51
C ALA A 173 -4.46 -6.84 7.14
N HIS A 174 -3.71 -7.66 6.39
CA HIS A 174 -2.87 -8.69 6.94
C HIS A 174 -1.45 -8.38 6.48
N PHE A 175 -0.44 -8.55 7.33
CA PHE A 175 0.96 -8.42 6.98
C PHE A 175 1.66 -9.74 7.28
N ASP A 176 2.81 -9.92 6.61
CA ASP A 176 3.59 -11.14 6.64
C ASP A 176 4.30 -11.40 7.96
N GLU A 177 3.95 -12.52 8.62
CA GLU A 177 4.52 -12.97 9.87
C GLU A 177 5.87 -13.66 9.69
N ASP A 178 6.35 -13.99 8.49
CA ASP A 178 7.61 -14.64 8.19
C ASP A 178 8.81 -13.74 7.96
N GLU A 179 8.47 -12.49 7.65
CA GLU A 179 9.36 -11.38 7.36
C GLU A 179 9.98 -10.85 8.64
N ARG A 180 11.21 -10.32 8.57
CA ARG A 180 11.78 -9.54 9.64
C ARG A 180 11.35 -8.08 9.56
N TRP A 181 10.91 -7.63 10.72
CA TRP A 181 10.17 -6.40 10.99
C TRP A 181 10.93 -5.59 12.02
N THR A 182 10.95 -4.26 11.92
CA THR A 182 11.73 -3.35 12.73
C THR A 182 10.96 -2.08 12.98
N ASP A 183 11.61 -1.24 13.78
CA ASP A 183 11.22 0.13 14.07
C ASP A 183 12.47 0.99 14.15
N GLY A 184 13.27 0.96 15.22
CA GLY A 184 14.39 1.86 15.39
C GLY A 184 15.71 1.16 15.16
N SER A 185 15.78 -0.17 15.29
CA SER A 185 17.00 -0.96 15.23
C SER A 185 17.56 -1.16 13.83
N SER A 186 16.79 -1.09 12.74
CA SER A 186 17.23 -0.99 11.37
C SER A 186 17.31 -2.31 10.62
N LEU A 187 17.19 -3.46 11.30
CA LEU A 187 17.49 -4.84 10.97
C LEU A 187 16.41 -5.67 10.31
N GLY A 188 15.23 -5.10 10.07
CA GLY A 188 14.09 -5.67 9.38
C GLY A 188 13.50 -4.59 8.48
N ILE A 189 12.21 -4.73 8.17
CA ILE A 189 11.49 -3.77 7.36
C ILE A 189 10.77 -2.94 8.41
N ASN A 190 10.82 -1.61 8.29
CA ASN A 190 10.08 -0.67 9.12
C ASN A 190 8.57 -0.78 8.96
N PHE A 191 7.85 -0.93 10.07
CA PHE A 191 6.43 -1.19 10.11
C PHE A 191 5.69 0.14 10.05
N LEU A 192 6.27 1.25 10.52
CA LEU A 192 5.59 2.53 10.47
C LEU A 192 5.28 2.99 9.05
N TYR A 193 6.29 2.96 8.17
CA TYR A 193 6.15 3.33 6.78
C TYR A 193 5.37 2.34 5.94
N ALA A 194 5.42 1.03 6.22
CA ALA A 194 4.59 0.00 5.63
C ALA A 194 3.16 0.23 6.06
N ALA A 195 2.91 0.52 7.35
CA ALA A 195 1.59 0.78 7.89
C ALA A 195 0.98 2.09 7.41
N THR A 196 1.73 3.19 7.46
CA THR A 196 1.35 4.45 6.83
C THR A 196 1.05 4.25 5.34
N HIS A 197 1.70 3.40 4.55
CA HIS A 197 1.37 3.00 3.20
C HIS A 197 0.10 2.17 3.00
N ALA A 198 -0.13 1.26 3.95
CA ALA A 198 -1.40 0.57 4.08
C ALA A 198 -2.57 1.51 4.40
N LEU A 199 -2.34 2.42 5.34
CA LEU A 199 -3.34 3.26 5.97
C LEU A 199 -3.66 4.45 5.06
N GLY A 200 -2.85 4.62 4.01
CA GLY A 200 -3.00 5.56 2.91
C GLY A 200 -3.98 4.92 1.94
N HIS A 201 -3.85 3.62 1.67
CA HIS A 201 -4.69 2.83 0.79
C HIS A 201 -6.01 2.47 1.44
N SER A 202 -6.04 2.50 2.78
CA SER A 202 -7.29 2.46 3.52
C SER A 202 -8.15 3.71 3.51
N LEU A 203 -7.59 4.88 3.21
CA LEU A 203 -8.41 6.04 2.97
C LEU A 203 -8.67 6.07 1.46
N GLY A 204 -7.85 5.44 0.62
CA GLY A 204 -8.04 5.30 -0.82
C GLY A 204 -6.91 5.98 -1.58
N MET A 205 -5.75 6.35 -1.03
CA MET A 205 -4.77 7.26 -1.58
C MET A 205 -3.56 6.50 -2.12
N GLY A 206 -2.84 7.16 -3.03
CA GLY A 206 -1.74 6.53 -3.72
C GLY A 206 -0.42 7.30 -3.69
N HIS A 207 0.44 6.95 -4.64
CA HIS A 207 1.79 7.44 -4.80
C HIS A 207 1.71 8.84 -5.42
N SER A 208 2.87 9.45 -5.68
CA SER A 208 3.08 10.63 -6.49
C SER A 208 4.36 10.55 -7.30
N SER A 209 4.48 11.40 -8.33
CA SER A 209 5.81 11.83 -8.71
C SER A 209 6.37 13.09 -8.07
N ASP A 210 5.64 13.67 -7.11
CA ASP A 210 6.09 14.78 -6.31
C ASP A 210 7.15 14.35 -5.30
N PRO A 211 8.35 14.92 -5.23
CA PRO A 211 9.51 14.51 -4.46
C PRO A 211 9.35 14.70 -2.95
N ASN A 212 8.32 15.39 -2.44
CA ASN A 212 7.98 15.58 -1.05
C ASN A 212 6.76 14.75 -0.66
N ALA A 213 6.11 13.97 -1.52
CA ALA A 213 4.94 13.16 -1.23
C ALA A 213 5.27 11.90 -0.43
N VAL A 214 4.39 11.53 0.50
CA VAL A 214 4.47 10.54 1.56
C VAL A 214 4.66 9.12 1.06
N MET A 215 4.17 8.88 -0.17
CA MET A 215 4.33 7.66 -0.92
C MET A 215 4.99 7.95 -2.27
N TYR A 216 5.84 8.98 -2.32
CA TYR A 216 6.73 9.13 -3.45
C TYR A 216 7.60 7.89 -3.46
N PRO A 217 7.63 7.10 -4.55
CA PRO A 217 8.25 5.80 -4.57
C PRO A 217 9.77 5.85 -4.71
N THR A 218 10.36 6.90 -5.30
CA THR A 218 11.73 6.87 -5.76
C THR A 218 12.62 7.64 -4.79
N TYR A 219 12.80 7.24 -3.53
CA TYR A 219 13.68 7.84 -2.55
C TYR A 219 14.98 7.04 -2.49
N GLY A 220 16.05 7.69 -2.02
CA GLY A 220 17.40 7.18 -1.84
C GLY A 220 17.60 7.02 -0.34
N ASN A 221 18.88 7.09 0.05
CA ASN A 221 19.32 7.21 1.42
C ASN A 221 18.96 8.55 2.03
N GLY A 222 18.77 8.55 3.36
CA GLY A 222 18.67 9.69 4.24
C GLY A 222 17.36 9.56 4.99
N ASP A 223 17.33 9.54 6.33
CA ASP A 223 16.09 9.40 7.08
C ASP A 223 15.39 10.71 7.42
N PRO A 224 14.08 10.75 7.65
CA PRO A 224 13.34 11.99 7.56
C PRO A 224 13.39 12.73 8.90
N GLN A 225 13.20 14.05 8.84
CA GLN A 225 13.20 14.96 9.98
C GLN A 225 12.02 14.86 10.92
N ASN A 226 10.81 14.61 10.40
CA ASN A 226 9.58 14.32 11.13
C ASN A 226 8.93 13.03 10.63
N PHE A 227 8.76 12.94 9.32
CA PHE A 227 7.83 12.06 8.64
C PHE A 227 6.49 12.78 8.65
N LYS A 228 5.97 13.25 7.52
CA LYS A 228 4.76 14.05 7.49
C LYS A 228 3.99 13.83 6.19
N LEU A 229 2.77 14.34 6.07
CA LEU A 229 2.16 14.60 4.78
C LEU A 229 2.68 15.89 4.17
N SER A 230 2.60 15.95 2.83
CA SER A 230 2.90 17.15 2.08
C SER A 230 1.62 17.63 1.42
N GLN A 231 1.67 18.89 1.00
CA GLN A 231 0.54 19.46 0.30
C GLN A 231 0.01 18.83 -0.98
N ASP A 232 0.74 17.87 -1.55
CA ASP A 232 0.29 17.13 -2.72
C ASP A 232 -0.55 16.00 -2.17
N ASP A 233 -0.34 15.42 -0.98
CA ASP A 233 -1.13 14.35 -0.41
C ASP A 233 -2.32 14.89 0.36
N ILE A 234 -2.21 16.08 0.97
CA ILE A 234 -3.25 16.93 1.50
C ILE A 234 -4.29 17.22 0.44
N LYS A 235 -3.90 17.56 -0.79
CA LYS A 235 -4.74 17.89 -1.92
C LYS A 235 -5.35 16.59 -2.43
N GLY A 236 -4.67 15.47 -2.21
CA GLY A 236 -5.12 14.17 -2.67
C GLY A 236 -6.09 13.49 -1.73
N ILE A 237 -6.17 13.90 -0.46
CA ILE A 237 -7.21 13.46 0.43
C ILE A 237 -8.45 14.26 0.06
N GLN A 238 -8.30 15.54 -0.27
CA GLN A 238 -9.39 16.41 -0.64
C GLN A 238 -9.99 16.14 -2.01
N LYS A 239 -9.29 15.38 -2.87
CA LYS A 239 -9.84 14.86 -4.09
C LYS A 239 -10.85 13.77 -3.77
N LEU A 240 -10.68 13.05 -2.65
CA LEU A 240 -11.43 11.83 -2.45
C LEU A 240 -12.52 12.05 -1.40
N TYR A 241 -12.17 12.77 -0.33
CA TYR A 241 -13.10 13.04 0.76
C TYR A 241 -13.73 14.42 0.65
N GLY A 242 -13.42 15.26 -0.34
CA GLY A 242 -14.06 16.55 -0.55
C GLY A 242 -14.49 16.67 -2.00
N LYS A 243 -13.95 17.67 -2.69
CA LYS A 243 -14.30 17.94 -4.08
C LYS A 243 -13.16 17.56 -5.01
N ARG A 244 -13.45 16.88 -6.12
CA ARG A 244 -12.42 16.41 -7.02
C ARG A 244 -12.15 17.59 -7.94
N SER A 245 -11.15 18.35 -7.49
CA SER A 245 -10.53 19.45 -8.21
C SER A 245 -9.02 19.29 -8.09
N ASN A 246 -8.28 20.08 -8.87
CA ASN A 246 -6.86 19.90 -9.04
C ASN A 246 -6.17 21.26 -8.98
N SER A 247 -5.06 21.38 -8.26
CA SER A 247 -4.23 22.56 -8.15
C SER A 247 -2.77 22.23 -7.93
N ARG A 248 -2.30 21.09 -8.43
CA ARG A 248 -0.90 20.70 -8.37
C ARG A 248 0.10 21.63 -9.04
N LYS A 249 1.34 21.54 -8.56
CA LYS A 249 2.54 22.29 -8.92
C LYS A 249 2.99 21.89 -10.31
N LYS A 250 3.35 22.91 -11.09
CA LYS A 250 4.16 22.80 -12.28
C LYS A 250 5.31 23.81 -12.23
N LEU A 3 24.10 6.88 -16.12
CA LEU A 3 24.31 5.65 -15.34
C LEU A 3 23.37 4.56 -15.82
N PRO A 4 23.71 3.28 -15.70
CA PRO A 4 22.78 2.23 -16.06
C PRO A 4 21.57 2.23 -15.14
N GLN A 5 20.47 1.67 -15.66
CA GLN A 5 19.24 1.53 -14.90
C GLN A 5 18.90 0.05 -14.93
N GLU A 6 18.37 -0.56 -13.88
CA GLU A 6 17.86 -1.91 -13.74
C GLU A 6 16.85 -2.26 -14.81
N ALA A 7 16.19 -1.29 -15.46
CA ALA A 7 15.24 -1.38 -16.54
C ALA A 7 15.98 -1.47 -17.88
N GLY A 8 17.22 -1.01 -17.93
CA GLY A 8 18.09 -1.17 -19.08
C GLY A 8 18.94 -2.45 -19.08
N GLY A 9 18.90 -3.17 -17.96
CA GLY A 9 19.53 -4.47 -17.81
C GLY A 9 18.55 -5.54 -17.36
N MET A 10 17.29 -5.41 -17.79
CA MET A 10 16.14 -6.28 -17.58
C MET A 10 16.27 -7.46 -18.54
N SER A 11 16.32 -8.66 -17.97
CA SER A 11 16.44 -9.97 -18.60
C SER A 11 15.23 -10.76 -18.12
N GLU A 12 15.03 -11.93 -18.74
CA GLU A 12 13.90 -12.82 -18.81
C GLU A 12 13.21 -13.06 -17.47
N LEU A 13 13.98 -13.36 -16.42
CA LEU A 13 13.48 -13.58 -15.08
C LEU A 13 12.65 -12.45 -14.47
N GLN A 14 12.80 -11.16 -14.78
CA GLN A 14 12.06 -9.96 -14.42
C GLN A 14 10.67 -10.04 -15.00
N TRP A 15 10.34 -10.84 -16.03
CA TRP A 15 9.00 -11.00 -16.57
C TRP A 15 8.25 -12.07 -15.78
N GLU A 16 8.92 -12.99 -15.08
CA GLU A 16 8.31 -14.01 -14.25
C GLU A 16 8.00 -13.31 -12.94
N GLN A 17 9.00 -12.56 -12.45
CA GLN A 17 8.99 -11.86 -11.19
C GLN A 17 7.90 -10.81 -11.27
N ALA A 18 7.64 -10.22 -12.44
CA ALA A 18 6.72 -9.13 -12.71
C ALA A 18 5.34 -9.76 -12.75
N GLN A 19 5.13 -10.95 -13.31
CA GLN A 19 3.86 -11.63 -13.16
C GLN A 19 3.59 -12.00 -11.71
N ASP A 20 4.62 -12.41 -10.98
CA ASP A 20 4.37 -12.90 -9.63
C ASP A 20 3.93 -11.77 -8.70
N TYR A 21 4.35 -10.56 -9.07
CA TYR A 21 3.99 -9.29 -8.48
C TYR A 21 2.55 -8.87 -8.70
N LEU A 22 2.15 -8.64 -9.95
CA LEU A 22 0.84 -8.18 -10.38
C LEU A 22 -0.30 -9.17 -10.16
N LYS A 23 -0.15 -10.49 -10.33
CA LYS A 23 -1.11 -11.55 -10.10
C LYS A 23 -1.76 -11.43 -8.72
N ARG A 24 -1.01 -11.00 -7.71
CA ARG A 24 -1.53 -10.69 -6.38
C ARG A 24 -2.63 -9.65 -6.24
N PHE A 25 -2.48 -8.49 -6.89
CA PHE A 25 -3.33 -7.32 -6.73
C PHE A 25 -4.71 -7.53 -7.32
N TYR A 26 -4.78 -8.28 -8.41
CA TYR A 26 -5.98 -8.53 -9.20
C TYR A 26 -6.70 -9.76 -8.68
N LEU A 27 -6.11 -10.49 -7.73
CA LEU A 27 -6.43 -11.81 -7.22
C LEU A 27 -6.54 -12.77 -8.38
N TYR A 28 -5.50 -12.71 -9.23
CA TYR A 28 -5.27 -13.36 -10.52
C TYR A 28 -5.67 -12.36 -11.59
N ASP A 29 -4.95 -12.34 -12.70
CA ASP A 29 -5.40 -11.73 -13.94
C ASP A 29 -4.99 -12.52 -15.17
N SER A 30 -5.83 -12.63 -16.21
CA SER A 30 -5.54 -13.44 -17.37
C SER A 30 -4.76 -12.69 -18.44
N GLU A 31 -4.54 -11.39 -18.27
CA GLU A 31 -3.73 -10.56 -19.14
C GLU A 31 -2.28 -10.55 -18.66
N THR A 32 -2.06 -10.86 -17.37
CA THR A 32 -0.78 -10.94 -16.70
C THR A 32 -0.07 -12.22 -17.12
N LYS A 33 -0.80 -13.18 -17.70
CA LYS A 33 -0.34 -14.49 -18.09
C LYS A 33 0.37 -14.41 -19.44
N ASN A 34 1.69 -14.52 -19.39
CA ASN A 34 2.67 -14.50 -20.46
C ASN A 34 3.27 -13.14 -20.75
N ALA A 35 4.56 -13.05 -21.06
CA ALA A 35 5.35 -11.84 -21.15
C ALA A 35 4.93 -10.78 -22.15
N ASN A 36 4.29 -11.26 -23.22
CA ASN A 36 3.82 -10.40 -24.29
C ASN A 36 2.50 -9.74 -23.91
N SER A 37 1.65 -10.43 -23.15
CA SER A 37 0.38 -9.93 -22.65
C SER A 37 0.70 -9.02 -21.46
N LEU A 38 1.64 -9.39 -20.60
CA LEU A 38 2.00 -8.70 -19.38
C LEU A 38 2.54 -7.28 -19.52
N GLU A 39 2.98 -6.99 -20.76
CA GLU A 39 3.43 -5.75 -21.36
C GLU A 39 2.35 -4.71 -21.11
N ALA A 40 1.06 -5.02 -21.29
CA ALA A 40 -0.10 -4.20 -20.99
C ALA A 40 -0.08 -3.83 -19.51
N LYS A 41 0.13 -4.78 -18.59
CA LYS A 41 0.25 -4.62 -17.16
C LYS A 41 1.50 -3.93 -16.64
N LEU A 42 2.58 -3.84 -17.41
CA LEU A 42 3.80 -3.09 -17.18
C LEU A 42 3.67 -1.66 -17.69
N LYS A 43 2.72 -1.31 -18.55
CA LYS A 43 2.24 0.05 -18.69
C LYS A 43 1.35 0.31 -17.49
N GLU A 44 0.64 -0.62 -16.86
CA GLU A 44 -0.36 -0.37 -15.84
C GLU A 44 0.33 -0.10 -14.52
N MET A 45 1.58 -0.56 -14.41
CA MET A 45 2.50 -0.43 -13.30
C MET A 45 2.94 1.01 -13.06
N GLN A 46 3.45 1.62 -14.13
CA GLN A 46 3.97 2.97 -14.21
C GLN A 46 2.81 3.88 -13.80
N LYS A 47 1.59 3.61 -14.25
CA LYS A 47 0.36 4.29 -13.93
C LYS A 47 0.02 4.29 -12.45
N PHE A 48 0.18 3.20 -11.69
CA PHE A 48 -0.33 3.05 -10.34
C PHE A 48 0.75 3.39 -9.32
N PHE A 49 2.01 3.48 -9.76
CA PHE A 49 3.11 4.15 -9.09
C PHE A 49 3.08 5.66 -9.30
N GLY A 50 2.50 6.07 -10.43
CA GLY A 50 1.88 7.35 -10.72
C GLY A 50 2.74 8.11 -11.71
N LEU A 51 3.79 7.48 -12.24
CA LEU A 51 4.57 8.02 -13.33
C LEU A 51 3.77 8.28 -14.59
N PRO A 52 4.00 9.39 -15.30
CA PRO A 52 3.22 9.78 -16.47
C PRO A 52 3.53 9.06 -17.76
N ILE A 53 4.35 8.00 -17.70
CA ILE A 53 4.97 7.16 -18.70
C ILE A 53 4.15 5.89 -18.84
N THR A 54 3.87 5.41 -20.05
CA THR A 54 3.40 4.10 -20.44
C THR A 54 4.11 3.70 -21.73
N GLY A 55 4.80 2.56 -21.82
CA GLY A 55 5.29 2.03 -23.07
C GLY A 55 6.80 1.86 -23.06
N MET A 56 7.48 2.48 -22.08
CA MET A 56 8.91 2.34 -21.83
C MET A 56 9.15 2.48 -20.33
N LEU A 57 9.74 1.42 -19.78
CA LEU A 57 10.32 1.35 -18.45
C LEU A 57 11.79 1.74 -18.66
N ASN A 58 12.22 2.65 -17.79
CA ASN A 58 13.48 3.37 -17.80
C ASN A 58 13.86 3.91 -16.42
N SER A 59 12.88 4.35 -15.63
CA SER A 59 13.02 4.90 -14.29
C SER A 59 13.29 3.75 -13.33
N ARG A 60 13.47 4.02 -12.03
CA ARG A 60 13.68 3.09 -10.94
C ARG A 60 12.69 1.96 -10.73
N VAL A 61 11.56 1.93 -11.45
CA VAL A 61 10.39 1.09 -11.33
C VAL A 61 10.78 -0.39 -11.29
N ILE A 62 11.68 -0.86 -12.14
CA ILE A 62 12.07 -2.26 -12.09
C ILE A 62 12.94 -2.68 -10.91
N GLU A 63 13.69 -1.72 -10.37
CA GLU A 63 14.60 -1.84 -9.25
C GLU A 63 13.84 -1.83 -7.93
N ILE A 64 12.66 -1.20 -7.84
CA ILE A 64 11.87 -1.14 -6.63
C ILE A 64 11.02 -2.40 -6.53
N MET A 65 10.82 -3.10 -7.64
CA MET A 65 10.01 -4.29 -7.82
C MET A 65 10.38 -5.50 -6.96
N GLN A 66 11.69 -5.74 -6.97
CA GLN A 66 12.31 -6.89 -6.34
C GLN A 66 12.31 -6.81 -4.82
N LYS A 67 12.43 -5.60 -4.27
CA LYS A 67 12.44 -5.39 -2.83
C LYS A 67 10.98 -5.38 -2.40
N PRO A 68 10.75 -5.70 -1.13
CA PRO A 68 9.36 -5.62 -0.70
C PRO A 68 8.99 -4.16 -0.50
N ARG A 69 8.08 -3.67 -1.34
CA ARG A 69 7.56 -2.33 -1.18
C ARG A 69 6.09 -2.15 -1.55
N CYS A 70 5.58 -2.97 -2.46
CA CYS A 70 4.16 -2.92 -2.76
C CYS A 70 3.56 -4.31 -2.74
N GLY A 71 2.82 -4.71 -1.71
CA GLY A 71 1.97 -5.89 -1.70
C GLY A 71 0.51 -5.59 -1.39
N VAL A 72 0.18 -4.49 -0.69
CA VAL A 72 -1.10 -3.79 -0.72
C VAL A 72 -1.24 -3.31 -2.15
N PRO A 73 -2.37 -3.50 -2.83
CA PRO A 73 -2.64 -3.00 -4.16
C PRO A 73 -2.88 -1.49 -4.19
N ASP A 74 -2.55 -0.88 -5.32
CA ASP A 74 -2.75 0.55 -5.49
C ASP A 74 -3.88 0.70 -6.50
N VAL A 75 -4.02 -0.20 -7.48
CA VAL A 75 -5.34 -0.44 -8.04
C VAL A 75 -5.68 -1.87 -7.66
N ALA A 76 -6.83 -2.03 -6.98
CA ALA A 76 -7.38 -3.31 -6.59
C ALA A 76 -8.65 -3.63 -7.36
N GLU A 77 -8.90 -4.93 -7.53
CA GLU A 77 -10.18 -5.49 -7.90
C GLU A 77 -11.01 -5.80 -6.67
N TYR A 78 -12.30 -5.48 -6.74
CA TYR A 78 -13.21 -5.64 -5.62
C TYR A 78 -14.69 -5.83 -5.91
N SER A 79 -15.31 -6.48 -4.92
CA SER A 79 -16.70 -6.85 -4.94
C SER A 79 -17.41 -6.34 -3.68
N LEU A 80 -18.69 -6.00 -3.70
CA LEU A 80 -19.44 -5.31 -2.66
C LEU A 80 -18.94 -3.90 -2.38
N PHE A 81 -18.13 -3.34 -3.28
CA PHE A 81 -17.55 -2.01 -3.14
C PHE A 81 -18.43 -0.99 -3.86
N PRO A 82 -18.62 0.25 -3.42
CA PRO A 82 -19.33 1.26 -4.19
C PRO A 82 -18.41 1.86 -5.23
N ASN A 83 -18.90 2.85 -5.98
CA ASN A 83 -18.17 3.58 -6.99
C ASN A 83 -17.35 4.71 -6.39
N SER A 84 -16.02 4.67 -6.51
CA SER A 84 -14.99 5.53 -5.95
C SER A 84 -14.97 5.29 -4.45
N PRO A 85 -14.16 4.37 -3.92
CA PRO A 85 -14.30 4.15 -2.49
C PRO A 85 -13.50 5.19 -1.72
N LYS A 86 -13.96 5.39 -0.49
CA LYS A 86 -13.35 6.22 0.53
C LYS A 86 -14.16 6.10 1.82
N TRP A 87 -13.73 6.68 2.95
CA TRP A 87 -14.50 6.70 4.17
C TRP A 87 -15.51 7.83 4.08
N THR A 88 -16.73 7.67 4.58
CA THR A 88 -17.88 8.55 4.45
C THR A 88 -18.58 8.98 5.72
N SER A 89 -18.45 8.07 6.69
CA SER A 89 -18.75 8.27 8.10
C SER A 89 -17.75 9.21 8.77
N LYS A 90 -17.98 9.65 10.01
CA LYS A 90 -17.35 10.73 10.73
C LYS A 90 -16.67 10.24 12.00
N VAL A 91 -17.00 9.08 12.57
CA VAL A 91 -16.28 8.40 13.64
C VAL A 91 -15.85 7.07 13.05
N VAL A 92 -14.56 6.76 12.97
CA VAL A 92 -13.93 5.61 12.34
C VAL A 92 -13.02 4.98 13.39
N THR A 93 -12.82 3.66 13.30
CA THR A 93 -12.33 2.88 14.43
C THR A 93 -11.12 2.07 14.00
N TYR A 94 -10.08 1.94 14.83
CA TYR A 94 -8.87 1.18 14.61
C TYR A 94 -8.66 0.25 15.80
N ARG A 95 -8.08 -0.94 15.59
CA ARG A 95 -7.57 -1.86 16.58
C ARG A 95 -6.42 -2.61 15.92
N ILE A 96 -5.46 -3.02 16.76
CA ILE A 96 -4.55 -4.11 16.50
C ILE A 96 -5.08 -5.40 17.10
N VAL A 97 -5.17 -6.44 16.27
CA VAL A 97 -5.62 -7.76 16.69
C VAL A 97 -4.53 -8.82 16.80
N SER A 98 -3.41 -8.73 16.07
CA SER A 98 -2.20 -9.49 16.32
C SER A 98 -0.94 -8.78 15.81
N TYR A 99 0.28 -9.18 16.15
CA TYR A 99 1.56 -8.51 15.98
C TYR A 99 2.65 -9.43 15.45
N THR A 100 3.72 -8.88 14.87
CA THR A 100 5.01 -9.44 14.52
C THR A 100 5.74 -9.60 15.85
N ARG A 101 6.48 -10.69 16.05
CA ARG A 101 7.10 -11.03 17.31
C ARG A 101 8.46 -10.38 17.53
N ASP A 102 8.86 -9.53 16.57
CA ASP A 102 10.09 -8.78 16.65
C ASP A 102 9.95 -7.49 17.44
N LEU A 103 8.71 -7.00 17.60
CA LEU A 103 8.32 -5.76 18.24
C LEU A 103 7.31 -6.06 19.34
N PRO A 104 7.31 -5.36 20.48
CA PRO A 104 6.23 -5.56 21.44
C PRO A 104 4.95 -4.92 20.92
N HIS A 105 3.85 -5.57 21.31
CA HIS A 105 2.52 -5.25 20.84
C HIS A 105 2.01 -3.83 21.04
N ILE A 106 2.41 -3.27 22.19
CA ILE A 106 2.37 -1.89 22.63
C ILE A 106 2.86 -0.86 21.62
N THR A 107 4.02 -1.09 21.01
CA THR A 107 4.72 -0.15 20.16
C THR A 107 4.08 -0.30 18.79
N VAL A 108 3.59 -1.47 18.35
CA VAL A 108 2.80 -1.79 17.19
C VAL A 108 1.51 -0.97 17.18
N ASP A 109 0.89 -1.00 18.36
CA ASP A 109 -0.33 -0.29 18.70
C ASP A 109 -0.09 1.21 18.63
N ARG A 110 0.99 1.79 19.18
CA ARG A 110 1.42 3.17 19.13
C ARG A 110 1.83 3.63 17.74
N LEU A 111 2.61 2.84 17.00
CA LEU A 111 3.01 2.95 15.62
C LEU A 111 1.84 3.21 14.68
N VAL A 112 0.83 2.33 14.63
CA VAL A 112 -0.37 2.60 13.88
C VAL A 112 -1.09 3.85 14.37
N SER A 113 -1.08 4.13 15.68
CA SER A 113 -1.96 5.11 16.28
C SER A 113 -1.46 6.46 15.82
N LYS A 114 -0.14 6.69 15.91
CA LYS A 114 0.58 7.82 15.36
C LYS A 114 0.56 7.98 13.84
N ALA A 115 0.43 6.94 13.01
CA ALA A 115 0.35 6.75 11.58
C ALA A 115 -0.96 7.38 11.13
N LEU A 116 -2.07 6.89 11.68
CA LEU A 116 -3.41 7.40 11.53
C LEU A 116 -3.72 8.84 11.94
N ASN A 117 -2.96 9.38 12.89
CA ASN A 117 -3.10 10.78 13.27
C ASN A 117 -2.72 11.66 12.08
N MET A 118 -1.63 11.39 11.38
CA MET A 118 -1.08 12.18 10.29
C MET A 118 -1.96 12.22 9.05
N TRP A 119 -2.86 11.26 8.82
CA TRP A 119 -3.92 11.17 7.84
C TRP A 119 -5.17 11.79 8.46
N GLY A 120 -5.47 11.66 9.75
CA GLY A 120 -6.79 12.02 10.20
C GLY A 120 -6.96 13.51 10.46
N LYS A 121 -5.83 14.14 10.79
CA LYS A 121 -5.74 15.57 10.92
C LYS A 121 -6.11 16.39 9.69
N GLU A 122 -6.12 15.85 8.47
CA GLU A 122 -6.36 16.45 7.17
C GLU A 122 -7.76 16.13 6.66
N ILE A 123 -8.58 15.23 7.21
CA ILE A 123 -9.89 14.82 6.73
C ILE A 123 -11.06 15.03 7.69
N PRO A 124 -12.29 15.29 7.24
CA PRO A 124 -13.44 15.42 8.12
C PRO A 124 -13.94 14.13 8.74
N LEU A 125 -13.11 13.33 9.42
CA LEU A 125 -13.53 12.20 10.24
C LEU A 125 -12.64 12.15 11.48
N HIS A 126 -13.06 11.51 12.58
CA HIS A 126 -12.39 11.12 13.80
C HIS A 126 -12.03 9.65 13.57
N PHE A 127 -10.73 9.33 13.63
CA PHE A 127 -10.24 8.02 14.02
C PHE A 127 -10.21 7.93 15.54
N ARG A 128 -10.93 6.92 16.05
CA ARG A 128 -11.01 6.68 17.47
C ARG A 128 -10.50 5.27 17.77
N LYS A 129 -9.80 5.15 18.90
CA LYS A 129 -9.25 3.91 19.39
C LYS A 129 -10.47 3.20 19.98
N VAL A 130 -10.61 1.89 19.73
CA VAL A 130 -11.41 0.94 20.46
C VAL A 130 -10.60 -0.25 20.94
N VAL A 131 -10.88 -0.75 22.16
CA VAL A 131 -10.46 -2.03 22.69
C VAL A 131 -11.58 -2.98 23.13
N TRP A 132 -12.79 -2.84 22.60
CA TRP A 132 -14.03 -3.50 22.95
C TRP A 132 -14.56 -3.94 21.59
N GLY A 133 -14.32 -5.18 21.13
CA GLY A 133 -14.96 -5.65 19.91
C GLY A 133 -14.14 -5.49 18.64
N THR A 134 -14.83 -5.62 17.51
CA THR A 134 -14.29 -5.32 16.19
C THR A 134 -14.13 -3.82 15.98
N ALA A 135 -13.32 -3.46 14.98
CA ALA A 135 -12.95 -2.11 14.59
C ALA A 135 -12.92 -2.05 13.08
N ASP A 136 -13.09 -0.87 12.48
CA ASP A 136 -13.19 -0.65 11.05
C ASP A 136 -11.98 -1.09 10.23
N ILE A 137 -10.82 -0.67 10.75
CA ILE A 137 -9.46 -1.00 10.40
C ILE A 137 -8.90 -1.93 11.48
N MET A 138 -8.85 -3.23 11.19
CA MET A 138 -8.23 -4.28 11.99
C MET A 138 -6.89 -4.50 11.30
N ILE A 139 -5.86 -4.33 12.11
CA ILE A 139 -4.48 -4.53 11.70
C ILE A 139 -4.01 -5.74 12.48
N GLY A 140 -3.79 -6.80 11.69
CA GLY A 140 -3.28 -8.09 12.09
C GLY A 140 -2.05 -8.59 11.34
N PHE A 141 -1.48 -9.72 11.79
CA PHE A 141 -0.29 -10.35 11.27
C PHE A 141 -0.58 -11.84 11.30
N ALA A 142 -0.20 -12.56 10.24
CA ALA A 142 -0.59 -13.92 9.94
C ALA A 142 0.30 -14.43 8.81
N ARG A 143 0.40 -15.76 8.72
CA ARG A 143 1.20 -16.43 7.72
C ARG A 143 0.37 -16.93 6.54
N GLY A 144 0.88 -16.91 5.31
CA GLY A 144 0.26 -17.27 4.06
C GLY A 144 -1.04 -18.07 4.07
N ALA A 145 -0.99 -19.28 4.66
CA ALA A 145 -2.16 -20.14 4.78
C ALA A 145 -3.38 -19.67 5.55
N HIS A 146 -3.31 -18.47 6.13
CA HIS A 146 -4.25 -17.84 7.03
C HIS A 146 -5.65 -17.69 6.45
N GLY A 147 -6.03 -18.11 5.24
CA GLY A 147 -7.36 -18.09 4.68
C GLY A 147 -7.35 -17.13 3.49
N ASP A 148 -6.42 -17.20 2.54
CA ASP A 148 -6.05 -16.31 1.46
C ASP A 148 -5.25 -17.09 0.44
N SER A 149 -5.34 -16.73 -0.85
CA SER A 149 -4.54 -17.28 -1.92
C SER A 149 -3.19 -16.59 -1.79
N TYR A 150 -2.13 -17.33 -2.12
CA TYR A 150 -0.76 -16.93 -2.28
C TYR A 150 -0.04 -16.74 -0.94
N PRO A 151 1.27 -17.00 -0.93
CA PRO A 151 1.98 -16.75 0.31
C PRO A 151 2.58 -15.36 0.22
N PHE A 152 3.06 -14.79 1.33
CA PHE A 152 3.87 -13.60 1.38
C PHE A 152 5.38 -13.70 1.24
N ASP A 153 5.80 -14.92 0.89
CA ASP A 153 7.15 -15.22 0.48
C ASP A 153 8.11 -15.72 1.55
N GLY A 154 8.09 -15.24 2.80
CA GLY A 154 9.34 -15.29 3.54
C GLY A 154 9.74 -13.87 3.95
N PRO A 155 10.98 -13.67 4.39
CA PRO A 155 11.67 -12.40 4.28
C PRO A 155 12.02 -12.18 2.81
N GLY A 156 11.77 -11.00 2.24
CA GLY A 156 11.82 -10.64 0.84
C GLY A 156 10.44 -10.28 0.31
N ASN A 157 10.41 -10.11 -1.01
CA ASN A 157 9.40 -9.43 -1.80
C ASN A 157 8.00 -9.76 -1.31
N THR A 158 7.23 -8.71 -1.05
CA THR A 158 5.86 -8.59 -0.59
C THR A 158 5.88 -8.67 0.93
N LEU A 159 5.26 -7.68 1.60
CA LEU A 159 5.33 -7.46 3.02
C LEU A 159 3.96 -7.36 3.67
N ALA A 160 2.91 -7.13 2.87
CA ALA A 160 1.59 -6.88 3.41
C ALA A 160 0.58 -7.12 2.30
N HIS A 161 -0.66 -7.27 2.76
CA HIS A 161 -1.90 -7.02 2.05
C HIS A 161 -2.85 -6.23 2.93
N ALA A 162 -3.67 -5.40 2.29
CA ALA A 162 -4.66 -4.49 2.83
C ALA A 162 -5.80 -4.21 1.86
N PHE A 163 -7.01 -4.07 2.39
CA PHE A 163 -8.25 -3.71 1.73
C PHE A 163 -8.30 -2.19 1.69
N ALA A 164 -8.98 -1.78 0.60
CA ALA A 164 -9.57 -0.49 0.37
C ALA A 164 -10.66 -0.16 1.37
N PRO A 165 -11.01 1.09 1.63
CA PRO A 165 -11.99 1.46 2.63
C PRO A 165 -13.40 0.91 2.42
N GLY A 166 -13.87 0.21 3.45
CA GLY A 166 -15.22 -0.28 3.55
C GLY A 166 -15.71 -0.01 4.97
N THR A 167 -17.02 0.15 5.11
CA THR A 167 -17.70 0.06 6.39
C THR A 167 -17.59 -1.28 7.10
N GLY A 168 -17.68 -2.36 6.33
CA GLY A 168 -17.51 -3.70 6.87
C GLY A 168 -16.26 -4.38 6.31
N LEU A 169 -16.42 -4.98 5.12
CA LEU A 169 -15.58 -5.94 4.45
C LEU A 169 -14.17 -5.42 4.20
N GLY A 170 -14.02 -4.09 4.21
CA GLY A 170 -12.86 -3.30 3.84
C GLY A 170 -12.25 -2.60 5.05
N GLY A 171 -11.08 -2.04 4.78
CA GLY A 171 -10.26 -1.16 5.60
C GLY A 171 -9.13 -1.86 6.35
N ASP A 172 -9.02 -3.19 6.28
CA ASP A 172 -8.34 -4.04 7.22
C ASP A 172 -7.11 -4.60 6.52
N ALA A 173 -6.17 -5.18 7.28
CA ALA A 173 -4.82 -5.41 6.81
C ALA A 173 -4.24 -6.64 7.50
N HIS A 174 -3.46 -7.43 6.75
CA HIS A 174 -2.73 -8.57 7.24
C HIS A 174 -1.30 -8.55 6.72
N PHE A 175 -0.33 -8.59 7.63
CA PHE A 175 1.05 -8.27 7.35
C PHE A 175 1.84 -9.57 7.45
N ASP A 176 2.86 -9.66 6.58
CA ASP A 176 3.78 -10.77 6.53
C ASP A 176 4.41 -11.03 7.89
N GLU A 177 4.16 -12.24 8.38
CA GLU A 177 4.71 -12.75 9.62
C GLU A 177 6.16 -13.18 9.48
N ASP A 178 6.56 -13.57 8.26
CA ASP A 178 7.87 -14.15 8.01
C ASP A 178 8.93 -13.11 7.76
N GLU A 179 8.56 -11.85 7.50
CA GLU A 179 9.39 -10.67 7.32
C GLU A 179 9.93 -10.16 8.64
N ARG A 180 11.00 -9.36 8.62
CA ARG A 180 11.71 -8.78 9.74
C ARG A 180 11.29 -7.32 9.81
N TRP A 181 10.65 -7.01 10.93
CA TRP A 181 10.02 -5.73 11.17
C TRP A 181 10.80 -5.04 12.28
N THR A 182 11.10 -3.76 12.08
CA THR A 182 11.87 -2.86 12.93
C THR A 182 11.03 -1.61 13.09
N ASP A 183 11.46 -0.70 13.98
CA ASP A 183 11.09 0.68 14.17
C ASP A 183 12.39 1.45 14.40
N GLY A 184 13.03 1.24 15.56
CA GLY A 184 14.22 1.93 16.00
C GLY A 184 15.52 1.24 15.61
N SER A 185 15.56 -0.09 15.56
CA SER A 185 16.79 -0.84 15.68
C SER A 185 17.54 -0.85 14.35
N SER A 186 16.73 -0.79 13.29
CA SER A 186 17.03 -0.43 11.93
C SER A 186 17.38 -1.61 11.02
N LEU A 187 17.18 -2.85 11.48
CA LEU A 187 17.65 -4.08 10.87
C LEU A 187 16.53 -4.80 10.14
N GLY A 188 15.31 -4.26 10.05
CA GLY A 188 14.23 -4.89 9.32
C GLY A 188 13.64 -3.89 8.35
N ILE A 189 12.38 -4.03 7.92
CA ILE A 189 11.50 -3.00 7.43
C ILE A 189 10.93 -2.13 8.54
N ASN A 190 10.92 -0.81 8.34
CA ASN A 190 10.29 0.19 9.18
C ASN A 190 8.78 0.00 9.08
N PHE A 191 8.16 -0.33 10.21
CA PHE A 191 6.73 -0.54 10.37
C PHE A 191 5.89 0.73 10.26
N LEU A 192 6.31 1.86 10.84
CA LEU A 192 5.59 3.11 10.70
C LEU A 192 5.41 3.46 9.23
N TYR A 193 6.52 3.50 8.49
CA TYR A 193 6.60 3.88 7.09
C TYR A 193 5.76 3.02 6.15
N ALA A 194 5.77 1.71 6.41
CA ALA A 194 5.02 0.63 5.82
C ALA A 194 3.54 0.66 6.18
N ALA A 195 3.20 1.20 7.36
CA ALA A 195 1.83 1.23 7.85
C ALA A 195 1.13 2.46 7.32
N THR A 196 1.74 3.65 7.40
CA THR A 196 1.22 4.83 6.73
C THR A 196 0.82 4.70 5.27
N HIS A 197 1.65 3.97 4.52
CA HIS A 197 1.41 3.64 3.13
C HIS A 197 0.25 2.66 2.99
N ALA A 198 0.15 1.77 3.98
CA ALA A 198 -0.92 0.80 4.05
C ALA A 198 -2.32 1.35 4.33
N LEU A 199 -2.34 2.23 5.34
CA LEU A 199 -3.50 2.97 5.80
C LEU A 199 -3.99 3.97 4.76
N GLY A 200 -3.09 4.59 3.99
CA GLY A 200 -3.33 5.61 3.00
C GLY A 200 -4.03 5.00 1.79
N HIS A 201 -3.93 3.71 1.46
CA HIS A 201 -4.73 2.89 0.57
C HIS A 201 -6.00 2.45 1.30
N SER A 202 -5.88 2.19 2.60
CA SER A 202 -7.07 1.79 3.33
C SER A 202 -7.99 2.98 3.56
N LEU A 203 -7.57 4.23 3.33
CA LEU A 203 -8.41 5.40 3.21
C LEU A 203 -8.66 5.87 1.78
N GLY A 204 -7.99 5.25 0.79
CA GLY A 204 -8.27 5.34 -0.62
C GLY A 204 -7.28 6.08 -1.53
N MET A 205 -6.10 6.51 -1.07
CA MET A 205 -5.25 7.50 -1.67
C MET A 205 -4.11 6.75 -2.34
N GLY A 206 -3.42 7.38 -3.31
CA GLY A 206 -2.34 6.73 -4.02
C GLY A 206 -1.02 7.48 -3.93
N HIS A 207 -0.02 6.88 -4.56
CA HIS A 207 1.32 7.33 -4.90
C HIS A 207 1.30 8.63 -5.68
N SER A 208 2.51 9.18 -5.82
CA SER A 208 2.64 10.30 -6.72
C SER A 208 4.03 10.25 -7.35
N SER A 209 4.24 10.87 -8.51
CA SER A 209 5.53 11.09 -9.14
C SER A 209 6.22 12.38 -8.70
N ASP A 210 5.49 13.20 -7.95
CA ASP A 210 5.96 14.43 -7.34
C ASP A 210 6.99 14.00 -6.32
N PRO A 211 8.24 14.49 -6.33
CA PRO A 211 9.29 13.96 -5.49
C PRO A 211 9.28 14.41 -4.03
N ASN A 212 8.37 15.29 -3.61
CA ASN A 212 8.33 15.89 -2.29
C ASN A 212 7.16 15.32 -1.51
N ALA A 213 6.25 14.55 -2.11
CA ALA A 213 5.09 13.81 -1.67
C ALA A 213 5.34 12.60 -0.77
N VAL A 214 4.43 12.40 0.20
CA VAL A 214 4.70 11.63 1.40
C VAL A 214 4.82 10.17 1.01
N MET A 215 4.07 9.70 0.02
CA MET A 215 4.20 8.36 -0.51
C MET A 215 4.78 8.22 -1.91
N TYR A 216 5.74 9.06 -2.32
CA TYR A 216 6.55 9.02 -3.51
C TYR A 216 7.34 7.72 -3.57
N PRO A 217 7.18 6.90 -4.61
CA PRO A 217 7.65 5.54 -4.44
C PRO A 217 9.15 5.36 -4.63
N THR A 218 9.79 6.29 -5.33
CA THR A 218 11.17 6.31 -5.79
C THR A 218 12.11 7.20 -4.99
N TYR A 219 12.00 7.17 -3.67
CA TYR A 219 12.78 7.79 -2.60
C TYR A 219 14.18 7.22 -2.69
N GLY A 220 15.15 8.10 -2.40
CA GLY A 220 16.58 7.92 -2.42
C GLY A 220 17.17 8.32 -1.07
N ASN A 221 18.16 9.21 -1.12
CA ASN A 221 18.90 9.76 0.00
C ASN A 221 18.12 11.01 0.37
N GLY A 222 18.15 11.25 1.70
CA GLY A 222 17.55 12.39 2.35
C GLY A 222 16.37 11.98 3.23
N ASP A 223 16.61 11.77 4.53
CA ASP A 223 15.70 11.31 5.54
C ASP A 223 14.89 12.55 5.84
N PRO A 224 13.59 12.39 6.12
CA PRO A 224 12.75 13.50 6.52
C PRO A 224 13.09 13.91 7.94
N GLN A 225 13.33 15.22 8.12
CA GLN A 225 13.37 15.94 9.38
C GLN A 225 12.16 15.68 10.24
N ASN A 226 11.00 15.48 9.59
CA ASN A 226 9.77 15.26 10.32
C ASN A 226 8.84 14.19 9.77
N PHE A 227 8.72 14.10 8.44
CA PHE A 227 7.82 13.31 7.64
C PHE A 227 6.49 14.04 7.61
N LYS A 228 6.06 14.51 6.44
CA LYS A 228 4.92 15.42 6.42
C LYS A 228 4.21 15.27 5.08
N LEU A 229 2.89 15.38 5.00
CA LEU A 229 2.12 15.59 3.79
C LEU A 229 2.56 16.88 3.12
N SER A 230 2.72 16.77 1.80
CA SER A 230 3.01 17.94 0.99
C SER A 230 1.71 18.48 0.41
N GLN A 231 1.66 19.63 -0.26
CA GLN A 231 0.54 20.15 -1.03
C GLN A 231 -0.01 19.25 -2.13
N ASP A 232 0.87 18.55 -2.85
CA ASP A 232 0.40 17.48 -3.72
C ASP A 232 -0.37 16.38 -3.02
N ASP A 233 -0.01 16.09 -1.77
CA ASP A 233 -0.73 15.15 -0.93
C ASP A 233 -1.97 15.80 -0.32
N ILE A 234 -1.95 17.03 0.21
CA ILE A 234 -3.10 17.82 0.59
C ILE A 234 -4.17 17.90 -0.50
N LYS A 235 -3.79 18.20 -1.74
CA LYS A 235 -4.67 18.22 -2.89
C LYS A 235 -5.14 16.83 -3.33
N GLY A 236 -4.45 15.78 -2.91
CA GLY A 236 -4.77 14.38 -3.11
C GLY A 236 -5.91 13.88 -2.24
N ILE A 237 -5.75 14.26 -0.97
CA ILE A 237 -6.72 14.25 0.11
C ILE A 237 -8.02 14.94 -0.28
N GLN A 238 -8.00 16.19 -0.76
CA GLN A 238 -9.12 16.94 -1.28
C GLN A 238 -9.73 16.28 -2.52
N LYS A 239 -9.05 15.41 -3.26
CA LYS A 239 -9.60 14.65 -4.36
C LYS A 239 -10.60 13.62 -3.84
N LEU A 240 -10.37 13.14 -2.62
CA LEU A 240 -11.27 12.19 -2.00
C LEU A 240 -12.25 12.96 -1.15
N TYR A 241 -11.77 13.79 -0.22
CA TYR A 241 -12.60 14.24 0.88
C TYR A 241 -12.98 15.71 0.81
N GLY A 242 -12.83 16.27 -0.39
CA GLY A 242 -13.30 17.59 -0.83
C GLY A 242 -14.05 17.56 -2.15
N LYS A 243 -14.12 18.63 -2.93
CA LYS A 243 -14.70 18.64 -4.25
C LYS A 243 -13.75 17.96 -5.23
N ARG A 244 -14.25 17.11 -6.14
CA ARG A 244 -13.45 16.39 -7.12
C ARG A 244 -12.80 17.40 -8.04
N SER A 245 -11.50 17.16 -8.20
CA SER A 245 -10.64 18.24 -8.64
C SER A 245 -9.28 17.76 -9.13
N ASN A 246 -8.60 18.53 -10.00
CA ASN A 246 -7.27 18.24 -10.50
C ASN A 246 -6.41 19.41 -10.94
N SER A 247 -5.20 19.41 -10.40
CA SER A 247 -4.09 20.29 -10.73
C SER A 247 -2.87 19.54 -11.22
N ARG A 248 -2.92 18.23 -11.50
CA ARG A 248 -1.89 17.45 -12.15
C ARG A 248 -2.12 17.26 -13.64
N LYS A 249 -1.00 17.30 -14.37
CA LYS A 249 -0.91 17.30 -15.82
C LYS A 249 0.30 16.48 -16.23
N LYS A 250 0.24 16.03 -17.49
CA LYS A 250 1.37 15.39 -18.13
C LYS A 250 2.34 16.43 -18.68
N LEU A 3 24.92 4.39 -14.72
CA LEU A 3 24.77 2.94 -14.47
C LEU A 3 23.33 2.56 -14.79
N PRO A 4 23.11 1.52 -15.59
CA PRO A 4 21.79 1.01 -15.91
C PRO A 4 20.91 0.51 -14.78
N GLN A 5 19.63 0.41 -15.15
CA GLN A 5 18.53 -0.04 -14.31
C GLN A 5 18.18 -1.49 -14.62
N GLU A 6 17.50 -2.14 -13.67
CA GLU A 6 16.89 -3.44 -13.79
C GLU A 6 15.94 -3.47 -14.98
N ALA A 7 15.34 -2.33 -15.31
CA ALA A 7 14.43 -2.25 -16.44
C ALA A 7 14.95 -2.35 -17.86
N GLY A 8 16.27 -2.13 -17.97
CA GLY A 8 17.02 -2.14 -19.21
C GLY A 8 17.88 -3.39 -19.35
N GLY A 9 18.14 -4.24 -18.36
CA GLY A 9 18.74 -5.56 -18.47
C GLY A 9 17.82 -6.69 -18.03
N MET A 10 16.54 -6.37 -18.18
CA MET A 10 15.39 -7.08 -17.63
C MET A 10 15.35 -8.55 -18.01
N SER A 11 15.53 -9.51 -17.10
CA SER A 11 15.66 -10.92 -17.44
C SER A 11 14.31 -11.59 -17.60
N GLU A 12 14.30 -12.88 -17.94
CA GLU A 12 13.16 -13.74 -18.13
C GLU A 12 12.61 -14.26 -16.80
N LEU A 13 13.35 -14.09 -15.70
CA LEU A 13 12.91 -14.24 -14.33
C LEU A 13 12.23 -13.01 -13.74
N GLN A 14 12.62 -11.79 -14.09
CA GLN A 14 11.82 -10.61 -13.85
C GLN A 14 10.51 -10.62 -14.64
N TRP A 15 10.56 -11.12 -15.87
CA TRP A 15 9.38 -11.40 -16.67
C TRP A 15 8.38 -12.36 -16.05
N GLU A 16 8.88 -13.43 -15.43
CA GLU A 16 8.15 -14.39 -14.63
C GLU A 16 7.50 -13.78 -13.39
N GLN A 17 8.32 -12.94 -12.76
CA GLN A 17 8.03 -12.34 -11.47
C GLN A 17 6.96 -11.30 -11.72
N ALA A 18 6.99 -10.57 -12.83
CA ALA A 18 5.99 -9.64 -13.31
C ALA A 18 4.65 -10.33 -13.49
N GLN A 19 4.71 -11.48 -14.16
CA GLN A 19 3.62 -12.40 -14.43
C GLN A 19 2.84 -12.90 -13.22
N ASP A 20 3.56 -13.27 -12.16
CA ASP A 20 3.04 -13.81 -10.93
C ASP A 20 2.60 -12.65 -10.05
N TYR A 21 3.38 -11.57 -10.00
CA TYR A 21 2.99 -10.31 -9.39
C TYR A 21 1.67 -9.70 -9.80
N LEU A 22 1.38 -9.60 -11.09
CA LEU A 22 0.31 -8.79 -11.67
C LEU A 22 -1.06 -9.41 -11.42
N LYS A 23 -1.05 -10.73 -11.58
CA LYS A 23 -2.24 -11.56 -11.49
C LYS A 23 -2.71 -11.71 -10.05
N ARG A 24 -1.82 -11.61 -9.05
CA ARG A 24 -2.09 -11.67 -7.64
C ARG A 24 -2.78 -10.43 -7.06
N PHE A 25 -2.78 -9.27 -7.72
CA PHE A 25 -3.67 -8.15 -7.52
C PHE A 25 -5.09 -8.28 -8.06
N TYR A 26 -5.29 -8.93 -9.21
CA TYR A 26 -6.58 -9.14 -9.82
C TYR A 26 -7.26 -10.42 -9.35
N LEU A 27 -6.48 -11.35 -8.79
CA LEU A 27 -6.87 -12.64 -8.24
C LEU A 27 -7.11 -13.58 -9.42
N TYR A 28 -6.18 -13.55 -10.36
CA TYR A 28 -6.13 -14.07 -11.72
C TYR A 28 -6.51 -13.02 -12.76
N ASP A 29 -5.65 -12.73 -13.74
CA ASP A 29 -5.98 -11.91 -14.89
C ASP A 29 -5.50 -12.54 -16.18
N SER A 30 -6.37 -12.56 -17.20
CA SER A 30 -6.05 -13.18 -18.46
C SER A 30 -5.19 -12.36 -19.42
N GLU A 31 -5.09 -11.04 -19.20
CA GLU A 31 -4.35 -10.15 -20.06
C GLU A 31 -2.94 -9.99 -19.49
N THR A 32 -2.59 -10.61 -18.35
CA THR A 32 -1.27 -10.86 -17.78
C THR A 32 -0.62 -12.10 -18.37
N LYS A 33 -1.48 -13.03 -18.79
CA LYS A 33 -1.13 -14.33 -19.32
C LYS A 33 -1.05 -14.18 -20.83
N ASN A 34 0.08 -14.58 -21.41
CA ASN A 34 0.55 -14.39 -22.76
C ASN A 34 1.67 -13.36 -22.78
N ALA A 35 2.87 -13.67 -23.28
CA ALA A 35 4.07 -12.86 -23.34
C ALA A 35 3.95 -11.63 -24.23
N ASN A 36 3.08 -11.62 -25.24
CA ASN A 36 2.69 -10.43 -26.00
C ASN A 36 1.89 -9.47 -25.13
N SER A 37 0.89 -10.02 -24.46
CA SER A 37 -0.02 -9.37 -23.54
C SER A 37 0.52 -8.82 -22.22
N LEU A 38 1.61 -9.42 -21.74
CA LEU A 38 2.32 -9.05 -20.54
C LEU A 38 2.95 -7.68 -20.76
N GLU A 39 3.53 -7.47 -21.94
CA GLU A 39 4.33 -6.34 -22.34
C GLU A 39 3.48 -5.09 -22.55
N ALA A 40 2.19 -5.36 -22.77
CA ALA A 40 1.06 -4.46 -22.60
C ALA A 40 0.83 -4.16 -21.13
N LYS A 41 0.76 -5.17 -20.27
CA LYS A 41 0.31 -5.12 -18.89
C LYS A 41 1.40 -4.37 -18.13
N LEU A 42 2.63 -4.39 -18.63
CA LEU A 42 3.77 -3.72 -18.02
C LEU A 42 3.59 -2.22 -18.20
N LYS A 43 2.96 -1.75 -19.27
CA LYS A 43 2.63 -0.34 -19.32
C LYS A 43 1.60 0.10 -18.29
N GLU A 44 0.60 -0.75 -18.01
CA GLU A 44 -0.46 -0.63 -17.05
C GLU A 44 0.13 -0.68 -15.64
N MET A 45 1.08 -1.58 -15.41
CA MET A 45 1.81 -1.67 -14.16
C MET A 45 2.39 -0.33 -13.73
N GLN A 46 3.21 0.33 -14.57
CA GLN A 46 3.69 1.68 -14.46
C GLN A 46 2.68 2.79 -14.18
N LYS A 47 1.48 2.63 -14.76
CA LYS A 47 0.38 3.55 -14.55
C LYS A 47 -0.27 3.45 -13.18
N PHE A 48 -0.48 2.25 -12.61
CA PHE A 48 -0.96 2.18 -11.24
C PHE A 48 0.06 2.56 -10.18
N PHE A 49 1.34 2.43 -10.54
CA PHE A 49 2.48 2.80 -9.73
C PHE A 49 2.63 4.31 -9.66
N GLY A 50 1.88 5.12 -10.41
CA GLY A 50 1.69 6.54 -10.32
C GLY A 50 2.22 7.36 -11.49
N LEU A 51 2.90 6.75 -12.46
CA LEU A 51 3.67 7.52 -13.42
C LEU A 51 2.78 8.13 -14.49
N PRO A 52 3.09 9.34 -14.94
CA PRO A 52 2.51 9.90 -16.14
C PRO A 52 2.97 9.25 -17.44
N ILE A 53 4.26 8.96 -17.57
CA ILE A 53 4.86 8.26 -18.69
C ILE A 53 4.36 6.83 -18.85
N THR A 54 3.67 6.58 -19.97
CA THR A 54 3.20 5.23 -20.25
C THR A 54 3.56 4.84 -21.67
N GLY A 55 4.14 3.65 -21.77
CA GLY A 55 4.52 3.09 -23.06
C GLY A 55 5.99 2.67 -23.08
N MET A 56 6.76 3.11 -22.08
CA MET A 56 8.09 2.58 -21.85
C MET A 56 8.47 2.59 -20.38
N LEU A 57 9.27 1.58 -20.03
CA LEU A 57 9.86 1.41 -18.71
C LEU A 57 11.21 2.10 -18.70
N ASN A 58 11.66 2.71 -17.60
CA ASN A 58 12.97 3.33 -17.55
C ASN A 58 13.57 3.60 -16.18
N SER A 59 12.74 3.78 -15.15
CA SER A 59 13.21 3.98 -13.79
C SER A 59 13.13 2.67 -13.03
N ARG A 60 13.02 2.70 -11.70
CA ARG A 60 13.19 1.58 -10.80
C ARG A 60 12.05 0.57 -10.71
N VAL A 61 11.04 0.67 -11.58
CA VAL A 61 9.80 -0.05 -11.72
C VAL A 61 10.06 -1.56 -11.64
N ILE A 62 11.03 -2.08 -12.38
CA ILE A 62 11.24 -3.52 -12.32
C ILE A 62 11.93 -3.90 -11.01
N GLU A 63 12.84 -3.10 -10.48
CA GLU A 63 13.59 -3.47 -9.30
C GLU A 63 12.80 -3.54 -8.00
N ILE A 64 11.76 -2.72 -7.86
CA ILE A 64 10.86 -2.67 -6.74
C ILE A 64 9.85 -3.81 -6.77
N MET A 65 9.61 -4.36 -7.96
CA MET A 65 8.64 -5.36 -8.34
C MET A 65 8.89 -6.67 -7.60
N GLN A 66 10.16 -7.06 -7.42
CA GLN A 66 10.67 -8.32 -6.92
C GLN A 66 10.66 -8.31 -5.40
N LYS A 67 10.78 -7.11 -4.82
CA LYS A 67 10.78 -6.88 -3.40
C LYS A 67 9.40 -6.99 -2.77
N PRO A 68 9.16 -7.38 -1.52
CA PRO A 68 7.94 -7.13 -0.77
C PRO A 68 7.63 -5.69 -0.42
N ARG A 69 6.88 -4.92 -1.21
CA ARG A 69 6.55 -3.50 -1.10
C ARG A 69 5.09 -3.24 -1.39
N CYS A 70 4.64 -3.23 -2.65
CA CYS A 70 3.24 -3.03 -2.95
C CYS A 70 2.59 -4.42 -2.95
N GLY A 71 1.76 -4.77 -1.97
CA GLY A 71 1.01 -6.01 -1.93
C GLY A 71 -0.47 -5.70 -1.73
N VAL A 72 -0.84 -4.55 -1.17
CA VAL A 72 -2.17 -3.99 -1.06
C VAL A 72 -2.51 -3.47 -2.45
N PRO A 73 -3.67 -3.62 -3.07
CA PRO A 73 -3.85 -3.37 -4.48
C PRO A 73 -3.92 -1.88 -4.83
N ASP A 74 -3.16 -1.43 -5.83
CA ASP A 74 -3.21 -0.13 -6.46
C ASP A 74 -3.98 -0.13 -7.78
N VAL A 75 -4.57 -1.24 -8.22
CA VAL A 75 -5.69 -1.35 -9.14
C VAL A 75 -6.91 -1.45 -8.26
N ALA A 76 -8.08 -0.92 -8.62
CA ALA A 76 -9.36 -1.31 -8.05
C ALA A 76 -9.79 -2.50 -8.90
N GLU A 77 -9.90 -3.68 -8.30
CA GLU A 77 -10.61 -4.83 -8.82
C GLU A 77 -11.23 -5.35 -7.53
N TYR A 78 -12.33 -4.67 -7.19
CA TYR A 78 -13.27 -4.95 -6.12
C TYR A 78 -14.69 -4.91 -6.64
N SER A 79 -15.56 -5.55 -5.87
CA SER A 79 -17.01 -5.54 -5.92
C SER A 79 -17.62 -5.50 -4.53
N LEU A 80 -18.85 -5.00 -4.45
CA LEU A 80 -19.68 -4.69 -3.31
C LEU A 80 -19.55 -3.31 -2.68
N PHE A 81 -18.78 -2.44 -3.34
CA PHE A 81 -18.37 -1.15 -2.84
C PHE A 81 -18.93 -0.04 -3.72
N PRO A 82 -19.26 1.14 -3.17
CA PRO A 82 -19.73 2.30 -3.90
C PRO A 82 -18.76 2.85 -4.94
N ASN A 83 -19.29 3.70 -5.82
CA ASN A 83 -18.48 4.39 -6.80
C ASN A 83 -17.64 5.45 -6.07
N SER A 84 -16.34 5.21 -6.12
CA SER A 84 -15.30 6.17 -5.76
C SER A 84 -15.19 6.31 -4.25
N PRO A 85 -13.96 6.12 -3.75
CA PRO A 85 -13.74 5.92 -2.33
C PRO A 85 -13.94 7.17 -1.47
N LYS A 86 -14.75 6.88 -0.45
CA LYS A 86 -14.94 7.74 0.70
C LYS A 86 -15.35 6.90 1.91
N TRP A 87 -14.75 7.08 3.08
CA TRP A 87 -15.35 6.81 4.38
C TRP A 87 -16.46 7.80 4.71
N THR A 88 -17.62 7.26 5.08
CA THR A 88 -18.90 7.94 5.21
C THR A 88 -19.34 7.79 6.66
N SER A 89 -18.53 7.23 7.57
CA SER A 89 -18.61 7.52 8.98
C SER A 89 -17.80 8.77 9.28
N LYS A 90 -18.30 9.54 10.25
CA LYS A 90 -17.77 10.87 10.54
C LYS A 90 -16.49 10.71 11.34
N VAL A 91 -16.54 9.79 12.32
CA VAL A 91 -15.38 9.21 12.96
C VAL A 91 -15.23 7.82 12.34
N VAL A 92 -14.04 7.23 12.49
CA VAL A 92 -13.55 5.99 11.92
C VAL A 92 -12.73 5.30 12.99
N THR A 93 -12.92 4.00 13.22
CA THR A 93 -12.39 3.29 14.37
C THR A 93 -11.25 2.43 13.83
N TYR A 94 -10.17 2.20 14.59
CA TYR A 94 -8.96 1.45 14.36
C TYR A 94 -8.58 0.64 15.60
N ARG A 95 -8.28 -0.63 15.36
CA ARG A 95 -7.94 -1.69 16.29
C ARG A 95 -6.95 -2.61 15.60
N ILE A 96 -6.01 -3.09 16.41
CA ILE A 96 -5.10 -4.19 16.13
C ILE A 96 -5.88 -5.42 16.59
N VAL A 97 -5.93 -6.47 15.76
CA VAL A 97 -6.71 -7.66 16.03
C VAL A 97 -5.76 -8.79 16.34
N SER A 98 -4.52 -8.79 15.80
CA SER A 98 -3.40 -9.67 16.04
C SER A 98 -2.14 -8.91 15.69
N TYR A 99 -0.96 -9.51 15.90
CA TYR A 99 0.34 -8.88 15.91
C TYR A 99 1.47 -9.72 15.31
N THR A 100 2.54 -9.07 14.87
CA THR A 100 3.76 -9.69 14.38
C THR A 100 4.59 -10.21 15.54
N ARG A 101 5.37 -11.24 15.25
CA ARG A 101 6.18 -11.99 16.20
C ARG A 101 7.51 -11.26 16.35
N ASP A 102 7.75 -10.13 15.70
CA ASP A 102 8.95 -9.32 15.63
C ASP A 102 8.80 -8.09 16.51
N LEU A 103 7.60 -7.54 16.75
CA LEU A 103 7.29 -6.27 17.38
C LEU A 103 6.36 -6.68 18.51
N PRO A 104 6.39 -6.06 19.69
CA PRO A 104 5.35 -6.18 20.68
C PRO A 104 4.04 -5.45 20.40
N HIS A 105 2.85 -5.90 20.79
CA HIS A 105 1.49 -5.46 20.56
C HIS A 105 1.28 -3.96 20.65
N ILE A 106 1.86 -3.36 21.68
CA ILE A 106 1.74 -1.97 22.10
C ILE A 106 2.43 -0.99 21.15
N THR A 107 3.51 -1.44 20.51
CA THR A 107 4.24 -0.61 19.57
C THR A 107 3.42 -0.70 18.30
N VAL A 108 3.00 -1.90 17.91
CA VAL A 108 2.03 -2.21 16.88
C VAL A 108 0.78 -1.35 16.84
N ASP A 109 0.16 -1.25 18.03
CA ASP A 109 -0.99 -0.37 18.24
C ASP A 109 -0.71 1.12 18.09
N ARG A 110 0.51 1.50 18.47
CA ARG A 110 0.96 2.88 18.53
C ARG A 110 1.52 3.36 17.21
N LEU A 111 2.16 2.45 16.46
CA LEU A 111 2.72 2.83 15.18
C LEU A 111 1.60 3.05 14.18
N VAL A 112 0.49 2.30 14.19
CA VAL A 112 -0.74 2.62 13.49
C VAL A 112 -1.38 3.93 13.94
N SER A 113 -1.45 4.20 15.25
CA SER A 113 -1.94 5.39 15.90
C SER A 113 -1.26 6.65 15.41
N LYS A 114 0.08 6.63 15.55
CA LYS A 114 1.05 7.48 14.90
C LYS A 114 0.94 7.64 13.38
N ALA A 115 0.66 6.60 12.60
CA ALA A 115 0.49 6.75 11.17
C ALA A 115 -0.80 7.51 10.89
N LEU A 116 -1.80 7.37 11.77
CA LEU A 116 -3.09 7.97 11.53
C LEU A 116 -3.12 9.42 12.02
N ASN A 117 -2.32 9.73 13.03
CA ASN A 117 -2.00 11.06 13.51
C ASN A 117 -1.45 11.96 12.41
N MET A 118 -0.70 11.35 11.49
CA MET A 118 -0.21 12.03 10.30
C MET A 118 -1.32 12.24 9.28
N TRP A 119 -2.33 11.36 9.21
CA TRP A 119 -3.45 11.57 8.32
C TRP A 119 -4.54 12.49 8.85
N GLY A 120 -4.79 12.45 10.16
CA GLY A 120 -5.98 13.09 10.69
C GLY A 120 -5.77 14.55 11.08
N LYS A 121 -4.53 15.02 11.19
CA LYS A 121 -4.14 16.41 11.22
C LYS A 121 -4.46 17.08 9.88
N GLU A 122 -4.81 16.30 8.85
CA GLU A 122 -4.94 16.75 7.47
C GLU A 122 -6.25 16.41 6.77
N ILE A 123 -7.23 15.73 7.36
CA ILE A 123 -8.55 15.60 6.78
C ILE A 123 -9.61 15.67 7.87
N PRO A 124 -10.89 15.90 7.56
CA PRO A 124 -11.99 16.05 8.51
C PRO A 124 -12.45 14.77 9.20
N LEU A 125 -11.97 13.61 8.77
CA LEU A 125 -12.00 12.30 9.41
C LEU A 125 -11.21 12.31 10.72
N HIS A 126 -11.87 11.98 11.84
CA HIS A 126 -11.30 11.66 13.13
C HIS A 126 -11.16 10.15 13.30
N PHE A 127 -9.92 9.72 13.51
CA PHE A 127 -9.55 8.33 13.65
C PHE A 127 -9.51 8.08 15.15
N ARG A 128 -10.42 7.24 15.62
CA ARG A 128 -10.72 6.99 17.02
C ARG A 128 -10.22 5.59 17.38
N LYS A 129 -9.65 5.45 18.56
CA LYS A 129 -9.01 4.27 19.13
C LYS A 129 -10.13 3.58 19.89
N VAL A 130 -10.34 2.29 19.60
CA VAL A 130 -11.29 1.48 20.35
C VAL A 130 -10.65 0.27 21.00
N VAL A 131 -11.26 -0.24 22.06
CA VAL A 131 -10.81 -1.44 22.73
C VAL A 131 -12.09 -2.12 23.23
N TRP A 132 -13.09 -2.05 22.37
CA TRP A 132 -14.38 -2.69 22.55
C TRP A 132 -14.88 -2.97 21.13
N GLY A 133 -15.23 -4.21 20.77
CA GLY A 133 -15.98 -4.55 19.59
C GLY A 133 -15.09 -4.80 18.38
N THR A 134 -15.80 -4.85 17.25
CA THR A 134 -15.39 -4.41 15.93
C THR A 134 -15.01 -2.93 15.94
N ALA A 135 -13.94 -2.62 15.21
CA ALA A 135 -13.53 -1.36 14.64
C ALA A 135 -13.90 -1.41 13.17
N ASP A 136 -13.86 -0.26 12.47
CA ASP A 136 -13.94 -0.02 11.05
C ASP A 136 -12.73 -0.55 10.30
N ILE A 137 -11.52 -0.04 10.56
CA ILE A 137 -10.16 -0.36 10.18
C ILE A 137 -9.77 -1.44 11.20
N MET A 138 -9.95 -2.72 10.86
CA MET A 138 -9.37 -3.78 11.66
C MET A 138 -8.09 -4.33 11.04
N ILE A 139 -7.04 -4.41 11.85
CA ILE A 139 -5.68 -4.62 11.37
C ILE A 139 -5.22 -5.89 12.09
N GLY A 140 -5.00 -6.98 11.34
CA GLY A 140 -4.37 -8.16 11.90
C GLY A 140 -3.18 -8.75 11.15
N PHE A 141 -2.60 -9.81 11.71
CA PHE A 141 -1.37 -10.46 11.29
C PHE A 141 -1.65 -11.95 11.17
N ALA A 142 -1.47 -12.44 9.94
CA ALA A 142 -1.81 -13.75 9.43
C ALA A 142 -0.83 -14.41 8.48
N ARG A 143 -1.02 -15.73 8.29
CA ARG A 143 -0.33 -16.65 7.39
C ARG A 143 -1.37 -17.13 6.39
N GLY A 144 -0.96 -17.83 5.33
CA GLY A 144 -1.75 -17.83 4.12
C GLY A 144 -2.68 -19.02 4.01
N ALA A 145 -3.24 -19.49 5.12
CA ALA A 145 -4.37 -20.39 5.24
C ALA A 145 -5.62 -19.72 5.78
N HIS A 146 -5.56 -18.39 5.96
CA HIS A 146 -6.56 -17.73 6.78
C HIS A 146 -7.86 -17.38 6.07
N GLY A 147 -7.97 -17.39 4.75
CA GLY A 147 -9.20 -17.09 4.05
C GLY A 147 -9.07 -15.92 3.10
N ASP A 148 -8.03 -15.95 2.24
CA ASP A 148 -7.81 -15.11 1.09
C ASP A 148 -7.21 -15.93 -0.06
N SER A 149 -7.52 -15.34 -1.22
CA SER A 149 -6.98 -15.87 -2.45
C SER A 149 -5.62 -15.26 -2.79
N TYR A 150 -4.66 -16.16 -2.99
CA TYR A 150 -3.25 -16.03 -3.30
C TYR A 150 -2.40 -15.86 -2.05
N PRO A 151 -1.18 -16.37 -1.95
CA PRO A 151 -0.50 -16.49 -0.67
C PRO A 151 0.31 -15.28 -0.22
N PHE A 152 0.52 -15.21 1.10
CA PHE A 152 1.46 -14.31 1.76
C PHE A 152 2.92 -14.67 1.51
N ASP A 153 3.25 -15.92 1.22
CA ASP A 153 4.47 -16.33 0.53
C ASP A 153 5.46 -17.03 1.45
N GLY A 154 5.59 -16.49 2.66
CA GLY A 154 6.72 -16.72 3.54
C GLY A 154 7.47 -15.42 3.73
N PRO A 155 8.78 -15.36 3.94
CA PRO A 155 9.42 -14.08 3.66
C PRO A 155 9.50 -13.90 2.15
N GLY A 156 9.46 -12.61 1.77
CA GLY A 156 9.51 -12.19 0.38
C GLY A 156 8.17 -11.67 -0.11
N ASN A 157 8.12 -11.32 -1.40
CA ASN A 157 7.05 -10.70 -2.16
C ASN A 157 5.63 -11.11 -1.80
N THR A 158 4.87 -10.07 -1.48
CA THR A 158 3.60 -10.02 -0.77
C THR A 158 3.95 -9.94 0.70
N LEU A 159 3.65 -8.79 1.33
CA LEU A 159 3.91 -8.56 2.74
C LEU A 159 2.61 -8.27 3.47
N ALA A 160 1.61 -7.79 2.73
CA ALA A 160 0.32 -7.29 3.15
C ALA A 160 -0.78 -7.19 2.09
N HIS A 161 -2.06 -7.14 2.44
CA HIS A 161 -3.24 -6.67 1.74
C HIS A 161 -4.06 -5.80 2.70
N ALA A 162 -4.89 -4.89 2.20
CA ALA A 162 -5.62 -3.90 2.96
C ALA A 162 -6.74 -3.37 2.08
N PHE A 163 -7.89 -3.09 2.68
CA PHE A 163 -9.07 -2.87 1.86
C PHE A 163 -9.38 -1.39 1.86
N ALA A 164 -10.07 -1.04 0.77
CA ALA A 164 -10.74 0.18 0.37
C ALA A 164 -11.65 0.67 1.49
N PRO A 165 -11.99 1.96 1.62
CA PRO A 165 -12.91 2.46 2.62
C PRO A 165 -14.30 1.95 2.29
N GLY A 166 -15.02 1.30 3.21
CA GLY A 166 -16.42 0.92 3.26
C GLY A 166 -16.76 0.67 4.73
N THR A 167 -18.03 0.86 5.12
CA THR A 167 -18.53 0.62 6.45
C THR A 167 -18.97 -0.84 6.49
N GLY A 168 -18.23 -1.70 7.20
CA GLY A 168 -18.18 -3.14 7.33
C GLY A 168 -17.04 -3.81 6.57
N LEU A 169 -17.40 -4.23 5.36
CA LEU A 169 -16.67 -4.74 4.22
C LEU A 169 -15.31 -4.15 3.88
N GLY A 170 -14.96 -2.92 4.30
CA GLY A 170 -13.73 -2.26 3.91
C GLY A 170 -12.86 -1.96 5.12
N GLY A 171 -11.68 -1.38 4.94
CA GLY A 171 -10.80 -0.70 5.89
C GLY A 171 -9.80 -1.71 6.44
N ASP A 172 -10.10 -3.00 6.24
CA ASP A 172 -9.45 -4.01 7.05
C ASP A 172 -8.26 -4.55 6.28
N ALA A 173 -7.31 -5.08 7.06
CA ALA A 173 -6.01 -5.54 6.62
C ALA A 173 -5.47 -6.77 7.36
N HIS A 174 -4.70 -7.52 6.56
CA HIS A 174 -3.82 -8.58 7.00
C HIS A 174 -2.46 -8.36 6.35
N PHE A 175 -1.47 -8.40 7.25
CA PHE A 175 -0.04 -8.32 7.01
C PHE A 175 0.47 -9.74 7.19
N ASP A 176 1.57 -10.06 6.50
CA ASP A 176 2.32 -11.30 6.58
C ASP A 176 3.14 -11.45 7.85
N GLU A 177 2.84 -12.57 8.52
CA GLU A 177 3.47 -12.98 9.76
C GLU A 177 4.82 -13.63 9.51
N ASP A 178 5.11 -14.08 8.29
CA ASP A 178 6.37 -14.76 8.04
C ASP A 178 7.54 -13.84 7.75
N GLU A 179 7.23 -12.61 7.31
CA GLU A 179 8.01 -11.46 6.90
C GLU A 179 8.68 -10.90 8.14
N ARG A 180 9.91 -10.39 8.00
CA ARG A 180 10.62 -9.73 9.07
C ARG A 180 10.23 -8.26 8.97
N TRP A 181 9.84 -7.71 10.14
CA TRP A 181 9.41 -6.36 10.40
C TRP A 181 10.38 -5.77 11.42
N THR A 182 10.40 -4.44 11.32
CA THR A 182 11.29 -3.62 12.11
C THR A 182 10.73 -2.23 12.39
N ASP A 183 11.37 -1.34 13.15
CA ASP A 183 10.99 0.02 13.47
C ASP A 183 12.30 0.80 13.50
N GLY A 184 13.20 0.52 14.44
CA GLY A 184 14.42 1.26 14.72
C GLY A 184 15.55 0.51 14.03
N SER A 185 15.55 -0.82 14.07
CA SER A 185 16.78 -1.60 13.98
C SER A 185 17.08 -2.11 12.59
N SER A 186 16.21 -2.07 11.57
CA SER A 186 16.54 -2.10 10.17
C SER A 186 16.88 -3.49 9.65
N LEU A 187 16.41 -4.54 10.32
CA LEU A 187 16.52 -5.92 9.86
C LEU A 187 15.26 -6.49 9.22
N GLY A 188 14.16 -5.73 9.20
CA GLY A 188 12.93 -6.13 8.58
C GLY A 188 12.53 -5.11 7.51
N ILE A 189 11.21 -4.96 7.37
CA ILE A 189 10.62 -3.86 6.64
C ILE A 189 10.08 -2.90 7.69
N ASN A 190 10.15 -1.57 7.56
CA ASN A 190 9.71 -0.60 8.55
C ASN A 190 8.18 -0.59 8.58
N PHE A 191 7.63 -0.87 9.75
CA PHE A 191 6.22 -1.07 9.99
C PHE A 191 5.42 0.20 9.76
N LEU A 192 5.86 1.35 10.26
CA LEU A 192 5.17 2.63 10.17
C LEU A 192 4.76 3.02 8.77
N TYR A 193 5.75 2.92 7.87
CA TYR A 193 5.76 3.24 6.46
C TYR A 193 4.81 2.32 5.71
N ALA A 194 4.65 1.07 6.14
CA ALA A 194 3.85 0.03 5.54
C ALA A 194 2.43 0.18 6.07
N ALA A 195 2.27 0.59 7.33
CA ALA A 195 1.01 0.98 7.92
C ALA A 195 0.31 2.19 7.31
N THR A 196 1.09 3.24 7.07
CA THR A 196 0.77 4.38 6.24
C THR A 196 0.31 4.12 4.81
N HIS A 197 1.05 3.24 4.14
CA HIS A 197 0.70 2.79 2.81
C HIS A 197 -0.46 1.82 2.73
N ALA A 198 -0.80 1.12 3.82
CA ALA A 198 -2.04 0.38 3.96
C ALA A 198 -3.27 1.17 4.38
N LEU A 199 -3.04 2.16 5.25
CA LEU A 199 -4.00 3.14 5.72
C LEU A 199 -4.21 4.25 4.69
N GLY A 200 -3.23 4.53 3.82
CA GLY A 200 -3.42 5.38 2.67
C GLY A 200 -4.20 4.84 1.49
N HIS A 201 -4.10 3.53 1.23
CA HIS A 201 -5.10 2.63 0.68
C HIS A 201 -6.47 2.56 1.34
N SER A 202 -6.61 2.53 2.67
CA SER A 202 -7.88 2.46 3.34
C SER A 202 -8.58 3.82 3.25
N LEU A 203 -7.86 4.91 2.97
CA LEU A 203 -8.46 6.18 2.64
C LEU A 203 -8.85 6.11 1.17
N GLY A 204 -8.16 5.40 0.28
CA GLY A 204 -8.33 5.25 -1.15
C GLY A 204 -7.27 6.02 -1.92
N MET A 205 -6.24 6.52 -1.25
CA MET A 205 -5.11 7.19 -1.86
C MET A 205 -4.12 6.27 -2.55
N GLY A 206 -3.52 6.71 -3.66
CA GLY A 206 -2.50 6.04 -4.45
C GLY A 206 -1.19 6.80 -4.35
N HIS A 207 -0.23 6.33 -5.15
CA HIS A 207 1.09 6.88 -5.41
C HIS A 207 1.13 8.20 -6.16
N SER A 208 2.38 8.66 -6.34
CA SER A 208 2.83 9.91 -6.91
C SER A 208 4.16 9.67 -7.60
N SER A 209 4.40 10.48 -8.64
CA SER A 209 5.60 10.60 -9.43
C SER A 209 6.57 11.70 -8.99
N ASP A 210 6.17 12.63 -8.13
CA ASP A 210 7.06 13.61 -7.53
C ASP A 210 7.84 12.88 -6.44
N PRO A 211 9.15 13.08 -6.29
CA PRO A 211 9.97 12.26 -5.44
C PRO A 211 9.76 12.49 -3.95
N ASN A 212 9.23 13.65 -3.54
CA ASN A 212 9.20 13.95 -2.12
C ASN A 212 8.11 13.20 -1.36
N ALA A 213 7.20 12.55 -2.10
CA ALA A 213 5.97 11.96 -1.59
C ALA A 213 5.98 10.91 -0.48
N VAL A 214 5.05 10.87 0.47
CA VAL A 214 4.91 9.89 1.51
C VAL A 214 4.76 8.45 1.06
N MET A 215 4.23 8.21 -0.14
CA MET A 215 4.16 6.95 -0.86
C MET A 215 4.71 7.27 -2.25
N TYR A 216 6.02 7.53 -2.36
CA TYR A 216 6.84 7.50 -3.56
C TYR A 216 7.35 6.10 -3.80
N PRO A 217 6.89 5.32 -4.78
CA PRO A 217 7.24 3.91 -4.82
C PRO A 217 8.64 3.64 -5.34
N THR A 218 9.04 4.27 -6.45
CA THR A 218 10.30 4.11 -7.13
C THR A 218 11.45 4.89 -6.49
N TYR A 219 11.59 4.74 -5.17
CA TYR A 219 12.66 5.36 -4.41
C TYR A 219 13.87 4.48 -4.65
N GLY A 220 14.99 5.20 -4.49
CA GLY A 220 16.33 4.80 -4.84
C GLY A 220 17.16 4.70 -3.56
N ASN A 221 18.36 5.28 -3.62
CA ASN A 221 19.38 5.14 -2.60
C ASN A 221 19.29 6.22 -1.54
N GLY A 222 18.14 6.85 -1.31
CA GLY A 222 17.92 7.97 -0.40
C GLY A 222 16.75 7.65 0.51
N ASP A 223 16.77 8.28 1.69
CA ASP A 223 15.79 8.08 2.74
C ASP A 223 14.98 9.33 3.07
N PRO A 224 13.76 9.29 3.60
CA PRO A 224 13.11 10.26 4.45
C PRO A 224 13.59 10.37 5.89
N GLN A 225 13.90 11.52 6.50
CA GLN A 225 14.53 11.71 7.79
C GLN A 225 13.40 11.83 8.80
N ASN A 226 12.27 12.43 8.43
CA ASN A 226 11.15 12.72 9.32
C ASN A 226 10.02 11.72 9.10
N PHE A 227 9.64 11.53 7.83
CA PHE A 227 8.51 10.88 7.21
C PHE A 227 7.26 11.74 7.40
N LYS A 228 6.89 12.40 6.29
CA LYS A 228 5.88 13.43 6.25
C LYS A 228 5.18 13.48 4.91
N LEU A 229 4.01 14.14 4.92
CA LEU A 229 3.29 14.45 3.70
C LEU A 229 3.93 15.69 3.10
N SER A 230 4.06 15.58 1.77
CA SER A 230 4.50 16.67 0.93
C SER A 230 3.25 17.50 0.64
N GLN A 231 3.39 18.74 0.18
CA GLN A 231 2.27 19.50 -0.33
C GLN A 231 1.39 18.78 -1.33
N ASP A 232 1.89 18.14 -2.40
CA ASP A 232 1.15 17.34 -3.34
C ASP A 232 0.48 16.17 -2.63
N ASP A 233 0.93 15.68 -1.48
CA ASP A 233 0.31 14.58 -0.76
C ASP A 233 -0.92 15.07 -0.02
N ILE A 234 -0.83 16.31 0.48
CA ILE A 234 -1.94 16.91 1.20
C ILE A 234 -3.06 17.08 0.17
N LYS A 235 -2.73 17.63 -1.00
CA LYS A 235 -3.62 17.77 -2.14
C LYS A 235 -4.24 16.45 -2.56
N GLY A 236 -3.43 15.41 -2.57
CA GLY A 236 -3.77 14.00 -2.76
C GLY A 236 -4.98 13.54 -1.96
N ILE A 237 -5.01 13.62 -0.63
CA ILE A 237 -6.14 13.26 0.18
C ILE A 237 -7.30 14.25 0.20
N GLN A 238 -7.00 15.50 -0.14
CA GLN A 238 -7.92 16.61 -0.34
C GLN A 238 -8.76 16.41 -1.60
N LYS A 239 -8.33 15.53 -2.51
CA LYS A 239 -9.17 15.08 -3.59
C LYS A 239 -10.23 14.03 -3.32
N LEU A 240 -10.09 13.23 -2.25
CA LEU A 240 -10.95 12.19 -1.73
C LEU A 240 -11.93 12.82 -0.74
N TYR A 241 -11.40 13.55 0.23
CA TYR A 241 -11.98 14.00 1.49
C TYR A 241 -12.17 15.51 1.53
N GLY A 242 -12.02 16.23 0.42
CA GLY A 242 -12.28 17.66 0.34
C GLY A 242 -12.90 17.96 -1.02
N LYS A 243 -12.27 18.87 -1.77
CA LYS A 243 -12.66 19.34 -3.08
C LYS A 243 -12.07 18.63 -4.28
N ARG A 244 -12.87 18.10 -5.22
CA ARG A 244 -12.46 17.43 -6.44
C ARG A 244 -12.08 18.48 -7.46
N SER A 245 -10.82 18.95 -7.39
CA SER A 245 -10.06 19.85 -8.22
C SER A 245 -8.61 19.45 -8.04
N ASN A 246 -7.77 19.77 -9.03
CA ASN A 246 -6.45 19.20 -9.17
C ASN A 246 -5.51 20.35 -9.52
N SER A 247 -4.22 20.36 -9.16
CA SER A 247 -3.30 21.37 -9.61
C SER A 247 -1.94 20.85 -10.06
N ARG A 248 -1.91 19.54 -10.34
CA ARG A 248 -0.96 18.95 -11.26
C ARG A 248 -1.44 19.16 -12.69
N LYS A 249 -0.60 18.89 -13.70
CA LYS A 249 -0.97 18.78 -15.09
C LYS A 249 -0.35 17.58 -15.79
N LYS A 250 -0.10 16.49 -15.07
CA LYS A 250 0.29 15.17 -15.54
C LYS A 250 -0.18 14.19 -14.48
N LEU A 3 19.35 -6.11 -11.10
CA LEU A 3 20.40 -5.72 -12.05
C LEU A 3 20.40 -4.20 -12.08
N PRO A 4 21.57 -3.60 -12.33
CA PRO A 4 21.63 -2.15 -12.47
C PRO A 4 20.74 -1.49 -13.50
N GLN A 5 20.43 -2.20 -14.59
CA GLN A 5 19.46 -1.74 -15.56
C GLN A 5 18.56 -2.96 -15.61
N GLU A 6 17.42 -3.02 -14.93
CA GLU A 6 16.58 -4.20 -14.95
C GLU A 6 15.56 -4.17 -16.08
N ALA A 7 15.06 -2.99 -16.45
CA ALA A 7 14.22 -2.81 -17.62
C ALA A 7 15.07 -3.02 -18.86
N GLY A 8 16.39 -2.88 -18.73
CA GLY A 8 17.28 -3.22 -19.82
C GLY A 8 17.90 -4.61 -19.83
N GLY A 9 17.71 -5.43 -18.79
CA GLY A 9 18.15 -6.81 -18.67
C GLY A 9 16.90 -7.65 -18.46
N MET A 10 15.69 -7.17 -18.75
CA MET A 10 14.38 -7.68 -18.41
C MET A 10 14.19 -8.95 -19.23
N SER A 11 13.80 -10.05 -18.58
CA SER A 11 13.46 -11.34 -19.14
C SER A 11 12.04 -11.77 -18.80
N GLU A 12 11.63 -12.99 -19.15
CA GLU A 12 10.42 -13.71 -18.81
C GLU A 12 10.29 -13.77 -17.29
N LEU A 13 11.34 -13.89 -16.49
CA LEU A 13 11.23 -13.92 -15.05
C LEU A 13 10.79 -12.68 -14.29
N GLN A 14 11.03 -11.55 -14.98
CA GLN A 14 10.59 -10.27 -14.47
C GLN A 14 9.20 -9.94 -14.98
N TRP A 15 8.82 -10.40 -16.18
CA TRP A 15 7.51 -10.35 -16.81
C TRP A 15 6.51 -11.29 -16.17
N GLU A 16 6.95 -12.46 -15.68
CA GLU A 16 6.14 -13.34 -14.86
C GLU A 16 5.85 -12.64 -13.55
N GLN A 17 6.75 -11.89 -12.90
CA GLN A 17 6.52 -11.27 -11.61
C GLN A 17 5.56 -10.11 -11.80
N ALA A 18 5.52 -9.35 -12.91
CA ALA A 18 4.49 -8.38 -13.23
C ALA A 18 3.07 -8.92 -13.13
N GLN A 19 2.87 -10.15 -13.60
CA GLN A 19 1.52 -10.69 -13.59
C GLN A 19 1.11 -11.06 -12.17
N ASP A 20 2.07 -11.69 -11.47
CA ASP A 20 1.89 -12.06 -10.09
C ASP A 20 1.44 -10.89 -9.23
N TYR A 21 2.26 -9.84 -9.37
CA TYR A 21 2.10 -8.56 -8.70
C TYR A 21 0.72 -7.96 -8.94
N LEU A 22 0.28 -7.85 -10.19
CA LEU A 22 -1.02 -7.30 -10.49
C LEU A 22 -2.20 -8.13 -10.02
N LYS A 23 -2.06 -9.45 -10.19
CA LYS A 23 -3.02 -10.50 -9.91
C LYS A 23 -3.28 -10.52 -8.41
N ARG A 24 -2.27 -10.41 -7.54
CA ARG A 24 -2.56 -10.56 -6.13
C ARG A 24 -3.15 -9.33 -5.45
N PHE A 25 -3.10 -8.16 -6.10
CA PHE A 25 -3.73 -6.96 -5.60
C PHE A 25 -5.20 -6.95 -6.00
N TYR A 26 -5.53 -7.58 -7.14
CA TYR A 26 -6.87 -7.69 -7.67
C TYR A 26 -7.50 -8.99 -7.20
N LEU A 27 -6.88 -10.02 -6.63
CA LEU A 27 -7.40 -11.32 -6.28
C LEU A 27 -7.71 -12.18 -7.49
N TYR A 28 -7.18 -11.85 -8.68
CA TYR A 28 -7.54 -12.21 -10.04
C TYR A 28 -8.30 -11.10 -10.74
N ASP A 29 -7.82 -10.69 -11.91
CA ASP A 29 -8.32 -9.74 -12.89
C ASP A 29 -8.17 -10.45 -14.23
N SER A 30 -9.20 -10.66 -15.04
CA SER A 30 -9.06 -11.23 -16.38
C SER A 30 -8.32 -10.33 -17.36
N GLU A 31 -8.39 -9.03 -17.08
CA GLU A 31 -7.69 -8.05 -17.90
C GLU A 31 -6.18 -8.10 -17.80
N THR A 32 -5.58 -8.66 -16.75
CA THR A 32 -4.17 -9.00 -16.59
C THR A 32 -3.89 -10.41 -17.10
N LYS A 33 -4.85 -11.25 -17.49
CA LYS A 33 -4.63 -12.60 -17.99
C LYS A 33 -4.51 -12.37 -19.50
N ASN A 34 -3.49 -13.00 -20.06
CA ASN A 34 -2.99 -13.03 -21.42
C ASN A 34 -1.93 -11.96 -21.60
N ALA A 35 -0.81 -12.30 -22.26
CA ALA A 35 0.46 -11.61 -22.36
C ALA A 35 0.29 -10.40 -23.26
N ASN A 36 -0.67 -10.35 -24.19
CA ASN A 36 -1.10 -9.28 -25.07
C ASN A 36 -1.96 -8.31 -24.27
N SER A 37 -2.84 -8.82 -23.40
CA SER A 37 -3.61 -7.97 -22.51
C SER A 37 -2.80 -7.24 -21.45
N LEU A 38 -1.78 -7.89 -20.88
CA LEU A 38 -0.79 -7.42 -19.94
C LEU A 38 0.09 -6.35 -20.56
N GLU A 39 0.22 -6.23 -21.88
CA GLU A 39 0.92 -5.20 -22.61
C GLU A 39 0.19 -3.86 -22.54
N ALA A 40 -1.15 -3.88 -22.52
CA ALA A 40 -1.94 -2.79 -22.01
C ALA A 40 -1.76 -2.54 -20.52
N LYS A 41 -2.01 -3.52 -19.66
CA LYS A 41 -2.02 -3.39 -18.21
C LYS A 41 -0.72 -2.93 -17.57
N LEU A 42 0.43 -3.33 -18.13
CA LEU A 42 1.81 -3.04 -17.80
C LEU A 42 2.07 -1.55 -17.89
N LYS A 43 1.36 -0.79 -18.72
CA LYS A 43 1.56 0.63 -18.90
C LYS A 43 0.74 1.38 -17.86
N GLU A 44 -0.34 0.77 -17.37
CA GLU A 44 -1.16 1.25 -16.28
C GLU A 44 -0.54 0.99 -14.91
N MET A 45 0.26 -0.08 -14.81
CA MET A 45 1.16 -0.39 -13.72
C MET A 45 2.15 0.72 -13.42
N GLN A 46 2.65 1.41 -14.45
CA GLN A 46 3.50 2.59 -14.37
C GLN A 46 2.81 3.64 -13.53
N LYS A 47 1.48 3.73 -13.54
CA LYS A 47 0.67 4.71 -12.84
C LYS A 47 0.39 4.27 -11.41
N PHE A 48 0.41 2.96 -11.17
CA PHE A 48 0.48 2.30 -9.88
C PHE A 48 1.85 2.30 -9.24
N PHE A 49 2.88 2.70 -9.99
CA PHE A 49 4.26 2.91 -9.60
C PHE A 49 4.43 4.42 -9.57
N GLY A 50 3.52 5.25 -10.11
CA GLY A 50 3.35 6.65 -9.82
C GLY A 50 4.05 7.63 -10.76
N LEU A 51 4.46 7.14 -11.93
CA LEU A 51 5.35 7.79 -12.86
C LEU A 51 4.63 8.71 -13.83
N PRO A 52 5.10 9.92 -14.14
CA PRO A 52 4.43 10.85 -15.02
C PRO A 52 4.29 10.45 -16.48
N ILE A 53 5.36 9.77 -16.92
CA ILE A 53 5.50 9.26 -18.27
C ILE A 53 4.93 7.86 -18.32
N THR A 54 3.98 7.58 -19.22
CA THR A 54 3.31 6.29 -19.24
C THR A 54 3.48 5.82 -20.67
N GLY A 55 4.00 4.60 -20.81
CA GLY A 55 4.42 3.92 -22.02
C GLY A 55 5.89 3.51 -22.07
N MET A 56 6.59 3.76 -20.97
CA MET A 56 8.04 3.78 -20.89
C MET A 56 8.45 3.04 -19.63
N LEU A 57 9.45 2.17 -19.85
CA LEU A 57 10.18 1.46 -18.82
C LEU A 57 11.61 1.99 -18.93
N ASN A 58 12.14 2.61 -17.88
CA ASN A 58 13.43 3.24 -17.76
C ASN A 58 13.86 3.69 -16.36
N SER A 59 12.90 3.87 -15.44
CA SER A 59 13.09 3.80 -14.01
C SER A 59 13.50 2.39 -13.62
N ARG A 60 13.93 2.28 -12.36
CA ARG A 60 14.01 1.08 -11.57
C ARG A 60 12.75 0.26 -11.33
N VAL A 61 11.57 0.63 -11.83
CA VAL A 61 10.25 0.05 -11.79
C VAL A 61 10.21 -1.47 -11.77
N ILE A 62 11.03 -2.14 -12.59
CA ILE A 62 10.91 -3.57 -12.72
C ILE A 62 11.68 -4.31 -11.62
N GLU A 63 12.77 -3.69 -11.17
CA GLU A 63 13.61 -4.12 -10.08
C GLU A 63 12.90 -4.03 -8.75
N ILE A 64 12.25 -2.88 -8.49
CA ILE A 64 11.62 -2.60 -7.22
C ILE A 64 10.32 -3.34 -6.94
N MET A 65 9.59 -3.75 -7.99
CA MET A 65 8.47 -4.66 -8.01
C MET A 65 8.76 -6.04 -7.43
N GLN A 66 10.01 -6.49 -7.50
CA GLN A 66 10.51 -7.76 -7.02
C GLN A 66 10.98 -7.79 -5.57
N LYS A 67 11.13 -6.61 -4.97
CA LYS A 67 11.47 -6.49 -3.56
C LYS A 67 10.13 -6.39 -2.84
N PRO A 68 10.04 -6.76 -1.56
CA PRO A 68 8.82 -6.66 -0.79
C PRO A 68 8.55 -5.19 -0.50
N ARG A 69 7.47 -4.57 -1.00
CA ARG A 69 7.21 -3.15 -1.00
C ARG A 69 5.71 -2.89 -0.91
N CYS A 70 4.99 -3.32 -1.94
CA CYS A 70 3.55 -3.10 -1.96
C CYS A 70 2.86 -4.45 -1.87
N GLY A 71 2.15 -4.73 -0.78
CA GLY A 71 1.28 -5.90 -0.72
C GLY A 71 -0.18 -5.48 -0.57
N VAL A 72 -0.51 -4.26 -0.12
CA VAL A 72 -1.79 -3.61 -0.29
C VAL A 72 -1.88 -2.97 -1.68
N PRO A 73 -2.95 -3.13 -2.48
CA PRO A 73 -3.19 -2.44 -3.72
C PRO A 73 -2.86 -0.95 -3.71
N ASP A 74 -2.22 -0.46 -4.77
CA ASP A 74 -2.00 0.93 -5.08
C ASP A 74 -3.17 1.44 -5.90
N VAL A 75 -3.84 0.55 -6.64
CA VAL A 75 -5.21 0.68 -7.07
C VAL A 75 -5.86 -0.67 -6.81
N ALA A 76 -7.05 -0.71 -6.19
CA ALA A 76 -7.96 -1.79 -5.93
C ALA A 76 -8.90 -2.05 -7.11
N GLU A 77 -9.34 -3.30 -7.20
CA GLU A 77 -10.44 -3.62 -8.07
C GLU A 77 -11.36 -4.57 -7.32
N TYR A 78 -12.67 -4.33 -7.21
CA TYR A 78 -13.66 -5.06 -6.44
C TYR A 78 -14.97 -5.07 -7.22
N SER A 79 -15.67 -6.20 -7.13
CA SER A 79 -16.97 -6.29 -7.77
C SER A 79 -18.09 -5.85 -6.82
N LEU A 80 -19.34 -5.80 -7.30
CA LEU A 80 -20.68 -5.71 -6.75
C LEU A 80 -21.03 -4.34 -6.18
N PHE A 81 -20.00 -3.59 -5.77
CA PHE A 81 -19.95 -2.20 -5.37
C PHE A 81 -19.08 -1.42 -6.36
N PRO A 82 -19.36 -0.13 -6.57
CA PRO A 82 -18.55 0.71 -7.42
C PRO A 82 -17.30 1.21 -6.71
N ASN A 83 -16.16 1.24 -7.42
CA ASN A 83 -14.87 1.65 -6.89
C ASN A 83 -14.81 3.05 -6.29
N SER A 84 -14.65 3.12 -4.96
CA SER A 84 -14.48 4.26 -4.09
C SER A 84 -14.12 3.79 -2.69
N PRO A 85 -12.86 3.54 -2.32
CA PRO A 85 -12.46 3.13 -0.98
C PRO A 85 -12.60 4.27 0.01
N LYS A 86 -13.82 4.47 0.52
CA LYS A 86 -14.03 5.50 1.50
C LYS A 86 -15.15 5.17 2.47
N TRP A 87 -15.10 5.62 3.73
CA TRP A 87 -16.05 5.61 4.82
C TRP A 87 -17.04 6.75 4.64
N THR A 88 -18.26 6.53 5.14
CA THR A 88 -19.40 7.43 5.04
C THR A 88 -19.61 8.02 6.43
N SER A 89 -19.20 7.35 7.51
CA SER A 89 -19.18 7.91 8.84
C SER A 89 -18.18 9.05 9.01
N LYS A 90 -18.55 10.06 9.80
CA LYS A 90 -17.56 11.00 10.28
C LYS A 90 -16.70 10.46 11.41
N VAL A 91 -17.17 9.51 12.23
CA VAL A 91 -16.35 8.91 13.25
C VAL A 91 -16.12 7.48 12.80
N VAL A 92 -14.88 7.07 12.54
CA VAL A 92 -14.45 5.74 12.16
C VAL A 92 -13.57 5.21 13.29
N THR A 93 -13.61 3.87 13.40
CA THR A 93 -12.89 3.18 14.45
C THR A 93 -11.75 2.27 14.04
N TYR A 94 -10.84 2.01 14.99
CA TYR A 94 -9.71 1.13 14.76
C TYR A 94 -9.39 0.26 15.97
N ARG A 95 -8.78 -0.90 15.72
CA ARG A 95 -8.18 -1.87 16.61
C ARG A 95 -7.06 -2.65 15.94
N ILE A 96 -5.96 -2.87 16.65
CA ILE A 96 -4.88 -3.78 16.32
C ILE A 96 -5.25 -5.04 17.07
N VAL A 97 -5.58 -6.08 16.29
CA VAL A 97 -6.24 -7.30 16.69
C VAL A 97 -5.29 -8.49 16.75
N SER A 98 -4.31 -8.55 15.85
CA SER A 98 -3.19 -9.47 15.94
C SER A 98 -1.91 -8.70 15.63
N TYR A 99 -0.80 -9.10 16.24
CA TYR A 99 0.42 -8.32 16.34
C TYR A 99 1.62 -9.11 15.87
N THR A 100 2.70 -8.48 15.39
CA THR A 100 4.03 -9.04 15.19
C THR A 100 4.53 -9.29 16.60
N ARG A 101 4.87 -10.53 16.98
CA ARG A 101 5.02 -11.11 18.29
C ARG A 101 6.40 -10.79 18.85
N ASP A 102 7.29 -10.45 17.91
CA ASP A 102 8.69 -10.10 17.96
C ASP A 102 8.99 -8.85 18.77
N LEU A 103 7.96 -8.00 18.90
CA LEU A 103 7.88 -6.71 19.54
C LEU A 103 6.73 -6.78 20.52
N PRO A 104 6.66 -5.90 21.52
CA PRO A 104 5.62 -5.92 22.53
C PRO A 104 4.46 -5.08 22.02
N HIS A 105 3.20 -5.42 22.28
CA HIS A 105 1.95 -4.97 21.69
C HIS A 105 1.80 -3.46 21.59
N ILE A 106 2.10 -2.79 22.71
CA ILE A 106 2.07 -1.35 22.88
C ILE A 106 3.02 -0.62 21.95
N THR A 107 4.02 -1.23 21.30
CA THR A 107 4.64 -0.59 20.16
C THR A 107 3.79 -0.85 18.92
N VAL A 108 3.53 -2.11 18.56
CA VAL A 108 2.66 -2.49 17.46
C VAL A 108 1.37 -1.70 17.34
N ASP A 109 0.60 -1.59 18.43
CA ASP A 109 -0.59 -0.79 18.65
C ASP A 109 -0.40 0.66 18.25
N ARG A 110 0.49 1.31 19.01
CA ARG A 110 0.97 2.67 18.82
C ARG A 110 1.55 2.96 17.45
N LEU A 111 2.31 2.10 16.77
CA LEU A 111 2.88 2.30 15.45
C LEU A 111 1.74 2.35 14.44
N VAL A 112 0.77 1.43 14.38
CA VAL A 112 -0.49 1.55 13.69
C VAL A 112 -1.23 2.86 13.95
N SER A 113 -1.38 3.28 15.21
CA SER A 113 -2.05 4.47 15.68
C SER A 113 -1.46 5.77 15.17
N LYS A 114 -0.13 5.85 15.23
CA LYS A 114 0.67 6.97 14.79
C LYS A 114 0.54 7.18 13.29
N ALA A 115 0.58 6.11 12.47
CA ALA A 115 0.31 6.07 11.05
C ALA A 115 -1.06 6.64 10.67
N LEU A 116 -2.14 6.20 11.32
CA LEU A 116 -3.52 6.66 11.20
C LEU A 116 -3.74 8.10 11.65
N ASN A 117 -3.11 8.59 12.72
CA ASN A 117 -3.15 9.96 13.19
C ASN A 117 -2.50 10.86 12.13
N MET A 118 -1.52 10.38 11.39
CA MET A 118 -0.76 11.06 10.36
C MET A 118 -1.67 11.57 9.24
N TRP A 119 -2.69 10.78 8.94
CA TRP A 119 -3.69 10.89 7.91
C TRP A 119 -4.95 11.50 8.50
N GLY A 120 -5.29 11.17 9.75
CA GLY A 120 -6.46 11.71 10.39
C GLY A 120 -6.37 13.23 10.57
N LYS A 121 -5.18 13.86 10.56
CA LYS A 121 -5.04 15.30 10.69
C LYS A 121 -5.48 16.12 9.48
N GLU A 122 -5.75 15.49 8.33
CA GLU A 122 -6.00 16.12 7.06
C GLU A 122 -7.30 15.65 6.41
N ILE A 123 -7.97 14.65 6.98
CA ILE A 123 -9.19 14.21 6.32
C ILE A 123 -10.44 14.68 7.03
N PRO A 124 -11.62 14.79 6.41
CA PRO A 124 -12.84 15.22 7.04
C PRO A 124 -13.42 14.21 8.03
N LEU A 125 -12.76 13.10 8.36
CA LEU A 125 -13.21 12.03 9.22
C LEU A 125 -12.34 11.99 10.48
N HIS A 126 -12.72 11.28 11.54
CA HIS A 126 -11.93 11.04 12.72
C HIS A 126 -11.73 9.54 12.88
N PHE A 127 -10.48 9.11 13.08
CA PHE A 127 -10.22 7.77 13.58
C PHE A 127 -10.13 7.77 15.10
N ARG A 128 -11.00 6.96 15.72
CA ARG A 128 -11.04 6.70 17.14
C ARG A 128 -10.76 5.29 17.65
N LYS A 129 -10.17 5.24 18.84
CA LYS A 129 -9.67 3.95 19.29
C LYS A 129 -10.78 3.28 20.08
N VAL A 130 -10.88 1.97 19.87
CA VAL A 130 -11.89 1.06 20.39
C VAL A 130 -11.27 -0.26 20.85
N VAL A 131 -11.78 -0.67 22.01
CA VAL A 131 -11.33 -1.81 22.79
C VAL A 131 -12.53 -2.60 23.30
N TRP A 132 -13.62 -2.50 22.56
CA TRP A 132 -14.81 -3.30 22.80
C TRP A 132 -15.27 -3.88 21.47
N GLY A 133 -15.05 -5.17 21.17
CA GLY A 133 -15.59 -5.79 19.99
C GLY A 133 -14.64 -5.86 18.79
N THR A 134 -15.21 -5.64 17.60
CA THR A 134 -14.63 -5.51 16.29
C THR A 134 -14.73 -4.04 15.90
N ALA A 135 -13.59 -3.58 15.35
CA ALA A 135 -13.49 -2.20 14.93
C ALA A 135 -13.85 -2.20 13.45
N ASP A 136 -14.00 -1.02 12.85
CA ASP A 136 -14.23 -0.71 11.46
C ASP A 136 -12.95 -1.11 10.73
N ILE A 137 -11.78 -0.62 11.12
CA ILE A 137 -10.42 -0.90 10.67
C ILE A 137 -9.80 -1.84 11.68
N MET A 138 -9.74 -3.13 11.33
CA MET A 138 -9.07 -4.17 12.08
C MET A 138 -7.72 -4.52 11.48
N ILE A 139 -6.67 -4.21 12.24
CA ILE A 139 -5.32 -4.35 11.73
C ILE A 139 -4.77 -5.58 12.43
N GLY A 140 -4.48 -6.60 11.63
CA GLY A 140 -3.93 -7.88 12.07
C GLY A 140 -2.57 -8.15 11.47
N PHE A 141 -1.85 -9.01 12.20
CA PHE A 141 -0.74 -9.74 11.64
C PHE A 141 -0.99 -11.24 11.49
N ALA A 142 -0.70 -11.91 10.36
CA ALA A 142 -0.97 -13.30 10.08
C ALA A 142 -0.09 -13.97 9.04
N ARG A 143 -0.12 -15.31 8.95
CA ARG A 143 0.50 -15.95 7.81
C ARG A 143 -0.56 -15.97 6.71
N GLY A 144 -0.19 -16.23 5.45
CA GLY A 144 -1.07 -16.12 4.32
C GLY A 144 -1.68 -17.50 4.10
N ALA A 145 -1.97 -18.29 5.14
CA ALA A 145 -2.72 -19.53 5.11
C ALA A 145 -4.05 -19.46 5.84
N HIS A 146 -4.49 -18.24 6.15
CA HIS A 146 -5.47 -18.02 7.20
C HIS A 146 -6.92 -18.03 6.74
N GLY A 147 -7.13 -18.30 5.45
CA GLY A 147 -8.40 -18.34 4.74
C GLY A 147 -8.57 -17.35 3.60
N ASP A 148 -7.60 -16.49 3.26
CA ASP A 148 -7.66 -15.70 2.05
C ASP A 148 -6.58 -16.38 1.25
N SER A 149 -6.61 -16.01 -0.04
CA SER A 149 -5.87 -16.49 -1.19
C SER A 149 -4.51 -15.84 -1.36
N TYR A 150 -3.52 -16.65 -1.75
CA TYR A 150 -2.13 -16.42 -2.06
C TYR A 150 -1.26 -16.36 -0.81
N PRO A 151 -0.15 -17.07 -0.65
CA PRO A 151 0.74 -16.88 0.48
C PRO A 151 1.36 -15.50 0.63
N PHE A 152 1.77 -15.14 1.85
CA PHE A 152 2.59 -13.96 2.02
C PHE A 152 4.07 -14.32 2.08
N ASP A 153 4.36 -15.60 1.78
CA ASP A 153 5.61 -16.07 1.23
C ASP A 153 6.34 -16.86 2.31
N GLY A 154 6.43 -16.21 3.48
CA GLY A 154 7.47 -16.39 4.47
C GLY A 154 8.23 -15.08 4.59
N PRO A 155 9.49 -15.06 5.06
CA PRO A 155 10.31 -13.88 4.85
C PRO A 155 10.66 -13.70 3.39
N GLY A 156 10.60 -12.47 2.87
CA GLY A 156 10.91 -12.08 1.50
C GLY A 156 9.67 -11.62 0.74
N ASN A 157 9.62 -11.57 -0.59
CA ASN A 157 8.76 -10.81 -1.48
C ASN A 157 7.29 -10.95 -1.10
N THR A 158 6.66 -9.81 -0.78
CA THR A 158 5.32 -9.49 -0.33
C THR A 158 5.12 -9.66 1.17
N LEU A 159 4.36 -8.72 1.77
CA LEU A 159 4.40 -8.42 3.18
C LEU A 159 3.05 -7.97 3.72
N ALA A 160 1.97 -7.87 2.93
CA ALA A 160 0.62 -7.61 3.39
C ALA A 160 -0.46 -7.93 2.37
N HIS A 161 -1.70 -7.96 2.86
CA HIS A 161 -2.85 -7.59 2.05
C HIS A 161 -3.70 -6.65 2.89
N ALA A 162 -4.68 -5.99 2.24
CA ALA A 162 -5.76 -5.17 2.73
C ALA A 162 -6.92 -5.26 1.74
N PHE A 163 -8.17 -4.96 2.11
CA PHE A 163 -9.31 -4.86 1.22
C PHE A 163 -10.11 -3.65 1.68
N ALA A 164 -10.77 -3.00 0.72
CA ALA A 164 -11.51 -1.75 0.72
C ALA A 164 -12.60 -1.62 1.77
N PRO A 165 -12.85 -0.39 2.24
CA PRO A 165 -13.94 -0.07 3.14
C PRO A 165 -15.30 -0.74 2.91
N GLY A 166 -15.69 -1.68 3.77
CA GLY A 166 -17.03 -2.25 3.85
C GLY A 166 -17.38 -2.56 5.30
N THR A 167 -18.65 -2.70 5.70
CA THR A 167 -19.15 -2.91 7.04
C THR A 167 -18.59 -4.04 7.90
N GLY A 168 -18.13 -5.06 7.18
CA GLY A 168 -17.60 -6.32 7.68
C GLY A 168 -16.10 -6.45 7.49
N LEU A 169 -15.74 -7.41 6.65
CA LEU A 169 -14.34 -7.74 6.41
C LEU A 169 -13.60 -6.74 5.54
N GLY A 170 -14.28 -5.70 5.05
CA GLY A 170 -13.58 -4.64 4.36
C GLY A 170 -13.10 -3.56 5.32
N GLY A 171 -12.10 -2.83 4.82
CA GLY A 171 -11.48 -1.77 5.58
C GLY A 171 -10.27 -2.24 6.37
N ASP A 172 -9.99 -3.54 6.30
CA ASP A 172 -9.05 -4.19 7.21
C ASP A 172 -7.79 -4.53 6.45
N ALA A 173 -6.77 -4.96 7.21
CA ALA A 173 -5.45 -5.32 6.76
C ALA A 173 -4.97 -6.52 7.57
N HIS A 174 -4.31 -7.45 6.88
CA HIS A 174 -3.42 -8.48 7.39
C HIS A 174 -2.00 -8.18 6.91
N PHE A 175 -0.99 -8.09 7.77
CA PHE A 175 0.42 -8.11 7.44
C PHE A 175 1.03 -9.50 7.61
N ASP A 176 2.08 -9.71 6.81
CA ASP A 176 2.92 -10.88 6.96
C ASP A 176 3.70 -10.84 8.26
N GLU A 177 3.44 -11.85 9.09
CA GLU A 177 4.09 -11.98 10.38
C GLU A 177 5.38 -12.78 10.24
N ASP A 178 5.64 -13.46 9.11
CA ASP A 178 6.83 -14.26 8.87
C ASP A 178 7.98 -13.41 8.37
N GLU A 179 7.73 -12.19 7.88
CA GLU A 179 8.67 -11.11 7.68
C GLU A 179 9.04 -10.59 9.06
N ARG A 180 10.22 -9.99 9.20
CA ARG A 180 10.64 -9.32 10.42
C ARG A 180 10.39 -7.83 10.29
N TRP A 181 9.87 -7.16 11.32
CA TRP A 181 9.44 -5.77 11.36
C TRP A 181 10.20 -4.98 12.41
N THR A 182 10.25 -3.64 12.37
CA THR A 182 11.09 -2.90 13.29
C THR A 182 10.55 -1.48 13.33
N ASP A 183 11.19 -0.65 14.15
CA ASP A 183 10.89 0.76 14.26
C ASP A 183 12.19 1.53 14.38
N GLY A 184 12.90 1.42 15.51
CA GLY A 184 14.06 2.19 15.89
C GLY A 184 15.38 1.45 15.73
N SER A 185 15.28 0.13 15.86
CA SER A 185 16.42 -0.77 15.92
C SER A 185 17.02 -1.08 14.55
N SER A 186 16.19 -1.02 13.51
CA SER A 186 16.58 -1.26 12.15
C SER A 186 16.92 -2.70 11.82
N LEU A 187 16.31 -3.61 12.59
CA LEU A 187 16.47 -5.04 12.45
C LEU A 187 15.61 -5.68 11.36
N GLY A 188 14.40 -5.17 11.11
CA GLY A 188 13.44 -5.77 10.21
C GLY A 188 13.05 -4.72 9.17
N ILE A 189 11.89 -4.83 8.53
CA ILE A 189 11.32 -3.81 7.67
C ILE A 189 10.62 -2.82 8.60
N ASN A 190 10.84 -1.51 8.41
CA ASN A 190 10.30 -0.43 9.21
C ASN A 190 8.78 -0.26 9.14
N PHE A 191 8.01 -0.55 10.19
CA PHE A 191 6.57 -0.75 10.09
C PHE A 191 5.85 0.59 10.16
N LEU A 192 6.47 1.69 10.59
CA LEU A 192 5.88 3.02 10.57
C LEU A 192 5.42 3.57 9.23
N TYR A 193 6.32 3.36 8.28
CA TYR A 193 6.07 3.62 6.87
C TYR A 193 5.10 2.64 6.22
N ALA A 194 5.22 1.34 6.49
CA ALA A 194 4.52 0.21 5.89
C ALA A 194 3.09 0.34 6.38
N ALA A 195 2.90 0.78 7.63
CA ALA A 195 1.63 1.17 8.20
C ALA A 195 0.93 2.32 7.50
N THR A 196 1.64 3.45 7.42
CA THR A 196 1.37 4.69 6.73
C THR A 196 0.98 4.50 5.26
N HIS A 197 1.77 3.69 4.55
CA HIS A 197 1.59 3.43 3.13
C HIS A 197 0.30 2.66 2.89
N ALA A 198 0.03 1.68 3.76
CA ALA A 198 -1.02 0.70 3.64
C ALA A 198 -2.36 1.39 3.88
N LEU A 199 -2.40 2.15 4.98
CA LEU A 199 -3.47 2.86 5.64
C LEU A 199 -3.72 4.20 4.96
N GLY A 200 -2.99 4.65 3.93
CA GLY A 200 -3.27 5.78 3.06
C GLY A 200 -3.78 5.34 1.69
N HIS A 201 -3.68 4.07 1.29
CA HIS A 201 -4.33 3.57 0.09
C HIS A 201 -5.81 3.28 0.29
N SER A 202 -6.15 3.00 1.55
CA SER A 202 -7.52 2.76 1.94
C SER A 202 -8.33 4.05 1.98
N LEU A 203 -7.60 5.15 2.07
CA LEU A 203 -8.21 6.47 1.96
C LEU A 203 -8.21 6.95 0.52
N GLY A 204 -7.39 6.36 -0.35
CA GLY A 204 -7.49 6.43 -1.80
C GLY A 204 -6.20 6.97 -2.40
N MET A 205 -5.16 7.33 -1.65
CA MET A 205 -3.87 7.82 -2.14
C MET A 205 -3.07 6.96 -3.12
N GLY A 206 -2.03 7.55 -3.70
CA GLY A 206 -1.15 6.77 -4.57
C GLY A 206 0.31 7.03 -4.22
N HIS A 207 1.25 6.67 -5.10
CA HIS A 207 2.66 6.99 -5.01
C HIS A 207 2.87 8.31 -5.72
N SER A 208 3.65 9.22 -5.14
CA SER A 208 4.10 10.41 -5.84
C SER A 208 5.48 10.17 -6.44
N SER A 209 5.78 10.83 -7.56
CA SER A 209 7.12 10.95 -8.09
C SER A 209 7.89 12.10 -7.43
N ASP A 210 7.30 12.76 -6.45
CA ASP A 210 7.98 13.69 -5.56
C ASP A 210 8.81 12.97 -4.52
N PRO A 211 10.05 13.42 -4.33
CA PRO A 211 11.01 12.86 -3.39
C PRO A 211 10.73 13.17 -1.94
N ASN A 212 9.99 14.21 -1.54
CA ASN A 212 9.70 14.59 -0.18
C ASN A 212 8.35 14.00 0.22
N ALA A 213 7.57 13.44 -0.72
CA ALA A 213 6.40 12.65 -0.40
C ALA A 213 6.59 11.45 0.50
N VAL A 214 5.63 11.31 1.42
CA VAL A 214 5.64 10.21 2.37
C VAL A 214 5.74 8.82 1.76
N MET A 215 5.33 8.57 0.51
CA MET A 215 5.38 7.27 -0.12
C MET A 215 6.02 7.34 -1.51
N TYR A 216 7.22 7.90 -1.56
CA TYR A 216 8.14 7.87 -2.68
C TYR A 216 8.76 6.49 -2.85
N PRO A 217 8.33 5.72 -3.85
CA PRO A 217 8.80 4.36 -4.02
C PRO A 217 10.19 4.01 -4.52
N THR A 218 10.86 4.85 -5.32
CA THR A 218 12.25 4.85 -5.71
C THR A 218 13.07 5.54 -4.63
N TYR A 219 12.94 5.11 -3.36
CA TYR A 219 13.70 5.60 -2.24
C TYR A 219 15.07 4.96 -2.30
N GLY A 220 16.04 5.73 -1.82
CA GLY A 220 17.32 5.16 -1.45
C GLY A 220 17.58 5.44 0.02
N ASN A 221 18.85 5.72 0.35
CA ASN A 221 19.28 5.69 1.75
C ASN A 221 19.07 7.02 2.46
N GLY A 222 18.81 6.97 3.77
CA GLY A 222 18.71 8.14 4.62
C GLY A 222 17.26 8.42 5.03
N ASP A 223 16.98 8.07 6.29
CA ASP A 223 15.62 8.23 6.75
C ASP A 223 15.27 9.69 7.01
N PRO A 224 14.03 10.08 6.73
CA PRO A 224 13.63 11.46 6.90
C PRO A 224 13.37 11.67 8.38
N GLN A 225 14.14 12.55 9.02
CA GLN A 225 14.30 12.43 10.46
C GLN A 225 13.13 12.88 11.34
N ASN A 226 12.42 13.89 10.84
CA ASN A 226 11.20 14.43 11.40
C ASN A 226 9.99 13.72 10.81
N PHE A 227 9.87 13.47 9.51
CA PHE A 227 8.86 12.76 8.75
C PHE A 227 7.53 13.50 8.65
N LYS A 228 7.17 14.02 7.47
CA LYS A 228 6.05 14.92 7.31
C LYS A 228 5.36 14.72 5.97
N LEU A 229 4.10 15.15 5.81
CA LEU A 229 3.39 15.13 4.54
C LEU A 229 3.88 16.27 3.67
N SER A 230 4.29 16.05 2.41
CA SER A 230 4.66 17.10 1.50
C SER A 230 3.42 17.86 1.09
N GLN A 231 3.58 19.01 0.43
CA GLN A 231 2.48 19.73 -0.19
C GLN A 231 1.70 18.86 -1.17
N ASP A 232 2.27 17.84 -1.80
CA ASP A 232 1.72 16.95 -2.80
C ASP A 232 0.75 15.96 -2.14
N ASP A 233 1.10 15.57 -0.91
CA ASP A 233 0.44 14.62 -0.05
C ASP A 233 -0.74 15.32 0.60
N ILE A 234 -0.66 16.63 0.89
CA ILE A 234 -1.76 17.45 1.34
C ILE A 234 -2.82 17.59 0.25
N LYS A 235 -2.29 17.84 -0.95
CA LYS A 235 -3.06 18.01 -2.17
C LYS A 235 -3.58 16.70 -2.73
N GLY A 236 -2.91 15.57 -2.49
CA GLY A 236 -3.55 14.30 -2.76
C GLY A 236 -4.66 13.89 -1.81
N ILE A 237 -4.68 14.43 -0.59
CA ILE A 237 -5.76 14.35 0.35
C ILE A 237 -6.83 15.36 -0.06
N GLN A 238 -6.54 16.49 -0.68
CA GLN A 238 -7.50 17.47 -1.19
C GLN A 238 -8.17 17.01 -2.47
N LYS A 239 -7.57 16.07 -3.19
CA LYS A 239 -8.09 15.50 -4.41
C LYS A 239 -9.16 14.46 -4.11
N LEU A 240 -8.99 13.78 -2.97
CA LEU A 240 -9.86 12.73 -2.47
C LEU A 240 -11.12 13.25 -1.78
N TYR A 241 -10.98 14.27 -0.92
CA TYR A 241 -12.01 14.63 0.03
C TYR A 241 -12.27 16.13 -0.07
N GLY A 242 -11.79 16.84 -1.09
CA GLY A 242 -12.01 18.26 -1.36
C GLY A 242 -12.72 18.38 -2.71
N LYS A 243 -12.18 19.21 -3.62
CA LYS A 243 -12.59 19.20 -5.01
C LYS A 243 -11.47 18.54 -5.81
N ARG A 244 -11.84 18.08 -7.00
CA ARG A 244 -11.12 17.20 -7.90
C ARG A 244 -10.45 18.01 -9.01
N SER A 245 -9.31 18.52 -8.57
CA SER A 245 -8.36 19.30 -9.35
C SER A 245 -6.93 18.83 -9.11
N ASN A 246 -6.06 19.05 -10.10
CA ASN A 246 -4.65 18.71 -10.16
C ASN A 246 -4.01 20.09 -10.28
N SER A 247 -2.94 20.26 -9.52
CA SER A 247 -2.20 21.50 -9.36
C SER A 247 -0.68 21.42 -9.43
N ARG A 248 -0.21 20.35 -10.07
CA ARG A 248 1.21 20.13 -10.32
C ARG A 248 1.56 20.76 -11.66
N LYS A 249 2.81 21.19 -11.81
CA LYS A 249 3.32 21.73 -13.06
C LYS A 249 4.62 21.05 -13.42
N LYS A 250 5.19 21.38 -14.59
CA LYS A 250 6.42 20.78 -15.05
C LYS A 250 7.24 21.74 -15.90
#